data_1TNU
#
_entry.id   1TNU
#
_cell.length_a   270.359
_cell.length_b   266.551
_cell.length_c   184.818
_cell.angle_alpha   90.00
_cell.angle_beta   131.58
_cell.angle_gamma   90.00
#
_symmetry.space_group_name_H-M   'C 1 2 1'
#
loop_
_entity.id
_entity.type
_entity.pdbx_description
1 polymer 'geranylgeranyltransferase type I alpha subunit'
2 polymer 'Geranylgeranyl transferase type I beta subunit'
3 polymer 'Transforming protein RhoB'
4 non-polymer 'ZINC ION'
5 non-polymer 2-[METHYL-(5-GERANYL-4-METHYL-PENT-3-ENYL)-AMINO]-ETHYL-DIPHOSPHATE
6 non-polymer 'CHLORIDE ION'
7 non-polymer '2-(N-MORPHOLINO)-ETHANESULFONIC ACID'
8 water water
#
loop_
_entity_poly.entity_id
_entity_poly.type
_entity_poly.pdbx_seq_one_letter_code
_entity_poly.pdbx_strand_id
1 'polypeptide(L)'
;MAATEGVGESAPGGEPGQPEQPPPPPPPPPAQQPQEEEMAAEAGEAAASPMDDGFLSLDSPTYVLYRDRAEWADIDPVPQ
NDGPSPVVQIIYSEKFRDVYDYFRAVLQRDERSERAFKLTRDAIELNAANYTVWHFRRVLLRSLQKDLQEEMNYIIAIIE
EQPKNYQVWHHRRVLVEWLKDPSQELEFIADILNQDAKNYHAWQHRQWVIQEFRLWDNELQYVDQLLKEDVRNNSVWNQR
HFVISNTTGYSDRAVLEREVQYTLEMIKLVPHNESAWNYLKGILQDRGLSRYPNLLNQLLDLQPSHSSPYLIAFLVDIYE
DMLENQCDNKEDILNKALELCEILAKEKDTIRKEYWRYIGRSLQSKHSRESDIPASV
;
A,C,E,G,I,K
2 'polypeptide(L)'
;MAATEDDRLAGSGEGERLDFLRDRHVRFFQRCLQVLPERYSSLETSRLTIAFFALSGLDMLDSLDVVNKDDIIEWIYSLQ
VLPTEDRSNLDRCGFRGSSYLGIPFNPSKNPGTAHPYDSGHIAMTYTGLSCLIILGDDLSRVDKEACLAGLRALQLEDGS
FCAVPEGSENDMRFVYCASCICYMLNNWSGMDMKKAISYIRRSMSYDNGLAQGAGLESHGGSTFCGIASLCLMGKLEEVF
SEKELNRIKRWCIMRQQNGYHGRPNKPVDTCYSFWVGATLKLLKIFQYTNFEKNRNYILSTQDRLVGGFAKWPDSHPDAL
HAYFGICGLSLMEESGICKVHPALNVSTRTSERLRDLHQSWKTKDSKQCSDNVHISS
;
B,D,F,H,J,L
3 'polypeptide(L)' GCINCCKVL M,N,O,P,Q,R
#
# COMPACT_ATOMS: atom_id res chain seq x y z
N PHE A 55 0.62 -38.23 -0.52
CA PHE A 55 2.05 -38.32 -0.08
C PHE A 55 2.72 -36.96 0.21
N LEU A 56 3.28 -36.33 -0.82
CA LEU A 56 3.98 -35.06 -0.66
C LEU A 56 3.03 -33.88 -0.46
N SER A 57 2.81 -33.52 0.81
CA SER A 57 1.92 -32.43 1.16
C SER A 57 2.24 -31.11 0.48
N LEU A 58 1.19 -30.32 0.19
CA LEU A 58 1.36 -29.03 -0.48
C LEU A 58 2.10 -28.01 0.36
N ASP A 59 2.11 -28.19 1.67
CA ASP A 59 2.82 -27.27 2.52
C ASP A 59 4.06 -27.91 3.16
N SER A 60 4.53 -29.00 2.58
CA SER A 60 5.73 -29.68 3.07
C SER A 60 6.98 -28.88 2.69
N PRO A 61 7.98 -28.83 3.57
CA PRO A 61 9.21 -28.09 3.28
C PRO A 61 9.85 -28.60 2.01
N THR A 62 9.67 -29.89 1.75
CA THR A 62 10.25 -30.52 0.57
C THR A 62 9.31 -30.66 -0.63
N TYR A 63 8.23 -29.89 -0.64
CA TYR A 63 7.30 -29.94 -1.75
C TYR A 63 8.02 -29.51 -3.04
N VAL A 64 7.67 -30.15 -4.16
CA VAL A 64 8.31 -29.83 -5.41
C VAL A 64 7.24 -29.61 -6.48
N LEU A 65 7.34 -28.51 -7.22
CA LEU A 65 6.37 -28.24 -8.27
C LEU A 65 6.35 -29.44 -9.21
N TYR A 66 5.18 -29.71 -9.80
CA TYR A 66 5.07 -30.84 -10.73
C TYR A 66 5.98 -30.64 -11.94
N ARG A 67 6.21 -29.38 -12.32
CA ARG A 67 7.07 -29.08 -13.46
C ARG A 67 8.51 -29.53 -13.20
N ASP A 68 8.85 -29.73 -11.92
CA ASP A 68 10.19 -30.16 -11.51
C ASP A 68 10.24 -31.63 -11.05
N ARG A 69 9.14 -32.37 -11.25
CA ARG A 69 9.13 -33.75 -10.83
C ARG A 69 9.43 -34.67 -12.00
N ALA A 70 10.38 -35.59 -11.78
CA ALA A 70 10.80 -36.54 -12.80
C ALA A 70 9.66 -37.41 -13.33
N GLU A 71 8.82 -37.92 -12.43
CA GLU A 71 7.70 -38.76 -12.81
C GLU A 71 6.73 -38.04 -13.75
N TRP A 72 6.85 -36.72 -13.85
CA TRP A 72 5.94 -35.95 -14.69
C TRP A 72 6.60 -35.30 -15.90
N ALA A 73 7.85 -35.65 -16.15
CA ALA A 73 8.62 -35.09 -17.26
C ALA A 73 7.99 -35.30 -18.64
N ASP A 74 7.32 -36.44 -18.83
CA ASP A 74 6.71 -36.78 -20.11
C ASP A 74 5.44 -36.00 -20.43
N ILE A 75 4.84 -35.38 -19.43
CA ILE A 75 3.61 -34.62 -19.64
C ILE A 75 3.80 -33.14 -19.84
N ASP A 76 3.17 -32.60 -20.88
CA ASP A 76 3.25 -31.16 -21.15
C ASP A 76 2.11 -30.48 -20.42
N PRO A 77 2.42 -29.59 -19.47
CA PRO A 77 1.32 -28.93 -18.76
C PRO A 77 0.43 -28.13 -19.72
N VAL A 78 -0.87 -28.05 -19.41
CA VAL A 78 -1.80 -27.31 -20.26
C VAL A 78 -2.28 -26.09 -19.48
N PRO A 79 -2.01 -24.90 -20.02
CA PRO A 79 -2.43 -23.66 -19.35
C PRO A 79 -3.87 -23.27 -19.68
N GLN A 80 -4.45 -22.46 -18.81
CA GLN A 80 -5.79 -21.96 -18.98
C GLN A 80 -5.64 -20.59 -19.64
N ASN A 81 -6.56 -20.24 -20.54
CA ASN A 81 -6.48 -18.95 -21.21
C ASN A 81 -7.85 -18.30 -21.37
N ASP A 82 -8.04 -17.16 -20.74
CA ASP A 82 -9.31 -16.44 -20.79
C ASP A 82 -9.37 -15.46 -21.96
N GLY A 83 -8.48 -15.62 -22.93
CA GLY A 83 -8.48 -14.73 -24.06
C GLY A 83 -7.96 -13.33 -23.81
N PRO A 84 -8.11 -12.43 -24.80
CA PRO A 84 -7.68 -11.04 -24.80
C PRO A 84 -8.00 -10.24 -23.56
N SER A 85 -9.27 -10.23 -23.17
CA SER A 85 -9.71 -9.47 -22.00
C SER A 85 -10.44 -10.36 -21.02
N PRO A 86 -9.72 -10.88 -20.01
CA PRO A 86 -10.32 -11.76 -19.01
C PRO A 86 -11.29 -11.04 -18.07
N VAL A 87 -12.40 -11.71 -17.75
CA VAL A 87 -13.42 -11.17 -16.85
C VAL A 87 -13.41 -11.97 -15.55
N VAL A 88 -13.55 -11.29 -14.42
CA VAL A 88 -13.55 -11.95 -13.13
C VAL A 88 -12.41 -12.94 -13.07
N GLN A 89 -11.22 -12.45 -13.35
CA GLN A 89 -10.02 -13.28 -13.37
C GLN A 89 -9.44 -13.40 -11.96
N ILE A 90 -9.17 -14.63 -11.56
CA ILE A 90 -8.61 -14.89 -10.25
C ILE A 90 -7.11 -15.09 -10.43
N ILE A 91 -6.31 -14.43 -9.61
CA ILE A 91 -4.86 -14.58 -9.72
C ILE A 91 -4.42 -15.78 -8.89
N TYR A 92 -3.59 -16.62 -9.49
CA TYR A 92 -3.10 -17.83 -8.83
C TYR A 92 -1.61 -17.83 -8.53
N SER A 93 -1.25 -18.45 -7.41
CA SER A 93 0.15 -18.56 -7.02
C SER A 93 0.84 -19.58 -7.92
N GLU A 94 2.16 -19.61 -7.88
CA GLU A 94 2.92 -20.54 -8.69
C GLU A 94 2.47 -21.97 -8.40
N LYS A 95 2.42 -22.32 -7.13
CA LYS A 95 2.01 -23.66 -6.72
C LYS A 95 0.64 -24.03 -7.27
N PHE A 96 -0.31 -23.13 -7.06
CA PHE A 96 -1.68 -23.35 -7.51
C PHE A 96 -1.73 -23.58 -9.01
N ARG A 97 -1.23 -22.62 -9.78
CA ARG A 97 -1.25 -22.74 -11.22
C ARG A 97 -0.53 -23.99 -11.70
N ASP A 98 0.51 -24.38 -10.97
CA ASP A 98 1.30 -25.54 -11.33
C ASP A 98 0.47 -26.82 -11.22
N VAL A 99 -0.19 -27.00 -10.07
CA VAL A 99 -1.01 -28.19 -9.87
C VAL A 99 -2.09 -28.31 -10.95
N TYR A 100 -2.77 -27.20 -11.22
CA TYR A 100 -3.83 -27.23 -12.21
C TYR A 100 -3.40 -27.30 -13.65
N ASP A 101 -2.17 -26.86 -13.95
CA ASP A 101 -1.70 -26.94 -15.33
C ASP A 101 -1.49 -28.41 -15.64
N TYR A 102 -1.07 -29.17 -14.64
CA TYR A 102 -0.86 -30.59 -14.81
C TYR A 102 -2.19 -31.33 -14.73
N PHE A 103 -3.12 -30.80 -13.95
CA PHE A 103 -4.43 -31.43 -13.86
C PHE A 103 -5.06 -31.36 -15.26
N ARG A 104 -5.03 -30.18 -15.88
CA ARG A 104 -5.60 -30.02 -17.22
C ARG A 104 -4.99 -31.02 -18.18
N ALA A 105 -3.67 -31.18 -18.07
CA ALA A 105 -2.95 -32.11 -18.93
C ALA A 105 -3.49 -33.53 -18.79
N VAL A 106 -3.50 -34.03 -17.57
CA VAL A 106 -3.98 -35.37 -17.31
C VAL A 106 -5.44 -35.54 -17.73
N LEU A 107 -6.26 -34.53 -17.48
CA LEU A 107 -7.68 -34.58 -17.84
C LEU A 107 -7.84 -34.69 -19.35
N GLN A 108 -7.22 -33.76 -20.05
CA GLN A 108 -7.27 -33.72 -21.50
C GLN A 108 -6.93 -35.06 -22.14
N ARG A 109 -6.07 -35.82 -21.49
CA ARG A 109 -5.66 -37.12 -22.03
C ARG A 109 -6.42 -38.26 -21.39
N ASP A 110 -7.30 -37.93 -20.46
CA ASP A 110 -8.08 -38.93 -19.76
C ASP A 110 -7.16 -40.05 -19.27
N GLU A 111 -6.03 -39.66 -18.70
CA GLU A 111 -5.06 -40.61 -18.18
C GLU A 111 -5.52 -41.24 -16.88
N ARG A 112 -5.84 -42.53 -16.90
CA ARG A 112 -6.29 -43.21 -15.69
C ARG A 112 -5.11 -43.77 -14.89
N SER A 113 -4.17 -42.91 -14.51
CA SER A 113 -2.98 -43.36 -13.78
C SER A 113 -3.03 -43.15 -12.28
N GLU A 114 -2.10 -43.78 -11.59
CA GLU A 114 -2.00 -43.66 -10.15
C GLU A 114 -1.45 -42.27 -9.82
N ARG A 115 -0.62 -41.73 -10.69
CA ARG A 115 -0.06 -40.41 -10.44
C ARG A 115 -1.16 -39.36 -10.58
N ALA A 116 -2.09 -39.60 -11.50
CA ALA A 116 -3.21 -38.69 -11.73
C ALA A 116 -4.10 -38.70 -10.48
N PHE A 117 -4.32 -39.90 -9.94
CA PHE A 117 -5.13 -40.02 -8.75
C PHE A 117 -4.54 -39.20 -7.62
N LYS A 118 -3.22 -39.25 -7.46
CA LYS A 118 -2.57 -38.48 -6.41
C LYS A 118 -2.64 -36.98 -6.70
N LEU A 119 -2.60 -36.62 -7.97
CA LEU A 119 -2.68 -35.22 -8.36
C LEU A 119 -4.03 -34.61 -7.95
N THR A 120 -5.10 -35.40 -8.03
CA THR A 120 -6.42 -34.89 -7.67
C THR A 120 -6.47 -34.51 -6.19
N ARG A 121 -5.72 -35.22 -5.37
CA ARG A 121 -5.73 -34.90 -3.94
C ARG A 121 -5.26 -33.46 -3.76
N ASP A 122 -4.23 -33.08 -4.50
CA ASP A 122 -3.67 -31.74 -4.43
C ASP A 122 -4.64 -30.72 -5.00
N ALA A 123 -5.26 -31.07 -6.13
CA ALA A 123 -6.20 -30.18 -6.78
C ALA A 123 -7.38 -29.91 -5.85
N ILE A 124 -7.81 -30.95 -5.15
CA ILE A 124 -8.92 -30.83 -4.21
C ILE A 124 -8.50 -29.98 -3.01
N GLU A 125 -7.26 -30.14 -2.54
CA GLU A 125 -6.80 -29.35 -1.42
C GLU A 125 -6.78 -27.88 -1.81
N LEU A 126 -6.46 -27.60 -3.07
CA LEU A 126 -6.43 -26.23 -3.55
C LEU A 126 -7.83 -25.68 -3.75
N ASN A 127 -8.75 -26.54 -4.21
CA ASN A 127 -10.13 -26.11 -4.45
C ASN A 127 -11.12 -27.25 -4.47
N ALA A 128 -11.73 -27.54 -3.33
CA ALA A 128 -12.69 -28.64 -3.22
C ALA A 128 -14.03 -28.35 -3.91
N ALA A 129 -14.20 -27.14 -4.44
CA ALA A 129 -15.44 -26.79 -5.10
C ALA A 129 -15.42 -27.05 -6.60
N ASN A 130 -14.32 -27.60 -7.08
CA ASN A 130 -14.17 -27.93 -8.49
C ASN A 130 -14.82 -29.29 -8.75
N TYR A 131 -16.06 -29.27 -9.21
CA TYR A 131 -16.80 -30.51 -9.47
C TYR A 131 -16.14 -31.45 -10.48
N THR A 132 -15.46 -30.90 -11.47
CA THR A 132 -14.79 -31.73 -12.46
C THR A 132 -13.71 -32.58 -11.80
N VAL A 133 -12.94 -31.98 -10.90
CA VAL A 133 -11.89 -32.72 -10.22
C VAL A 133 -12.48 -33.91 -9.49
N TRP A 134 -13.57 -33.71 -8.76
CA TRP A 134 -14.20 -34.82 -8.04
C TRP A 134 -14.71 -35.91 -8.98
N HIS A 135 -15.27 -35.51 -10.12
CA HIS A 135 -15.77 -36.48 -11.08
C HIS A 135 -14.62 -37.35 -11.58
N PHE A 136 -13.55 -36.69 -12.02
CA PHE A 136 -12.38 -37.40 -12.51
C PHE A 136 -11.84 -38.32 -11.43
N ARG A 137 -11.81 -37.84 -10.19
CA ARG A 137 -11.32 -38.65 -9.09
C ARG A 137 -12.18 -39.92 -8.95
N ARG A 138 -13.49 -39.79 -9.18
CA ARG A 138 -14.37 -40.95 -9.09
C ARG A 138 -14.08 -41.91 -10.23
N VAL A 139 -13.83 -41.36 -11.42
CA VAL A 139 -13.49 -42.18 -12.58
C VAL A 139 -12.25 -43.01 -12.22
N LEU A 140 -11.25 -42.35 -11.64
CA LEU A 140 -10.01 -43.00 -11.24
C LEU A 140 -10.24 -44.02 -10.13
N LEU A 141 -11.11 -43.70 -9.18
CA LEU A 141 -11.39 -44.63 -8.09
C LEU A 141 -11.81 -45.96 -8.67
N ARG A 142 -12.62 -45.93 -9.73
CA ARG A 142 -13.07 -47.14 -10.38
C ARG A 142 -11.93 -47.77 -11.19
N SER A 143 -11.43 -47.04 -12.19
CA SER A 143 -10.34 -47.53 -13.03
C SER A 143 -9.23 -48.21 -12.24
N LEU A 144 -8.75 -47.57 -11.19
CA LEU A 144 -7.67 -48.13 -10.40
C LEU A 144 -8.18 -49.05 -9.29
N GLN A 145 -9.49 -49.30 -9.26
CA GLN A 145 -10.07 -50.15 -8.24
C GLN A 145 -9.52 -49.82 -6.86
N LYS A 146 -9.60 -48.56 -6.46
CA LYS A 146 -9.09 -48.13 -5.16
C LYS A 146 -9.99 -48.59 -4.02
N ASP A 147 -9.40 -48.72 -2.83
CA ASP A 147 -10.13 -49.14 -1.66
C ASP A 147 -11.11 -48.04 -1.29
N LEU A 148 -12.40 -48.29 -1.47
CA LEU A 148 -13.41 -47.29 -1.17
C LEU A 148 -13.55 -47.00 0.32
N GLN A 149 -13.26 -47.97 1.16
CA GLN A 149 -13.37 -47.73 2.59
C GLN A 149 -12.37 -46.66 2.99
N GLU A 150 -11.27 -46.59 2.23
CA GLU A 150 -10.23 -45.61 2.48
C GLU A 150 -10.74 -44.24 2.04
N GLU A 151 -11.37 -44.20 0.87
CA GLU A 151 -11.93 -42.98 0.34
C GLU A 151 -12.98 -42.44 1.31
N MET A 152 -13.69 -43.31 1.99
CA MET A 152 -14.70 -42.86 2.94
C MET A 152 -14.04 -42.05 4.06
N ASN A 153 -12.85 -42.47 4.47
CA ASN A 153 -12.14 -41.76 5.52
C ASN A 153 -11.73 -40.40 5.00
N TYR A 154 -11.25 -40.38 3.76
CA TYR A 154 -10.83 -39.16 3.11
C TYR A 154 -11.97 -38.14 3.06
N ILE A 155 -13.07 -38.51 2.44
CA ILE A 155 -14.21 -37.62 2.31
C ILE A 155 -14.76 -37.23 3.68
N ILE A 156 -14.63 -38.12 4.66
CA ILE A 156 -15.15 -37.79 5.98
C ILE A 156 -14.36 -36.62 6.57
N ALA A 157 -13.05 -36.60 6.34
CA ALA A 157 -12.23 -35.52 6.84
C ALA A 157 -12.55 -34.23 6.08
N ILE A 158 -12.61 -34.33 4.75
CA ILE A 158 -12.90 -33.20 3.89
C ILE A 158 -14.21 -32.48 4.27
N ILE A 159 -15.28 -33.24 4.41
CA ILE A 159 -16.57 -32.67 4.75
C ILE A 159 -16.54 -31.98 6.11
N GLU A 160 -15.75 -32.50 7.04
CA GLU A 160 -15.68 -31.88 8.35
C GLU A 160 -15.08 -30.47 8.24
N GLU A 161 -14.13 -30.32 7.33
CA GLU A 161 -13.49 -29.04 7.11
C GLU A 161 -14.36 -28.10 6.27
N GLN A 162 -15.15 -28.67 5.37
CA GLN A 162 -16.02 -27.89 4.48
C GLN A 162 -17.42 -28.48 4.45
N PRO A 163 -18.14 -28.37 5.56
CA PRO A 163 -19.51 -28.89 5.67
C PRO A 163 -20.59 -28.23 4.85
N LYS A 164 -20.25 -27.15 4.13
CA LYS A 164 -21.25 -26.45 3.32
C LYS A 164 -20.92 -26.49 1.84
N ASN A 165 -20.08 -27.45 1.46
CA ASN A 165 -19.66 -27.62 0.08
C ASN A 165 -20.56 -28.67 -0.60
N TYR A 166 -21.20 -28.31 -1.70
CA TYR A 166 -22.08 -29.22 -2.42
C TYR A 166 -21.36 -30.43 -3.01
N GLN A 167 -20.20 -30.21 -3.63
CA GLN A 167 -19.46 -31.29 -4.25
C GLN A 167 -19.01 -32.43 -3.31
N VAL A 168 -18.62 -32.09 -2.09
CA VAL A 168 -18.16 -33.10 -1.14
C VAL A 168 -19.29 -33.98 -0.62
N TRP A 169 -20.48 -33.41 -0.45
CA TRP A 169 -21.60 -34.20 0.01
C TRP A 169 -22.07 -35.12 -1.11
N HIS A 170 -21.99 -34.63 -2.34
CA HIS A 170 -22.37 -35.44 -3.46
C HIS A 170 -21.41 -36.62 -3.58
N HIS A 171 -20.12 -36.35 -3.41
CA HIS A 171 -19.11 -37.40 -3.50
C HIS A 171 -19.40 -38.49 -2.48
N ARG A 172 -19.65 -38.10 -1.24
CA ARG A 172 -19.93 -39.10 -0.20
C ARG A 172 -21.15 -39.93 -0.53
N ARG A 173 -22.18 -39.29 -1.08
CA ARG A 173 -23.38 -40.02 -1.42
C ARG A 173 -23.10 -41.07 -2.49
N VAL A 174 -22.30 -40.72 -3.49
CA VAL A 174 -21.95 -41.67 -4.54
C VAL A 174 -21.20 -42.86 -3.92
N LEU A 175 -20.27 -42.58 -3.02
CA LEU A 175 -19.51 -43.64 -2.38
C LEU A 175 -20.41 -44.60 -1.62
N VAL A 176 -21.31 -44.04 -0.81
CA VAL A 176 -22.22 -44.86 -0.03
C VAL A 176 -23.07 -45.73 -0.94
N GLU A 177 -23.49 -45.19 -2.10
CA GLU A 177 -24.27 -45.97 -3.05
C GLU A 177 -23.42 -47.13 -3.55
N TRP A 178 -22.18 -46.83 -3.94
CA TRP A 178 -21.26 -47.85 -4.41
C TRP A 178 -21.09 -48.96 -3.39
N LEU A 179 -20.75 -48.58 -2.17
CA LEU A 179 -20.53 -49.57 -1.11
C LEU A 179 -21.79 -50.25 -0.63
N LYS A 180 -22.95 -49.60 -0.81
CA LYS A 180 -24.22 -50.14 -0.31
C LYS A 180 -24.05 -50.35 1.18
N ASP A 181 -23.23 -49.49 1.79
CA ASP A 181 -22.94 -49.58 3.22
C ASP A 181 -23.27 -48.26 3.93
N PRO A 182 -24.40 -48.21 4.64
CA PRO A 182 -24.76 -46.97 5.34
C PRO A 182 -24.38 -47.00 6.82
N SER A 183 -23.72 -48.08 7.23
CA SER A 183 -23.34 -48.30 8.62
C SER A 183 -22.75 -47.13 9.41
N GLN A 184 -22.01 -46.23 8.76
CA GLN A 184 -21.44 -45.12 9.50
C GLN A 184 -22.05 -43.77 9.20
N GLU A 185 -23.10 -43.74 8.38
CA GLU A 185 -23.74 -42.50 8.00
C GLU A 185 -24.44 -41.72 9.11
N LEU A 186 -25.39 -42.35 9.80
CA LEU A 186 -26.12 -41.64 10.85
C LEU A 186 -25.23 -41.02 11.91
N GLU A 187 -24.15 -41.71 12.26
CA GLU A 187 -23.24 -41.19 13.27
C GLU A 187 -22.43 -40.02 12.71
N PHE A 188 -21.98 -40.15 11.47
CA PHE A 188 -21.21 -39.10 10.83
C PHE A 188 -22.03 -37.81 10.77
N ILE A 189 -23.26 -37.95 10.29
CA ILE A 189 -24.15 -36.81 10.17
C ILE A 189 -24.43 -36.17 11.52
N ALA A 190 -24.60 -37.00 12.55
CA ALA A 190 -24.87 -36.49 13.89
C ALA A 190 -23.71 -35.60 14.35
N ASP A 191 -22.50 -35.96 13.95
CA ASP A 191 -21.32 -35.18 14.31
C ASP A 191 -21.33 -33.85 13.58
N ILE A 192 -21.60 -33.89 12.28
CA ILE A 192 -21.64 -32.67 11.49
C ILE A 192 -22.74 -31.76 12.05
N LEU A 193 -23.88 -32.35 12.40
CA LEU A 193 -24.98 -31.58 12.95
C LEU A 193 -24.61 -30.98 14.29
N ASN A 194 -23.46 -31.39 14.83
CA ASN A 194 -23.02 -30.85 16.10
C ASN A 194 -22.36 -29.50 15.92
N GLN A 195 -21.77 -29.23 14.77
CA GLN A 195 -21.17 -27.93 14.55
C GLN A 195 -22.18 -26.99 13.89
N ASP A 196 -23.35 -27.52 13.54
CA ASP A 196 -24.43 -26.75 12.93
C ASP A 196 -25.66 -27.63 12.79
N ALA A 197 -26.54 -27.58 13.80
CA ALA A 197 -27.73 -28.38 13.82
C ALA A 197 -28.73 -28.09 12.70
N LYS A 198 -28.45 -27.08 11.87
CA LYS A 198 -29.38 -26.72 10.80
C LYS A 198 -28.79 -26.82 9.42
N ASN A 199 -27.59 -27.40 9.33
CA ASN A 199 -26.86 -27.57 8.08
C ASN A 199 -27.78 -28.29 7.09
N TYR A 200 -28.28 -27.58 6.09
CA TYR A 200 -29.19 -28.19 5.12
C TYR A 200 -28.58 -29.41 4.43
N HIS A 201 -27.28 -29.37 4.11
CA HIS A 201 -26.62 -30.48 3.43
C HIS A 201 -26.67 -31.76 4.28
N ALA A 202 -26.44 -31.59 5.58
CA ALA A 202 -26.44 -32.70 6.53
C ALA A 202 -27.83 -33.36 6.60
N TRP A 203 -28.86 -32.55 6.79
CA TRP A 203 -30.21 -33.08 6.88
C TRP A 203 -30.64 -33.76 5.58
N GLN A 204 -30.23 -33.19 4.46
CA GLN A 204 -30.59 -33.75 3.17
C GLN A 204 -29.95 -35.13 3.01
N HIS A 205 -28.67 -35.21 3.35
CA HIS A 205 -27.95 -36.47 3.26
C HIS A 205 -28.58 -37.48 4.20
N ARG A 206 -28.93 -37.03 5.40
CA ARG A 206 -29.52 -37.90 6.40
C ARG A 206 -30.83 -38.51 5.91
N GLN A 207 -31.68 -37.70 5.28
CA GLN A 207 -32.93 -38.23 4.79
C GLN A 207 -32.70 -39.19 3.64
N TRP A 208 -31.69 -38.94 2.83
CA TRP A 208 -31.40 -39.84 1.72
C TRP A 208 -31.01 -41.21 2.25
N VAL A 209 -30.08 -41.23 3.21
CA VAL A 209 -29.63 -42.48 3.80
C VAL A 209 -30.76 -43.25 4.42
N ILE A 210 -31.48 -42.61 5.32
CA ILE A 210 -32.60 -43.25 5.98
C ILE A 210 -33.61 -43.84 4.99
N GLN A 211 -33.96 -43.08 3.96
CA GLN A 211 -34.92 -43.55 2.97
C GLN A 211 -34.35 -44.69 2.13
N GLU A 212 -33.15 -44.50 1.61
CA GLU A 212 -32.49 -45.47 0.75
C GLU A 212 -32.20 -46.83 1.38
N PHE A 213 -31.84 -46.84 2.66
CA PHE A 213 -31.52 -48.10 3.34
C PHE A 213 -32.51 -48.44 4.44
N ARG A 214 -33.66 -47.81 4.39
CA ARG A 214 -34.73 -48.00 5.37
C ARG A 214 -34.24 -48.08 6.82
N LEU A 215 -33.66 -46.99 7.29
CA LEU A 215 -33.14 -46.93 8.65
C LEU A 215 -34.02 -46.03 9.53
N TRP A 216 -35.31 -46.32 9.59
CA TRP A 216 -36.23 -45.51 10.38
C TRP A 216 -36.26 -45.81 11.88
N ASP A 217 -35.97 -47.05 12.22
CA ASP A 217 -35.99 -47.54 13.60
C ASP A 217 -35.63 -46.58 14.73
N ASN A 218 -34.57 -45.81 14.60
CA ASN A 218 -34.16 -44.92 15.69
C ASN A 218 -34.27 -43.42 15.45
N GLU A 219 -34.73 -43.02 14.27
CA GLU A 219 -34.79 -41.61 13.97
C GLU A 219 -35.75 -40.81 14.85
N LEU A 220 -36.94 -41.34 15.10
CA LEU A 220 -37.90 -40.60 15.93
C LEU A 220 -37.31 -40.31 17.33
N GLN A 221 -36.43 -41.19 17.79
CA GLN A 221 -35.80 -41.02 19.08
C GLN A 221 -34.72 -39.94 18.97
N TYR A 222 -34.00 -39.94 17.85
CA TYR A 222 -32.96 -38.96 17.59
C TYR A 222 -33.59 -37.57 17.58
N VAL A 223 -34.77 -37.49 16.96
CA VAL A 223 -35.52 -36.26 16.87
C VAL A 223 -35.91 -35.75 18.26
N ASP A 224 -36.46 -36.62 19.10
CA ASP A 224 -36.86 -36.26 20.46
C ASP A 224 -35.68 -35.70 21.23
N GLN A 225 -34.51 -36.28 20.99
CA GLN A 225 -33.30 -35.84 21.66
C GLN A 225 -32.90 -34.43 21.22
N LEU A 226 -32.86 -34.20 19.90
CA LEU A 226 -32.48 -32.90 19.40
C LEU A 226 -33.50 -31.82 19.76
N LEU A 227 -34.78 -32.16 19.75
CA LEU A 227 -35.80 -31.19 20.10
C LEU A 227 -35.64 -30.75 21.56
N LYS A 228 -35.03 -31.60 22.38
CA LYS A 228 -34.81 -31.24 23.76
C LYS A 228 -33.64 -30.28 23.84
N GLU A 229 -32.66 -30.44 22.95
CA GLU A 229 -31.49 -29.57 22.92
C GLU A 229 -31.85 -28.16 22.43
N ASP A 230 -32.84 -28.08 21.55
CA ASP A 230 -33.28 -26.81 21.00
C ASP A 230 -34.62 -27.01 20.31
N VAL A 231 -35.69 -26.78 21.05
CA VAL A 231 -37.05 -26.95 20.54
C VAL A 231 -37.38 -25.98 19.40
N ARG A 232 -36.48 -25.05 19.11
CA ARG A 232 -36.74 -24.08 18.05
C ARG A 232 -36.11 -24.46 16.72
N ASN A 233 -35.39 -25.58 16.69
CA ASN A 233 -34.74 -26.03 15.46
C ASN A 233 -35.76 -26.54 14.45
N ASN A 234 -36.09 -25.70 13.48
CA ASN A 234 -37.07 -26.03 12.45
C ASN A 234 -36.71 -27.27 11.65
N SER A 235 -35.41 -27.57 11.56
CA SER A 235 -34.95 -28.73 10.81
C SER A 235 -35.37 -30.02 11.49
N VAL A 236 -35.30 -30.03 12.83
CA VAL A 236 -35.67 -31.21 13.61
C VAL A 236 -37.18 -31.45 13.53
N TRP A 237 -37.98 -30.40 13.55
CA TRP A 237 -39.42 -30.58 13.43
C TRP A 237 -39.75 -31.18 12.08
N ASN A 238 -39.02 -30.76 11.05
CA ASN A 238 -39.27 -31.29 9.73
C ASN A 238 -38.89 -32.77 9.72
N GLN A 239 -37.79 -33.09 10.38
CA GLN A 239 -37.33 -34.47 10.44
C GLN A 239 -38.38 -35.34 11.10
N ARG A 240 -38.99 -34.82 12.16
CA ARG A 240 -40.01 -35.56 12.86
C ARG A 240 -41.15 -35.91 11.91
N HIS A 241 -41.62 -34.92 11.15
CA HIS A 241 -42.71 -35.18 10.22
C HIS A 241 -42.28 -36.18 9.13
N PHE A 242 -41.01 -36.09 8.75
CA PHE A 242 -40.41 -36.97 7.75
C PHE A 242 -40.50 -38.43 8.23
N VAL A 243 -40.04 -38.70 9.45
CA VAL A 243 -40.08 -40.04 10.00
C VAL A 243 -41.50 -40.58 10.08
N ILE A 244 -42.34 -39.91 10.85
CA ILE A 244 -43.70 -40.34 11.03
C ILE A 244 -44.46 -40.56 9.73
N SER A 245 -44.45 -39.59 8.83
CA SER A 245 -45.20 -39.76 7.59
C SER A 245 -44.68 -40.89 6.71
N ASN A 246 -43.45 -41.33 6.97
CA ASN A 246 -42.87 -42.42 6.17
C ASN A 246 -42.93 -43.76 6.88
N THR A 247 -43.49 -43.76 8.08
CA THR A 247 -43.63 -45.01 8.81
C THR A 247 -45.11 -45.25 9.10
N THR A 248 -45.56 -44.89 10.30
CA THR A 248 -46.94 -45.07 10.70
C THR A 248 -47.94 -44.18 9.94
N GLY A 249 -47.53 -42.97 9.59
CA GLY A 249 -48.44 -42.06 8.92
C GLY A 249 -49.22 -41.35 10.02
N TYR A 250 -50.10 -40.44 9.65
CA TYR A 250 -50.88 -39.71 10.67
C TYR A 250 -52.36 -40.11 10.73
N SER A 251 -52.74 -41.08 9.90
CA SER A 251 -54.12 -41.54 9.87
C SER A 251 -54.51 -42.34 11.11
N ASP A 252 -53.52 -42.93 11.77
CA ASP A 252 -53.81 -43.68 12.98
C ASP A 252 -54.13 -42.66 14.06
N ARG A 253 -55.41 -42.52 14.39
CA ARG A 253 -55.84 -41.57 15.39
C ARG A 253 -55.03 -41.62 16.68
N ALA A 254 -54.45 -42.78 16.97
CA ALA A 254 -53.64 -42.94 18.17
C ALA A 254 -52.36 -42.11 17.99
N VAL A 255 -51.80 -42.17 16.79
CA VAL A 255 -50.57 -41.44 16.46
C VAL A 255 -50.84 -39.93 16.39
N LEU A 256 -51.88 -39.55 15.66
CA LEU A 256 -52.23 -38.15 15.53
C LEU A 256 -52.37 -37.54 16.92
N GLU A 257 -53.09 -38.23 17.79
CA GLU A 257 -53.30 -37.79 19.16
C GLU A 257 -51.97 -37.63 19.89
N ARG A 258 -51.10 -38.63 19.77
CA ARG A 258 -49.80 -38.57 20.44
C ARG A 258 -49.01 -37.35 19.98
N GLU A 259 -49.02 -37.12 18.67
CA GLU A 259 -48.30 -36.01 18.08
C GLU A 259 -48.88 -34.66 18.46
N VAL A 260 -50.20 -34.51 18.40
CA VAL A 260 -50.81 -33.24 18.77
C VAL A 260 -50.52 -32.95 20.23
N GLN A 261 -50.56 -33.99 21.05
CA GLN A 261 -50.32 -33.84 22.47
C GLN A 261 -48.87 -33.45 22.70
N TYR A 262 -47.97 -34.12 21.97
CA TYR A 262 -46.55 -33.87 22.07
C TYR A 262 -46.21 -32.42 21.76
N THR A 263 -46.82 -31.93 20.68
CA THR A 263 -46.59 -30.57 20.23
C THR A 263 -47.15 -29.54 21.21
N LEU A 264 -48.38 -29.76 21.69
CA LEU A 264 -48.98 -28.83 22.64
C LEU A 264 -48.09 -28.75 23.87
N GLU A 265 -47.42 -29.85 24.19
CA GLU A 265 -46.52 -29.85 25.34
C GLU A 265 -45.32 -28.97 25.09
N MET A 266 -44.76 -29.08 23.89
CA MET A 266 -43.60 -28.29 23.49
C MET A 266 -43.97 -26.82 23.40
N ILE A 267 -45.19 -26.56 22.92
CA ILE A 267 -45.68 -25.20 22.80
C ILE A 267 -45.77 -24.58 24.20
N LYS A 268 -46.26 -25.35 25.16
CA LYS A 268 -46.39 -24.85 26.53
C LYS A 268 -45.02 -24.50 27.11
N LEU A 269 -43.99 -25.25 26.74
CA LEU A 269 -42.65 -24.96 27.24
C LEU A 269 -42.06 -23.69 26.62
N VAL A 270 -42.33 -23.49 25.33
CA VAL A 270 -41.84 -22.32 24.62
C VAL A 270 -42.93 -21.92 23.65
N PRO A 271 -43.94 -21.17 24.14
CA PRO A 271 -45.08 -20.70 23.36
C PRO A 271 -44.77 -19.93 22.09
N HIS A 272 -43.66 -19.19 22.10
CA HIS A 272 -43.28 -18.43 20.92
C HIS A 272 -42.31 -19.24 20.07
N ASN A 273 -42.85 -20.15 19.27
CA ASN A 273 -42.04 -21.02 18.42
C ASN A 273 -42.82 -21.36 17.17
N GLU A 274 -42.52 -20.66 16.08
CA GLU A 274 -43.23 -20.88 14.83
C GLU A 274 -43.19 -22.35 14.39
N SER A 275 -42.03 -22.98 14.56
CA SER A 275 -41.84 -24.38 14.15
C SER A 275 -42.87 -25.32 14.77
N ALA A 276 -43.02 -25.25 16.09
CA ALA A 276 -43.98 -26.10 16.77
C ALA A 276 -45.39 -25.83 16.24
N TRP A 277 -45.77 -24.57 16.13
CA TRP A 277 -47.08 -24.23 15.63
C TRP A 277 -47.32 -24.69 14.20
N ASN A 278 -46.28 -24.61 13.37
CA ASN A 278 -46.40 -25.02 11.99
C ASN A 278 -46.61 -26.53 11.88
N TYR A 279 -45.97 -27.28 12.77
CA TYR A 279 -46.11 -28.72 12.79
C TYR A 279 -47.55 -29.07 13.18
N LEU A 280 -48.01 -28.47 14.28
CA LEU A 280 -49.36 -28.70 14.77
C LEU A 280 -50.38 -28.42 13.67
N LYS A 281 -50.27 -27.27 13.02
CA LYS A 281 -51.22 -26.92 11.96
C LYS A 281 -51.01 -27.84 10.76
N GLY A 282 -49.76 -28.22 10.52
CA GLY A 282 -49.45 -29.05 9.38
C GLY A 282 -50.11 -30.42 9.38
N ILE A 283 -50.07 -31.10 10.53
CA ILE A 283 -50.66 -32.43 10.62
C ILE A 283 -52.18 -32.43 10.74
N LEU A 284 -52.79 -31.25 10.88
CA LEU A 284 -54.24 -31.17 11.03
C LEU A 284 -54.95 -30.42 9.92
N GLN A 285 -54.26 -29.45 9.30
CA GLN A 285 -54.88 -28.63 8.26
C GLN A 285 -55.57 -29.36 7.13
N ASP A 286 -55.06 -30.54 6.75
CA ASP A 286 -55.70 -31.25 5.66
C ASP A 286 -56.88 -32.10 6.05
N ARG A 287 -56.96 -32.49 7.33
CA ARG A 287 -58.10 -33.26 7.77
C ARG A 287 -59.23 -32.29 8.14
N GLY A 288 -58.88 -31.02 8.27
CA GLY A 288 -59.87 -30.00 8.62
C GLY A 288 -59.75 -29.50 10.05
N LEU A 289 -59.19 -28.31 10.23
CA LEU A 289 -59.02 -27.73 11.56
C LEU A 289 -60.30 -27.62 12.36
N SER A 290 -61.42 -27.36 11.69
CA SER A 290 -62.70 -27.23 12.38
C SER A 290 -63.27 -28.56 12.85
N ARG A 291 -62.75 -29.66 12.32
CA ARG A 291 -63.21 -30.99 12.71
C ARG A 291 -62.66 -31.42 14.08
N TYR A 292 -62.02 -30.50 14.79
CA TYR A 292 -61.45 -30.82 16.11
C TYR A 292 -61.92 -29.84 17.17
N PRO A 293 -63.20 -29.92 17.55
CA PRO A 293 -63.82 -29.05 18.56
C PRO A 293 -63.06 -28.83 19.86
N ASN A 294 -62.40 -29.86 20.39
CA ASN A 294 -61.66 -29.69 21.64
C ASN A 294 -60.37 -28.89 21.50
N LEU A 295 -59.87 -28.79 20.27
CA LEU A 295 -58.64 -28.05 20.01
C LEU A 295 -58.93 -26.57 20.13
N LEU A 296 -60.00 -26.13 19.49
CA LEU A 296 -60.38 -24.73 19.55
C LEU A 296 -60.46 -24.22 20.98
N ASN A 297 -61.03 -25.01 21.87
CA ASN A 297 -61.15 -24.60 23.27
C ASN A 297 -59.85 -24.70 24.03
N GLN A 298 -59.10 -25.77 23.81
CA GLN A 298 -57.83 -25.93 24.51
C GLN A 298 -56.89 -24.78 24.16
N LEU A 299 -57.03 -24.24 22.96
CA LEU A 299 -56.19 -23.12 22.53
C LEU A 299 -56.69 -21.83 23.18
N LEU A 300 -58.00 -21.60 23.14
CA LEU A 300 -58.59 -20.42 23.73
C LEU A 300 -58.23 -20.34 25.22
N ASP A 301 -57.96 -21.50 25.83
CA ASP A 301 -57.59 -21.57 27.25
C ASP A 301 -56.13 -21.19 27.44
N LEU A 302 -55.31 -21.42 26.41
CA LEU A 302 -53.90 -21.08 26.49
C LEU A 302 -53.71 -19.58 26.30
N GLN A 303 -54.51 -19.00 25.42
CA GLN A 303 -54.46 -17.57 25.09
C GLN A 303 -54.10 -16.70 26.29
N PRO A 304 -54.76 -16.92 27.43
CA PRO A 304 -54.46 -16.12 28.63
C PRO A 304 -52.97 -16.06 29.00
N SER A 305 -52.36 -17.22 29.19
CA SER A 305 -50.95 -17.27 29.58
C SER A 305 -49.92 -17.49 28.46
N HIS A 306 -50.13 -18.52 27.64
CA HIS A 306 -49.20 -18.84 26.54
C HIS A 306 -49.53 -18.18 25.21
N SER A 307 -50.01 -16.94 25.21
CA SER A 307 -50.35 -16.27 23.96
C SER A 307 -49.12 -15.95 23.11
N SER A 308 -49.36 -15.79 21.82
CA SER A 308 -48.31 -15.47 20.85
C SER A 308 -49.03 -15.25 19.55
N PRO A 309 -48.41 -14.54 18.59
CA PRO A 309 -49.07 -14.31 17.31
C PRO A 309 -49.39 -15.63 16.59
N TYR A 310 -48.58 -16.66 16.86
CA TYR A 310 -48.76 -17.96 16.23
C TYR A 310 -50.09 -18.60 16.67
N LEU A 311 -50.41 -18.44 17.95
CA LEU A 311 -51.65 -18.96 18.50
C LEU A 311 -52.83 -18.20 17.89
N ILE A 312 -52.78 -16.87 17.92
CA ILE A 312 -53.86 -16.04 17.38
C ILE A 312 -54.09 -16.42 15.92
N ALA A 313 -52.98 -16.62 15.20
CA ALA A 313 -53.04 -16.99 13.80
C ALA A 313 -53.74 -18.33 13.63
N PHE A 314 -53.37 -19.28 14.49
CA PHE A 314 -53.98 -20.60 14.44
C PHE A 314 -55.50 -20.45 14.60
N LEU A 315 -55.90 -19.65 15.59
CA LEU A 315 -57.31 -19.40 15.84
C LEU A 315 -58.00 -18.85 14.61
N VAL A 316 -57.41 -17.83 13.98
CA VAL A 316 -58.00 -17.24 12.78
C VAL A 316 -58.19 -18.35 11.74
N ASP A 317 -57.21 -19.22 11.64
CA ASP A 317 -57.27 -20.31 10.67
C ASP A 317 -58.38 -21.32 10.98
N ILE A 318 -58.59 -21.59 12.26
CA ILE A 318 -59.67 -22.48 12.69
C ILE A 318 -61.00 -21.85 12.27
N TYR A 319 -61.20 -20.59 12.65
CA TYR A 319 -62.42 -19.88 12.29
C TYR A 319 -62.67 -19.87 10.80
N GLU A 320 -61.62 -19.70 10.01
CA GLU A 320 -61.84 -19.67 8.59
C GLU A 320 -62.24 -21.04 8.07
N ASP A 321 -61.72 -22.09 8.69
CA ASP A 321 -62.07 -23.42 8.24
C ASP A 321 -63.57 -23.62 8.48
N MET A 322 -64.04 -23.10 9.61
CA MET A 322 -65.45 -23.18 9.97
C MET A 322 -66.29 -22.45 8.92
N LEU A 323 -66.01 -21.17 8.70
CA LEU A 323 -66.74 -20.41 7.70
C LEU A 323 -66.70 -21.15 6.36
N GLU A 324 -65.61 -21.87 6.13
CA GLU A 324 -65.42 -22.62 4.90
C GLU A 324 -66.40 -23.78 4.81
N ASN A 325 -66.73 -24.35 5.96
CA ASN A 325 -67.65 -25.47 6.04
C ASN A 325 -69.04 -25.07 6.53
N GLN A 326 -69.52 -23.92 6.07
CA GLN A 326 -70.85 -23.40 6.44
C GLN A 326 -71.24 -23.77 7.87
N CYS A 327 -70.45 -23.33 8.85
CA CYS A 327 -70.74 -23.66 10.24
C CYS A 327 -71.92 -22.85 10.76
N ASP A 328 -72.26 -23.09 12.03
CA ASP A 328 -73.37 -22.40 12.70
C ASP A 328 -72.86 -21.04 13.17
N ASN A 329 -73.63 -19.99 12.91
CA ASN A 329 -73.26 -18.62 13.29
C ASN A 329 -72.27 -18.02 12.30
N LYS A 330 -72.50 -18.26 11.02
CA LYS A 330 -71.62 -17.74 9.98
C LYS A 330 -71.17 -16.31 10.33
N GLU A 331 -72.14 -15.40 10.45
CA GLU A 331 -71.85 -14.00 10.74
C GLU A 331 -71.18 -13.75 12.10
N ASP A 332 -71.40 -14.62 13.07
CA ASP A 332 -70.78 -14.43 14.37
C ASP A 332 -69.31 -14.87 14.37
N ILE A 333 -69.05 -16.00 13.73
CA ILE A 333 -67.69 -16.54 13.63
C ILE A 333 -66.80 -15.56 12.89
N LEU A 334 -67.26 -15.10 11.74
CA LEU A 334 -66.52 -14.15 10.92
C LEU A 334 -66.05 -12.97 11.76
N ASN A 335 -66.87 -12.56 12.73
CA ASN A 335 -66.54 -11.45 13.60
C ASN A 335 -65.42 -11.82 14.56
N LYS A 336 -65.45 -13.06 15.03
CA LYS A 336 -64.43 -13.53 15.95
C LYS A 336 -63.10 -13.56 15.22
N ALA A 337 -63.16 -13.88 13.92
CA ALA A 337 -61.98 -13.93 13.09
C ALA A 337 -61.44 -12.51 12.91
N LEU A 338 -62.26 -11.66 12.31
CA LEU A 338 -61.89 -10.27 12.06
C LEU A 338 -61.34 -9.61 13.32
N GLU A 339 -61.93 -9.91 14.47
CA GLU A 339 -61.48 -9.32 15.73
C GLU A 339 -60.03 -9.72 15.97
N LEU A 340 -59.70 -10.98 15.66
CA LEU A 340 -58.34 -11.47 15.85
C LEU A 340 -57.37 -10.90 14.81
N CYS A 341 -57.82 -10.86 13.56
CA CYS A 341 -56.98 -10.31 12.50
C CYS A 341 -56.50 -8.93 12.93
N GLU A 342 -57.43 -8.11 13.39
CA GLU A 342 -57.10 -6.76 13.83
C GLU A 342 -56.19 -6.78 15.06
N ILE A 343 -56.39 -7.75 15.95
CA ILE A 343 -55.54 -7.84 17.13
C ILE A 343 -54.11 -8.11 16.69
N LEU A 344 -53.99 -8.89 15.62
CA LEU A 344 -52.68 -9.23 15.07
C LEU A 344 -52.06 -7.97 14.46
N ALA A 345 -52.79 -7.33 13.56
CA ALA A 345 -52.34 -6.11 12.88
C ALA A 345 -51.98 -4.96 13.83
N LYS A 346 -52.86 -4.66 14.78
CA LYS A 346 -52.63 -3.57 15.71
C LYS A 346 -51.70 -3.83 16.89
N GLU A 347 -51.62 -5.06 17.39
CA GLU A 347 -50.76 -5.30 18.55
C GLU A 347 -49.89 -6.56 18.63
N LYS A 348 -50.34 -7.67 18.05
CA LYS A 348 -49.58 -8.93 18.15
C LYS A 348 -48.51 -9.23 17.11
N ASP A 349 -48.78 -8.89 15.86
CA ASP A 349 -47.84 -9.15 14.76
C ASP A 349 -47.81 -7.91 13.88
N THR A 350 -47.56 -6.76 14.50
CA THR A 350 -47.55 -5.47 13.81
C THR A 350 -46.78 -5.40 12.51
N ILE A 351 -45.60 -6.04 12.47
CA ILE A 351 -44.80 -6.02 11.25
C ILE A 351 -45.58 -6.50 10.04
N ARG A 352 -46.60 -7.33 10.29
CA ARG A 352 -47.44 -7.85 9.21
C ARG A 352 -48.81 -7.17 9.17
N LYS A 353 -48.88 -6.01 9.84
CA LYS A 353 -50.09 -5.19 9.92
C LYS A 353 -50.91 -5.20 8.63
N GLU A 354 -50.32 -4.75 7.53
CA GLU A 354 -51.02 -4.71 6.26
C GLU A 354 -51.47 -6.08 5.75
N TYR A 355 -50.71 -7.12 6.07
CA TYR A 355 -51.04 -8.48 5.65
C TYR A 355 -52.33 -8.94 6.33
N TRP A 356 -52.34 -8.82 7.66
CA TRP A 356 -53.49 -9.23 8.44
C TRP A 356 -54.75 -8.46 8.06
N ARG A 357 -54.63 -7.16 7.81
CA ARG A 357 -55.78 -6.37 7.40
C ARG A 357 -56.27 -6.89 6.06
N TYR A 358 -55.32 -7.30 5.22
CA TYR A 358 -55.63 -7.84 3.92
C TYR A 358 -56.35 -9.18 4.08
N ILE A 359 -55.93 -9.95 5.09
CA ILE A 359 -56.57 -11.23 5.36
C ILE A 359 -58.01 -10.96 5.81
N GLY A 360 -58.14 -10.02 6.75
CA GLY A 360 -59.45 -9.63 7.24
C GLY A 360 -60.40 -9.23 6.12
N ARG A 361 -59.99 -8.26 5.30
CA ARG A 361 -60.82 -7.81 4.19
C ARG A 361 -61.21 -8.97 3.29
N SER A 362 -60.35 -10.00 3.24
CA SER A 362 -60.59 -11.18 2.41
C SER A 362 -61.71 -12.02 3.00
N LEU A 363 -61.70 -12.14 4.33
CA LEU A 363 -62.72 -12.93 5.01
C LEU A 363 -64.09 -12.24 4.87
N GLN A 364 -64.13 -10.93 5.05
CA GLN A 364 -65.38 -10.19 4.93
C GLN A 364 -66.03 -10.37 3.57
N SER A 365 -65.31 -10.04 2.51
CA SER A 365 -65.86 -10.17 1.17
C SER A 365 -66.08 -11.61 0.72
N LYS A 366 -65.80 -12.57 1.60
CA LYS A 366 -66.00 -13.99 1.25
C LYS A 366 -67.11 -14.64 2.07
N HIS A 367 -67.45 -14.04 3.21
CA HIS A 367 -68.50 -14.59 4.06
C HIS A 367 -69.43 -13.49 4.61
N SER A 368 -70.24 -12.89 3.74
CA SER A 368 -71.16 -11.84 4.17
C SER A 368 -72.44 -11.78 3.34
N LEU B 18 -29.87 4.44 6.79
CA LEU B 18 -29.13 5.58 6.18
C LEU B 18 -29.44 5.71 4.69
N ASP B 19 -28.44 6.05 3.90
CA ASP B 19 -28.62 6.23 2.47
C ASP B 19 -27.96 5.15 1.63
N PHE B 20 -28.36 5.09 0.37
CA PHE B 20 -27.86 4.13 -0.58
C PHE B 20 -26.64 4.69 -1.30
N LEU B 21 -25.46 4.16 -0.98
CA LEU B 21 -24.22 4.61 -1.61
C LEU B 21 -24.04 4.09 -3.03
N ARG B 22 -24.98 4.42 -3.89
CA ARG B 22 -24.97 3.98 -5.28
C ARG B 22 -23.62 3.91 -6.03
N ASP B 23 -22.88 5.02 -6.05
CA ASP B 23 -21.61 5.05 -6.77
C ASP B 23 -20.62 4.05 -6.21
N ARG B 24 -20.62 3.93 -4.89
CA ARG B 24 -19.75 3.01 -4.21
C ARG B 24 -20.00 1.59 -4.73
N HIS B 25 -21.27 1.24 -4.92
CA HIS B 25 -21.66 -0.07 -5.41
C HIS B 25 -21.30 -0.26 -6.88
N VAL B 26 -21.31 0.80 -7.66
CA VAL B 26 -20.94 0.67 -9.06
C VAL B 26 -19.45 0.33 -9.14
N ARG B 27 -18.64 0.96 -8.31
CA ARG B 27 -17.22 0.69 -8.31
C ARG B 27 -16.98 -0.77 -7.88
N PHE B 28 -17.71 -1.18 -6.85
CA PHE B 28 -17.62 -2.55 -6.34
C PHE B 28 -17.83 -3.57 -7.47
N PHE B 29 -18.92 -3.42 -8.23
CA PHE B 29 -19.17 -4.35 -9.32
C PHE B 29 -18.10 -4.24 -10.39
N GLN B 30 -17.58 -3.04 -10.61
CA GLN B 30 -16.54 -2.85 -11.62
C GLN B 30 -15.36 -3.73 -11.27
N ARG B 31 -14.93 -3.62 -10.02
CA ARG B 31 -13.80 -4.39 -9.50
C ARG B 31 -14.03 -5.90 -9.63
N CYS B 32 -15.26 -6.35 -9.39
CA CYS B 32 -15.58 -7.77 -9.50
C CYS B 32 -15.27 -8.28 -10.90
N LEU B 33 -15.58 -7.47 -11.92
CA LEU B 33 -15.32 -7.88 -13.30
C LEU B 33 -13.85 -7.83 -13.68
N GLN B 34 -13.04 -7.21 -12.83
CA GLN B 34 -11.62 -7.07 -13.11
C GLN B 34 -10.71 -8.21 -12.67
N VAL B 35 -10.15 -8.11 -11.48
CA VAL B 35 -9.24 -9.14 -10.99
C VAL B 35 -9.51 -9.44 -9.54
N LEU B 36 -9.43 -10.72 -9.17
CA LEU B 36 -9.67 -11.12 -7.79
C LEU B 36 -8.45 -11.80 -7.17
N PRO B 37 -8.30 -11.69 -5.83
CA PRO B 37 -7.20 -12.28 -5.05
C PRO B 37 -7.35 -13.81 -5.02
N GLU B 38 -6.23 -14.53 -5.01
CA GLU B 38 -6.28 -15.99 -5.00
C GLU B 38 -7.26 -16.52 -3.97
N ARG B 39 -7.62 -15.67 -3.02
CA ARG B 39 -8.54 -15.99 -1.96
C ARG B 39 -9.90 -16.43 -2.49
N TYR B 40 -10.21 -16.08 -3.73
CA TYR B 40 -11.50 -16.43 -4.34
C TYR B 40 -11.41 -17.60 -5.31
N SER B 41 -10.32 -18.36 -5.20
CA SER B 41 -10.09 -19.49 -6.08
C SER B 41 -11.27 -20.44 -6.16
N SER B 42 -11.97 -20.60 -5.05
CA SER B 42 -13.10 -21.52 -5.00
C SER B 42 -14.29 -21.11 -5.88
N LEU B 43 -14.18 -19.94 -6.51
CA LEU B 43 -15.25 -19.47 -7.39
C LEU B 43 -14.85 -19.67 -8.85
N GLU B 44 -13.67 -20.25 -9.08
CA GLU B 44 -13.18 -20.47 -10.43
C GLU B 44 -14.22 -21.06 -11.38
N THR B 45 -14.85 -22.17 -11.00
CA THR B 45 -15.84 -22.79 -11.86
C THR B 45 -17.21 -22.12 -11.86
N SER B 46 -17.33 -21.00 -11.15
CA SER B 46 -18.57 -20.24 -11.08
C SER B 46 -18.33 -18.79 -11.44
N ARG B 47 -17.23 -18.54 -12.14
CA ARG B 47 -16.89 -17.17 -12.52
C ARG B 47 -17.98 -16.49 -13.34
N LEU B 48 -18.62 -17.27 -14.22
CA LEU B 48 -19.68 -16.72 -15.05
C LEU B 48 -20.83 -16.18 -14.21
N THR B 49 -21.17 -16.85 -13.11
CA THR B 49 -22.26 -16.35 -12.27
C THR B 49 -21.78 -15.13 -11.46
N ILE B 50 -20.48 -15.03 -11.21
CA ILE B 50 -19.96 -13.88 -10.50
C ILE B 50 -20.09 -12.69 -11.45
N ALA B 51 -19.83 -12.96 -12.72
CA ALA B 51 -19.92 -11.95 -13.78
C ALA B 51 -21.37 -11.47 -13.84
N PHE B 52 -22.30 -12.43 -13.80
CA PHE B 52 -23.73 -12.13 -13.82
C PHE B 52 -24.09 -11.19 -12.68
N PHE B 53 -23.63 -11.50 -11.48
CA PHE B 53 -23.93 -10.67 -10.31
C PHE B 53 -23.47 -9.25 -10.54
N ALA B 54 -22.29 -9.11 -11.13
CA ALA B 54 -21.71 -7.80 -11.39
C ALA B 54 -22.38 -7.06 -12.54
N LEU B 55 -22.57 -7.76 -13.66
CA LEU B 55 -23.21 -7.17 -14.83
C LEU B 55 -24.68 -6.82 -14.58
N SER B 56 -25.46 -7.78 -14.09
CA SER B 56 -26.86 -7.53 -13.81
C SER B 56 -26.93 -6.49 -12.71
N GLY B 57 -25.94 -6.48 -11.84
CA GLY B 57 -25.91 -5.50 -10.76
C GLY B 57 -25.72 -4.10 -11.31
N LEU B 58 -24.82 -3.96 -12.28
CA LEU B 58 -24.55 -2.66 -12.90
C LEU B 58 -25.78 -2.26 -13.69
N ASP B 59 -26.36 -3.22 -14.39
CA ASP B 59 -27.57 -3.01 -15.16
C ASP B 59 -28.65 -2.43 -14.24
N MET B 60 -28.83 -3.07 -13.09
CA MET B 60 -29.83 -2.63 -12.11
C MET B 60 -29.57 -1.20 -11.62
N LEU B 61 -28.31 -0.78 -11.66
CA LEU B 61 -27.93 0.57 -11.22
C LEU B 61 -27.79 1.51 -12.43
N ASP B 62 -28.13 0.97 -13.60
CA ASP B 62 -28.06 1.73 -14.85
C ASP B 62 -26.64 2.30 -15.04
N SER B 63 -25.64 1.40 -15.04
CA SER B 63 -24.24 1.78 -15.21
C SER B 63 -23.47 0.83 -16.12
N LEU B 64 -24.17 0.13 -17.01
CA LEU B 64 -23.48 -0.81 -17.89
C LEU B 64 -22.48 -0.10 -18.79
N ASP B 65 -22.57 1.22 -18.84
CA ASP B 65 -21.66 1.99 -19.67
C ASP B 65 -20.21 1.93 -19.19
N VAL B 66 -20.00 1.65 -17.90
CA VAL B 66 -18.65 1.59 -17.34
C VAL B 66 -17.86 0.33 -17.71
N VAL B 67 -18.39 -0.47 -18.62
CA VAL B 67 -17.71 -1.70 -19.03
C VAL B 67 -17.75 -1.85 -20.55
N ASN B 68 -16.80 -2.59 -21.10
CA ASN B 68 -16.78 -2.81 -22.53
C ASN B 68 -17.65 -4.00 -22.90
N LYS B 69 -18.92 -3.75 -23.19
CA LYS B 69 -19.84 -4.83 -23.52
C LYS B 69 -19.32 -5.82 -24.56
N ASP B 70 -18.59 -5.33 -25.56
CA ASP B 70 -18.08 -6.20 -26.61
C ASP B 70 -17.05 -7.22 -26.15
N ASP B 71 -16.11 -6.77 -25.32
CA ASP B 71 -15.08 -7.65 -24.80
C ASP B 71 -15.73 -8.75 -23.97
N ILE B 72 -16.57 -8.34 -23.04
CA ILE B 72 -17.25 -9.29 -22.18
C ILE B 72 -18.10 -10.28 -22.96
N ILE B 73 -18.79 -9.80 -24.00
CA ILE B 73 -19.62 -10.70 -24.79
C ILE B 73 -18.78 -11.79 -25.45
N GLU B 74 -17.56 -11.43 -25.86
CA GLU B 74 -16.67 -12.40 -26.49
C GLU B 74 -16.22 -13.44 -25.48
N TRP B 75 -15.89 -12.96 -24.28
CA TRP B 75 -15.45 -13.84 -23.21
C TRP B 75 -16.56 -14.85 -22.94
N ILE B 76 -17.78 -14.37 -22.80
CA ILE B 76 -18.89 -15.24 -22.52
C ILE B 76 -19.04 -16.32 -23.59
N TYR B 77 -19.02 -15.90 -24.85
CA TYR B 77 -19.16 -16.85 -25.94
C TYR B 77 -18.03 -17.87 -25.98
N SER B 78 -16.89 -17.51 -25.38
CA SER B 78 -15.75 -18.41 -25.33
C SER B 78 -16.04 -19.52 -24.32
N LEU B 79 -17.09 -19.34 -23.52
CA LEU B 79 -17.47 -20.33 -22.52
C LEU B 79 -18.54 -21.30 -23.02
N GLN B 80 -19.01 -21.12 -24.25
CA GLN B 80 -20.03 -22.00 -24.79
C GLN B 80 -19.48 -23.33 -25.29
N VAL B 81 -20.06 -24.42 -24.80
CA VAL B 81 -19.64 -25.73 -25.24
C VAL B 81 -20.48 -26.01 -26.48
N LEU B 82 -19.84 -25.82 -27.64
CA LEU B 82 -20.51 -26.02 -28.92
C LEU B 82 -20.42 -27.47 -29.37
N PRO B 83 -21.38 -27.91 -30.18
CA PRO B 83 -21.32 -29.30 -30.64
C PRO B 83 -20.16 -29.46 -31.61
N THR B 84 -19.50 -30.61 -31.54
CA THR B 84 -18.37 -30.89 -32.40
C THR B 84 -18.83 -31.20 -33.83
N GLU B 85 -17.88 -31.39 -34.73
CA GLU B 85 -18.17 -31.68 -36.13
C GLU B 85 -19.20 -32.81 -36.23
N ASP B 86 -18.87 -33.96 -35.65
CA ASP B 86 -19.77 -35.11 -35.68
C ASP B 86 -21.02 -34.95 -34.82
N ARG B 87 -21.05 -33.90 -34.00
CA ARG B 87 -22.20 -33.62 -33.15
C ARG B 87 -22.52 -34.77 -32.18
N SER B 88 -21.47 -35.47 -31.74
CA SER B 88 -21.62 -36.59 -30.83
C SER B 88 -21.65 -36.14 -29.36
N ASN B 89 -21.55 -34.82 -29.14
CA ASN B 89 -21.54 -34.28 -27.80
C ASN B 89 -22.72 -33.34 -27.55
N LEU B 90 -23.83 -33.55 -28.24
CA LEU B 90 -24.99 -32.69 -28.06
C LEU B 90 -25.52 -32.69 -26.63
N ASP B 91 -25.51 -33.86 -26.00
CA ASP B 91 -25.99 -34.02 -24.63
C ASP B 91 -25.15 -33.27 -23.61
N ARG B 92 -24.05 -32.67 -24.06
CA ARG B 92 -23.18 -31.97 -23.14
C ARG B 92 -23.00 -30.49 -23.46
N CYS B 93 -23.79 -29.96 -24.37
CA CYS B 93 -23.67 -28.56 -24.72
C CYS B 93 -24.35 -27.62 -23.74
N GLY B 94 -23.88 -26.39 -23.71
CA GLY B 94 -24.40 -25.38 -22.81
C GLY B 94 -23.24 -24.44 -22.57
N PHE B 95 -23.09 -23.93 -21.34
CA PHE B 95 -21.97 -23.04 -21.04
C PHE B 95 -21.11 -23.51 -19.86
N ARG B 96 -19.84 -23.11 -19.85
CA ARG B 96 -18.90 -23.45 -18.78
C ARG B 96 -18.88 -22.26 -17.84
N GLY B 97 -18.44 -22.47 -16.61
CA GLY B 97 -18.36 -21.39 -15.65
C GLY B 97 -17.13 -20.55 -15.89
N SER B 98 -16.12 -21.16 -16.51
CA SER B 98 -14.86 -20.50 -16.83
C SER B 98 -14.04 -21.38 -17.75
N SER B 99 -12.82 -20.95 -18.04
CA SER B 99 -11.92 -21.67 -18.93
C SER B 99 -10.94 -22.60 -18.20
N TYR B 100 -11.28 -22.96 -16.97
CA TYR B 100 -10.41 -23.82 -16.18
C TYR B 100 -9.98 -25.16 -16.83
N LEU B 101 -10.70 -25.64 -17.84
CA LEU B 101 -10.31 -26.91 -18.45
C LEU B 101 -9.12 -26.79 -19.40
N GLY B 102 -8.78 -25.57 -19.77
CA GLY B 102 -7.64 -25.38 -20.64
C GLY B 102 -7.94 -25.44 -22.12
N ILE B 103 -9.21 -25.34 -22.48
CA ILE B 103 -9.57 -25.37 -23.89
C ILE B 103 -9.21 -24.02 -24.52
N PRO B 104 -8.59 -24.06 -25.70
CA PRO B 104 -8.18 -22.85 -26.42
C PRO B 104 -9.31 -21.85 -26.68
N PHE B 105 -9.07 -20.60 -26.29
CA PHE B 105 -10.04 -19.52 -26.44
C PHE B 105 -10.71 -19.53 -27.80
N ASN B 106 -12.04 -19.60 -27.80
CA ASN B 106 -12.82 -19.62 -29.04
C ASN B 106 -14.20 -19.02 -28.79
N PRO B 107 -14.39 -17.72 -29.10
CA PRO B 107 -15.67 -17.03 -28.91
C PRO B 107 -16.79 -17.55 -29.81
N SER B 108 -17.06 -18.85 -29.71
CA SER B 108 -18.10 -19.49 -30.51
C SER B 108 -17.93 -19.12 -31.98
N LYS B 109 -16.70 -19.17 -32.46
CA LYS B 109 -16.39 -18.85 -33.84
C LYS B 109 -16.23 -20.14 -34.64
N ASN B 110 -15.42 -21.06 -34.15
CA ASN B 110 -15.19 -22.32 -34.84
C ASN B 110 -15.99 -23.43 -34.16
N PRO B 111 -16.07 -24.62 -34.80
CA PRO B 111 -16.82 -25.73 -34.20
C PRO B 111 -16.16 -26.17 -32.90
N GLY B 112 -16.90 -26.93 -32.09
CA GLY B 112 -16.36 -27.38 -30.82
C GLY B 112 -15.21 -28.37 -30.93
N THR B 113 -14.24 -28.22 -30.05
CA THR B 113 -13.08 -29.13 -30.02
C THR B 113 -13.32 -30.20 -28.96
N ALA B 114 -13.35 -31.46 -29.39
CA ALA B 114 -13.60 -32.58 -28.48
C ALA B 114 -12.71 -32.56 -27.24
N HIS B 115 -13.28 -33.01 -26.12
CA HIS B 115 -12.57 -33.08 -24.85
C HIS B 115 -13.38 -34.03 -23.97
N PRO B 116 -12.73 -35.07 -23.45
CA PRO B 116 -13.37 -36.09 -22.60
C PRO B 116 -14.21 -35.55 -21.44
N TYR B 117 -13.84 -34.39 -20.90
CA TYR B 117 -14.55 -33.87 -19.75
C TYR B 117 -15.15 -32.48 -19.88
N ASP B 118 -15.20 -31.95 -21.09
CA ASP B 118 -15.78 -30.63 -21.27
C ASP B 118 -17.27 -30.69 -21.58
N SER B 119 -18.06 -30.02 -20.75
CA SER B 119 -19.49 -29.97 -20.94
C SER B 119 -20.04 -28.79 -20.15
N GLY B 120 -21.28 -28.42 -20.41
CA GLY B 120 -21.86 -27.28 -19.72
C GLY B 120 -22.34 -27.56 -18.32
N HIS B 121 -22.71 -26.49 -17.63
CA HIS B 121 -23.23 -26.56 -16.28
C HIS B 121 -24.50 -25.71 -16.33
N ILE B 122 -25.62 -26.33 -15.96
CA ILE B 122 -26.91 -25.67 -16.00
C ILE B 122 -26.99 -24.24 -15.42
N ALA B 123 -26.29 -23.99 -14.32
CA ALA B 123 -26.32 -22.66 -13.72
C ALA B 123 -25.50 -21.68 -14.56
N MET B 124 -24.57 -22.21 -15.35
CA MET B 124 -23.73 -21.38 -16.19
C MET B 124 -24.43 -21.09 -17.50
N THR B 125 -25.18 -22.07 -18.01
CA THR B 125 -25.93 -21.87 -19.25
C THR B 125 -26.96 -20.77 -18.95
N TYR B 126 -27.54 -20.84 -17.75
CA TYR B 126 -28.52 -19.87 -17.32
C TYR B 126 -27.90 -18.47 -17.18
N THR B 127 -26.92 -18.31 -16.30
CA THR B 127 -26.29 -17.01 -16.10
C THR B 127 -25.60 -16.51 -17.36
N GLY B 128 -25.15 -17.44 -18.20
CA GLY B 128 -24.49 -17.07 -19.43
C GLY B 128 -25.46 -16.36 -20.38
N LEU B 129 -26.55 -17.04 -20.72
CA LEU B 129 -27.56 -16.48 -21.61
C LEU B 129 -28.05 -15.17 -21.00
N SER B 130 -28.29 -15.20 -19.70
CA SER B 130 -28.75 -14.04 -18.98
C SER B 130 -27.78 -12.86 -19.19
N CYS B 131 -26.48 -13.12 -19.08
CA CYS B 131 -25.49 -12.06 -19.26
C CYS B 131 -25.51 -11.51 -20.68
N LEU B 132 -25.58 -12.41 -21.66
CA LEU B 132 -25.60 -12.01 -23.07
C LEU B 132 -26.73 -11.03 -23.32
N ILE B 133 -27.93 -11.35 -22.82
CA ILE B 133 -29.09 -10.49 -23.00
C ILE B 133 -28.89 -9.14 -22.32
N ILE B 134 -28.35 -9.16 -21.11
CA ILE B 134 -28.10 -7.93 -20.37
C ILE B 134 -27.11 -7.04 -21.12
N LEU B 135 -26.15 -7.65 -21.81
CA LEU B 135 -25.15 -6.88 -22.55
C LEU B 135 -25.62 -6.44 -23.94
N GLY B 136 -26.83 -6.85 -24.33
CA GLY B 136 -27.35 -6.44 -25.62
C GLY B 136 -27.18 -7.43 -26.76
N ASP B 137 -26.45 -8.50 -26.55
CA ASP B 137 -26.25 -9.49 -27.59
C ASP B 137 -27.61 -10.06 -27.98
N ASP B 138 -27.72 -10.57 -29.21
CA ASP B 138 -28.98 -11.11 -29.70
C ASP B 138 -29.04 -12.64 -29.69
N LEU B 139 -28.05 -13.27 -29.06
CA LEU B 139 -28.00 -14.73 -28.95
C LEU B 139 -27.88 -15.48 -30.28
N SER B 140 -27.49 -14.76 -31.34
CA SER B 140 -27.35 -15.39 -32.64
C SER B 140 -26.25 -16.45 -32.64
N ARG B 141 -25.22 -16.26 -31.82
CA ARG B 141 -24.13 -17.22 -31.77
C ARG B 141 -24.38 -18.35 -30.78
N VAL B 142 -25.56 -18.36 -30.18
CA VAL B 142 -25.92 -19.42 -29.25
C VAL B 142 -26.55 -20.55 -30.04
N ASP B 143 -26.01 -21.76 -29.90
CA ASP B 143 -26.57 -22.91 -30.60
C ASP B 143 -27.77 -23.36 -29.77
N LYS B 144 -28.88 -22.64 -29.93
CA LYS B 144 -30.10 -22.93 -29.20
C LYS B 144 -30.47 -24.41 -29.10
N GLU B 145 -30.46 -25.12 -30.23
CA GLU B 145 -30.81 -26.53 -30.20
C GLU B 145 -29.86 -27.39 -29.38
N ALA B 146 -28.57 -27.05 -29.43
CA ALA B 146 -27.56 -27.79 -28.68
C ALA B 146 -27.80 -27.57 -27.19
N CYS B 147 -28.07 -26.32 -26.81
CA CYS B 147 -28.32 -26.02 -25.41
C CYS B 147 -29.54 -26.78 -24.91
N LEU B 148 -30.62 -26.74 -25.69
CA LEU B 148 -31.85 -27.43 -25.32
C LEU B 148 -31.63 -28.94 -25.22
N ALA B 149 -30.80 -29.46 -26.11
CA ALA B 149 -30.49 -30.89 -26.10
C ALA B 149 -29.76 -31.22 -24.79
N GLY B 150 -28.79 -30.37 -24.45
CA GLY B 150 -28.04 -30.55 -23.23
C GLY B 150 -28.94 -30.44 -22.02
N LEU B 151 -29.87 -29.48 -22.03
CA LEU B 151 -30.79 -29.29 -20.93
C LEU B 151 -31.62 -30.55 -20.71
N ARG B 152 -32.24 -31.03 -21.78
CA ARG B 152 -33.05 -32.25 -21.69
C ARG B 152 -32.30 -33.37 -20.99
N ALA B 153 -31.04 -33.54 -21.35
CA ALA B 153 -30.20 -34.58 -20.79
C ALA B 153 -29.99 -34.49 -19.27
N LEU B 154 -30.24 -33.30 -18.71
CA LEU B 154 -30.06 -33.12 -17.28
C LEU B 154 -31.27 -33.47 -16.41
N GLN B 155 -32.44 -33.59 -17.02
CA GLN B 155 -33.64 -33.89 -16.24
C GLN B 155 -33.77 -35.35 -15.81
N LEU B 156 -34.13 -35.55 -14.54
CA LEU B 156 -34.28 -36.89 -13.99
C LEU B 156 -35.72 -37.40 -14.07
N GLU B 157 -35.91 -38.69 -13.78
CA GLU B 157 -37.23 -39.30 -13.81
C GLU B 157 -38.23 -38.55 -12.95
N ASP B 158 -37.78 -38.04 -11.80
CA ASP B 158 -38.68 -37.32 -10.91
C ASP B 158 -38.99 -35.88 -11.32
N GLY B 159 -38.44 -35.44 -12.46
CA GLY B 159 -38.72 -34.10 -12.92
C GLY B 159 -37.68 -33.04 -12.58
N SER B 160 -36.82 -33.29 -11.60
CA SER B 160 -35.80 -32.32 -11.24
C SER B 160 -34.63 -32.39 -12.22
N PHE B 161 -33.61 -31.57 -11.96
CA PHE B 161 -32.44 -31.52 -12.82
C PHE B 161 -31.09 -31.64 -12.11
N CYS B 162 -30.08 -32.03 -12.89
CA CYS B 162 -28.71 -32.11 -12.42
C CYS B 162 -28.06 -30.88 -13.01
N ALA B 163 -26.84 -30.57 -12.58
CA ALA B 163 -26.15 -29.41 -13.11
C ALA B 163 -25.28 -29.78 -14.31
N VAL B 164 -24.72 -30.99 -14.28
CA VAL B 164 -23.84 -31.45 -15.37
C VAL B 164 -24.14 -32.88 -15.80
N PRO B 165 -23.99 -33.18 -17.09
CA PRO B 165 -24.24 -34.53 -17.60
C PRO B 165 -23.46 -35.66 -16.93
N GLU B 166 -22.30 -35.34 -16.37
CA GLU B 166 -21.49 -36.36 -15.70
C GLU B 166 -22.14 -36.77 -14.38
N GLY B 167 -23.10 -35.97 -13.91
CA GLY B 167 -23.77 -36.28 -12.68
C GLY B 167 -23.49 -35.28 -11.59
N SER B 168 -24.46 -35.07 -10.71
CA SER B 168 -24.33 -34.14 -9.59
C SER B 168 -25.55 -34.28 -8.74
N GLU B 169 -25.65 -33.48 -7.69
CA GLU B 169 -26.82 -33.51 -6.83
C GLU B 169 -27.94 -32.92 -7.69
N ASN B 170 -29.20 -33.18 -7.31
CA ASN B 170 -30.33 -32.63 -8.05
C ASN B 170 -31.32 -32.02 -7.08
N ASP B 171 -31.86 -30.86 -7.44
CA ASP B 171 -32.85 -30.19 -6.60
C ASP B 171 -33.50 -29.01 -7.28
N MET B 172 -34.31 -28.28 -6.51
CA MET B 172 -35.05 -27.14 -7.01
C MET B 172 -34.18 -26.04 -7.65
N ARG B 173 -32.97 -25.85 -7.16
CA ARG B 173 -32.09 -24.83 -7.71
C ARG B 173 -31.97 -25.01 -9.22
N PHE B 174 -31.73 -26.24 -9.65
CA PHE B 174 -31.56 -26.52 -11.07
C PHE B 174 -32.85 -26.54 -11.87
N VAL B 175 -33.98 -26.73 -11.18
CA VAL B 175 -35.27 -26.73 -11.85
C VAL B 175 -35.48 -25.29 -12.30
N TYR B 176 -35.12 -24.36 -11.44
CA TYR B 176 -35.24 -22.94 -11.74
C TYR B 176 -34.33 -22.56 -12.89
N CYS B 177 -33.12 -23.13 -12.92
CA CYS B 177 -32.17 -22.84 -13.98
C CYS B 177 -32.72 -23.29 -15.31
N ALA B 178 -33.27 -24.51 -15.33
CA ALA B 178 -33.84 -25.08 -16.55
C ALA B 178 -34.98 -24.17 -17.03
N SER B 179 -35.83 -23.77 -16.09
CA SER B 179 -36.95 -22.90 -16.42
C SER B 179 -36.47 -21.60 -17.06
N CYS B 180 -35.48 -20.94 -16.46
CA CYS B 180 -34.96 -19.70 -17.01
C CYS B 180 -34.37 -19.89 -18.40
N ILE B 181 -33.70 -21.01 -18.62
CA ILE B 181 -33.10 -21.28 -19.91
C ILE B 181 -34.17 -21.41 -20.98
N CYS B 182 -35.16 -22.28 -20.72
CA CYS B 182 -36.26 -22.48 -21.66
C CYS B 182 -36.97 -21.16 -21.95
N TYR B 183 -37.18 -20.38 -20.90
CA TYR B 183 -37.85 -19.11 -21.05
C TYR B 183 -37.07 -18.14 -21.93
N MET B 184 -35.77 -17.99 -21.68
CA MET B 184 -34.96 -17.07 -22.45
C MET B 184 -34.80 -17.51 -23.90
N LEU B 185 -34.68 -18.82 -24.11
CA LEU B 185 -34.56 -19.34 -25.47
C LEU B 185 -35.96 -19.46 -26.05
N ASN B 186 -36.94 -19.02 -25.26
CA ASN B 186 -38.34 -19.05 -25.66
C ASN B 186 -38.71 -20.37 -26.32
N ASN B 187 -38.32 -21.47 -25.69
CA ASN B 187 -38.59 -22.81 -26.20
C ASN B 187 -38.54 -23.79 -25.03
N TRP B 188 -39.67 -24.41 -24.73
CA TRP B 188 -39.71 -25.34 -23.61
C TRP B 188 -39.46 -26.79 -23.95
N SER B 189 -38.87 -27.04 -25.10
CA SER B 189 -38.58 -28.42 -25.49
C SER B 189 -37.36 -28.86 -24.67
N GLY B 190 -36.81 -27.91 -23.91
CA GLY B 190 -35.64 -28.19 -23.09
C GLY B 190 -35.96 -29.04 -21.88
N MET B 191 -37.25 -29.17 -21.54
CA MET B 191 -37.65 -29.97 -20.39
C MET B 191 -39.02 -30.60 -20.57
N ASP B 192 -39.31 -31.58 -19.73
CA ASP B 192 -40.60 -32.26 -19.72
C ASP B 192 -41.32 -31.50 -18.61
N MET B 193 -42.00 -30.43 -19.01
CA MET B 193 -42.70 -29.58 -18.07
C MET B 193 -43.65 -30.28 -17.11
N LYS B 194 -44.31 -31.34 -17.59
CA LYS B 194 -45.24 -32.05 -16.73
C LYS B 194 -44.50 -32.65 -15.53
N LYS B 195 -43.36 -33.29 -15.80
CA LYS B 195 -42.57 -33.90 -14.72
C LYS B 195 -41.96 -32.84 -13.78
N ALA B 196 -41.55 -31.72 -14.34
CA ALA B 196 -40.97 -30.66 -13.53
C ALA B 196 -42.01 -30.13 -12.55
N ILE B 197 -43.23 -29.90 -13.06
CA ILE B 197 -44.31 -29.38 -12.23
C ILE B 197 -44.61 -30.37 -11.12
N SER B 198 -44.53 -31.65 -11.44
CA SER B 198 -44.78 -32.69 -10.45
C SER B 198 -43.76 -32.56 -9.32
N TYR B 199 -42.50 -32.36 -9.70
CA TYR B 199 -41.43 -32.23 -8.71
C TYR B 199 -41.69 -31.02 -7.81
N ILE B 200 -42.07 -29.90 -8.41
CA ILE B 200 -42.34 -28.69 -7.66
C ILE B 200 -43.50 -28.88 -6.68
N ARG B 201 -44.55 -29.57 -7.10
CA ARG B 201 -45.67 -29.81 -6.18
C ARG B 201 -45.24 -30.69 -5.03
N ARG B 202 -44.54 -31.78 -5.34
CA ARG B 202 -44.10 -32.72 -4.32
C ARG B 202 -43.14 -32.13 -3.28
N SER B 203 -42.58 -30.96 -3.59
CA SER B 203 -41.64 -30.34 -2.66
C SER B 203 -42.33 -29.51 -1.59
N MET B 204 -43.64 -29.31 -1.72
CA MET B 204 -44.34 -28.52 -0.72
C MET B 204 -44.37 -29.25 0.61
N SER B 205 -43.96 -28.55 1.66
CA SER B 205 -43.90 -29.12 3.01
C SER B 205 -45.23 -29.04 3.75
N TYR B 206 -45.28 -29.68 4.91
CA TYR B 206 -46.48 -29.67 5.74
C TYR B 206 -46.70 -28.25 6.24
N ASP B 207 -45.63 -27.45 6.34
CA ASP B 207 -45.77 -26.08 6.81
C ASP B 207 -46.07 -25.13 5.64
N ASN B 208 -46.26 -25.74 4.47
CA ASN B 208 -46.63 -25.02 3.26
C ASN B 208 -45.59 -24.26 2.45
N GLY B 209 -44.32 -24.34 2.85
CA GLY B 209 -43.29 -23.68 2.08
C GLY B 209 -42.83 -24.73 1.07
N LEU B 210 -41.90 -24.38 0.19
CA LEU B 210 -41.39 -25.34 -0.77
C LEU B 210 -39.95 -25.70 -0.37
N ALA B 211 -39.62 -26.99 -0.39
CA ALA B 211 -38.27 -27.42 -0.02
C ALA B 211 -37.47 -27.74 -1.27
N GLN B 212 -36.21 -28.10 -1.09
CA GLN B 212 -35.35 -28.42 -2.22
C GLN B 212 -35.86 -29.67 -2.92
N GLY B 213 -36.56 -30.50 -2.17
CA GLY B 213 -37.12 -31.73 -2.70
C GLY B 213 -38.12 -32.28 -1.70
N ALA B 214 -38.90 -33.26 -2.12
CA ALA B 214 -39.93 -33.85 -1.26
C ALA B 214 -39.38 -34.31 0.08
N GLY B 215 -40.12 -33.99 1.15
CA GLY B 215 -39.73 -34.40 2.49
C GLY B 215 -38.73 -33.50 3.19
N LEU B 216 -37.97 -32.74 2.42
CA LEU B 216 -37.00 -31.83 2.98
C LEU B 216 -37.65 -30.60 3.64
N GLU B 217 -36.87 -29.88 4.44
CA GLU B 217 -37.33 -28.68 5.12
C GLU B 217 -37.60 -27.56 4.11
N SER B 218 -38.81 -26.99 4.16
CA SER B 218 -39.16 -25.90 3.25
C SER B 218 -38.12 -24.80 3.48
N HIS B 219 -37.79 -24.09 2.40
CA HIS B 219 -36.75 -23.07 2.45
C HIS B 219 -37.02 -21.90 1.50
N GLY B 220 -36.63 -20.69 1.92
CA GLY B 220 -36.85 -19.51 1.10
C GLY B 220 -36.29 -19.59 -0.30
N GLY B 221 -35.10 -20.18 -0.42
CA GLY B 221 -34.45 -20.32 -1.71
C GLY B 221 -35.19 -21.24 -2.65
N SER B 222 -35.57 -22.42 -2.15
CA SER B 222 -36.30 -23.37 -2.99
C SER B 222 -37.73 -22.90 -3.28
N THR B 223 -38.32 -22.15 -2.35
CA THR B 223 -39.67 -21.64 -2.55
C THR B 223 -39.62 -20.65 -3.72
N PHE B 224 -38.60 -19.80 -3.72
CA PHE B 224 -38.46 -18.84 -4.82
C PHE B 224 -38.28 -19.62 -6.12
N CYS B 225 -37.36 -20.58 -6.11
CA CYS B 225 -37.08 -21.37 -7.31
C CYS B 225 -38.33 -22.05 -7.83
N GLY B 226 -39.12 -22.62 -6.93
CA GLY B 226 -40.34 -23.31 -7.35
C GLY B 226 -41.39 -22.36 -7.92
N ILE B 227 -41.76 -21.37 -7.12
CA ILE B 227 -42.76 -20.40 -7.54
C ILE B 227 -42.35 -19.67 -8.82
N ALA B 228 -41.11 -19.20 -8.87
CA ALA B 228 -40.62 -18.48 -10.04
C ALA B 228 -40.63 -19.36 -11.28
N SER B 229 -40.33 -20.64 -11.11
CA SER B 229 -40.34 -21.57 -12.24
C SER B 229 -41.75 -21.69 -12.79
N LEU B 230 -42.72 -21.85 -11.90
CA LEU B 230 -44.11 -21.97 -12.32
C LEU B 230 -44.53 -20.69 -13.04
N CYS B 231 -44.20 -19.53 -12.46
CA CYS B 231 -44.56 -18.27 -13.09
C CYS B 231 -43.94 -18.16 -14.46
N LEU B 232 -42.70 -18.61 -14.59
CA LEU B 232 -42.02 -18.57 -15.87
C LEU B 232 -42.71 -19.48 -16.88
N MET B 233 -43.36 -20.53 -16.40
CA MET B 233 -44.08 -21.47 -17.27
C MET B 233 -45.52 -20.98 -17.43
N GLY B 234 -45.87 -19.97 -16.65
CA GLY B 234 -47.21 -19.42 -16.69
C GLY B 234 -48.24 -20.43 -16.22
N LYS B 235 -47.89 -21.18 -15.17
CA LYS B 235 -48.78 -22.21 -14.64
C LYS B 235 -48.99 -22.12 -13.13
N LEU B 236 -48.68 -20.98 -12.53
CA LEU B 236 -48.83 -20.85 -11.08
C LEU B 236 -50.24 -21.22 -10.65
N GLU B 237 -51.21 -20.47 -11.17
CA GLU B 237 -52.63 -20.67 -10.85
C GLU B 237 -53.15 -22.07 -11.19
N GLU B 238 -52.59 -22.65 -12.24
CA GLU B 238 -52.98 -23.96 -12.69
C GLU B 238 -52.43 -25.12 -11.85
N VAL B 239 -51.32 -24.88 -11.15
CA VAL B 239 -50.70 -25.94 -10.35
C VAL B 239 -51.10 -25.92 -8.88
N PHE B 240 -51.26 -24.74 -8.30
CA PHE B 240 -51.66 -24.63 -6.91
C PHE B 240 -53.07 -24.02 -6.78
N SER B 241 -53.86 -24.60 -5.89
CA SER B 241 -55.23 -24.12 -5.67
C SER B 241 -55.14 -22.79 -4.92
N GLU B 242 -56.25 -22.07 -4.87
CA GLU B 242 -56.27 -20.81 -4.16
C GLU B 242 -55.95 -21.04 -2.70
N LYS B 243 -56.47 -22.13 -2.14
CA LYS B 243 -56.22 -22.46 -0.75
C LYS B 243 -54.73 -22.71 -0.55
N GLU B 244 -54.14 -23.41 -1.51
CA GLU B 244 -52.71 -23.72 -1.45
C GLU B 244 -51.88 -22.44 -1.54
N LEU B 245 -52.19 -21.60 -2.52
CA LEU B 245 -51.47 -20.35 -2.69
C LEU B 245 -51.60 -19.49 -1.44
N ASN B 246 -52.73 -19.56 -0.75
CA ASN B 246 -52.88 -18.76 0.47
C ASN B 246 -51.95 -19.27 1.54
N ARG B 247 -51.79 -20.59 1.59
CA ARG B 247 -50.92 -21.20 2.58
C ARG B 247 -49.46 -20.86 2.29
N ILE B 248 -49.09 -20.90 1.01
CA ILE B 248 -47.74 -20.58 0.59
C ILE B 248 -47.45 -19.11 0.92
N LYS B 249 -48.41 -18.23 0.60
CA LYS B 249 -48.27 -16.81 0.89
C LYS B 249 -48.04 -16.60 2.37
N ARG B 250 -48.78 -17.32 3.21
CA ARG B 250 -48.63 -17.20 4.64
C ARG B 250 -47.22 -17.57 5.07
N TRP B 251 -46.72 -18.68 4.54
CA TRP B 251 -45.39 -19.16 4.89
C TRP B 251 -44.34 -18.13 4.52
N CYS B 252 -44.46 -17.60 3.31
CA CYS B 252 -43.53 -16.61 2.80
C CYS B 252 -43.54 -15.33 3.63
N ILE B 253 -44.71 -14.72 3.81
CA ILE B 253 -44.75 -13.48 4.56
C ILE B 253 -44.33 -13.62 6.02
N MET B 254 -44.33 -14.85 6.53
CA MET B 254 -43.92 -15.08 7.91
C MET B 254 -42.39 -15.05 8.03
N ARG B 255 -41.72 -14.98 6.88
CA ARG B 255 -40.26 -14.94 6.85
C ARG B 255 -39.69 -13.59 7.24
N GLN B 256 -40.50 -12.53 7.20
CA GLN B 256 -40.00 -11.21 7.56
C GLN B 256 -39.90 -10.98 9.07
N GLN B 257 -38.70 -10.68 9.53
CA GLN B 257 -38.43 -10.41 10.94
C GLN B 257 -38.18 -8.90 11.06
N ASN B 258 -37.52 -8.39 10.03
CA ASN B 258 -37.16 -6.98 9.83
C ASN B 258 -36.68 -7.14 8.39
N GLY B 259 -35.61 -7.91 8.26
CA GLY B 259 -35.10 -8.27 6.95
C GLY B 259 -35.76 -9.64 6.79
N TYR B 260 -35.24 -10.50 5.94
CA TYR B 260 -35.86 -11.81 5.79
C TYR B 260 -34.91 -12.97 6.06
N HIS B 261 -35.42 -14.04 6.64
CA HIS B 261 -34.60 -15.22 6.86
C HIS B 261 -35.10 -16.28 5.87
N GLY B 262 -34.33 -17.34 5.65
CA GLY B 262 -34.75 -18.36 4.70
C GLY B 262 -35.55 -19.51 5.28
N ARG B 263 -35.58 -19.61 6.60
CA ARG B 263 -36.31 -20.68 7.30
C ARG B 263 -36.73 -20.21 8.69
N PRO B 264 -37.87 -20.74 9.19
CA PRO B 264 -38.34 -20.36 10.52
C PRO B 264 -37.21 -20.54 11.54
N ASN B 265 -37.11 -19.60 12.48
CA ASN B 265 -36.10 -19.63 13.53
C ASN B 265 -34.65 -19.53 13.09
N LYS B 266 -34.42 -18.98 11.90
CA LYS B 266 -33.06 -18.79 11.39
C LYS B 266 -32.82 -17.28 11.33
N PRO B 267 -31.58 -16.83 11.53
CA PRO B 267 -31.30 -15.39 11.47
C PRO B 267 -31.51 -14.81 10.06
N VAL B 268 -31.91 -13.54 9.99
CA VAL B 268 -32.15 -12.91 8.68
C VAL B 268 -30.86 -12.82 7.90
N ASP B 269 -31.00 -12.73 6.59
CA ASP B 269 -29.88 -12.68 5.67
C ASP B 269 -30.30 -11.81 4.49
N THR B 270 -29.51 -10.78 4.20
CA THR B 270 -29.81 -9.86 3.12
C THR B 270 -30.35 -10.49 1.84
N CYS B 271 -29.71 -11.53 1.33
CA CYS B 271 -30.16 -12.11 0.07
C CYS B 271 -31.60 -12.60 0.06
N TYR B 272 -32.17 -12.85 1.23
CA TYR B 272 -33.55 -13.31 1.30
C TYR B 272 -34.56 -12.21 1.03
N SER B 273 -34.07 -10.96 1.09
CA SER B 273 -34.92 -9.82 0.79
C SER B 273 -35.32 -9.98 -0.67
N PHE B 274 -34.52 -10.74 -1.42
CA PHE B 274 -34.89 -10.98 -2.81
C PHE B 274 -35.55 -12.34 -2.95
N TRP B 275 -34.89 -13.40 -2.46
CA TRP B 275 -35.44 -14.75 -2.57
C TRP B 275 -36.91 -14.79 -2.14
N VAL B 276 -37.18 -14.36 -0.91
CA VAL B 276 -38.54 -14.35 -0.38
C VAL B 276 -39.32 -13.16 -0.94
N GLY B 277 -38.72 -11.98 -0.89
CA GLY B 277 -39.37 -10.78 -1.39
C GLY B 277 -39.89 -10.92 -2.81
N ALA B 278 -39.08 -11.51 -3.68
CA ALA B 278 -39.48 -11.72 -5.05
C ALA B 278 -40.63 -12.72 -5.13
N THR B 279 -40.63 -13.71 -4.25
CA THR B 279 -41.70 -14.71 -4.24
C THR B 279 -42.99 -14.00 -3.85
N LEU B 280 -42.91 -13.18 -2.81
CA LEU B 280 -44.08 -12.42 -2.36
C LEU B 280 -44.59 -11.53 -3.50
N LYS B 281 -43.66 -10.96 -4.26
CA LYS B 281 -44.03 -10.09 -5.37
C LYS B 281 -44.76 -10.92 -6.43
N LEU B 282 -44.25 -12.11 -6.72
CA LEU B 282 -44.90 -12.96 -7.70
C LEU B 282 -46.30 -13.37 -7.20
N LEU B 283 -46.45 -13.48 -5.89
CA LEU B 283 -47.73 -13.86 -5.31
C LEU B 283 -48.61 -12.64 -5.05
N LYS B 284 -48.19 -11.50 -5.59
CA LYS B 284 -48.93 -10.26 -5.46
C LYS B 284 -49.26 -9.79 -4.05
N ILE B 285 -48.39 -10.08 -3.08
CA ILE B 285 -48.67 -9.60 -1.73
C ILE B 285 -47.45 -8.97 -1.08
N PHE B 286 -46.41 -8.71 -1.86
CA PHE B 286 -45.20 -8.09 -1.31
C PHE B 286 -45.57 -6.69 -0.80
N GLN B 287 -46.61 -6.14 -1.41
CA GLN B 287 -47.13 -4.83 -1.07
C GLN B 287 -47.61 -4.75 0.37
N TYR B 288 -47.90 -5.89 0.97
CA TYR B 288 -48.40 -5.92 2.34
C TYR B 288 -47.32 -6.15 3.38
N THR B 289 -46.06 -6.18 2.95
CA THR B 289 -44.95 -6.37 3.87
C THR B 289 -44.54 -5.01 4.43
N ASN B 290 -43.67 -4.99 5.42
CA ASN B 290 -43.20 -3.74 6.00
C ASN B 290 -41.94 -3.32 5.24
N PHE B 291 -42.04 -2.28 4.42
CA PHE B 291 -40.89 -1.82 3.64
C PHE B 291 -39.73 -1.21 4.45
N GLU B 292 -40.06 -0.32 5.37
CA GLU B 292 -39.04 0.35 6.15
C GLU B 292 -38.06 -0.56 6.87
N LYS B 293 -38.56 -1.52 7.64
CA LYS B 293 -37.69 -2.42 8.37
C LYS B 293 -36.84 -3.27 7.43
N ASN B 294 -37.39 -3.61 6.27
CA ASN B 294 -36.67 -4.41 5.31
C ASN B 294 -35.53 -3.57 4.74
N ARG B 295 -35.87 -2.38 4.25
CA ARG B 295 -34.88 -1.45 3.69
C ARG B 295 -33.81 -1.15 4.71
N ASN B 296 -34.23 -0.87 5.95
CA ASN B 296 -33.29 -0.57 7.00
C ASN B 296 -32.31 -1.71 7.23
N TYR B 297 -32.82 -2.93 7.24
CA TYR B 297 -31.93 -4.07 7.45
C TYR B 297 -30.94 -4.20 6.30
N ILE B 298 -31.43 -4.17 5.06
CA ILE B 298 -30.56 -4.30 3.90
C ILE B 298 -29.44 -3.27 3.97
N LEU B 299 -29.80 -2.01 4.20
CA LEU B 299 -28.80 -0.96 4.28
C LEU B 299 -27.81 -1.18 5.42
N SER B 300 -28.25 -1.80 6.50
CA SER B 300 -27.35 -2.03 7.63
C SER B 300 -26.23 -3.00 7.27
N THR B 301 -26.36 -3.69 6.14
CA THR B 301 -25.34 -4.66 5.73
C THR B 301 -24.51 -4.10 4.59
N GLN B 302 -24.71 -2.81 4.32
CA GLN B 302 -24.01 -2.11 3.26
C GLN B 302 -22.61 -1.76 3.73
N ASP B 303 -21.59 -2.07 2.94
CA ASP B 303 -20.21 -1.72 3.31
C ASP B 303 -19.95 -0.33 2.76
N ARG B 304 -20.02 0.68 3.64
CA ARG B 304 -19.84 2.07 3.25
C ARG B 304 -18.45 2.41 2.72
N LEU B 305 -17.47 1.55 3.02
CA LEU B 305 -16.10 1.77 2.59
C LEU B 305 -15.80 1.17 1.21
N VAL B 306 -15.94 -0.15 1.08
CA VAL B 306 -15.64 -0.83 -0.17
C VAL B 306 -16.85 -0.97 -1.10
N GLY B 307 -18.05 -0.81 -0.57
CA GLY B 307 -19.24 -0.95 -1.38
C GLY B 307 -19.78 -2.37 -1.31
N GLY B 308 -20.93 -2.60 -1.93
CA GLY B 308 -21.54 -3.92 -1.90
C GLY B 308 -22.27 -4.17 -0.59
N PHE B 309 -22.86 -5.36 -0.46
CA PHE B 309 -23.59 -5.72 0.76
C PHE B 309 -23.12 -7.09 1.27
N ALA B 310 -23.38 -7.34 2.55
CA ALA B 310 -23.02 -8.61 3.18
C ALA B 310 -24.30 -9.29 3.62
N LYS B 311 -24.22 -10.54 4.09
CA LYS B 311 -25.42 -11.22 4.54
C LYS B 311 -25.89 -10.61 5.85
N TRP B 312 -24.93 -10.25 6.71
CA TRP B 312 -25.24 -9.64 8.00
C TRP B 312 -24.47 -8.35 8.16
N PRO B 313 -24.94 -7.46 9.04
CA PRO B 313 -24.22 -6.20 9.24
C PRO B 313 -22.84 -6.45 9.82
N ASP B 314 -21.89 -5.55 9.54
CA ASP B 314 -20.54 -5.70 10.05
C ASP B 314 -19.97 -7.06 9.64
N SER B 315 -20.21 -7.43 8.38
CA SER B 315 -19.73 -8.69 7.83
C SER B 315 -19.14 -8.27 6.47
N HIS B 316 -18.25 -9.07 5.89
CA HIS B 316 -17.67 -8.68 4.62
C HIS B 316 -18.61 -8.86 3.44
N PRO B 317 -18.61 -7.88 2.52
CA PRO B 317 -19.48 -7.91 1.35
C PRO B 317 -18.98 -8.85 0.26
N ASP B 318 -19.90 -9.31 -0.58
CA ASP B 318 -19.56 -10.19 -1.69
C ASP B 318 -20.50 -9.87 -2.85
N ALA B 319 -20.16 -10.36 -4.04
CA ALA B 319 -20.98 -10.09 -5.21
C ALA B 319 -22.42 -10.58 -5.11
N LEU B 320 -22.62 -11.74 -4.48
CA LEU B 320 -23.97 -12.28 -4.35
C LEU B 320 -24.86 -11.39 -3.49
N HIS B 321 -24.40 -11.02 -2.31
CA HIS B 321 -25.22 -10.18 -1.47
C HIS B 321 -25.33 -8.75 -1.97
N ALA B 322 -24.31 -8.28 -2.66
CA ALA B 322 -24.34 -6.95 -3.23
C ALA B 322 -25.48 -6.94 -4.25
N TYR B 323 -25.50 -7.96 -5.12
CA TYR B 323 -26.52 -8.06 -6.14
C TYR B 323 -27.93 -8.27 -5.59
N PHE B 324 -28.10 -9.27 -4.74
CA PHE B 324 -29.43 -9.54 -4.19
C PHE B 324 -29.90 -8.47 -3.23
N GLY B 325 -28.96 -7.78 -2.57
CA GLY B 325 -29.37 -6.72 -1.68
C GLY B 325 -29.95 -5.59 -2.51
N ILE B 326 -29.33 -5.35 -3.66
CA ILE B 326 -29.79 -4.31 -4.56
C ILE B 326 -31.14 -4.72 -5.16
N CYS B 327 -31.27 -5.97 -5.58
CA CYS B 327 -32.54 -6.43 -6.13
C CYS B 327 -33.64 -6.35 -5.05
N GLY B 328 -33.24 -6.56 -3.81
CA GLY B 328 -34.17 -6.49 -2.70
C GLY B 328 -34.69 -5.07 -2.58
N LEU B 329 -33.78 -4.10 -2.68
CA LEU B 329 -34.12 -2.69 -2.61
C LEU B 329 -35.04 -2.35 -3.80
N SER B 330 -34.70 -2.91 -4.96
CA SER B 330 -35.45 -2.70 -6.18
C SER B 330 -36.91 -3.08 -6.02
N LEU B 331 -37.15 -4.20 -5.33
CA LEU B 331 -38.51 -4.68 -5.10
C LEU B 331 -39.37 -3.57 -4.49
N MET B 332 -38.76 -2.70 -3.68
CA MET B 332 -39.49 -1.59 -3.05
C MET B 332 -39.22 -0.27 -3.80
N GLU B 333 -38.86 -0.38 -5.07
CA GLU B 333 -38.58 0.76 -5.93
C GLU B 333 -37.66 1.83 -5.33
N GLU B 334 -36.46 1.40 -4.95
CA GLU B 334 -35.43 2.27 -4.38
C GLU B 334 -35.08 3.40 -5.37
N SER B 335 -34.92 4.62 -4.85
CA SER B 335 -34.57 5.75 -5.70
C SER B 335 -33.19 5.53 -6.31
N GLY B 336 -33.17 5.29 -7.62
CA GLY B 336 -31.90 5.07 -8.28
C GLY B 336 -31.63 3.63 -8.72
N ILE B 337 -32.64 2.76 -8.63
CA ILE B 337 -32.49 1.36 -9.02
C ILE B 337 -33.62 0.90 -9.94
N CYS B 338 -33.27 0.28 -11.05
CA CYS B 338 -34.29 -0.18 -11.98
C CYS B 338 -35.15 -1.25 -11.31
N LYS B 339 -36.38 -1.40 -11.78
CA LYS B 339 -37.27 -2.41 -11.22
C LYS B 339 -36.76 -3.76 -11.73
N VAL B 340 -36.67 -4.73 -10.84
CA VAL B 340 -36.21 -6.05 -11.22
C VAL B 340 -37.38 -6.99 -11.53
N HIS B 341 -37.21 -7.78 -12.59
CA HIS B 341 -38.21 -8.77 -12.98
C HIS B 341 -38.05 -9.86 -11.90
N PRO B 342 -39.04 -10.01 -11.00
CA PRO B 342 -39.00 -10.99 -9.92
C PRO B 342 -38.89 -12.47 -10.27
N ALA B 343 -39.22 -12.87 -11.49
CA ALA B 343 -39.13 -14.28 -11.84
C ALA B 343 -37.89 -14.60 -12.66
N LEU B 344 -37.48 -13.65 -13.50
CA LEU B 344 -36.33 -13.85 -14.38
C LEU B 344 -34.98 -13.45 -13.77
N ASN B 345 -35.03 -12.62 -12.74
CA ASN B 345 -33.82 -12.17 -12.06
C ASN B 345 -32.92 -11.28 -12.91
N VAL B 346 -33.53 -10.48 -13.77
CA VAL B 346 -32.84 -9.51 -14.62
C VAL B 346 -33.65 -8.23 -14.45
N SER B 347 -33.15 -7.11 -14.95
CA SER B 347 -33.91 -5.86 -14.82
C SER B 347 -35.14 -5.94 -15.75
N THR B 348 -36.22 -5.23 -15.41
CA THR B 348 -37.42 -5.24 -16.25
C THR B 348 -37.02 -4.75 -17.64
N ARG B 349 -36.17 -3.73 -17.66
CA ARG B 349 -35.65 -3.17 -18.90
C ARG B 349 -35.06 -4.30 -19.77
N THR B 350 -34.34 -5.21 -19.13
CA THR B 350 -33.72 -6.32 -19.83
C THR B 350 -34.75 -7.38 -20.22
N SER B 351 -35.73 -7.62 -19.34
CA SER B 351 -36.76 -8.60 -19.62
C SER B 351 -37.54 -8.14 -20.85
N GLU B 352 -37.59 -6.82 -21.02
CA GLU B 352 -38.28 -6.22 -22.15
C GLU B 352 -37.49 -6.43 -23.43
N ARG B 353 -36.20 -6.12 -23.40
CA ARG B 353 -35.37 -6.30 -24.57
C ARG B 353 -35.50 -7.75 -25.02
N LEU B 354 -35.67 -8.66 -24.05
CA LEU B 354 -35.83 -10.07 -24.36
C LEU B 354 -37.16 -10.30 -25.09
N ARG B 355 -38.21 -9.59 -24.66
CA ARG B 355 -39.52 -9.72 -25.32
C ARG B 355 -39.36 -9.36 -26.79
N ASP B 356 -38.71 -8.23 -27.07
CA ASP B 356 -38.50 -7.79 -28.45
C ASP B 356 -37.72 -8.84 -29.20
N LEU B 357 -36.64 -9.29 -28.59
CA LEU B 357 -35.78 -10.30 -29.18
C LEU B 357 -36.63 -11.49 -29.62
N HIS B 358 -37.52 -11.95 -28.75
CA HIS B 358 -38.38 -13.07 -29.06
C HIS B 358 -39.30 -12.78 -30.25
N GLN B 359 -39.89 -11.59 -30.27
CA GLN B 359 -40.76 -11.19 -31.37
C GLN B 359 -39.94 -11.28 -32.66
N SER B 360 -38.73 -10.74 -32.63
CA SER B 360 -37.83 -10.77 -33.78
C SER B 360 -37.79 -12.15 -34.43
N TRP B 361 -37.37 -13.13 -33.64
CA TRP B 361 -37.28 -14.50 -34.13
C TRP B 361 -38.58 -14.95 -34.80
N LYS B 362 -39.72 -14.60 -34.20
CA LYS B 362 -41.02 -14.96 -34.73
C LYS B 362 -41.36 -14.19 -36.02
N THR B 363 -40.80 -14.67 -37.13
CA THR B 363 -41.02 -14.07 -38.45
C THR B 363 -40.69 -15.14 -39.50
N PHE C 55 54.63 44.76 -19.50
CA PHE C 55 55.47 45.05 -20.70
C PHE C 55 56.08 43.79 -21.32
N LEU C 56 57.27 43.43 -20.85
CA LEU C 56 57.99 42.25 -21.38
C LEU C 56 57.38 40.93 -20.89
N SER C 57 56.55 40.33 -21.72
CA SER C 57 55.89 39.05 -21.42
C SER C 57 56.87 37.92 -21.10
N LEU C 58 56.41 36.90 -20.38
CA LEU C 58 57.27 35.76 -20.01
C LEU C 58 57.57 34.78 -21.14
N ASP C 59 56.86 34.93 -22.25
CA ASP C 59 57.04 34.07 -23.41
C ASP C 59 57.60 34.85 -24.59
N SER C 60 57.82 36.14 -24.40
CA SER C 60 58.37 37.02 -25.41
C SER C 60 59.74 36.52 -25.85
N PRO C 61 60.02 36.60 -27.15
CA PRO C 61 61.33 36.15 -27.64
C PRO C 61 62.43 36.93 -26.92
N THR C 62 62.16 38.23 -26.69
CA THR C 62 63.12 39.12 -26.05
C THR C 62 63.05 39.17 -24.52
N TYR C 63 62.46 38.16 -23.90
CA TYR C 63 62.36 38.14 -22.45
C TYR C 63 63.74 37.95 -21.85
N VAL C 64 64.04 38.69 -20.78
CA VAL C 64 65.33 38.60 -20.14
C VAL C 64 65.16 38.28 -18.67
N LEU C 65 65.97 37.36 -18.15
CA LEU C 65 65.90 37.02 -16.74
C LEU C 65 66.15 38.30 -15.95
N TYR C 66 65.60 38.37 -14.75
CA TYR C 66 65.77 39.55 -13.91
C TYR C 66 67.22 39.68 -13.46
N ARG C 67 67.91 38.54 -13.39
CA ARG C 67 69.32 38.52 -12.99
C ARG C 67 70.15 39.23 -14.05
N ASP C 68 69.60 39.36 -15.25
CA ASP C 68 70.28 40.01 -16.37
C ASP C 68 69.68 41.36 -16.74
N ARG C 69 68.90 41.96 -15.83
CA ARG C 69 68.29 43.25 -16.11
C ARG C 69 69.02 44.33 -15.31
N ALA C 70 69.45 45.37 -16.01
CA ALA C 70 70.18 46.47 -15.38
C ALA C 70 69.38 47.14 -14.27
N GLU C 71 68.08 47.30 -14.48
CA GLU C 71 67.22 47.92 -13.48
C GLU C 71 67.17 47.16 -12.16
N TRP C 72 67.60 45.89 -12.18
CA TRP C 72 67.57 45.07 -10.97
C TRP C 72 68.95 44.69 -10.46
N ALA C 73 69.97 45.38 -10.94
CA ALA C 73 71.34 45.08 -10.56
C ALA C 73 71.66 45.39 -9.09
N ASP C 74 70.93 46.33 -8.50
CA ASP C 74 71.15 46.72 -7.11
C ASP C 74 70.56 45.74 -6.11
N ILE C 75 69.59 44.95 -6.57
CA ILE C 75 68.93 43.98 -5.71
C ILE C 75 69.58 42.60 -5.74
N ASP C 76 69.77 42.02 -4.55
CA ASP C 76 70.31 40.68 -4.44
C ASP C 76 69.17 39.70 -4.31
N PRO C 77 69.02 38.79 -5.29
CA PRO C 77 67.94 37.81 -5.25
C PRO C 77 67.99 36.92 -4.00
N VAL C 78 66.82 36.62 -3.45
CA VAL C 78 66.72 35.78 -2.26
C VAL C 78 66.14 34.42 -2.64
N PRO C 79 66.92 33.35 -2.40
CA PRO C 79 66.50 32.00 -2.72
C PRO C 79 65.67 31.33 -1.64
N GLN C 80 64.82 30.40 -2.06
CA GLN C 80 63.96 29.65 -1.18
C GLN C 80 64.78 28.42 -0.76
N ASN C 81 64.69 28.01 0.51
CA ASN C 81 65.44 26.84 0.97
C ASN C 81 64.63 25.99 1.94
N ASP C 82 64.37 24.76 1.53
CA ASP C 82 63.60 23.83 2.34
C ASP C 82 64.48 23.02 3.28
N GLY C 83 65.70 23.47 3.51
CA GLY C 83 66.59 22.73 4.41
C GLY C 83 67.18 21.45 3.82
N PRO C 84 67.84 20.64 4.66
CA PRO C 84 68.50 19.37 4.30
C PRO C 84 67.67 18.34 3.54
N SER C 85 66.44 18.10 3.99
CA SER C 85 65.59 17.12 3.34
C SER C 85 64.22 17.69 2.98
N PRO C 86 64.13 18.33 1.81
CA PRO C 86 62.86 18.91 1.37
C PRO C 86 61.73 17.89 1.12
N VAL C 87 60.52 18.28 1.51
CA VAL C 87 59.32 17.46 1.33
C VAL C 87 58.42 18.10 0.28
N VAL C 88 57.73 17.28 -0.51
CA VAL C 88 56.83 17.78 -1.55
C VAL C 88 57.47 18.97 -2.25
N GLN C 89 58.71 18.77 -2.67
CA GLN C 89 59.48 19.80 -3.35
C GLN C 89 59.18 19.86 -4.84
N ILE C 90 58.78 21.03 -5.30
CA ILE C 90 58.45 21.25 -6.70
C ILE C 90 59.70 21.75 -7.44
N ILE C 91 60.00 21.17 -8.59
CA ILE C 91 61.17 21.61 -9.35
C ILE C 91 60.76 22.79 -10.23
N TYR C 92 61.60 23.82 -10.24
CA TYR C 92 61.31 25.02 -11.02
C TYR C 92 62.30 25.31 -12.13
N SER C 93 61.81 25.85 -13.24
CA SER C 93 62.65 26.20 -14.36
C SER C 93 63.49 27.41 -13.98
N GLU C 94 64.48 27.72 -14.81
CA GLU C 94 65.35 28.87 -14.56
C GLU C 94 64.51 30.15 -14.48
N LYS C 95 63.65 30.34 -15.49
CA LYS C 95 62.79 31.52 -15.55
C LYS C 95 61.96 31.67 -14.28
N PHE C 96 61.28 30.59 -13.91
CA PHE C 96 60.42 30.57 -12.74
C PHE C 96 61.17 30.95 -11.48
N ARG C 97 62.23 30.19 -11.18
CA ARG C 97 63.02 30.45 -10.00
C ARG C 97 63.58 31.88 -10.02
N ASP C 98 63.89 32.38 -11.21
CA ASP C 98 64.43 33.72 -11.34
C ASP C 98 63.42 34.77 -10.90
N VAL C 99 62.20 34.69 -11.43
CA VAL C 99 61.17 35.66 -11.08
C VAL C 99 60.92 35.66 -9.57
N TYR C 100 60.80 34.48 -8.99
CA TYR C 100 60.53 34.40 -7.57
C TYR C 100 61.69 34.72 -6.66
N ASP C 101 62.91 34.55 -7.13
CA ASP C 101 64.06 34.89 -6.29
C ASP C 101 64.07 36.41 -6.11
N TYR C 102 63.65 37.12 -7.15
CA TYR C 102 63.61 38.57 -7.06
C TYR C 102 62.35 39.02 -6.34
N PHE C 103 61.27 38.24 -6.46
CA PHE C 103 60.05 38.58 -5.75
C PHE C 103 60.36 38.54 -4.25
N ARG C 104 61.04 37.48 -3.80
CA ARG C 104 61.41 37.33 -2.41
C ARG C 104 62.21 38.53 -1.93
N ALA C 105 63.15 38.96 -2.77
CA ALA C 105 64.00 40.10 -2.46
C ALA C 105 63.17 41.36 -2.24
N VAL C 106 62.34 41.70 -3.22
CA VAL C 106 61.49 42.87 -3.11
C VAL C 106 60.55 42.80 -1.91
N LEU C 107 60.00 41.62 -1.65
CA LEU C 107 59.08 41.42 -0.52
C LEU C 107 59.78 41.66 0.79
N GLN C 108 60.90 40.97 0.97
CA GLN C 108 61.70 41.06 2.17
C GLN C 108 62.04 42.50 2.53
N ARG C 109 62.17 43.35 1.52
CA ARG C 109 62.51 44.75 1.74
C ARG C 109 61.28 45.65 1.71
N ASP C 110 60.13 45.05 1.47
CA ASP C 110 58.89 45.80 1.38
C ASP C 110 59.06 47.01 0.48
N GLU C 111 59.73 46.80 -0.65
CA GLU C 111 59.97 47.87 -1.61
C GLU C 111 58.71 48.24 -2.38
N ARG C 112 58.18 49.43 -2.13
CA ARG C 112 56.97 49.87 -2.83
C ARG C 112 57.29 50.55 -4.16
N SER C 113 58.06 49.88 -5.01
CA SER C 113 58.46 50.45 -6.31
C SER C 113 57.58 50.07 -7.49
N GLU C 114 57.80 50.78 -8.59
CA GLU C 114 57.07 50.52 -9.82
C GLU C 114 57.61 49.25 -10.46
N ARG C 115 58.90 48.99 -10.23
CA ARG C 115 59.49 47.80 -10.82
C ARG C 115 58.94 46.57 -10.10
N ALA C 116 58.69 46.73 -8.80
CA ALA C 116 58.14 45.63 -7.99
C ALA C 116 56.74 45.34 -8.49
N PHE C 117 55.97 46.39 -8.74
CA PHE C 117 54.61 46.22 -9.23
C PHE C 117 54.62 45.40 -10.52
N LYS C 118 55.55 45.71 -11.41
CA LYS C 118 55.65 45.00 -12.67
C LYS C 118 56.09 43.55 -12.44
N LEU C 119 56.95 43.36 -11.44
CA LEU C 119 57.43 42.03 -11.11
C LEU C 119 56.28 41.13 -10.68
N THR C 120 55.28 41.68 -9.98
CA THR C 120 54.16 40.89 -9.52
C THR C 120 53.36 40.33 -10.69
N ARG C 121 53.30 41.08 -11.78
CA ARG C 121 52.56 40.60 -12.94
C ARG C 121 53.15 39.28 -13.45
N ASP C 122 54.47 39.19 -13.43
CA ASP C 122 55.15 37.99 -13.87
C ASP C 122 54.98 36.86 -12.85
N ALA C 123 55.05 37.21 -11.57
CA ALA C 123 54.89 36.22 -10.50
C ALA C 123 53.49 35.63 -10.59
N ILE C 124 52.51 36.47 -10.88
CA ILE C 124 51.14 36.01 -10.99
C ILE C 124 50.98 35.14 -12.22
N GLU C 125 51.63 35.49 -13.32
CA GLU C 125 51.51 34.69 -14.52
C GLU C 125 52.07 33.30 -14.26
N LEU C 126 53.10 33.23 -13.42
CA LEU C 126 53.74 31.96 -13.09
C LEU C 126 52.89 31.15 -12.10
N ASN C 127 52.18 31.85 -11.22
CA ASN C 127 51.36 31.19 -10.21
C ASN C 127 50.35 32.13 -9.57
N ALA C 128 49.15 32.16 -10.13
CA ALA C 128 48.09 33.03 -9.63
C ALA C 128 47.49 32.54 -8.31
N ALA C 129 47.95 31.41 -7.81
CA ALA C 129 47.41 30.88 -6.56
C ALA C 129 48.23 31.32 -5.36
N ASN C 130 49.27 32.12 -5.60
CA ASN C 130 50.09 32.61 -4.51
C ASN C 130 49.44 33.84 -3.90
N TYR C 131 48.71 33.63 -2.80
CA TYR C 131 48.01 34.72 -2.11
C TYR C 131 48.89 35.86 -1.64
N THR C 132 50.14 35.56 -1.27
CA THR C 132 51.05 36.61 -0.81
C THR C 132 51.32 37.59 -1.95
N VAL C 133 51.55 37.05 -3.15
CA VAL C 133 51.80 37.90 -4.30
C VAL C 133 50.65 38.88 -4.50
N TRP C 134 49.42 38.38 -4.47
CA TRP C 134 48.26 39.26 -4.65
C TRP C 134 48.15 40.32 -3.56
N HIS C 135 48.49 39.95 -2.33
CA HIS C 135 48.41 40.90 -1.23
C HIS C 135 49.40 42.03 -1.49
N PHE C 136 50.64 41.66 -1.77
CA PHE C 136 51.67 42.64 -2.04
C PHE C 136 51.26 43.52 -3.21
N ARG C 137 50.69 42.92 -4.23
CA ARG C 137 50.26 43.71 -5.38
C ARG C 137 49.21 44.73 -4.94
N ARG C 138 48.35 44.36 -4.00
CA ARG C 138 47.34 45.29 -3.52
C ARG C 138 48.00 46.41 -2.71
N VAL C 139 49.03 46.06 -1.95
CA VAL C 139 49.77 47.06 -1.18
C VAL C 139 50.33 48.08 -2.16
N LEU C 140 50.96 47.58 -3.24
CA LEU C 140 51.55 48.42 -4.27
C LEU C 140 50.48 49.25 -5.00
N LEU C 141 49.34 48.64 -5.29
CA LEU C 141 48.28 49.37 -5.97
C LEU C 141 47.96 50.65 -5.22
N ARG C 142 47.99 50.58 -3.88
CA ARG C 142 47.71 51.74 -3.04
C ARG C 142 48.90 52.68 -3.00
N SER C 143 50.05 52.17 -2.55
CA SER C 143 51.27 52.96 -2.49
C SER C 143 51.52 53.77 -3.75
N LEU C 144 51.47 53.11 -4.91
CA LEU C 144 51.72 53.78 -6.17
C LEU C 144 50.47 54.45 -6.75
N GLN C 145 49.38 54.44 -6.00
CA GLN C 145 48.13 55.04 -6.46
C GLN C 145 47.83 54.69 -7.91
N LYS C 146 47.85 53.41 -8.24
CA LYS C 146 47.59 52.96 -9.61
C LYS C 146 46.13 53.11 -9.96
N ASP C 147 45.87 53.18 -11.27
CA ASP C 147 44.51 53.30 -11.77
C ASP C 147 43.79 51.98 -11.52
N LEU C 148 42.80 52.01 -10.63
CA LEU C 148 42.07 50.81 -10.30
C LEU C 148 41.19 50.31 -11.43
N GLN C 149 40.69 51.21 -12.26
CA GLN C 149 39.83 50.79 -13.35
C GLN C 149 40.66 49.93 -14.30
N GLU C 150 41.96 50.17 -14.33
CA GLU C 150 42.88 49.41 -15.17
C GLU C 150 43.03 48.02 -14.56
N GLU C 151 43.22 47.97 -13.23
CA GLU C 151 43.37 46.71 -12.51
C GLU C 151 42.13 45.86 -12.70
N MET C 152 40.96 46.49 -12.80
CA MET C 152 39.72 45.75 -13.01
C MET C 152 39.78 44.97 -14.32
N ASN C 153 40.38 45.57 -15.34
CA ASN C 153 40.48 44.91 -16.63
C ASN C 153 41.43 43.73 -16.50
N TYR C 154 42.49 43.94 -15.75
CA TYR C 154 43.49 42.91 -15.52
C TYR C 154 42.86 41.71 -14.85
N ILE C 155 42.26 41.93 -13.70
CA ILE C 155 41.65 40.84 -12.96
C ILE C 155 40.53 40.19 -13.76
N ILE C 156 39.84 40.98 -14.57
CA ILE C 156 38.75 40.40 -15.37
C ILE C 156 39.32 39.36 -16.35
N ALA C 157 40.48 39.63 -16.92
CA ALA C 157 41.09 38.70 -17.84
C ALA C 157 41.57 37.46 -17.07
N ILE C 158 42.27 37.70 -15.95
CA ILE C 158 42.80 36.63 -15.12
C ILE C 158 41.72 35.63 -14.68
N ILE C 159 40.61 36.15 -14.15
CA ILE C 159 39.53 35.29 -13.71
C ILE C 159 38.96 34.45 -14.85
N GLU C 160 38.87 35.02 -16.05
CA GLU C 160 38.33 34.28 -17.17
C GLU C 160 39.20 33.05 -17.46
N GLU C 161 40.50 33.19 -17.28
CA GLU C 161 41.43 32.09 -17.52
C GLU C 161 41.45 31.10 -16.36
N GLN C 162 41.21 31.59 -15.14
CA GLN C 162 41.22 30.73 -13.95
C GLN C 162 40.01 31.03 -13.09
N PRO C 163 38.81 30.67 -13.57
CA PRO C 163 37.57 30.91 -12.84
C PRO C 163 37.34 30.14 -11.55
N LYS C 164 38.26 29.23 -11.20
CA LYS C 164 38.10 28.44 -9.98
C LYS C 164 39.20 28.71 -8.98
N ASN C 165 39.85 29.87 -9.14
CA ASN C 165 40.94 30.27 -8.26
C ASN C 165 40.39 31.18 -7.16
N TYR C 166 40.61 30.81 -5.90
CA TYR C 166 40.12 31.61 -4.77
C TYR C 166 40.75 33.00 -4.67
N GLN C 167 42.07 33.08 -4.85
CA GLN C 167 42.76 34.37 -4.75
C GLN C 167 42.30 35.44 -5.73
N VAL C 168 42.00 35.04 -6.97
CA VAL C 168 41.58 36.01 -7.98
C VAL C 168 40.19 36.58 -7.70
N TRP C 169 39.29 35.76 -7.18
CA TRP C 169 37.95 36.27 -6.87
C TRP C 169 38.04 37.20 -5.67
N HIS C 170 38.93 36.88 -4.74
CA HIS C 170 39.09 37.71 -3.57
C HIS C 170 39.64 39.07 -4.00
N HIS C 171 40.63 39.05 -4.88
CA HIS C 171 41.22 40.28 -5.39
C HIS C 171 40.15 41.17 -6.02
N ARG C 172 39.34 40.58 -6.89
CA ARG C 172 38.30 41.36 -7.55
C ARG C 172 37.33 41.96 -6.54
N ARG C 173 37.02 41.21 -5.49
CA ARG C 173 36.09 41.71 -4.50
C ARG C 173 36.67 42.92 -3.76
N VAL C 174 37.95 42.86 -3.44
CA VAL C 174 38.59 43.96 -2.75
C VAL C 174 38.54 45.21 -3.64
N LEU C 175 38.83 45.03 -4.93
CA LEU C 175 38.82 46.14 -5.87
C LEU C 175 37.45 46.79 -5.93
N VAL C 176 36.41 45.98 -6.08
CA VAL C 176 35.07 46.52 -6.16
C VAL C 176 34.71 47.29 -4.89
N GLU C 177 35.20 46.82 -3.74
CA GLU C 177 34.93 47.53 -2.48
C GLU C 177 35.63 48.88 -2.54
N TRP C 178 36.90 48.88 -2.95
CA TRP C 178 37.67 50.11 -3.07
C TRP C 178 36.95 51.11 -3.98
N LEU C 179 36.60 50.68 -5.18
CA LEU C 179 35.95 51.56 -6.14
C LEU C 179 34.52 51.90 -5.78
N LYS C 180 33.87 51.07 -4.97
CA LYS C 180 32.47 51.28 -4.61
C LYS C 180 31.70 51.37 -5.92
N ASP C 181 32.19 50.64 -6.92
CA ASP C 181 31.58 50.61 -8.25
C ASP C 181 31.21 49.18 -8.66
N PRO C 182 29.93 48.83 -8.59
CA PRO C 182 29.51 47.48 -8.98
C PRO C 182 28.95 47.42 -10.39
N SER C 183 28.96 48.56 -11.07
CA SER C 183 28.42 48.69 -12.41
C SER C 183 28.70 47.58 -13.42
N GLN C 184 29.86 46.94 -13.36
CA GLN C 184 30.14 45.90 -14.34
C GLN C 184 30.13 44.49 -13.78
N GLU C 185 29.77 44.34 -12.51
CA GLU C 185 29.77 43.03 -11.87
C GLU C 185 28.76 42.01 -12.37
N LEU C 186 27.47 42.35 -12.35
CA LEU C 186 26.46 41.41 -12.80
C LEU C 186 26.70 40.86 -14.19
N GLU C 187 27.17 41.69 -15.11
CA GLU C 187 27.41 41.23 -16.46
C GLU C 187 28.63 40.33 -16.52
N PHE C 188 29.68 40.69 -15.77
CA PHE C 188 30.91 39.90 -15.75
C PHE C 188 30.62 38.49 -15.25
N ILE C 189 29.89 38.42 -14.14
CA ILE C 189 29.53 37.15 -13.54
C ILE C 189 28.69 36.32 -14.52
N ALA C 190 27.73 36.97 -15.17
CA ALA C 190 26.89 36.27 -16.14
C ALA C 190 27.75 35.60 -17.22
N ASP C 191 28.85 36.24 -17.59
CA ASP C 191 29.74 35.68 -18.60
C ASP C 191 30.46 34.47 -18.04
N ILE C 192 30.98 34.60 -16.82
CA ILE C 192 31.68 33.49 -16.19
C ILE C 192 30.70 32.32 -16.03
N LEU C 193 29.48 32.63 -15.62
CA LEU C 193 28.47 31.61 -15.44
C LEU C 193 28.13 30.96 -16.77
N ASN C 194 28.65 31.52 -17.86
CA ASN C 194 28.37 30.94 -19.16
C ASN C 194 29.30 29.77 -19.45
N GLN C 195 30.49 29.77 -18.86
CA GLN C 195 31.39 28.67 -19.10
C GLN C 195 31.19 27.59 -18.01
N ASP C 196 30.33 27.90 -17.03
CA ASP C 196 30.00 27.00 -15.92
C ASP C 196 28.90 27.62 -15.09
N ALA C 197 27.66 27.26 -15.37
CA ALA C 197 26.52 27.81 -14.65
C ALA C 197 26.45 27.44 -13.18
N LYS C 198 27.38 26.62 -12.71
CA LYS C 198 27.35 26.21 -11.30
C LYS C 198 28.61 26.58 -10.52
N ASN C 199 29.47 27.39 -11.14
CA ASN C 199 30.70 27.84 -10.51
C ASN C 199 30.37 28.49 -9.15
N TYR C 200 30.75 27.83 -8.08
CA TYR C 200 30.44 28.34 -6.74
C TYR C 200 31.01 29.73 -6.49
N HIS C 201 32.22 29.98 -6.98
CA HIS C 201 32.88 31.28 -6.80
C HIS C 201 32.06 32.40 -7.43
N ALA C 202 31.53 32.13 -8.62
CA ALA C 202 30.74 33.11 -9.35
C ALA C 202 29.48 33.48 -8.60
N TRP C 203 28.73 32.46 -8.18
CA TRP C 203 27.49 32.70 -7.44
C TRP C 203 27.77 33.41 -6.12
N GLN C 204 28.87 33.05 -5.47
CA GLN C 204 29.20 33.67 -4.20
C GLN C 204 29.46 35.16 -4.41
N HIS C 205 30.27 35.46 -5.41
CA HIS C 205 30.59 36.84 -5.72
C HIS C 205 29.31 37.58 -6.10
N ARG C 206 28.45 36.93 -6.87
CA ARG C 206 27.23 37.56 -7.30
C ARG C 206 26.32 37.93 -6.12
N GLN C 207 26.24 37.05 -5.12
CA GLN C 207 25.40 37.36 -3.97
C GLN C 207 26.00 38.48 -3.16
N TRP C 208 27.33 38.53 -3.09
CA TRP C 208 27.99 39.59 -2.34
C TRP C 208 27.67 40.94 -2.97
N VAL C 209 27.87 41.03 -4.28
CA VAL C 209 27.61 42.27 -4.99
C VAL C 209 26.18 42.72 -4.80
N ILE C 210 25.23 41.85 -5.12
CA ILE C 210 23.83 42.18 -4.99
C ILE C 210 23.47 42.67 -3.61
N GLN C 211 23.98 42.00 -2.58
CA GLN C 211 23.67 42.38 -1.21
C GLN C 211 24.34 43.70 -0.81
N GLU C 212 25.62 43.79 -1.11
CA GLU C 212 26.42 44.96 -0.76
C GLU C 212 25.97 46.26 -1.42
N PHE C 213 25.51 46.20 -2.66
CA PHE C 213 25.08 47.40 -3.36
C PHE C 213 23.59 47.42 -3.66
N ARG C 214 22.84 46.58 -2.96
CA ARG C 214 21.39 46.50 -3.12
C ARG C 214 20.96 46.49 -4.58
N LEU C 215 21.37 45.48 -5.33
CA LEU C 215 21.03 45.37 -6.75
C LEU C 215 20.05 44.22 -6.98
N TRP C 216 18.94 44.23 -6.27
CA TRP C 216 17.94 43.18 -6.39
C TRP C 216 17.00 43.29 -7.59
N ASP C 217 16.72 44.53 -7.99
CA ASP C 217 15.81 44.84 -9.09
C ASP C 217 15.65 43.87 -10.24
N ASN C 218 16.74 43.33 -10.76
CA ASN C 218 16.63 42.44 -11.91
C ASN C 218 17.05 41.00 -11.71
N GLU C 219 17.43 40.64 -10.50
CA GLU C 219 17.88 39.27 -10.27
C GLU C 219 16.81 38.20 -10.45
N LEU C 220 15.59 38.45 -9.95
CA LEU C 220 14.54 37.46 -10.08
C LEU C 220 14.28 37.13 -11.54
N GLN C 221 14.50 38.10 -12.41
CA GLN C 221 14.30 37.91 -13.84
C GLN C 221 15.45 37.09 -14.39
N TYR C 222 16.66 37.37 -13.93
CA TYR C 222 17.85 36.65 -14.36
C TYR C 222 17.67 35.19 -14.00
N VAL C 223 17.10 34.96 -12.83
CA VAL C 223 16.85 33.60 -12.34
C VAL C 223 15.89 32.89 -13.28
N ASP C 224 14.75 33.53 -13.57
CA ASP C 224 13.76 32.92 -14.46
C ASP C 224 14.36 32.54 -15.79
N GLN C 225 15.29 33.36 -16.26
CA GLN C 225 15.94 33.11 -17.53
C GLN C 225 16.84 31.88 -17.47
N LEU C 226 17.66 31.79 -16.41
CA LEU C 226 18.56 30.65 -16.26
C LEU C 226 17.81 29.36 -15.98
N LEU C 227 16.73 29.45 -15.23
CA LEU C 227 15.95 28.24 -14.94
C LEU C 227 15.35 27.70 -16.23
N LYS C 228 15.16 28.55 -17.23
CA LYS C 228 14.62 28.09 -18.51
C LYS C 228 15.72 27.40 -19.29
N GLU C 229 16.96 27.84 -19.11
CA GLU C 229 18.07 27.23 -19.82
C GLU C 229 18.38 25.84 -19.25
N ASP C 230 18.12 25.66 -17.96
CA ASP C 230 18.39 24.40 -17.28
C ASP C 230 17.69 24.40 -15.93
N VAL C 231 16.47 23.87 -15.90
CA VAL C 231 15.67 23.81 -14.68
C VAL C 231 16.28 22.93 -13.59
N ARG C 232 17.37 22.23 -13.91
CA ARG C 232 18.01 21.36 -12.94
C ARG C 232 19.18 22.03 -12.22
N ASN C 233 19.52 23.25 -12.61
CA ASN C 233 20.63 23.96 -11.97
C ASN C 233 20.28 24.37 -10.55
N ASN C 234 20.79 23.60 -9.59
CA ASN C 234 20.53 23.81 -8.17
C ASN C 234 20.96 25.21 -7.69
N SER C 235 22.02 25.75 -8.31
CA SER C 235 22.53 27.08 -7.97
C SER C 235 21.51 28.17 -8.24
N VAL C 236 20.79 28.03 -9.36
CA VAL C 236 19.78 29.00 -9.74
C VAL C 236 18.58 28.95 -8.83
N TRP C 237 18.21 27.76 -8.37
CA TRP C 237 17.08 27.65 -7.45
C TRP C 237 17.47 28.32 -6.14
N ASN C 238 18.73 28.19 -5.76
CA ASN C 238 19.19 28.80 -4.52
C ASN C 238 19.15 30.32 -4.69
N GLN C 239 19.56 30.80 -5.86
CA GLN C 239 19.56 32.23 -6.11
C GLN C 239 18.14 32.77 -6.02
N ARG C 240 17.17 32.01 -6.54
CA ARG C 240 15.80 32.45 -6.48
C ARG C 240 15.38 32.69 -5.04
N HIS C 241 15.66 31.73 -4.17
CA HIS C 241 15.30 31.85 -2.76
C HIS C 241 16.04 33.03 -2.13
N PHE C 242 17.27 33.24 -2.57
CA PHE C 242 18.11 34.31 -2.09
C PHE C 242 17.42 35.65 -2.38
N VAL C 243 17.03 35.87 -3.63
CA VAL C 243 16.38 37.11 -4.02
C VAL C 243 15.08 37.34 -3.25
N ILE C 244 14.14 36.41 -3.38
CA ILE C 244 12.87 36.57 -2.69
C ILE C 244 12.96 36.77 -1.19
N SER C 245 13.71 35.94 -0.50
CA SER C 245 13.80 36.08 0.94
C SER C 245 14.47 37.37 1.39
N ASN C 246 15.20 38.01 0.48
CA ASN C 246 15.87 39.27 0.81
C ASN C 246 15.09 40.49 0.33
N THR C 247 13.96 40.25 -0.32
CA THR C 247 13.13 41.36 -0.79
C THR C 247 11.74 41.26 -0.16
N THR C 248 10.79 40.67 -0.89
CA THR C 248 9.43 40.54 -0.39
C THR C 248 9.27 39.57 0.77
N GLY C 249 10.09 38.51 0.80
CA GLY C 249 9.96 37.52 1.84
C GLY C 249 8.90 36.54 1.38
N TYR C 250 8.60 35.52 2.18
CA TYR C 250 7.58 34.55 1.78
C TYR C 250 6.31 34.63 2.60
N SER C 251 6.26 35.61 3.51
CA SER C 251 5.09 35.79 4.36
C SER C 251 3.89 36.35 3.61
N ASP C 252 4.14 37.05 2.52
CA ASP C 252 3.06 37.59 1.71
C ASP C 252 2.41 36.41 0.99
N ARG C 253 1.25 35.98 1.48
CA ARG C 253 0.55 34.86 0.88
C ARG C 253 0.42 34.93 -0.64
N ALA C 254 0.49 36.14 -1.17
CA ALA C 254 0.40 36.34 -2.61
C ALA C 254 1.68 35.82 -3.24
N VAL C 255 2.80 36.11 -2.58
CA VAL C 255 4.11 35.67 -3.07
C VAL C 255 4.30 34.16 -2.88
N LEU C 256 3.94 33.66 -1.70
CA LEU C 256 4.07 32.24 -1.42
C LEU C 256 3.31 31.45 -2.48
N GLU C 257 2.09 31.88 -2.75
CA GLU C 257 1.25 31.23 -3.74
C GLU C 257 1.90 31.27 -5.12
N ARG C 258 2.40 32.43 -5.51
CA ARG C 258 3.05 32.57 -6.81
C ARG C 258 4.22 31.60 -6.92
N GLU C 259 5.01 31.52 -5.85
CA GLU C 259 6.18 30.65 -5.83
C GLU C 259 5.83 29.16 -5.83
N VAL C 260 4.86 28.77 -5.03
CA VAL C 260 4.45 27.37 -5.01
C VAL C 260 3.91 26.98 -6.38
N GLN C 261 3.16 27.89 -6.98
CA GLN C 261 2.57 27.64 -8.29
C GLN C 261 3.67 27.54 -9.34
N TYR C 262 4.63 28.45 -9.24
CA TYR C 262 5.75 28.48 -10.18
C TYR C 262 6.54 27.18 -10.15
N THR C 263 6.77 26.69 -8.94
CA THR C 263 7.53 25.46 -8.75
C THR C 263 6.76 24.25 -9.26
N LEU C 264 5.47 24.16 -8.91
CA LEU C 264 4.65 23.05 -9.37
C LEU C 264 4.67 22.99 -10.88
N GLU C 265 4.74 24.15 -11.52
CA GLU C 265 4.80 24.23 -12.97
C GLU C 265 6.11 23.64 -13.47
N MET C 266 7.20 23.99 -12.81
CA MET C 266 8.53 23.49 -13.19
C MET C 266 8.60 21.98 -12.95
N ILE C 267 7.98 21.54 -11.85
CA ILE C 267 7.97 20.13 -11.51
C ILE C 267 7.23 19.36 -12.62
N LYS C 268 6.11 19.90 -13.09
CA LYS C 268 5.35 19.25 -14.14
C LYS C 268 6.18 19.11 -15.42
N LEU C 269 7.05 20.09 -15.70
CA LEU C 269 7.87 20.02 -16.89
C LEU C 269 8.96 18.97 -16.77
N VAL C 270 9.56 18.88 -15.59
CA VAL C 270 10.62 17.91 -15.33
C VAL C 270 10.40 17.40 -13.92
N PRO C 271 9.50 16.42 -13.76
CA PRO C 271 9.16 15.82 -12.46
C PRO C 271 10.32 15.25 -11.63
N HIS C 272 11.36 14.76 -12.30
CA HIS C 272 12.51 14.22 -11.58
C HIS C 272 13.56 15.29 -11.44
N ASN C 273 13.37 16.19 -10.48
CA ASN C 273 14.28 17.30 -10.23
C ASN C 273 14.31 17.61 -8.73
N GLU C 274 15.34 17.11 -8.06
CA GLU C 274 15.47 17.32 -6.63
C GLU C 274 15.43 18.81 -6.26
N SER C 275 16.12 19.63 -7.05
CA SER C 275 16.18 21.07 -6.80
C SER C 275 14.80 21.70 -6.67
N ALA C 276 13.93 21.45 -7.65
CA ALA C 276 12.58 22.01 -7.61
C ALA C 276 11.84 21.52 -6.38
N TRP C 277 11.92 20.24 -6.10
CA TRP C 277 11.23 19.71 -4.93
C TRP C 277 11.76 20.27 -3.62
N ASN C 278 13.08 20.48 -3.55
CA ASN C 278 13.69 21.02 -2.34
C ASN C 278 13.23 22.44 -2.07
N TYR C 279 13.09 23.22 -3.15
CA TYR C 279 12.61 24.60 -3.06
C TYR C 279 11.18 24.59 -2.55
N LEU C 280 10.33 23.80 -3.19
CA LEU C 280 8.93 23.69 -2.79
C LEU C 280 8.82 23.33 -1.31
N LYS C 281 9.53 22.30 -0.87
CA LYS C 281 9.48 21.90 0.53
C LYS C 281 10.12 22.99 1.40
N GLY C 282 11.18 23.59 0.89
CA GLY C 282 11.90 24.61 1.63
C GLY C 282 11.04 25.79 2.07
N ILE C 283 10.26 26.34 1.14
CA ILE C 283 9.44 27.49 1.46
C ILE C 283 8.17 27.17 2.25
N LEU C 284 7.88 25.89 2.45
CA LEU C 284 6.68 25.51 3.18
C LEU C 284 6.92 24.75 4.48
N GLN C 285 8.04 24.03 4.56
CA GLN C 285 8.33 23.22 5.74
C GLN C 285 8.26 23.93 7.08
N ASP C 286 8.63 25.20 7.14
CA ASP C 286 8.59 25.89 8.41
C ASP C 286 7.24 26.45 8.80
N ARG C 287 6.36 26.67 7.82
CA ARG C 287 5.03 27.15 8.15
C ARG C 287 4.14 25.94 8.45
N GLY C 288 4.64 24.75 8.12
CA GLY C 288 3.89 23.53 8.38
C GLY C 288 3.27 22.90 7.15
N LEU C 289 3.89 21.84 6.64
CA LEU C 289 3.39 21.16 5.44
C LEU C 289 1.94 20.71 5.54
N SER C 290 1.51 20.29 6.72
CA SER C 290 0.14 19.82 6.90
C SER C 290 -0.89 20.94 6.89
N ARG C 291 -0.46 22.20 6.96
CA ARG C 291 -1.41 23.32 6.96
C ARG C 291 -1.90 23.70 5.55
N TYR C 292 -1.51 22.93 4.55
CA TYR C 292 -1.90 23.21 3.17
C TYR C 292 -2.67 22.07 2.53
N PRO C 293 -3.91 21.83 2.98
CA PRO C 293 -4.78 20.76 2.49
C PRO C 293 -4.86 20.59 0.97
N ASN C 294 -4.90 21.71 0.24
CA ASN C 294 -4.98 21.62 -1.22
C ASN C 294 -3.71 21.09 -1.86
N LEU C 295 -2.57 21.34 -1.22
CA LEU C 295 -1.32 20.86 -1.77
C LEU C 295 -1.33 19.35 -1.72
N LEU C 296 -1.70 18.78 -0.57
CA LEU C 296 -1.73 17.34 -0.44
C LEU C 296 -2.52 16.68 -1.58
N ASN C 297 -3.71 17.21 -1.86
CA ASN C 297 -4.54 16.66 -2.94
C ASN C 297 -3.88 16.81 -4.30
N GLN C 298 -3.44 18.03 -4.58
CA GLN C 298 -2.81 18.33 -5.85
C GLN C 298 -1.61 17.42 -6.14
N LEU C 299 -0.91 16.98 -5.09
CA LEU C 299 0.24 16.11 -5.29
C LEU C 299 -0.24 14.69 -5.49
N LEU C 300 -1.20 14.25 -4.67
CA LEU C 300 -1.74 12.91 -4.79
C LEU C 300 -2.29 12.69 -6.21
N ASP C 301 -2.68 13.78 -6.86
CA ASP C 301 -3.21 13.72 -8.22
C ASP C 301 -2.11 13.66 -9.26
N LEU C 302 -0.92 14.16 -8.91
CA LEU C 302 0.20 14.12 -9.82
C LEU C 302 0.83 12.72 -9.80
N GLN C 303 0.73 12.06 -8.65
CA GLN C 303 1.31 10.72 -8.46
C GLN C 303 1.17 9.79 -9.66
N PRO C 304 -0.06 9.63 -10.18
CA PRO C 304 -0.27 8.76 -11.33
C PRO C 304 0.73 9.00 -12.48
N SER C 305 0.77 10.24 -12.96
CA SER C 305 1.64 10.60 -14.08
C SER C 305 3.04 11.12 -13.76
N HIS C 306 3.12 12.18 -12.96
CA HIS C 306 4.41 12.79 -12.61
C HIS C 306 5.06 12.25 -11.33
N SER C 307 5.00 10.94 -11.10
CA SER C 307 5.59 10.37 -9.90
C SER C 307 7.12 10.34 -9.97
N SER C 308 7.74 10.38 -8.79
CA SER C 308 9.18 10.35 -8.66
C SER C 308 9.43 10.12 -7.18
N PRO C 309 10.65 9.72 -6.82
CA PRO C 309 10.92 9.50 -5.40
C PRO C 309 10.76 10.79 -4.60
N TYR C 310 11.04 11.92 -5.24
CA TYR C 310 10.94 13.23 -4.61
C TYR C 310 9.52 13.52 -4.15
N LEU C 311 8.55 13.15 -5.00
CA LEU C 311 7.14 13.35 -4.71
C LEU C 311 6.71 12.48 -3.54
N ILE C 312 7.04 11.18 -3.62
CA ILE C 312 6.68 10.23 -2.57
C ILE C 312 7.23 10.69 -1.22
N ALA C 313 8.47 11.18 -1.24
CA ALA C 313 9.12 11.66 -0.03
C ALA C 313 8.37 12.88 0.53
N PHE C 314 7.98 13.78 -0.36
CA PHE C 314 7.25 14.97 0.04
C PHE C 314 5.97 14.55 0.78
N LEU C 315 5.28 13.55 0.21
CA LEU C 315 4.06 13.05 0.81
C LEU C 315 4.34 12.50 2.22
N VAL C 316 5.40 11.70 2.34
CA VAL C 316 5.77 11.14 3.64
C VAL C 316 5.95 12.28 4.64
N ASP C 317 6.60 13.35 4.18
CA ASP C 317 6.84 14.49 5.03
C ASP C 317 5.54 15.16 5.44
N ILE C 318 4.60 15.29 4.51
CA ILE C 318 3.32 15.90 4.82
C ILE C 318 2.64 15.06 5.92
N TYR C 319 2.62 13.75 5.73
CA TYR C 319 2.02 12.86 6.71
C TYR C 319 2.69 12.98 8.06
N GLU C 320 4.02 13.09 8.06
CA GLU C 320 4.71 13.20 9.33
C GLU C 320 4.35 14.48 10.04
N ASP C 321 4.18 15.55 9.27
CA ASP C 321 3.82 16.83 9.87
C ASP C 321 2.43 16.71 10.51
N MET C 322 1.58 15.90 9.90
CA MET C 322 0.25 15.68 10.44
C MET C 322 0.39 14.96 11.77
N LEU C 323 1.05 13.80 11.75
CA LEU C 323 1.27 13.02 12.96
C LEU C 323 1.85 13.92 14.05
N GLU C 324 2.67 14.88 13.63
CA GLU C 324 3.32 15.81 14.54
C GLU C 324 2.31 16.73 15.23
N ASN C 325 1.27 17.11 14.49
CA ASN C 325 0.25 17.99 15.01
C ASN C 325 -1.04 17.25 15.39
N GLN C 326 -0.88 16.11 16.06
CA GLN C 326 -2.00 15.28 16.52
C GLN C 326 -3.23 15.40 15.62
N CYS C 327 -3.11 14.92 14.38
CA CYS C 327 -4.21 14.98 13.43
C CYS C 327 -5.27 13.91 13.73
N ASP C 328 -6.36 13.94 12.97
CA ASP C 328 -7.43 12.96 13.12
C ASP C 328 -7.04 11.71 12.32
N ASN C 329 -7.18 10.54 12.92
CA ASN C 329 -6.84 9.26 12.28
C ASN C 329 -5.35 8.98 12.43
N LYS C 330 -4.79 9.37 13.57
CA LYS C 330 -3.38 9.18 13.86
C LYS C 330 -2.86 7.87 13.26
N GLU C 331 -3.50 6.76 13.64
CA GLU C 331 -3.08 5.44 13.16
C GLU C 331 -3.27 5.25 11.66
N ASP C 332 -4.29 5.85 11.09
CA ASP C 332 -4.53 5.71 9.66
C ASP C 332 -3.46 6.44 8.85
N ILE C 333 -3.11 7.64 9.30
CA ILE C 333 -2.10 8.45 8.63
C ILE C 333 -0.73 7.77 8.67
N LEU C 334 -0.35 7.31 9.86
CA LEU C 334 0.93 6.64 10.04
C LEU C 334 1.10 5.50 9.04
N ASN C 335 0.01 4.78 8.76
CA ASN C 335 0.08 3.68 7.81
C ASN C 335 0.28 4.14 6.38
N LYS C 336 -0.27 5.30 6.05
CA LYS C 336 -0.14 5.86 4.70
C LYS C 336 1.32 6.22 4.51
N ALA C 337 1.94 6.70 5.60
CA ALA C 337 3.33 7.09 5.59
C ALA C 337 4.20 5.85 5.42
N LEU C 338 3.99 4.87 6.31
CA LEU C 338 4.76 3.62 6.27
C LEU C 338 4.65 2.97 4.90
N GLU C 339 3.46 2.98 4.33
CA GLU C 339 3.27 2.37 3.02
C GLU C 339 4.19 3.03 2.00
N LEU C 340 4.31 4.36 2.09
CA LEU C 340 5.14 5.10 1.17
C LEU C 340 6.62 4.85 1.43
N CYS C 341 7.02 4.85 2.70
CA CYS C 341 8.42 4.60 3.03
C CYS C 341 8.86 3.29 2.39
N GLU C 342 8.04 2.26 2.53
CA GLU C 342 8.34 0.94 1.97
C GLU C 342 8.33 0.98 0.44
N ILE C 343 7.45 1.79 -0.15
CA ILE C 343 7.42 1.89 -1.61
C ILE C 343 8.74 2.49 -2.09
N LEU C 344 9.27 3.43 -1.31
CA LEU C 344 10.54 4.08 -1.61
C LEU C 344 11.66 3.06 -1.48
N ALA C 345 11.70 2.37 -0.33
CA ALA C 345 12.71 1.36 -0.06
C ALA C 345 12.69 0.22 -1.08
N LYS C 346 11.50 -0.33 -1.32
CA LYS C 346 11.32 -1.46 -2.23
C LYS C 346 11.39 -1.19 -3.73
N GLU C 347 10.97 -0.02 -4.19
CA GLU C 347 11.02 0.22 -5.64
C GLU C 347 11.32 1.61 -6.21
N LYS C 348 10.97 2.69 -5.50
CA LYS C 348 11.21 4.03 -6.03
C LYS C 348 12.56 4.71 -5.74
N ASP C 349 13.17 4.39 -4.61
CA ASP C 349 14.45 4.98 -4.23
C ASP C 349 15.25 3.88 -3.52
N THR C 350 15.44 2.75 -4.21
CA THR C 350 16.12 1.58 -3.65
C THR C 350 17.51 1.79 -3.04
N ILE C 351 18.32 2.66 -3.64
CA ILE C 351 19.66 2.92 -3.12
C ILE C 351 19.63 3.39 -1.67
N ARG C 352 18.51 3.95 -1.24
CA ARG C 352 18.36 4.45 0.13
C ARG C 352 17.40 3.55 0.93
N LYS C 353 17.23 2.31 0.44
CA LYS C 353 16.33 1.35 1.07
C LYS C 353 16.48 1.23 2.57
N GLU C 354 17.70 1.08 3.06
CA GLU C 354 17.92 0.96 4.50
C GLU C 354 17.56 2.27 5.20
N TYR C 355 17.74 3.39 4.49
CA TYR C 355 17.42 4.69 5.06
C TYR C 355 15.93 4.84 5.25
N TRP C 356 15.17 4.56 4.19
CA TRP C 356 13.71 4.66 4.25
C TRP C 356 13.11 3.70 5.28
N ARG C 357 13.65 2.48 5.36
CA ARG C 357 13.17 1.48 6.30
C ARG C 357 13.44 2.00 7.71
N TYR C 358 14.54 2.75 7.84
CA TYR C 358 14.94 3.36 9.11
C TYR C 358 13.95 4.48 9.45
N ILE C 359 13.56 5.25 8.45
CA ILE C 359 12.61 6.34 8.65
C ILE C 359 11.28 5.74 9.08
N GLY C 360 10.88 4.67 8.38
CA GLY C 360 9.65 3.99 8.70
C GLY C 360 9.62 3.57 10.16
N ARG C 361 10.64 2.82 10.58
CA ARG C 361 10.72 2.37 11.95
C ARG C 361 10.60 3.54 12.91
N SER C 362 11.20 4.65 12.54
CA SER C 362 11.18 5.85 13.37
C SER C 362 9.76 6.38 13.57
N LEU C 363 8.99 6.38 12.48
CA LEU C 363 7.61 6.85 12.53
C LEU C 363 6.80 5.90 13.41
N GLN C 364 7.04 4.61 13.24
CA GLN C 364 6.37 3.56 14.01
C GLN C 364 6.50 3.81 15.51
N SER C 365 7.75 3.80 15.97
CA SER C 365 8.03 3.99 17.38
C SER C 365 7.82 5.40 17.91
N LYS C 366 7.20 6.27 17.13
CA LYS C 366 6.95 7.61 17.65
C LYS C 366 5.47 7.91 17.64
N HIS C 367 4.71 7.16 16.85
CA HIS C 367 3.27 7.38 16.75
C HIS C 367 2.46 6.06 16.77
N SER C 368 2.35 5.43 17.95
CA SER C 368 1.60 4.19 18.07
C SER C 368 1.03 3.95 19.47
N LEU D 18 36.51 -4.01 -8.79
CA LEU D 18 37.99 -4.22 -8.90
C LEU D 18 38.64 -4.29 -7.50
N ASP D 19 39.93 -4.59 -7.49
CA ASP D 19 40.68 -4.73 -6.22
C ASP D 19 41.45 -3.48 -5.81
N PHE D 20 41.61 -3.32 -4.51
CA PHE D 20 42.33 -2.17 -3.96
C PHE D 20 43.84 -2.40 -4.00
N LEU D 21 44.53 -1.71 -4.92
CA LEU D 21 45.99 -1.84 -5.10
C LEU D 21 46.78 -1.09 -4.01
N ARG D 22 46.65 -1.54 -2.76
CA ARG D 22 47.33 -0.90 -1.63
C ARG D 22 48.79 -0.49 -1.84
N ASP D 23 49.62 -1.42 -2.26
CA ASP D 23 51.04 -1.11 -2.45
C ASP D 23 51.25 0.03 -3.45
N ARG D 24 50.49 -0.01 -4.53
CA ARG D 24 50.58 1.00 -5.57
C ARG D 24 50.29 2.38 -4.98
N HIS D 25 49.38 2.45 -4.02
CA HIS D 25 49.03 3.72 -3.40
C HIS D 25 50.12 4.17 -2.45
N VAL D 26 50.75 3.23 -1.77
CA VAL D 26 51.82 3.59 -0.87
C VAL D 26 52.91 4.27 -1.69
N ARG D 27 53.24 3.71 -2.85
CA ARG D 27 54.27 4.30 -3.71
C ARG D 27 53.84 5.71 -4.13
N PHE D 28 52.59 5.84 -4.54
CA PHE D 28 52.05 7.12 -4.96
C PHE D 28 52.28 8.18 -3.88
N PHE D 29 51.97 7.83 -2.64
CA PHE D 29 52.16 8.79 -1.56
C PHE D 29 53.62 9.10 -1.34
N GLN D 30 54.49 8.09 -1.43
CA GLN D 30 55.91 8.31 -1.23
C GLN D 30 56.44 9.29 -2.27
N ARG D 31 56.04 9.10 -3.52
CA ARG D 31 56.47 9.97 -4.58
C ARG D 31 56.00 11.41 -4.34
N CYS D 32 54.82 11.58 -3.74
CA CYS D 32 54.29 12.90 -3.44
C CYS D 32 55.17 13.66 -2.45
N LEU D 33 55.76 12.93 -1.51
CA LEU D 33 56.62 13.54 -0.49
C LEU D 33 58.00 13.86 -1.03
N GLN D 34 58.31 13.37 -2.21
CA GLN D 34 59.63 13.59 -2.77
C GLN D 34 59.76 14.81 -3.67
N VAL D 35 59.64 14.63 -4.97
CA VAL D 35 59.76 15.75 -5.88
C VAL D 35 58.62 15.78 -6.88
N LEU D 36 58.15 16.99 -7.20
CA LEU D 36 57.05 17.17 -8.14
C LEU D 36 57.48 18.00 -9.35
N PRO D 37 56.85 17.76 -10.53
CA PRO D 37 57.14 18.48 -11.77
C PRO D 37 56.66 19.92 -11.67
N GLU D 38 57.37 20.84 -12.33
CA GLU D 38 57.00 22.25 -12.26
C GLU D 38 55.51 22.47 -12.52
N ARG D 39 54.82 21.47 -13.05
CA ARG D 39 53.41 21.64 -13.35
C ARG D 39 52.54 21.73 -12.09
N TYR D 40 53.14 21.50 -10.92
CA TYR D 40 52.39 21.60 -9.68
C TYR D 40 52.73 22.87 -8.90
N SER D 41 53.36 23.81 -9.61
CA SER D 41 53.79 25.09 -9.05
C SER D 41 52.70 25.86 -8.33
N SER D 42 51.44 25.61 -8.71
CA SER D 42 50.32 26.30 -8.10
C SER D 42 50.03 25.76 -6.71
N LEU D 43 50.74 24.72 -6.30
CA LEU D 43 50.54 24.14 -4.97
C LEU D 43 51.66 24.55 -4.02
N GLU D 44 52.55 25.42 -4.48
CA GLU D 44 53.67 25.85 -3.66
C GLU D 44 53.25 26.34 -2.29
N THR D 45 52.27 27.24 -2.24
CA THR D 45 51.84 27.78 -0.96
C THR D 45 50.95 26.85 -0.18
N SER D 46 50.73 25.64 -0.71
CA SER D 46 49.90 24.64 -0.05
C SER D 46 50.64 23.32 0.11
N ARG D 47 51.96 23.34 -0.05
CA ARG D 47 52.76 22.13 0.06
C ARG D 47 52.55 21.35 1.36
N LEU D 48 52.34 22.06 2.46
CA LEU D 48 52.12 21.40 3.73
C LEU D 48 50.85 20.55 3.72
N THR D 49 49.80 21.00 3.04
CA THR D 49 48.58 20.20 2.98
C THR D 49 48.77 19.03 2.03
N ILE D 50 49.65 19.15 1.05
CA ILE D 50 49.92 18.04 0.13
C ILE D 50 50.65 16.99 0.94
N ALA D 51 51.53 17.45 1.82
CA ALA D 51 52.30 16.58 2.70
C ALA D 51 51.31 15.83 3.60
N PHE D 52 50.30 16.55 4.09
CA PHE D 52 49.27 15.97 4.94
C PHE D 52 48.49 14.85 4.23
N PHE D 53 48.11 15.07 2.98
CA PHE D 53 47.40 14.05 2.24
C PHE D 53 48.28 12.80 2.17
N ALA D 54 49.56 12.99 1.88
CA ALA D 54 50.49 11.87 1.74
C ALA D 54 50.82 11.17 3.06
N LEU D 55 51.08 11.97 4.10
CA LEU D 55 51.40 11.41 5.40
C LEU D 55 50.21 10.74 6.06
N SER D 56 49.08 11.43 6.10
CA SER D 56 47.88 10.86 6.70
C SER D 56 47.40 9.70 5.83
N GLY D 57 47.73 9.76 4.54
CA GLY D 57 47.36 8.70 3.62
C GLY D 57 48.18 7.46 3.94
N LEU D 58 49.48 7.63 4.12
CA LEU D 58 50.37 6.51 4.44
C LEU D 58 50.02 5.98 5.82
N ASP D 59 49.58 6.87 6.70
CA ASP D 59 49.18 6.47 8.04
C ASP D 59 47.96 5.55 7.88
N MET D 60 46.98 6.01 7.09
CA MET D 60 45.77 5.26 6.86
C MET D 60 46.06 3.88 6.24
N LEU D 61 47.16 3.77 5.49
CA LEU D 61 47.52 2.49 4.88
C LEU D 61 48.56 1.79 5.75
N ASP D 62 48.79 2.36 6.93
CA ASP D 62 49.76 1.82 7.89
C ASP D 62 51.14 1.56 7.23
N SER D 63 51.72 2.61 6.64
CA SER D 63 53.02 2.53 5.98
C SER D 63 53.90 3.73 6.30
N LEU D 64 53.70 4.35 7.45
CA LEU D 64 54.52 5.50 7.80
C LEU D 64 56.00 5.17 7.94
N ASP D 65 56.32 3.88 8.04
CA ASP D 65 57.71 3.51 8.18
C ASP D 65 58.53 3.69 6.91
N VAL D 66 57.87 3.95 5.78
CA VAL D 66 58.60 4.13 4.53
C VAL D 66 59.13 5.56 4.37
N VAL D 67 59.02 6.35 5.43
CA VAL D 67 59.50 7.74 5.42
C VAL D 67 60.26 8.06 6.71
N ASN D 68 61.20 9.00 6.65
CA ASN D 68 61.96 9.36 7.83
C ASN D 68 61.16 10.39 8.62
N LYS D 69 60.41 9.92 9.59
CA LYS D 69 59.61 10.83 10.40
C LYS D 69 60.41 12.03 10.92
N ASP D 70 61.64 11.76 11.34
CA ASP D 70 62.48 12.80 11.89
C ASP D 70 62.76 13.95 10.92
N ASP D 71 63.15 13.61 9.70
CA ASP D 71 63.43 14.64 8.70
C ASP D 71 62.20 15.47 8.43
N ILE D 72 61.08 14.79 8.17
CA ILE D 72 59.83 15.49 7.89
C ILE D 72 59.39 16.35 9.06
N ILE D 73 59.58 15.88 10.28
CA ILE D 73 59.18 16.66 11.44
C ILE D 73 59.95 17.97 11.52
N GLU D 74 61.23 17.93 11.14
CA GLU D 74 62.07 19.13 11.16
C GLU D 74 61.61 20.11 10.08
N TRP D 75 61.26 19.56 8.92
CA TRP D 75 60.80 20.38 7.82
C TRP D 75 59.54 21.12 8.25
N ILE D 76 58.60 20.39 8.84
CA ILE D 76 57.35 20.98 9.29
C ILE D 76 57.60 22.11 10.29
N TYR D 77 58.44 21.84 11.29
CA TYR D 77 58.73 22.85 12.28
C TYR D 77 59.39 24.08 11.68
N SER D 78 60.02 23.90 10.51
CA SER D 78 60.67 25.01 9.84
C SER D 78 59.62 25.91 9.22
N LEU D 79 58.38 25.43 9.18
CA LEU D 79 57.28 26.19 8.61
C LEU D 79 56.50 26.99 9.65
N GLN D 80 56.87 26.83 10.92
CA GLN D 80 56.17 27.56 11.98
C GLN D 80 56.59 29.03 12.11
N VAL D 81 55.62 29.92 12.08
CA VAL D 81 55.88 31.33 12.24
C VAL D 81 55.90 31.57 13.73
N LEU D 82 57.10 31.61 14.31
CA LEU D 82 57.26 31.83 15.75
C LEU D 82 57.25 33.29 16.11
N PRO D 83 56.85 33.61 17.34
CA PRO D 83 56.84 35.03 17.70
C PRO D 83 58.28 35.55 17.82
N THR D 84 58.49 36.79 17.40
CA THR D 84 59.82 37.41 17.45
C THR D 84 60.19 37.77 18.89
N GLU D 85 61.42 38.25 19.07
CA GLU D 85 61.91 38.64 20.40
C GLU D 85 60.90 39.53 21.13
N ASP D 86 60.53 40.64 20.49
CA ASP D 86 59.59 41.58 21.08
C ASP D 86 58.16 41.06 21.13
N ARG D 87 57.91 39.95 20.41
CA ARG D 87 56.59 39.34 20.37
C ARG D 87 55.51 40.28 19.81
N SER D 88 55.91 41.13 18.86
CA SER D 88 55.00 42.08 18.24
C SER D 88 54.25 41.47 17.05
N ASN D 89 54.51 40.20 16.78
CA ASN D 89 53.86 39.51 15.67
C ASN D 89 53.01 38.33 16.12
N LEU D 90 52.49 38.38 17.34
CA LEU D 90 51.67 37.28 17.85
C LEU D 90 50.45 37.03 16.99
N ASP D 91 49.81 38.10 16.54
CA ASP D 91 48.62 37.99 15.71
C ASP D 91 48.88 37.33 14.36
N ARG D 92 50.13 37.01 14.07
CA ARG D 92 50.46 36.41 12.79
C ARG D 92 51.11 35.04 12.88
N CYS D 93 51.15 34.49 14.08
CA CYS D 93 51.77 33.19 14.24
C CYS D 93 50.90 32.03 13.80
N GLY D 94 51.55 30.91 13.50
CA GLY D 94 50.87 29.71 13.04
C GLY D 94 51.85 29.02 12.12
N PHE D 95 51.38 28.43 11.02
CA PHE D 95 52.29 27.75 10.09
C PHE D 95 52.18 28.26 8.66
N ARG D 96 53.27 28.12 7.91
CA ARG D 96 53.30 28.53 6.51
C ARG D 96 53.07 27.28 5.68
N GLY D 97 52.64 27.46 4.44
CA GLY D 97 52.41 26.33 3.57
C GLY D 97 53.71 25.78 3.03
N SER D 98 54.73 26.65 2.97
CA SER D 98 56.05 26.27 2.49
C SER D 98 57.04 27.39 2.79
N SER D 99 58.25 27.27 2.26
CA SER D 99 59.30 28.25 2.48
C SER D 99 59.42 29.26 1.36
N TYR D 100 58.35 29.43 0.58
CA TYR D 100 58.40 30.35 -0.54
C TYR D 100 58.78 31.80 -0.24
N LEU D 101 58.69 32.25 1.01
CA LEU D 101 59.06 33.63 1.32
C LEU D 101 60.56 33.86 1.39
N GLY D 102 61.33 32.79 1.43
CA GLY D 102 62.76 32.94 1.49
C GLY D 102 63.36 33.08 2.89
N ILE D 103 62.58 32.76 3.91
CA ILE D 103 63.10 32.86 5.27
C ILE D 103 64.06 31.72 5.53
N PRO D 104 65.22 32.01 6.12
CA PRO D 104 66.25 31.00 6.42
C PRO D 104 65.73 29.84 7.27
N PHE D 105 66.00 28.62 6.79
CA PHE D 105 65.59 27.39 7.44
C PHE D 105 65.83 27.40 8.95
N ASN D 106 64.76 27.22 9.72
CA ASN D 106 64.86 27.21 11.18
C ASN D 106 63.77 26.32 11.77
N PRO D 107 64.11 25.05 12.07
CA PRO D 107 63.16 24.10 12.65
C PRO D 107 62.69 24.47 14.04
N SER D 108 62.10 25.65 14.16
CA SER D 108 61.59 26.15 15.42
C SER D 108 62.64 26.01 16.51
N LYS D 109 63.89 26.34 16.17
CA LYS D 109 64.99 26.25 17.11
C LYS D 109 65.31 27.62 17.72
N ASN D 110 65.41 28.63 16.86
CA ASN D 110 65.70 29.99 17.33
C ASN D 110 64.42 30.83 17.28
N PRO D 111 64.45 32.04 17.86
CA PRO D 111 63.25 32.88 17.84
C PRO D 111 62.93 33.32 16.42
N GLY D 112 61.70 33.81 16.24
CA GLY D 112 61.29 34.23 14.90
C GLY D 112 62.02 35.43 14.36
N THR D 113 62.32 35.39 13.07
CA THR D 113 63.00 36.49 12.40
C THR D 113 61.94 37.36 11.71
N ALA D 114 61.86 38.63 12.10
CA ALA D 114 60.89 39.56 11.55
C ALA D 114 60.87 39.58 10.02
N HIS D 115 59.69 39.78 9.46
CA HIS D 115 59.50 39.86 8.01
C HIS D 115 58.14 40.53 7.82
N PRO D 116 58.10 41.60 7.04
CA PRO D 116 56.87 42.36 6.76
C PRO D 116 55.68 41.56 6.29
N TYR D 117 55.93 40.45 5.60
CA TYR D 117 54.85 39.66 5.05
C TYR D 117 54.77 38.20 5.46
N ASP D 118 55.54 37.81 6.46
CA ASP D 118 55.52 36.44 6.91
C ASP D 118 54.51 36.23 8.04
N SER D 119 53.58 35.31 7.82
CA SER D 119 52.57 35.00 8.81
C SER D 119 51.95 33.65 8.46
N GLY D 120 51.21 33.06 9.39
CA GLY D 120 50.61 31.77 9.15
C GLY D 120 49.35 31.76 8.30
N HIS D 121 48.96 30.56 7.89
CA HIS D 121 47.76 30.36 7.09
C HIS D 121 46.97 29.30 7.85
N ILE D 122 45.75 29.62 8.21
CA ILE D 122 44.90 28.72 8.99
C ILE D 122 44.85 27.25 8.53
N ALA D 123 44.80 27.02 7.21
CA ALA D 123 44.76 25.65 6.69
C ALA D 123 46.10 24.96 6.87
N MET D 124 47.16 25.75 7.00
CA MET D 124 48.51 25.21 7.16
C MET D 124 48.78 24.94 8.64
N THR D 125 48.25 25.80 9.52
CA THR D 125 48.42 25.59 10.94
C THR D 125 47.69 24.28 11.26
N TYR D 126 46.53 24.10 10.64
CA TYR D 126 45.74 22.90 10.84
C TYR D 126 46.47 21.66 10.32
N THR D 127 46.79 21.61 9.03
CA THR D 127 47.47 20.45 8.46
C THR D 127 48.85 20.24 9.06
N GLY D 128 49.47 21.33 9.50
CA GLY D 128 50.79 21.24 10.10
C GLY D 128 50.73 20.46 11.41
N LEU D 129 49.93 20.94 12.36
CA LEU D 129 49.76 20.29 13.65
C LEU D 129 49.32 18.84 13.40
N SER D 130 48.38 18.68 12.48
CA SER D 130 47.87 17.38 12.13
C SER D 130 49.01 16.45 11.71
N CYS D 131 49.92 16.95 10.86
CA CYS D 131 51.05 16.16 10.41
C CYS D 131 51.98 15.78 11.55
N LEU D 132 52.26 16.74 12.43
CA LEU D 132 53.14 16.51 13.56
C LEU D 132 52.65 15.34 14.40
N ILE D 133 51.36 15.36 14.74
CA ILE D 133 50.75 14.29 15.51
C ILE D 133 50.84 12.95 14.79
N ILE D 134 50.55 12.96 13.50
CA ILE D 134 50.62 11.74 12.70
C ILE D 134 52.04 11.17 12.72
N LEU D 135 53.04 12.04 12.73
CA LEU D 135 54.43 11.58 12.73
C LEU D 135 54.97 11.20 14.09
N GLY D 136 54.16 11.38 15.14
CA GLY D 136 54.59 11.01 16.47
C GLY D 136 55.14 12.12 17.33
N ASP D 137 55.31 13.30 16.76
CA ASP D 137 55.83 14.42 17.53
C ASP D 137 54.85 14.73 18.67
N ASP D 138 55.34 15.35 19.73
CA ASP D 138 54.51 15.68 20.88
C ASP D 138 54.11 17.17 20.96
N LEU D 139 54.37 17.90 19.88
CA LEU D 139 54.02 19.31 19.81
C LEU D 139 54.70 20.21 20.84
N SER D 140 55.77 19.72 21.47
CA SER D 140 56.48 20.51 22.47
C SER D 140 57.12 21.77 21.87
N ARG D 141 57.49 21.71 20.59
CA ARG D 141 58.10 22.85 19.91
C ARG D 141 57.08 23.77 19.26
N VAL D 142 55.79 23.50 19.50
CA VAL D 142 54.74 24.34 18.97
C VAL D 142 54.43 25.40 20.02
N ASP D 143 54.48 26.67 19.63
CA ASP D 143 54.18 27.75 20.56
C ASP D 143 52.67 27.84 20.59
N LYS D 144 52.05 26.94 21.36
CA LYS D 144 50.60 26.89 21.45
C LYS D 144 49.92 28.24 21.65
N GLU D 145 50.42 29.06 22.57
CA GLU D 145 49.79 30.35 22.81
C GLU D 145 49.87 31.29 21.62
N ALA D 146 50.98 31.22 20.90
CA ALA D 146 51.16 32.06 19.73
C ALA D 146 50.18 31.63 18.65
N CYS D 147 50.03 30.33 18.44
CA CYS D 147 49.10 29.82 17.45
C CYS D 147 47.68 30.26 17.78
N LEU D 148 47.29 30.07 19.03
CA LEU D 148 45.95 30.44 19.48
C LEU D 148 45.72 31.94 19.32
N ALA D 149 46.77 32.73 19.56
CA ALA D 149 46.67 34.17 19.41
C ALA D 149 46.43 34.50 17.94
N GLY D 150 47.16 33.80 17.07
CA GLY D 150 47.02 34.00 15.64
C GLY D 150 45.65 33.58 15.17
N LEU D 151 45.14 32.48 15.73
CA LEU D 151 43.83 31.99 15.34
C LEU D 151 42.77 33.03 15.69
N ARG D 152 42.77 33.49 16.94
CA ARG D 152 41.80 34.49 17.36
C ARG D 152 41.73 35.66 16.40
N ALA D 153 42.89 36.10 15.96
CA ALA D 153 42.98 37.24 15.05
C ALA D 153 42.29 37.02 13.71
N LEU D 154 42.06 35.76 13.34
CA LEU D 154 41.42 35.46 12.07
C LEU D 154 39.90 35.46 12.08
N GLN D 155 39.29 35.38 13.26
CA GLN D 155 37.84 35.33 13.32
C GLN D 155 37.17 36.70 13.08
N LEU D 156 36.09 36.68 12.30
CA LEU D 156 35.35 37.89 11.97
C LEU D 156 34.17 38.08 12.90
N GLU D 157 33.55 39.25 12.82
CA GLU D 157 32.40 39.56 13.66
C GLU D 157 31.29 38.52 13.51
N ASP D 158 31.10 37.99 12.31
CA ASP D 158 30.04 37.02 12.08
C ASP D 158 30.34 35.60 12.54
N GLY D 159 31.52 35.41 13.10
CA GLY D 159 31.90 34.11 13.60
C GLY D 159 32.76 33.26 12.70
N SER D 160 32.82 33.57 11.41
CA SER D 160 33.64 32.79 10.49
C SER D 160 35.10 33.21 10.59
N PHE D 161 35.95 32.60 9.78
CA PHE D 161 37.38 32.89 9.80
C PHE D 161 37.99 33.20 8.45
N CYS D 162 39.13 33.89 8.48
CA CYS D 162 39.92 34.20 7.29
C CYS D 162 41.08 33.22 7.37
N ALA D 163 41.85 33.10 6.30
CA ALA D 163 42.98 32.18 6.31
C ALA D 163 44.26 32.86 6.78
N VAL D 164 44.39 34.15 6.50
CA VAL D 164 45.59 34.89 6.87
C VAL D 164 45.26 36.27 7.45
N PRO D 165 46.10 36.75 8.38
CA PRO D 165 45.85 38.05 9.00
C PRO D 165 45.81 39.21 8.01
N GLU D 166 46.52 39.09 6.89
CA GLU D 166 46.52 40.16 5.90
C GLU D 166 45.16 40.29 5.22
N GLY D 167 44.32 39.27 5.38
CA GLY D 167 43.00 39.30 4.77
C GLY D 167 42.82 38.26 3.67
N SER D 168 41.60 37.77 3.53
CA SER D 168 41.29 36.77 2.51
C SER D 168 39.79 36.55 2.55
N GLU D 169 39.31 35.63 1.73
CA GLU D 169 37.90 35.32 1.72
C GLU D 169 37.63 34.61 3.05
N ASN D 170 36.38 34.56 3.49
CA ASN D 170 36.04 33.90 4.73
C ASN D 170 34.83 32.99 4.52
N ASP D 171 34.89 31.79 5.07
CA ASP D 171 33.79 30.83 4.95
C ASP D 171 33.96 29.63 5.86
N MET D 172 33.05 28.67 5.70
CA MET D 172 33.03 27.46 6.50
C MET D 172 34.32 26.65 6.48
N ARG D 173 35.03 26.65 5.35
CA ARG D 173 36.29 25.91 5.26
C ARG D 173 37.20 26.28 6.41
N PHE D 174 37.34 27.57 6.66
CA PHE D 174 38.22 28.05 7.71
C PHE D 174 37.66 27.90 9.12
N VAL D 175 36.33 27.79 9.23
CA VAL D 175 35.71 27.58 10.52
C VAL D 175 36.13 26.18 10.97
N TYR D 176 36.14 25.25 10.03
CA TYR D 176 36.54 23.87 10.31
C TYR D 176 38.01 23.82 10.70
N CYS D 177 38.84 24.61 10.03
CA CYS D 177 40.27 24.66 10.33
C CYS D 177 40.49 25.15 11.75
N ALA D 178 39.78 26.22 12.11
CA ALA D 178 39.90 26.78 13.44
C ALA D 178 39.49 25.72 14.47
N SER D 179 38.37 25.04 14.21
CA SER D 179 37.89 24.01 15.10
C SER D 179 38.94 22.91 15.31
N CYS D 180 39.52 22.41 14.23
CA CYS D 180 40.54 21.36 14.34
C CYS D 180 41.75 21.83 15.12
N ILE D 181 42.13 23.09 14.93
CA ILE D 181 43.29 23.62 15.63
C ILE D 181 43.00 23.64 17.13
N CYS D 182 41.89 24.25 17.52
CA CYS D 182 41.52 24.32 18.93
C CYS D 182 41.43 22.93 19.53
N TYR D 183 40.87 22.00 18.77
CA TYR D 183 40.73 20.63 19.26
C TYR D 183 42.07 19.96 19.51
N MET D 184 42.97 20.06 18.54
CA MET D 184 44.29 19.44 18.67
C MET D 184 45.13 20.07 19.78
N LEU D 185 45.03 21.39 19.92
CA LEU D 185 45.80 22.06 20.97
C LEU D 185 44.99 21.96 22.24
N ASN D 186 43.89 21.21 22.17
CA ASN D 186 43.00 21.01 23.31
C ASN D 186 42.78 22.30 24.10
N ASN D 187 42.46 23.37 23.40
CA ASN D 187 42.24 24.68 24.01
C ASN D 187 41.36 25.50 23.06
N TRP D 188 40.16 25.85 23.48
CA TRP D 188 39.27 26.60 22.62
C TRP D 188 39.32 28.12 22.79
N SER D 189 40.39 28.62 23.40
CA SER D 189 40.51 30.05 23.58
C SER D 189 40.88 30.65 22.23
N GLY D 190 41.14 29.75 21.27
CA GLY D 190 41.51 30.18 19.93
C GLY D 190 40.36 30.78 19.15
N MET D 191 39.14 30.63 19.65
CA MET D 191 37.98 31.17 18.94
C MET D 191 36.86 31.53 19.90
N ASP D 192 35.94 32.36 19.42
CA ASP D 192 34.76 32.73 20.19
C ASP D 192 33.72 31.71 19.69
N MET D 193 33.67 30.57 20.38
CA MET D 193 32.78 29.48 20.01
C MET D 193 31.32 29.88 19.79
N LYS D 194 30.82 30.81 20.59
CA LYS D 194 29.44 31.24 20.47
C LYS D 194 29.18 31.83 19.08
N LYS D 195 30.07 32.70 18.63
CA LYS D 195 29.93 33.32 17.32
C LYS D 195 30.13 32.33 16.17
N ALA D 196 31.04 31.38 16.35
CA ALA D 196 31.28 30.37 15.31
C ALA D 196 30.02 29.53 15.11
N ILE D 197 29.42 29.12 16.22
CA ILE D 197 28.20 28.32 16.19
C ILE D 197 27.10 29.10 15.49
N SER D 198 27.04 30.39 15.74
CA SER D 198 26.05 31.24 15.10
C SER D 198 26.23 31.19 13.59
N TYR D 199 27.47 31.30 13.16
CA TYR D 199 27.79 31.27 11.74
C TYR D 199 27.34 29.95 11.13
N ILE D 200 27.66 28.85 11.80
CA ILE D 200 27.29 27.53 11.30
C ILE D 200 25.77 27.40 11.17
N ARG D 201 25.03 27.90 12.16
CA ARG D 201 23.57 27.80 12.07
C ARG D 201 23.04 28.60 10.90
N ARG D 202 23.52 29.83 10.79
CA ARG D 202 23.04 30.71 9.72
C ARG D 202 23.36 30.22 8.32
N SER D 203 24.23 29.22 8.21
CA SER D 203 24.59 28.72 6.89
C SER D 203 23.63 27.64 6.39
N MET D 204 22.72 27.21 7.26
CA MET D 204 21.76 26.19 6.85
C MET D 204 20.82 26.77 5.79
N SER D 205 20.70 26.05 4.67
CA SER D 205 19.85 26.48 3.56
C SER D 205 18.41 26.03 3.72
N TYR D 206 17.55 26.51 2.84
CA TYR D 206 16.14 26.14 2.86
C TYR D 206 16.00 24.65 2.55
N ASP D 207 16.96 24.10 1.81
CA ASP D 207 16.93 22.67 1.46
C ASP D 207 17.58 21.82 2.55
N ASN D 208 17.95 22.48 3.65
CA ASN D 208 18.52 21.86 4.84
C ASN D 208 19.98 21.44 4.88
N GLY D 209 20.73 21.73 3.81
CA GLY D 209 22.14 21.40 3.81
C GLY D 209 22.84 22.63 4.40
N LEU D 210 24.15 22.58 4.54
CA LEU D 210 24.89 23.71 5.05
C LEU D 210 25.69 24.31 3.92
N ALA D 211 25.65 25.63 3.79
CA ALA D 211 26.39 26.30 2.71
C ALA D 211 27.68 26.91 3.25
N GLN D 212 28.48 27.48 2.37
CA GLN D 212 29.74 28.10 2.79
C GLN D 212 29.47 29.30 3.69
N GLY D 213 28.27 29.86 3.56
CA GLY D 213 27.85 31.00 4.35
C GLY D 213 26.37 31.21 4.13
N ALA D 214 25.76 32.08 4.94
CA ALA D 214 24.34 32.35 4.84
C ALA D 214 23.89 32.74 3.43
N GLY D 215 22.75 32.19 3.01
CA GLY D 215 22.20 32.50 1.71
C GLY D 215 22.79 31.76 0.54
N LEU D 216 24.01 31.25 0.69
CA LEU D 216 24.67 30.51 -0.38
C LEU D 216 24.07 29.12 -0.55
N GLU D 217 24.40 28.47 -1.67
CA GLU D 217 23.91 27.14 -1.99
C GLU D 217 24.52 26.10 -1.05
N SER D 218 23.68 25.28 -0.42
CA SER D 218 24.19 24.25 0.48
C SER D 218 25.13 23.35 -0.32
N HIS D 219 26.16 22.86 0.34
CA HIS D 219 27.20 22.08 -0.33
C HIS D 219 27.80 20.99 0.57
N GLY D 220 28.14 19.86 -0.03
CA GLY D 220 28.72 18.76 0.72
C GLY D 220 29.95 19.11 1.54
N GLY D 221 30.82 19.93 0.95
CA GLY D 221 32.04 20.35 1.63
C GLY D 221 31.77 21.21 2.85
N SER D 222 30.90 22.21 2.70
CA SER D 222 30.61 23.09 3.83
C SER D 222 29.76 22.38 4.88
N THR D 223 28.94 21.42 4.46
CA THR D 223 28.11 20.68 5.39
C THR D 223 29.06 19.85 6.28
N PHE D 224 30.06 19.22 5.66
CA PHE D 224 31.00 18.45 6.43
C PHE D 224 31.71 19.39 7.41
N CYS D 225 32.21 20.51 6.89
CA CYS D 225 32.91 21.46 7.74
C CYS D 225 32.07 21.92 8.92
N GLY D 226 30.81 22.24 8.67
CA GLY D 226 29.94 22.69 9.74
C GLY D 226 29.63 21.61 10.77
N ILE D 227 29.15 20.46 10.31
CA ILE D 227 28.82 19.38 11.20
C ILE D 227 30.05 18.90 11.98
N ALA D 228 31.15 18.67 11.28
CA ALA D 228 32.37 18.21 11.93
C ALA D 228 32.86 19.21 12.98
N SER D 229 32.71 20.51 12.70
CA SER D 229 33.15 21.53 13.64
C SER D 229 32.33 21.40 14.92
N LEU D 230 31.02 21.28 14.76
CA LEU D 230 30.14 21.15 15.92
C LEU D 230 30.49 19.91 16.72
N CYS D 231 30.72 18.79 16.02
CA CYS D 231 31.09 17.54 16.68
C CYS D 231 32.39 17.72 17.45
N LEU D 232 33.36 18.41 16.85
CA LEU D 232 34.63 18.67 17.49
C LEU D 232 34.44 19.52 18.75
N MET D 233 33.43 20.38 18.75
CA MET D 233 33.14 21.23 19.91
C MET D 233 32.22 20.46 20.87
N GLY D 234 31.71 19.32 20.40
CA GLY D 234 30.81 18.51 21.20
C GLY D 234 29.49 19.22 21.43
N LYS D 235 28.99 19.92 20.41
CA LYS D 235 27.75 20.66 20.53
C LYS D 235 26.72 20.37 19.44
N LEU D 236 26.91 19.28 18.71
CA LEU D 236 25.99 18.95 17.63
C LEU D 236 24.55 18.99 18.10
N GLU D 237 24.23 18.11 19.06
CA GLU D 237 22.88 17.98 19.63
C GLU D 237 22.36 19.27 20.27
N GLU D 238 23.27 20.07 20.79
CA GLU D 238 22.91 21.31 21.45
C GLU D 238 22.60 22.45 20.48
N VAL D 239 23.12 22.37 19.27
CA VAL D 239 22.92 23.43 18.28
C VAL D 239 21.76 23.18 17.33
N PHE D 240 21.57 21.92 16.93
CA PHE D 240 20.49 21.58 16.02
C PHE D 240 19.45 20.69 16.71
N SER D 241 18.18 20.99 16.49
CA SER D 241 17.11 20.20 17.08
C SER D 241 17.07 18.84 16.39
N GLU D 242 16.30 17.93 16.96
CA GLU D 242 16.18 16.60 16.37
C GLU D 242 15.54 16.73 14.97
N LYS D 243 14.55 17.62 14.86
CA LYS D 243 13.88 17.82 13.59
C LYS D 243 14.89 18.36 12.59
N GLU D 244 15.73 19.28 13.05
CA GLU D 244 16.76 19.87 12.19
C GLU D 244 17.76 18.82 11.75
N LEU D 245 18.24 18.03 12.70
CA LEU D 245 19.20 16.99 12.37
C LEU D 245 18.60 15.99 11.39
N ASN D 246 17.29 15.75 11.50
CA ASN D 246 16.64 14.81 10.57
C ASN D 246 16.66 15.36 9.16
N ARG D 247 16.44 16.67 9.05
CA ARG D 247 16.43 17.33 7.76
C ARG D 247 17.83 17.34 7.15
N ILE D 248 18.84 17.58 7.99
CA ILE D 248 20.21 17.60 7.52
C ILE D 248 20.61 16.19 7.06
N LYS D 249 20.19 15.18 7.83
CA LYS D 249 20.48 13.79 7.47
C LYS D 249 19.89 13.47 6.11
N ARG D 250 18.65 13.92 5.91
CA ARG D 250 17.97 13.67 4.65
C ARG D 250 18.74 14.30 3.49
N TRP D 251 19.18 15.54 3.68
CA TRP D 251 19.92 16.25 2.64
C TRP D 251 21.20 15.51 2.30
N CYS D 252 21.91 15.07 3.34
CA CYS D 252 23.15 14.36 3.15
C CYS D 252 22.98 13.01 2.43
N ILE D 253 22.09 12.18 2.94
CA ILE D 253 21.92 10.87 2.33
C ILE D 253 21.39 10.93 0.91
N MET D 254 20.81 12.07 0.53
CA MET D 254 20.29 12.21 -0.83
C MET D 254 21.45 12.46 -1.79
N ARG D 255 22.65 12.68 -1.24
CA ARG D 255 23.83 12.95 -2.05
C ARG D 255 24.38 11.70 -2.74
N GLN D 256 23.96 10.51 -2.30
CA GLN D 256 24.47 9.30 -2.93
C GLN D 256 23.74 8.93 -4.22
N GLN D 257 24.50 8.84 -5.31
CA GLN D 257 23.96 8.48 -6.62
C GLN D 257 24.44 7.07 -6.90
N ASN D 258 25.68 6.82 -6.49
CA ASN D 258 26.38 5.53 -6.57
C ASN D 258 27.55 5.95 -5.69
N GLY D 259 28.29 6.93 -6.18
CA GLY D 259 29.36 7.53 -5.41
C GLY D 259 28.61 8.74 -4.86
N TYR D 260 29.31 9.77 -4.42
CA TYR D 260 28.60 10.95 -3.89
C TYR D 260 28.94 12.24 -4.63
N HIS D 261 27.94 13.12 -4.77
CA HIS D 261 28.18 14.40 -5.40
C HIS D 261 28.12 15.44 -4.28
N GLY D 262 28.59 16.66 -4.53
CA GLY D 262 28.59 17.68 -3.50
C GLY D 262 27.36 18.57 -3.46
N ARG D 263 26.54 18.49 -4.50
CA ARG D 263 25.32 19.30 -4.59
C ARG D 263 24.30 18.61 -5.47
N PRO D 264 23.00 18.82 -5.19
CA PRO D 264 21.96 18.20 -6.02
C PRO D 264 22.21 18.49 -7.50
N ASN D 265 21.99 17.49 -8.35
CA ASN D 265 22.17 17.62 -9.80
C ASN D 265 23.58 17.88 -10.30
N LYS D 266 24.58 17.52 -9.50
CA LYS D 266 25.98 17.67 -9.89
C LYS D 266 26.55 16.26 -10.01
N PRO D 267 27.53 16.06 -10.90
CA PRO D 267 28.11 14.72 -11.05
C PRO D 267 28.88 14.27 -9.80
N VAL D 268 28.90 12.96 -9.54
CA VAL D 268 29.60 12.45 -8.37
C VAL D 268 31.09 12.72 -8.49
N ASP D 269 31.74 12.74 -7.34
CA ASP D 269 33.16 13.03 -7.25
C ASP D 269 33.72 12.22 -6.07
N THR D 270 34.74 11.42 -6.34
CA THR D 270 35.34 10.60 -5.30
C THR D 270 35.51 11.23 -3.94
N CYS D 271 36.07 12.45 -3.86
CA CYS D 271 36.30 13.05 -2.56
C CYS D 271 35.06 13.25 -1.70
N TYR D 272 33.87 13.23 -2.31
CA TYR D 272 32.64 13.39 -1.55
C TYR D 272 32.26 12.14 -0.77
N SER D 273 32.90 11.01 -1.13
CA SER D 273 32.67 9.76 -0.43
C SER D 273 33.15 10.01 0.99
N PHE D 274 34.06 10.97 1.16
CA PHE D 274 34.50 11.31 2.50
C PHE D 274 33.74 12.51 3.03
N TRP D 275 33.73 13.62 2.29
CA TRP D 275 33.03 14.83 2.74
C TRP D 275 31.63 14.52 3.25
N VAL D 276 30.82 13.90 2.39
CA VAL D 276 29.45 13.55 2.77
C VAL D 276 29.42 12.28 3.63
N GLY D 277 30.18 11.27 3.21
CA GLY D 277 30.24 10.02 3.95
C GLY D 277 30.57 10.22 5.41
N ALA D 278 31.57 11.06 5.67
CA ALA D 278 31.98 11.33 7.03
C ALA D 278 30.90 12.08 7.80
N THR D 279 30.16 12.94 7.11
CA THR D 279 29.10 13.69 7.77
C THR D 279 28.01 12.70 8.18
N LEU D 280 27.68 11.79 7.27
CA LEU D 280 26.68 10.77 7.55
C LEU D 280 27.13 9.91 8.72
N LYS D 281 28.43 9.65 8.80
CA LYS D 281 28.99 8.85 9.89
C LYS D 281 28.81 9.62 11.19
N LEU D 282 29.11 10.91 11.17
CA LEU D 282 28.97 11.72 12.36
C LEU D 282 27.50 11.77 12.78
N LEU D 283 26.60 11.70 11.79
CA LEU D 283 25.18 11.74 12.07
C LEU D 283 24.61 10.33 12.34
N LYS D 284 25.52 9.38 12.50
CA LYS D 284 25.18 7.99 12.79
C LYS D 284 24.21 7.30 11.83
N ILE D 285 24.24 7.66 10.56
CA ILE D 285 23.35 6.98 9.60
C ILE D 285 24.10 6.55 8.34
N PHE D 286 25.43 6.63 8.36
CA PHE D 286 26.19 6.21 7.18
C PHE D 286 25.93 4.73 6.94
N GLN D 287 25.63 4.03 8.03
CA GLN D 287 25.33 2.60 8.02
C GLN D 287 24.16 2.25 7.12
N TYR D 288 23.29 3.23 6.87
CA TYR D 288 22.12 3.01 6.04
C TYR D 288 22.34 3.32 4.58
N THR D 289 23.56 3.69 4.21
CA THR D 289 23.85 3.97 2.79
C THR D 289 24.17 2.66 2.07
N ASN D 290 24.29 2.72 0.76
CA ASN D 290 24.61 1.53 -0.03
C ASN D 290 26.12 1.49 -0.15
N PHE D 291 26.77 0.53 0.53
CA PHE D 291 28.22 0.42 0.47
C PHE D 291 28.81 -0.02 -0.86
N GLU D 292 28.23 -1.06 -1.45
CA GLU D 292 28.76 -1.60 -2.70
C GLU D 292 28.89 -0.59 -3.84
N LYS D 293 27.84 0.16 -4.12
CA LYS D 293 27.88 1.16 -5.20
C LYS D 293 28.89 2.26 -4.94
N ASN D 294 29.04 2.62 -3.66
CA ASN D 294 29.99 3.64 -3.28
C ASN D 294 31.40 3.10 -3.52
N ARG D 295 31.70 1.95 -2.93
CA ARG D 295 33.00 1.33 -3.09
C ARG D 295 33.31 1.13 -4.57
N ASN D 296 32.32 0.65 -5.31
CA ASN D 296 32.50 0.41 -6.73
C ASN D 296 32.92 1.68 -7.46
N TYR D 297 32.25 2.79 -7.13
CA TYR D 297 32.56 4.06 -7.77
C TYR D 297 33.96 4.50 -7.42
N ILE D 298 34.29 4.51 -6.13
CA ILE D 298 35.61 4.93 -5.69
C ILE D 298 36.69 4.16 -6.43
N LEU D 299 36.57 2.84 -6.46
CA LEU D 299 37.57 2.03 -7.14
C LEU D 299 37.63 2.32 -8.63
N SER D 300 36.51 2.72 -9.22
CA SER D 300 36.51 3.00 -10.65
C SER D 300 37.36 4.23 -10.99
N THR D 301 37.76 4.99 -9.97
CA THR D 301 38.58 6.19 -10.20
C THR D 301 40.01 5.91 -9.78
N GLN D 302 40.30 4.66 -9.45
CA GLN D 302 41.63 4.26 -9.03
C GLN D 302 42.53 4.14 -10.25
N ASP D 303 43.73 4.72 -10.18
CA ASP D 303 44.68 4.62 -11.29
C ASP D 303 45.52 3.38 -11.03
N ARG D 304 45.21 2.31 -11.76
CA ARG D 304 45.90 1.04 -11.59
C ARG D 304 47.39 1.06 -11.98
N LEU D 305 47.76 2.05 -12.76
CA LEU D 305 49.14 2.17 -13.22
C LEU D 305 50.04 2.97 -12.26
N VAL D 306 49.69 4.23 -12.03
CA VAL D 306 50.49 5.10 -11.16
C VAL D 306 50.04 5.11 -9.70
N GLY D 307 48.83 4.64 -9.43
CA GLY D 307 48.34 4.64 -8.07
C GLY D 307 47.53 5.89 -7.78
N GLY D 308 46.94 5.96 -6.59
CA GLY D 308 46.11 7.10 -6.22
C GLY D 308 44.72 7.04 -6.85
N PHE D 309 43.89 8.05 -6.58
CA PHE D 309 42.55 8.12 -7.13
C PHE D 309 42.31 9.48 -7.78
N ALA D 310 41.31 9.55 -8.64
CA ALA D 310 40.96 10.79 -9.32
C ALA D 310 39.53 11.15 -8.92
N LYS D 311 39.04 12.31 -9.34
CA LYS D 311 37.67 12.67 -8.97
C LYS D 311 36.69 11.84 -9.79
N TRP D 312 37.06 11.59 -11.05
CA TRP D 312 36.23 10.80 -11.95
C TRP D 312 37.04 9.68 -12.56
N PRO D 313 36.36 8.63 -13.04
CA PRO D 313 37.11 7.51 -13.64
C PRO D 313 37.78 7.98 -14.92
N ASP D 314 38.88 7.34 -15.28
CA ASP D 314 39.62 7.71 -16.49
C ASP D 314 39.98 9.20 -16.44
N SER D 315 40.44 9.63 -15.27
CA SER D 315 40.85 11.02 -15.03
C SER D 315 42.17 10.88 -14.28
N HIS D 316 43.03 11.90 -14.32
CA HIS D 316 44.32 11.78 -13.64
C HIS D 316 44.22 11.88 -12.12
N PRO D 317 44.96 11.02 -11.41
CA PRO D 317 44.95 11.01 -9.94
C PRO D 317 45.73 12.15 -9.33
N ASP D 318 45.38 12.50 -8.09
CA ASP D 318 46.07 13.55 -7.36
C ASP D 318 46.07 13.18 -5.88
N ALA D 319 46.91 13.86 -5.09
CA ALA D 319 47.01 13.57 -3.67
C ALA D 319 45.71 13.73 -2.89
N LEU D 320 44.92 14.74 -3.26
CA LEU D 320 43.65 14.99 -2.56
C LEU D 320 42.65 13.85 -2.75
N HIS D 321 42.42 13.45 -3.99
CA HIS D 321 41.48 12.36 -4.24
C HIS D 321 42.03 11.00 -3.80
N ALA D 322 43.35 10.85 -3.85
CA ALA D 322 43.95 9.61 -3.41
C ALA D 322 43.65 9.48 -1.91
N TYR D 323 43.89 10.56 -1.18
CA TYR D 323 43.65 10.55 0.27
C TYR D 323 42.19 10.41 0.64
N PHE D 324 41.33 11.25 0.06
CA PHE D 324 39.91 11.19 0.40
C PHE D 324 39.25 9.92 -0.13
N GLY D 325 39.75 9.40 -1.24
CA GLY D 325 39.19 8.17 -1.76
C GLY D 325 39.46 7.05 -0.75
N ILE D 326 40.67 7.06 -0.21
CA ILE D 326 41.06 6.07 0.77
C ILE D 326 40.25 6.24 2.05
N CYS D 327 40.07 7.48 2.50
CA CYS D 327 39.28 7.71 3.71
C CYS D 327 37.83 7.31 3.45
N GLY D 328 37.40 7.44 2.20
CA GLY D 328 36.04 7.06 1.84
C GLY D 328 35.91 5.56 2.03
N LEU D 329 36.88 4.81 1.52
CA LEU D 329 36.90 3.36 1.65
C LEU D 329 36.94 2.99 3.14
N SER D 330 37.71 3.75 3.91
CA SER D 330 37.85 3.51 5.34
C SER D 330 36.52 3.58 6.07
N LEU D 331 35.70 4.54 5.68
CA LEU D 331 34.39 4.74 6.29
C LEU D 331 33.52 3.47 6.24
N MET D 332 33.70 2.70 5.17
CA MET D 332 32.95 1.46 4.99
C MET D 332 33.80 0.27 5.40
N GLU D 333 35.03 0.55 5.80
CA GLU D 333 36.00 -0.46 6.22
C GLU D 333 36.45 -1.28 5.01
N GLU D 334 37.71 -1.17 4.68
CA GLU D 334 38.29 -1.88 3.54
C GLU D 334 39.51 -2.60 4.10
N SER D 335 39.74 -3.82 3.65
CA SER D 335 40.88 -4.57 4.14
C SER D 335 42.16 -3.83 3.75
N GLY D 336 43.03 -3.62 4.72
CA GLY D 336 44.29 -2.95 4.45
C GLY D 336 44.31 -1.45 4.71
N ILE D 337 43.18 -0.91 5.18
CA ILE D 337 43.06 0.51 5.47
C ILE D 337 42.59 0.67 6.90
N CYS D 338 43.09 1.69 7.58
CA CYS D 338 42.75 1.93 8.96
C CYS D 338 41.47 2.74 9.08
N LYS D 339 40.90 2.69 10.28
CA LYS D 339 39.66 3.40 10.59
C LYS D 339 39.97 4.88 10.75
N VAL D 340 39.32 5.70 9.95
CA VAL D 340 39.52 7.15 10.00
C VAL D 340 38.55 7.83 10.98
N HIS D 341 39.05 8.76 11.77
CA HIS D 341 38.23 9.51 12.71
C HIS D 341 37.48 10.53 11.85
N PRO D 342 36.17 10.31 11.64
CA PRO D 342 35.34 11.19 10.82
C PRO D 342 35.37 12.72 11.02
N ALA D 343 35.46 13.20 12.25
CA ALA D 343 35.48 14.65 12.44
C ALA D 343 36.86 15.30 12.40
N LEU D 344 37.88 14.60 12.88
CA LEU D 344 39.22 15.15 12.93
C LEU D 344 40.03 14.92 11.66
N ASN D 345 39.54 14.02 10.82
CA ASN D 345 40.18 13.71 9.56
C ASN D 345 41.59 13.14 9.64
N VAL D 346 41.79 12.25 10.60
CA VAL D 346 43.06 11.55 10.82
C VAL D 346 42.66 10.14 11.18
N SER D 347 43.60 9.21 11.12
CA SER D 347 43.31 7.82 11.49
C SER D 347 43.00 7.81 12.98
N THR D 348 42.23 6.82 13.43
CA THR D 348 41.86 6.72 14.84
C THR D 348 43.10 6.47 15.70
N ARG D 349 44.05 5.71 15.16
CA ARG D 349 45.28 5.46 15.89
C ARG D 349 45.89 6.80 16.29
N THR D 350 45.92 7.74 15.33
CA THR D 350 46.45 9.07 15.57
C THR D 350 45.57 9.86 16.54
N SER D 351 44.25 9.74 16.42
CA SER D 351 43.35 10.47 17.31
C SER D 351 43.50 10.01 18.75
N GLU D 352 43.91 8.76 18.93
CA GLU D 352 44.12 8.20 20.26
C GLU D 352 45.49 8.66 20.77
N ARG D 353 46.46 8.69 19.86
CA ARG D 353 47.80 9.16 20.18
C ARG D 353 47.66 10.60 20.67
N LEU D 354 46.75 11.35 20.05
CA LEU D 354 46.49 12.74 20.42
C LEU D 354 45.78 12.79 21.77
N ARG D 355 44.93 11.81 22.00
CA ARG D 355 44.19 11.71 23.26
C ARG D 355 45.20 11.54 24.39
N ASP D 356 46.24 10.74 24.12
CA ASP D 356 47.29 10.50 25.09
C ASP D 356 48.01 11.80 25.39
N LEU D 357 48.43 12.50 24.33
CA LEU D 357 49.12 13.77 24.48
C LEU D 357 48.35 14.73 25.39
N HIS D 358 47.04 14.79 25.20
CA HIS D 358 46.23 15.69 26.00
C HIS D 358 46.25 15.36 27.49
N GLN D 359 46.34 14.06 27.81
CA GLN D 359 46.39 13.64 29.20
C GLN D 359 47.73 14.06 29.80
N SER D 360 48.81 13.73 29.10
CA SER D 360 50.13 14.08 29.58
C SER D 360 50.31 15.59 29.75
N TRP D 361 49.42 16.39 29.20
CA TRP D 361 49.50 17.84 29.35
C TRP D 361 48.71 18.22 30.59
N LYS D 362 47.64 17.47 30.83
CA LYS D 362 46.76 17.72 31.97
C LYS D 362 47.47 17.50 33.31
N THR D 363 48.70 17.00 33.28
CA THR D 363 49.47 16.77 34.51
C THR D 363 50.48 17.89 34.77
N PHE E 55 -1.77 61.26 9.33
CA PHE E 55 -3.13 61.76 8.95
C PHE E 55 -3.72 62.82 9.89
N LEU E 56 -4.28 62.37 11.01
CA LEU E 56 -4.91 63.25 12.00
C LEU E 56 -3.90 64.01 12.89
N SER E 57 -3.56 65.23 12.48
CA SER E 57 -2.59 66.06 13.19
C SER E 57 -2.85 66.24 14.69
N LEU E 58 -1.76 66.24 15.46
CA LEU E 58 -1.85 66.38 16.91
C LEU E 58 -2.44 67.72 17.37
N ASP E 59 -2.42 68.71 16.48
CA ASP E 59 -2.97 70.01 16.82
C ASP E 59 -4.18 70.33 15.95
N SER E 60 -4.76 69.28 15.36
CA SER E 60 -5.96 69.45 14.54
C SER E 60 -7.13 69.73 15.48
N PRO E 61 -8.11 70.53 15.03
CA PRO E 61 -9.27 70.85 15.86
C PRO E 61 -10.04 69.58 16.20
N THR E 62 -10.09 68.68 15.23
CA THR E 62 -10.81 67.41 15.37
C THR E 62 -10.01 66.25 15.96
N TYR E 63 -8.80 66.50 16.42
CA TYR E 63 -7.96 65.45 17.00
C TYR E 63 -8.72 64.73 18.10
N VAL E 64 -8.56 63.40 18.15
CA VAL E 64 -9.22 62.58 19.15
C VAL E 64 -8.21 61.68 19.87
N LEU E 65 -8.25 61.70 21.20
CA LEU E 65 -7.33 60.87 21.98
C LEU E 65 -7.41 59.43 21.46
N TYR E 66 -6.35 58.66 21.65
CA TYR E 66 -6.31 57.28 21.19
C TYR E 66 -7.29 56.43 21.99
N ARG E 67 -7.53 56.80 23.24
CA ARG E 67 -8.45 56.03 24.06
C ARG E 67 -9.89 56.20 23.57
N ASP E 68 -10.12 57.16 22.68
CA ASP E 68 -11.46 57.40 22.14
C ASP E 68 -11.53 57.09 20.66
N ARG E 69 -10.54 56.36 20.14
CA ARG E 69 -10.55 55.99 18.73
C ARG E 69 -11.03 54.55 18.62
N ALA E 70 -11.94 54.31 17.69
CA ALA E 70 -12.49 52.98 17.48
C ALA E 70 -11.40 51.97 17.11
N GLU E 71 -10.57 52.33 16.13
CA GLU E 71 -9.50 51.47 15.65
C GLU E 71 -8.58 50.97 16.77
N TRP E 72 -8.63 51.62 17.93
CA TRP E 72 -7.77 51.24 19.05
C TRP E 72 -8.53 50.71 20.26
N ALA E 73 -9.80 50.37 20.07
CA ALA E 73 -10.62 49.89 21.17
C ALA E 73 -10.18 48.53 21.70
N ASP E 74 -9.57 47.72 20.83
CA ASP E 74 -9.10 46.39 21.19
C ASP E 74 -7.84 46.37 22.04
N ILE E 75 -7.10 47.48 22.02
CA ILE E 75 -5.85 47.61 22.78
C ILE E 75 -6.03 48.27 24.14
N ASP E 76 -5.40 47.69 25.16
CA ASP E 76 -5.46 48.27 26.50
C ASP E 76 -4.18 49.07 26.70
N PRO E 77 -4.30 50.40 26.81
CA PRO E 77 -3.12 51.24 26.99
C PRO E 77 -2.29 50.80 28.20
N VAL E 78 -0.97 50.94 28.09
CA VAL E 78 -0.08 50.58 29.17
C VAL E 78 0.50 51.84 29.75
N PRO E 79 0.32 52.06 31.04
CA PRO E 79 0.84 53.25 31.71
C PRO E 79 2.26 53.07 32.21
N GLN E 80 2.98 54.17 32.35
CA GLN E 80 4.33 54.10 32.85
C GLN E 80 4.21 54.35 34.34
N ASN E 81 5.08 53.74 35.14
CA ASN E 81 5.01 53.93 36.59
C ASN E 81 6.40 53.94 37.23
N ASP E 82 6.71 55.06 37.89
CA ASP E 82 8.00 55.22 38.55
C ASP E 82 7.94 54.77 40.01
N GLY E 83 6.90 54.03 40.34
CA GLY E 83 6.76 53.53 41.70
C GLY E 83 6.39 54.59 42.74
N PRO E 84 6.43 54.21 44.03
CA PRO E 84 6.11 55.06 45.18
C PRO E 84 6.67 56.48 45.21
N SER E 85 7.98 56.63 44.98
CA SER E 85 8.59 57.95 45.00
C SER E 85 9.37 58.22 43.72
N PRO E 86 8.71 58.75 42.70
CA PRO E 86 9.40 59.04 41.44
C PRO E 86 10.45 60.13 41.55
N VAL E 87 11.52 60.01 40.75
CA VAL E 87 12.61 60.97 40.73
C VAL E 87 12.69 61.62 39.36
N VAL E 88 13.00 62.91 39.34
CA VAL E 88 13.10 63.66 38.09
C VAL E 88 11.90 63.30 37.21
N GLN E 89 10.71 63.44 37.77
CA GLN E 89 9.49 63.13 37.07
C GLN E 89 8.98 64.28 36.20
N ILE E 90 8.70 63.99 34.93
CA ILE E 90 8.21 64.97 34.00
C ILE E 90 6.69 64.88 33.94
N ILE E 91 6.00 66.01 34.04
CA ILE E 91 4.54 65.99 33.96
C ILE E 91 4.11 66.06 32.50
N TYR E 92 3.16 65.20 32.14
CA TYR E 92 2.68 65.13 30.77
C TYR E 92 1.22 65.49 30.60
N SER E 93 0.91 66.15 29.49
CA SER E 93 -0.46 66.54 29.18
C SER E 93 -1.27 65.30 28.86
N GLU E 94 -2.58 65.46 28.77
CA GLU E 94 -3.46 64.35 28.44
C GLU E 94 -3.05 63.76 27.09
N LYS E 95 -2.94 64.62 26.09
CA LYS E 95 -2.58 64.21 24.74
C LYS E 95 -1.29 63.40 24.71
N PHE E 96 -0.25 63.96 25.35
CA PHE E 96 1.05 63.32 25.40
C PHE E 96 0.98 61.94 26.03
N ARG E 97 0.51 61.88 27.27
CA ARG E 97 0.39 60.62 27.99
C ARG E 97 -0.45 59.61 27.20
N ASP E 98 -1.43 60.11 26.47
CA ASP E 98 -2.31 59.25 25.68
C ASP E 98 -1.54 58.57 24.56
N VAL E 99 -0.82 59.35 23.77
CA VAL E 99 -0.05 58.77 22.67
C VAL E 99 0.94 57.72 23.17
N TYR E 100 1.64 58.01 24.25
CA TYR E 100 2.62 57.09 24.77
C TYR E 100 2.06 55.88 25.50
N ASP E 101 0.86 56.01 26.06
CA ASP E 101 0.25 54.86 26.73
C ASP E 101 -0.06 53.80 25.67
N TYR E 102 -0.43 54.27 24.48
CA TYR E 102 -0.73 53.36 23.41
C TYR E 102 0.55 52.90 22.74
N PHE E 103 1.58 53.74 22.78
CA PHE E 103 2.86 53.35 22.19
C PHE E 103 3.38 52.16 23.01
N ARG E 104 3.35 52.30 24.34
CA ARG E 104 3.80 51.23 25.22
C ARG E 104 3.07 49.95 24.92
N ALA E 105 1.76 50.06 24.70
CA ALA E 105 0.92 48.91 24.42
C ALA E 105 1.38 48.21 23.13
N VAL E 106 1.48 48.96 22.05
CA VAL E 106 1.91 48.39 20.79
C VAL E 106 3.31 47.78 20.87
N LEU E 107 4.21 48.46 21.57
CA LEU E 107 5.59 47.97 21.74
C LEU E 107 5.60 46.64 22.47
N GLN E 108 5.01 46.65 23.66
CA GLN E 108 4.93 45.48 24.49
C GLN E 108 4.46 44.24 23.72
N ARG E 109 3.60 44.45 22.72
CA ARG E 109 3.07 43.34 21.93
C ARG E 109 3.81 43.17 20.63
N ASP E 110 4.80 44.02 20.40
CA ASP E 110 5.59 43.96 19.18
C ASP E 110 4.66 43.86 17.97
N GLU E 111 3.59 44.65 17.99
CA GLU E 111 2.61 44.66 16.91
C GLU E 111 3.15 45.34 15.65
N ARG E 112 3.39 44.58 14.59
CA ARG E 112 3.90 45.16 13.35
C ARG E 112 2.77 45.64 12.44
N SER E 113 1.91 46.51 12.98
CA SER E 113 0.77 47.00 12.20
C SER E 113 0.96 48.37 11.55
N GLU E 114 0.06 48.68 10.63
CA GLU E 114 0.08 49.95 9.93
C GLU E 114 -0.36 51.05 10.91
N ARG E 115 -1.23 50.70 11.84
CA ARG E 115 -1.71 51.69 12.80
C ARG E 115 -0.57 52.04 13.76
N ALA E 116 0.28 51.06 14.05
CA ALA E 116 1.41 51.27 14.95
C ALA E 116 2.38 52.21 14.24
N PHE E 117 2.60 51.96 12.95
CA PHE E 117 3.50 52.81 12.18
C PHE E 117 3.05 54.27 12.26
N LYS E 118 1.75 54.51 12.13
CA LYS E 118 1.22 55.86 12.19
C LYS E 118 1.36 56.42 13.61
N LEU E 119 1.22 55.56 14.60
CA LEU E 119 1.35 56.00 15.98
C LEU E 119 2.75 56.54 16.24
N THR E 120 3.78 55.92 15.65
CA THR E 120 5.15 56.37 15.87
C THR E 120 5.35 57.81 15.41
N ARG E 121 4.66 58.19 14.33
CA ARG E 121 4.79 59.55 13.81
C ARG E 121 4.40 60.55 14.92
N ASP E 122 3.34 60.24 15.63
CA ASP E 122 2.88 61.11 16.71
C ASP E 122 3.84 61.08 17.90
N ALA E 123 4.34 59.89 18.21
CA ALA E 123 5.27 59.73 19.32
C ALA E 123 6.53 60.52 19.03
N ILE E 124 6.95 60.51 17.76
CA ILE E 124 8.13 61.24 17.35
C ILE E 124 7.87 62.75 17.40
N GLU E 125 6.67 63.16 17.04
CA GLU E 125 6.35 64.59 17.07
C GLU E 125 6.39 65.07 18.50
N LEU E 126 5.97 64.21 19.43
CA LEU E 126 5.97 64.57 20.84
C LEU E 126 7.39 64.56 21.42
N ASN E 127 8.23 63.65 20.93
CA ASN E 127 9.60 63.53 21.42
C ASN E 127 10.51 62.78 20.47
N ALA E 128 11.20 63.50 19.61
CA ALA E 128 12.11 62.89 18.64
C ALA E 128 13.40 62.37 19.25
N ALA E 129 13.57 62.53 20.56
CA ALA E 129 14.78 62.08 21.23
C ALA E 129 14.62 60.68 21.81
N ASN E 130 13.44 60.10 21.65
CA ASN E 130 13.20 58.75 22.16
C ASN E 130 13.72 57.73 21.17
N TYR E 131 14.93 57.23 21.42
CA TYR E 131 15.57 56.27 20.55
C TYR E 131 14.78 54.98 20.31
N THR E 132 14.04 54.53 21.31
CA THR E 132 13.25 53.31 21.18
C THR E 132 12.20 53.48 20.08
N VAL E 133 11.53 54.63 20.08
CA VAL E 133 10.51 54.91 19.09
C VAL E 133 11.11 54.81 17.69
N TRP E 134 12.27 55.42 17.48
CA TRP E 134 12.88 55.35 16.16
C TRP E 134 13.26 53.91 15.79
N HIS E 135 13.71 53.14 16.76
CA HIS E 135 14.08 51.76 16.47
C HIS E 135 12.84 51.00 15.99
N PHE E 136 11.77 51.08 16.78
CA PHE E 136 10.53 50.40 16.45
C PHE E 136 10.03 50.85 15.08
N ARG E 137 10.16 52.14 14.81
CA ARG E 137 9.71 52.65 13.53
C ARG E 137 10.50 51.99 12.39
N ARG E 138 11.78 51.74 12.64
CA ARG E 138 12.63 51.10 11.63
C ARG E 138 12.18 49.64 11.46
N VAL E 139 11.83 49.00 12.57
CA VAL E 139 11.36 47.62 12.51
C VAL E 139 10.13 47.59 11.61
N LEU E 140 9.21 48.53 11.85
CA LEU E 140 7.97 48.62 11.08
C LEU E 140 8.25 48.96 9.62
N LEU E 141 9.20 49.85 9.37
CA LEU E 141 9.53 50.21 8.01
C LEU E 141 9.82 48.94 7.22
N ARG E 142 10.52 48.00 7.85
CA ARG E 142 10.87 46.75 7.19
C ARG E 142 9.65 45.83 7.10
N SER E 143 9.11 45.47 8.26
CA SER E 143 7.93 44.62 8.31
C SER E 143 6.87 45.01 7.29
N LEU E 144 6.50 46.29 7.27
CA LEU E 144 5.46 46.76 6.34
C LEU E 144 6.01 47.14 4.98
N GLN E 145 7.30 46.87 4.76
CA GLN E 145 7.93 47.20 3.49
C GLN E 145 7.53 48.57 2.96
N LYS E 146 7.67 49.58 3.81
CA LYS E 146 7.32 50.95 3.44
C LYS E 146 8.28 51.54 2.42
N ASP E 147 7.80 52.54 1.68
CA ASP E 147 8.61 53.21 0.67
C ASP E 147 9.67 54.02 1.42
N LEU E 148 10.93 53.61 1.28
CA LEU E 148 12.01 54.30 1.97
C LEU E 148 12.29 55.67 1.41
N GLN E 149 12.00 55.87 0.13
CA GLN E 149 12.24 57.16 -0.48
C GLN E 149 11.33 58.19 0.19
N GLU E 150 10.20 57.70 0.67
CA GLU E 150 9.22 58.53 1.36
C GLU E 150 9.79 58.88 2.73
N GLU E 151 10.32 57.87 3.42
CA GLU E 151 10.89 58.07 4.74
C GLU E 151 12.05 59.06 4.66
N MET E 152 12.77 59.08 3.54
CA MET E 152 13.86 60.02 3.39
C MET E 152 13.35 61.45 3.45
N ASN E 153 12.18 61.69 2.88
CA ASN E 153 11.60 63.03 2.89
C ASN E 153 11.21 63.37 4.32
N TYR E 154 10.65 62.39 5.01
CA TYR E 154 10.23 62.57 6.38
C TYR E 154 11.40 62.97 7.27
N ILE E 155 12.44 62.15 7.29
CA ILE E 155 13.60 62.42 8.13
C ILE E 155 14.28 63.71 7.69
N ILE E 156 14.23 64.05 6.41
CA ILE E 156 14.85 65.27 5.96
C ILE E 156 14.19 66.48 6.63
N ALA E 157 12.87 66.43 6.76
CA ALA E 157 12.13 67.53 7.38
C ALA E 157 12.45 67.56 8.88
N ILE E 158 12.38 66.40 9.52
CA ILE E 158 12.66 66.26 10.95
C ILE E 158 14.04 66.83 11.33
N ILE E 159 15.08 66.43 10.59
CA ILE E 159 16.41 66.91 10.89
C ILE E 159 16.53 68.43 10.74
N GLU E 160 15.83 69.01 9.78
CA GLU E 160 15.89 70.45 9.59
C GLU E 160 15.36 71.17 10.83
N GLU E 161 14.35 70.59 11.47
CA GLU E 161 13.75 71.18 12.65
C GLU E 161 14.60 70.91 13.90
N GLN E 162 15.29 69.76 13.92
CA GLN E 162 16.10 69.38 15.06
C GLN E 162 17.45 68.89 14.58
N PRO E 163 18.28 69.80 14.06
CA PRO E 163 19.61 69.46 13.55
C PRO E 163 20.66 69.03 14.57
N LYS E 164 20.33 69.07 15.85
CA LYS E 164 21.28 68.68 16.88
C LYS E 164 20.82 67.46 17.66
N ASN E 165 19.91 66.70 17.07
CA ASN E 165 19.37 65.49 17.69
C ASN E 165 20.14 64.25 17.18
N TYR E 166 20.71 63.48 18.09
CA TYR E 166 21.47 62.28 17.71
C TYR E 166 20.63 61.20 17.03
N GLN E 167 19.45 60.93 17.56
CA GLN E 167 18.59 59.89 17.00
C GLN E 167 18.18 60.11 15.55
N VAL E 168 17.92 61.36 15.17
CA VAL E 168 17.49 61.63 13.80
C VAL E 168 18.60 61.46 12.79
N TRP E 169 19.83 61.80 13.17
CA TRP E 169 20.95 61.64 12.25
C TRP E 169 21.28 60.16 12.10
N HIS E 170 21.10 59.41 13.18
CA HIS E 170 21.36 57.98 13.13
C HIS E 170 20.33 57.33 12.21
N HIS E 171 19.08 57.76 12.35
CA HIS E 171 18.01 57.21 11.51
C HIS E 171 18.32 57.46 10.04
N ARG E 172 18.69 58.67 9.69
CA ARG E 172 18.99 58.95 8.28
C ARG E 172 20.14 58.09 7.78
N ARG E 173 21.16 57.87 8.61
CA ARG E 173 22.28 57.07 8.19
C ARG E 173 21.86 55.63 7.91
N VAL E 174 20.98 55.09 8.74
CA VAL E 174 20.52 53.73 8.53
C VAL E 174 19.76 53.66 7.20
N LEU E 175 18.92 54.66 6.93
CA LEU E 175 18.16 54.68 5.68
C LEU E 175 19.07 54.71 4.47
N VAL E 176 20.06 55.59 4.50
CA VAL E 176 20.98 55.68 3.37
C VAL E 176 21.70 54.37 3.17
N GLU E 177 22.04 53.66 4.25
CA GLU E 177 22.72 52.37 4.13
C GLU E 177 21.76 51.40 3.44
N TRP E 178 20.52 51.37 3.89
CA TRP E 178 19.50 50.51 3.31
C TRP E 178 19.35 50.78 1.81
N LEU E 179 19.14 52.02 1.45
CA LEU E 179 18.96 52.39 0.06
C LEU E 179 20.23 52.30 -0.78
N LYS E 180 21.39 52.38 -0.14
CA LYS E 180 22.66 52.36 -0.86
C LYS E 180 22.60 53.50 -1.87
N ASP E 181 21.89 54.56 -1.49
CA ASP E 181 21.71 55.73 -2.34
C ASP E 181 22.19 57.00 -1.63
N PRO E 182 23.36 57.52 -2.01
CA PRO E 182 23.85 58.73 -1.35
C PRO E 182 23.59 59.98 -2.18
N SER E 183 22.92 59.80 -3.32
CA SER E 183 22.63 60.88 -4.27
C SER E 183 22.17 62.24 -3.72
N GLN E 184 21.42 62.26 -2.62
CA GLN E 184 20.98 63.55 -2.10
C GLN E 184 21.64 63.98 -0.80
N GLU E 185 22.62 63.21 -0.34
CA GLU E 185 23.29 63.53 0.91
C GLU E 185 24.14 64.80 0.95
N LEU E 186 25.11 64.92 0.05
CA LEU E 186 25.97 66.10 0.07
C LEU E 186 25.19 67.42 0.01
N GLU E 187 24.12 67.45 -0.76
CA GLU E 187 23.34 68.67 -0.87
C GLU E 187 22.54 68.92 0.40
N PHE E 188 21.98 67.87 0.97
CA PHE E 188 21.20 68.00 2.20
C PHE E 188 22.07 68.55 3.32
N ILE E 189 23.26 67.98 3.45
CA ILE E 189 24.19 68.40 4.49
C ILE E 189 24.59 69.86 4.28
N ALA E 190 24.86 70.23 3.04
CA ALA E 190 25.25 71.59 2.71
C ALA E 190 24.17 72.58 3.19
N ASP E 191 22.91 72.16 3.11
CA ASP E 191 21.80 73.01 3.54
C ASP E 191 21.82 73.13 5.05
N ILE E 192 21.98 72.01 5.75
CA ILE E 192 22.02 72.03 7.20
C ILE E 192 23.21 72.88 7.64
N LEU E 193 24.34 72.71 6.96
CA LEU E 193 25.52 73.46 7.30
C LEU E 193 25.29 74.95 7.06
N ASN E 194 24.17 75.29 6.44
CA ASN E 194 23.89 76.69 6.20
C ASN E 194 23.30 77.36 7.41
N GLN E 195 22.63 76.59 8.26
CA GLN E 195 22.09 77.20 9.45
C GLN E 195 23.08 77.06 10.61
N ASP E 196 24.19 76.39 10.36
CA ASP E 196 25.26 76.19 11.34
C ASP E 196 26.43 75.49 10.68
N ALA E 197 27.40 76.27 10.22
CA ALA E 197 28.56 75.72 9.52
C ALA E 197 29.47 74.85 10.39
N LYS E 198 29.15 74.74 11.67
CA LYS E 198 29.99 73.94 12.56
C LYS E 198 29.26 72.78 13.24
N ASN E 199 28.04 72.51 12.79
CA ASN E 199 27.22 71.44 13.34
C ASN E 199 28.03 70.14 13.28
N TYR E 200 28.43 69.63 14.43
CA TYR E 200 29.24 68.41 14.46
C TYR E 200 28.52 67.22 13.81
N HIS E 201 27.21 67.12 14.03
CA HIS E 201 26.43 66.02 13.47
C HIS E 201 26.50 66.02 11.94
N ALA E 202 26.38 67.21 11.37
CA ALA E 202 26.40 67.39 9.92
C ALA E 202 27.75 66.96 9.32
N TRP E 203 28.83 67.44 9.91
CA TRP E 203 30.15 67.09 9.41
C TRP E 203 30.43 65.60 9.55
N GLN E 204 29.96 65.03 10.64
CA GLN E 204 30.18 63.61 10.89
C GLN E 204 29.46 62.80 9.82
N HIS E 205 28.20 63.16 9.56
CA HIS E 205 27.42 62.46 8.56
C HIS E 205 28.05 62.64 7.18
N ARG E 206 28.53 63.85 6.92
CA ARG E 206 29.15 64.13 5.65
C ARG E 206 30.39 63.24 5.42
N GLN E 207 31.23 63.10 6.44
CA GLN E 207 32.42 62.27 6.29
C GLN E 207 32.04 60.81 6.08
N TRP E 208 30.98 60.37 6.76
CA TRP E 208 30.54 58.99 6.61
C TRP E 208 30.12 58.73 5.18
N VAL E 209 29.25 59.58 4.64
CA VAL E 209 28.79 59.43 3.28
C VAL E 209 29.96 59.41 2.29
N ILE E 210 30.78 60.45 2.33
CA ILE E 210 31.91 60.53 1.43
C ILE E 210 32.80 59.29 1.47
N GLN E 211 33.11 58.81 2.67
CA GLN E 211 33.94 57.63 2.84
C GLN E 211 33.26 56.36 2.34
N GLU E 212 32.03 56.14 2.80
CA GLU E 212 31.25 54.97 2.45
C GLU E 212 30.95 54.79 0.96
N PHE E 213 30.67 55.88 0.27
CA PHE E 213 30.35 55.79 -1.16
C PHE E 213 31.40 56.43 -2.05
N ARG E 214 32.60 56.60 -1.50
CA ARG E 214 33.73 57.22 -2.19
C ARG E 214 33.37 58.43 -3.07
N LEU E 215 32.84 59.47 -2.44
CA LEU E 215 32.46 60.69 -3.14
C LEU E 215 33.46 61.81 -2.87
N TRP E 216 34.73 61.58 -3.14
CA TRP E 216 35.75 62.58 -2.88
C TRP E 216 35.90 63.67 -3.93
N ASP E 217 35.58 63.32 -5.17
CA ASP E 217 35.69 64.20 -6.32
C ASP E 217 35.48 65.71 -6.17
N ASN E 218 34.43 66.12 -5.47
CA ASN E 218 34.16 67.55 -5.33
C ASN E 218 34.34 68.16 -3.94
N GLU E 219 34.71 67.34 -2.95
CA GLU E 219 34.83 67.87 -1.61
C GLU E 219 35.91 68.94 -1.42
N LEU E 220 37.09 68.74 -2.01
CA LEU E 220 38.15 69.74 -1.85
C LEU E 220 37.70 71.11 -2.36
N GLN E 221 36.81 71.09 -3.35
CA GLN E 221 36.31 72.32 -3.91
C GLN E 221 35.30 72.93 -2.94
N TYR E 222 34.46 72.08 -2.35
CA TYR E 222 33.46 72.52 -1.39
C TYR E 222 34.17 73.21 -0.23
N VAL E 223 35.29 72.61 0.17
CA VAL E 223 36.11 73.13 1.26
C VAL E 223 36.61 74.53 0.92
N ASP E 224 37.21 74.69 -0.27
CA ASP E 224 37.72 75.99 -0.71
C ASP E 224 36.64 77.05 -0.68
N GLN E 225 35.42 76.64 -1.02
CA GLN E 225 34.30 77.56 -1.03
C GLN E 225 33.96 78.01 0.38
N LEU E 226 33.82 77.05 1.30
CA LEU E 226 33.47 77.39 2.68
C LEU E 226 34.57 78.15 3.37
N LEU E 227 35.83 77.86 3.06
CA LEU E 227 36.91 78.58 3.69
C LEU E 227 36.89 80.03 3.27
N LYS E 228 36.30 80.31 2.10
CA LYS E 228 36.21 81.68 1.64
C LYS E 228 35.10 82.39 2.40
N GLU E 229 34.05 81.65 2.76
CA GLU E 229 32.94 82.22 3.50
C GLU E 229 33.33 82.56 4.93
N ASP E 230 34.26 81.77 5.49
CA ASP E 230 34.72 81.95 6.86
C ASP E 230 36.00 81.15 7.08
N VAL E 231 37.14 81.79 6.87
CA VAL E 231 38.43 81.14 7.02
C VAL E 231 38.73 80.69 8.45
N ARG E 232 37.86 81.05 9.39
CA ARG E 232 38.06 80.66 10.78
C ARG E 232 37.29 79.41 11.18
N ASN E 233 36.52 78.85 10.25
CA ASN E 233 35.76 77.66 10.57
C ASN E 233 36.66 76.43 10.69
N ASN E 234 36.95 76.06 11.93
CA ASN E 234 37.83 74.92 12.24
C ASN E 234 37.33 73.60 11.62
N SER E 235 36.02 73.48 11.45
CA SER E 235 35.42 72.27 10.86
C SER E 235 35.82 72.10 9.42
N VAL E 236 35.89 73.22 8.70
CA VAL E 236 36.24 73.18 7.29
C VAL E 236 37.71 72.84 7.11
N TRP E 237 38.56 73.35 7.99
CA TRP E 237 39.98 73.02 7.88
C TRP E 237 40.18 71.53 8.13
N ASN E 238 39.39 70.97 9.04
CA ASN E 238 39.51 69.56 9.32
C ASN E 238 39.04 68.77 8.09
N GLN E 239 37.97 69.25 7.47
CA GLN E 239 37.45 68.58 6.29
C GLN E 239 38.51 68.56 5.18
N ARG E 240 39.25 69.66 5.06
CA ARG E 240 40.30 69.75 4.06
C ARG E 240 41.31 68.63 4.28
N HIS E 241 41.77 68.50 5.51
CA HIS E 241 42.76 67.46 5.83
C HIS E 241 42.17 66.07 5.60
N PHE E 242 40.88 65.94 5.88
CA PHE E 242 40.15 64.68 5.70
C PHE E 242 40.23 64.27 4.23
N VAL E 243 39.84 65.18 3.33
CA VAL E 243 39.86 64.91 1.89
C VAL E 243 41.24 64.54 1.38
N ILE E 244 42.19 65.45 1.54
CA ILE E 244 43.53 65.22 1.06
C ILE E 244 44.17 63.94 1.59
N SER E 245 44.14 63.72 2.90
CA SER E 245 44.78 62.53 3.45
C SER E 245 44.10 61.24 2.98
N ASN E 246 42.86 61.32 2.53
CA ASN E 246 42.17 60.14 2.05
C ASN E 246 42.24 59.97 0.54
N THR E 247 42.89 60.92 -0.14
CA THR E 247 43.02 60.82 -1.59
C THR E 247 44.50 60.81 -1.96
N THR E 248 45.06 61.96 -2.30
CA THR E 248 46.46 62.05 -2.68
C THR E 248 47.45 61.82 -1.55
N GLY E 249 47.07 62.20 -0.33
CA GLY E 249 47.99 62.06 0.80
C GLY E 249 48.88 63.30 0.80
N TYR E 250 49.80 63.40 1.74
CA TYR E 250 50.68 64.58 1.77
C TYR E 250 52.13 64.25 1.43
N SER E 251 52.39 62.99 1.05
CA SER E 251 53.73 62.58 0.71
C SER E 251 54.19 63.12 -0.63
N ASP E 252 53.24 63.45 -1.50
CA ASP E 252 53.59 64.01 -2.80
C ASP E 252 54.05 65.43 -2.54
N ARG E 253 55.36 65.65 -2.58
CA ARG E 253 55.94 66.98 -2.35
C ARG E 253 55.21 68.10 -3.08
N ALA E 254 54.59 67.77 -4.21
CA ALA E 254 53.86 68.75 -4.99
C ALA E 254 52.63 69.18 -4.21
N VAL E 255 51.95 68.20 -3.62
CA VAL E 255 50.75 68.45 -2.83
C VAL E 255 51.09 69.19 -1.53
N LEU E 256 52.12 68.70 -0.83
CA LEU E 256 52.53 69.32 0.42
C LEU E 256 52.80 70.80 0.18
N GLU E 257 53.57 71.08 -0.86
CA GLU E 257 53.92 72.44 -1.23
C GLU E 257 52.66 73.26 -1.51
N ARG E 258 51.74 72.70 -2.30
CA ARG E 258 50.52 73.42 -2.64
C ARG E 258 49.77 73.78 -1.36
N GLU E 259 49.67 72.81 -0.45
CA GLU E 259 48.97 72.99 0.81
C GLU E 259 49.63 74.00 1.73
N VAL E 260 50.94 73.89 1.89
CA VAL E 260 51.64 74.83 2.75
C VAL E 260 51.48 76.23 2.19
N GLN E 261 51.55 76.36 0.87
CA GLN E 261 51.42 77.65 0.22
C GLN E 261 50.00 78.19 0.41
N TYR E 262 49.03 77.31 0.24
CA TYR E 262 47.63 77.68 0.38
C TYR E 262 47.34 78.23 1.78
N THR E 263 47.91 77.56 2.78
CA THR E 263 47.71 77.94 4.15
C THR E 263 48.39 79.27 4.46
N LEU E 264 49.66 79.41 4.07
CA LEU E 264 50.38 80.65 4.31
C LEU E 264 49.59 81.80 3.70
N GLU E 265 48.90 81.54 2.60
CA GLU E 265 48.09 82.57 1.97
C GLU E 265 46.93 82.96 2.84
N MET E 266 46.26 81.95 3.40
CA MET E 266 45.11 82.19 4.27
C MET E 266 45.57 82.89 5.55
N ILE E 267 46.74 82.50 6.04
CA ILE E 267 47.29 83.10 7.24
C ILE E 267 47.54 84.59 6.98
N LYS E 268 48.07 84.93 5.81
CA LYS E 268 48.32 86.34 5.47
C LYS E 268 47.03 87.14 5.44
N LEU E 269 45.92 86.52 5.04
CA LEU E 269 44.65 87.23 4.99
C LEU E 269 44.10 87.48 6.39
N VAL E 270 44.25 86.49 7.27
CA VAL E 270 43.77 86.59 8.64
C VAL E 270 44.81 85.90 9.50
N PRO E 271 45.88 86.61 9.86
CA PRO E 271 46.98 86.09 10.68
C PRO E 271 46.61 85.50 12.03
N HIS E 272 45.54 86.00 12.63
CA HIS E 272 45.11 85.49 13.93
C HIS E 272 44.04 84.43 13.72
N ASN E 273 44.46 83.22 13.38
CA ASN E 273 43.53 82.13 13.11
C ASN E 273 44.19 80.82 13.51
N GLU E 274 43.85 80.32 14.68
CA GLU E 274 44.44 79.09 15.20
C GLU E 274 44.26 77.92 14.24
N SER E 275 43.08 77.84 13.60
CA SER E 275 42.78 76.76 12.67
C SER E 275 43.80 76.65 11.56
N ALA E 276 44.08 77.76 10.90
CA ALA E 276 45.05 77.78 9.81
C ALA E 276 46.43 77.35 10.32
N TRP E 277 46.85 77.90 11.45
CA TRP E 277 48.16 77.54 11.99
C TRP E 277 48.24 76.06 12.40
N ASN E 278 47.14 75.52 12.91
CA ASN E 278 47.11 74.13 13.33
C ASN E 278 47.26 73.20 12.14
N TYR E 279 46.64 73.58 11.02
CA TYR E 279 46.71 72.80 9.79
C TYR E 279 48.15 72.81 9.29
N LEU E 280 48.72 74.01 9.19
CA LEU E 280 50.10 74.16 8.75
C LEU E 280 51.03 73.30 9.58
N LYS E 281 50.93 73.40 10.90
CA LYS E 281 51.79 72.61 11.78
C LYS E 281 51.43 71.13 11.67
N GLY E 282 50.15 70.87 11.48
CA GLY E 282 49.69 69.49 11.39
C GLY E 282 50.30 68.69 10.26
N ILE E 283 50.32 69.26 9.06
CA ILE E 283 50.85 68.56 7.89
C ILE E 283 52.38 68.52 7.83
N LEU E 284 53.04 69.22 8.75
CA LEU E 284 54.50 69.25 8.75
C LEU E 284 55.15 68.65 10.00
N GLN E 285 54.47 68.73 11.14
CA GLN E 285 55.06 68.25 12.39
C GLN E 285 55.63 66.84 12.38
N ASP E 286 55.01 65.93 11.63
CA ASP E 286 55.52 64.57 11.64
C ASP E 286 56.68 64.31 10.70
N ARG E 287 56.85 65.16 9.69
CA ARG E 287 57.97 64.99 8.78
C ARG E 287 59.18 65.75 9.35
N GLY E 288 58.92 66.57 10.36
CA GLY E 288 60.00 67.30 11.00
C GLY E 288 60.04 68.78 10.65
N LEU E 289 59.51 69.63 11.53
CA LEU E 289 59.48 71.06 11.29
C LEU E 289 60.84 71.66 10.94
N SER E 290 61.91 71.11 11.51
CA SER E 290 63.24 71.64 11.25
C SER E 290 63.81 71.26 9.87
N ARG E 291 63.15 70.35 9.15
CA ARG E 291 63.62 69.95 7.82
C ARG E 291 63.16 70.89 6.69
N TYR E 292 62.59 72.03 7.06
CA TYR E 292 62.09 73.00 6.08
C TYR E 292 62.66 74.40 6.34
N PRO E 293 63.95 74.59 5.99
CA PRO E 293 64.69 75.86 6.16
C PRO E 293 64.03 77.14 5.65
N ASN E 294 63.38 77.09 4.50
CA ASN E 294 62.75 78.30 3.98
C ASN E 294 61.53 78.72 4.80
N LEU E 295 60.91 77.75 5.47
CA LEU E 295 59.73 78.05 6.28
C LEU E 295 60.13 78.91 7.48
N LEU E 296 61.22 78.54 8.13
CA LEU E 296 61.67 79.29 9.29
C LEU E 296 61.89 80.76 8.94
N ASN E 297 62.50 81.02 7.79
CA ASN E 297 62.77 82.38 7.36
C ASN E 297 61.52 83.09 6.88
N GLN E 298 60.69 82.40 6.10
CA GLN E 298 59.47 83.01 5.60
C GLN E 298 58.56 83.45 6.76
N LEU E 299 58.59 82.69 7.85
CA LEU E 299 57.78 83.01 9.01
C LEU E 299 58.39 84.17 9.80
N LEU E 300 59.71 84.14 9.96
CA LEU E 300 60.41 85.21 10.67
C LEU E 300 60.16 86.55 9.97
N ASP E 301 59.90 86.49 8.66
CA ASP E 301 59.65 87.71 7.89
C ASP E 301 58.21 88.20 8.03
N LEU E 302 57.31 87.29 8.37
CA LEU E 302 55.91 87.65 8.57
C LEU E 302 55.76 88.34 9.92
N GLN E 303 56.57 87.88 10.87
CA GLN E 303 56.55 88.39 12.23
C GLN E 303 56.33 89.89 12.33
N PRO E 304 57.09 90.67 11.54
CA PRO E 304 56.94 92.13 11.57
C PRO E 304 55.49 92.64 11.45
N SER E 305 54.78 92.15 10.44
CA SER E 305 53.41 92.59 10.18
C SER E 305 52.28 91.63 10.59
N HIS E 306 52.40 90.36 10.22
CA HIS E 306 51.36 89.37 10.53
C HIS E 306 51.63 88.57 11.81
N SER E 307 52.20 89.21 12.84
CA SER E 307 52.49 88.49 14.08
C SER E 307 51.22 88.11 14.83
N SER E 308 51.33 87.07 15.63
CA SER E 308 50.24 86.57 16.43
C SER E 308 50.84 85.52 17.33
N PRO E 309 50.17 85.21 18.44
CA PRO E 309 50.70 84.20 19.35
C PRO E 309 50.92 82.86 18.63
N TYR E 310 50.06 82.58 17.64
CA TYR E 310 50.14 81.34 16.86
C TYR E 310 51.44 81.22 16.09
N LEU E 311 51.91 82.35 15.56
CA LEU E 311 53.16 82.41 14.82
C LEU E 311 54.33 82.20 15.77
N ILE E 312 54.38 82.96 16.86
CA ILE E 312 55.46 82.86 17.83
C ILE E 312 55.57 81.42 18.30
N ALA E 313 54.42 80.82 18.57
CA ALA E 313 54.36 79.44 19.04
C ALA E 313 54.97 78.52 18.00
N PHE E 314 54.57 78.69 16.75
CA PHE E 314 55.08 77.88 15.66
C PHE E 314 56.61 77.96 15.65
N LEU E 315 57.13 79.17 15.81
CA LEU E 315 58.57 79.38 15.84
C LEU E 315 59.21 78.59 16.99
N VAL E 316 58.61 78.66 18.18
CA VAL E 316 59.14 77.92 19.30
C VAL E 316 59.23 76.44 18.93
N ASP E 317 58.17 75.94 18.31
CA ASP E 317 58.10 74.53 17.87
C ASP E 317 59.20 74.17 16.89
N ILE E 318 59.44 75.04 15.92
CA ILE E 318 60.49 74.82 14.92
C ILE E 318 61.82 74.72 15.68
N TYR E 319 62.09 75.69 16.55
CA TYR E 319 63.31 75.69 17.33
C TYR E 319 63.49 74.41 18.15
N GLU E 320 62.40 73.94 18.75
CA GLU E 320 62.50 72.74 19.55
C GLU E 320 62.80 71.53 18.68
N ASP E 321 62.23 71.46 17.48
CA ASP E 321 62.50 70.32 16.61
C ASP E 321 63.99 70.31 16.25
N MET E 322 64.57 71.50 16.15
CA MET E 322 65.99 71.60 15.85
C MET E 322 66.77 71.00 17.00
N LEU E 323 66.57 71.54 18.20
CA LEU E 323 67.25 71.05 19.40
C LEU E 323 67.11 69.53 19.49
N GLU E 324 65.95 69.04 19.06
CA GLU E 324 65.64 67.61 19.08
C GLU E 324 66.57 66.85 18.16
N ASN E 325 66.85 67.45 17.01
CA ASN E 325 67.71 66.82 16.02
C ASN E 325 69.15 67.32 16.09
N GLN E 326 69.65 67.53 17.31
CA GLN E 326 71.02 67.99 17.51
C GLN E 326 71.50 68.95 16.42
N CYS E 327 70.87 70.12 16.34
CA CYS E 327 71.25 71.12 15.33
C CYS E 327 72.54 71.82 15.73
N ASP E 328 73.00 72.71 14.84
CA ASP E 328 74.21 73.49 15.07
C ASP E 328 73.84 74.70 15.90
N ASN E 329 74.62 74.97 16.94
CA ASN E 329 74.38 76.10 17.85
C ASN E 329 73.30 75.73 18.85
N LYS E 330 73.33 74.48 19.31
CA LYS E 330 72.33 74.02 20.26
C LYS E 330 72.00 75.08 21.30
N GLU E 331 73.02 75.57 22.01
CA GLU E 331 72.80 76.58 23.04
C GLU E 331 72.27 77.90 22.50
N ASP E 332 72.60 78.20 21.25
CA ASP E 332 72.15 79.44 20.63
C ASP E 332 70.67 79.36 20.29
N ILE E 333 70.26 78.23 19.72
CA ILE E 333 68.87 77.99 19.35
C ILE E 333 67.98 78.01 20.59
N LEU E 334 68.41 77.29 21.63
CA LEU E 334 67.67 77.21 22.88
C LEU E 334 67.30 78.59 23.40
N ASN E 335 68.23 79.54 23.28
CA ASN E 335 67.99 80.89 23.75
C ASN E 335 66.95 81.61 22.91
N LYS E 336 66.93 81.31 21.63
CA LYS E 336 65.95 81.95 20.75
C LYS E 336 64.55 81.41 21.11
N ALA E 337 64.50 80.16 21.51
CA ALA E 337 63.24 79.53 21.90
C ALA E 337 62.75 80.15 23.20
N LEU E 338 63.60 80.10 24.22
CA LEU E 338 63.29 80.65 25.54
C LEU E 338 62.89 82.11 25.44
N GLU E 339 63.53 82.86 24.56
CA GLU E 339 63.21 84.26 24.40
C GLU E 339 61.79 84.41 23.89
N LEU E 340 61.39 83.51 23.00
CA LEU E 340 60.04 83.55 22.44
C LEU E 340 59.03 83.10 23.49
N CYS E 341 59.38 82.08 24.26
CA CYS E 341 58.49 81.60 25.31
C CYS E 341 58.14 82.77 26.22
N GLU E 342 59.16 83.52 26.64
CA GLU E 342 58.95 84.64 27.53
C GLU E 342 58.10 85.75 26.87
N ILE E 343 58.27 85.93 25.57
CA ILE E 343 57.48 86.94 24.86
C ILE E 343 56.02 86.53 24.90
N LEU E 344 55.80 85.22 24.80
CA LEU E 344 54.45 84.66 24.83
C LEU E 344 53.86 84.86 26.21
N ALA E 345 54.61 84.50 27.25
CA ALA E 345 54.16 84.62 28.63
C ALA E 345 53.90 86.06 29.04
N LYS E 346 54.88 86.93 28.81
CA LYS E 346 54.77 88.32 29.21
C LYS E 346 53.88 89.23 28.37
N GLU E 347 53.82 89.04 27.06
CA GLU E 347 53.00 89.95 26.27
C GLU E 347 52.08 89.41 25.16
N LYS E 348 52.46 88.33 24.51
CA LYS E 348 51.63 87.82 23.40
C LYS E 348 50.47 86.87 23.70
N ASP E 349 50.66 85.97 24.67
CA ASP E 349 49.64 85.00 25.04
C ASP E 349 49.60 84.91 26.57
N THR E 350 49.46 86.06 27.23
CA THR E 350 49.47 86.14 28.69
C THR E 350 48.57 85.17 29.45
N ILE E 351 47.41 84.84 28.89
CA ILE E 351 46.50 83.92 29.58
C ILE E 351 47.17 82.57 29.81
N ARG E 352 48.16 82.23 28.99
CA ARG E 352 48.87 80.97 29.14
C ARG E 352 50.28 81.22 29.71
N LYS E 353 50.41 82.39 30.35
CA LYS E 353 51.65 82.82 30.98
C LYS E 353 52.38 81.69 31.73
N GLU E 354 51.70 81.02 32.65
CA GLU E 354 52.35 79.93 33.41
C GLU E 354 52.71 78.72 32.56
N TYR E 355 51.93 78.47 31.50
CA TYR E 355 52.18 77.34 30.61
C TYR E 355 53.44 77.57 29.81
N TRP E 356 53.56 78.76 29.24
CA TRP E 356 54.73 79.08 28.43
C TRP E 356 55.98 79.08 29.32
N ARG E 357 55.85 79.57 30.55
CA ARG E 357 56.97 79.57 31.47
C ARG E 357 57.38 78.11 31.73
N TYR E 358 56.38 77.24 31.84
CA TYR E 358 56.60 75.82 32.07
C TYR E 358 57.30 75.21 30.86
N ILE E 359 56.86 75.59 29.66
CA ILE E 359 57.45 75.06 28.45
C ILE E 359 58.92 75.48 28.40
N GLY E 360 59.18 76.75 28.71
CA GLY E 360 60.53 77.25 28.71
C GLY E 360 61.42 76.45 29.65
N ARG E 361 60.98 76.29 30.89
CA ARG E 361 61.73 75.53 31.88
C ARG E 361 62.02 74.13 31.36
N SER E 362 61.08 73.58 30.60
CA SER E 362 61.23 72.24 30.05
C SER E 362 62.33 72.18 29.00
N LEU E 363 62.39 73.20 28.15
CA LEU E 363 63.41 73.27 27.11
C LEU E 363 64.79 73.43 27.76
N GLN E 364 64.85 74.24 28.83
CA GLN E 364 66.08 74.47 29.56
C GLN E 364 66.65 73.16 30.04
N SER E 365 65.95 72.55 30.98
CA SER E 365 66.39 71.29 31.57
C SER E 365 66.45 70.11 30.60
N LYS E 366 66.23 70.35 29.31
CA LYS E 366 66.29 69.26 28.34
C LYS E 366 67.44 69.47 27.36
N HIS E 367 67.90 70.71 27.22
CA HIS E 367 68.99 71.04 26.30
C HIS E 367 69.99 72.03 26.92
N SER E 368 70.83 71.56 27.84
CA SER E 368 71.84 72.43 28.47
C SER E 368 73.02 71.66 29.06
N LEU F 18 31.89 87.17 41.04
CA LEU F 18 31.63 87.60 42.45
C LEU F 18 31.79 86.42 43.43
N ASP F 19 30.65 86.02 44.00
CA ASP F 19 30.60 84.93 44.95
C ASP F 19 29.82 83.75 44.37
N PHE F 20 29.86 82.64 45.09
CA PHE F 20 29.21 81.40 44.70
C PHE F 20 27.94 81.17 45.55
N LEU F 21 26.76 81.31 44.92
CA LEU F 21 25.48 81.12 45.60
C LEU F 21 25.19 79.66 45.92
N ARG F 22 26.07 79.06 46.71
CA ARG F 22 25.97 77.66 47.10
C ARG F 22 24.57 77.13 47.42
N ASP F 23 23.88 77.77 48.36
CA ASP F 23 22.53 77.33 48.75
C ASP F 23 21.52 77.40 47.60
N ARG F 24 21.63 78.47 46.83
CA ARG F 24 20.75 78.65 45.70
C ARG F 24 20.87 77.42 44.79
N HIS F 25 22.11 76.94 44.59
CA HIS F 25 22.36 75.77 43.74
C HIS F 25 21.87 74.48 44.37
N VAL F 26 21.93 74.37 45.70
CA VAL F 26 21.43 73.17 46.34
C VAL F 26 19.93 73.07 46.04
N ARG F 27 19.21 74.17 46.22
CA ARG F 27 17.79 74.18 45.95
C ARG F 27 17.52 73.83 44.50
N PHE F 28 18.34 74.38 43.59
CA PHE F 28 18.19 74.10 42.17
C PHE F 28 18.26 72.59 41.90
N PHE F 29 19.26 71.92 42.45
CA PHE F 29 19.39 70.48 42.24
C PHE F 29 18.22 69.75 42.85
N GLN F 30 17.79 70.22 44.02
CA GLN F 30 16.66 69.62 44.70
C GLN F 30 15.43 69.58 43.80
N ARG F 31 15.12 70.72 43.19
CA ARG F 31 13.98 70.81 42.30
C ARG F 31 14.11 69.85 41.12
N CYS F 32 15.33 69.67 40.63
CA CYS F 32 15.56 68.77 39.50
C CYS F 32 15.12 67.34 39.83
N LEU F 33 15.36 66.90 41.06
CA LEU F 33 14.98 65.56 41.47
C LEU F 33 13.48 65.40 41.70
N GLN F 34 12.77 66.53 41.76
CA GLN F 34 11.34 66.50 42.02
C GLN F 34 10.46 66.37 40.78
N VAL F 35 9.94 67.50 40.31
CA VAL F 35 9.09 67.45 39.13
C VAL F 35 9.53 68.46 38.10
N LEU F 36 9.32 68.12 36.83
CA LEU F 36 9.70 68.99 35.73
C LEU F 36 8.52 69.25 34.81
N PRO F 37 8.45 70.44 34.22
CA PRO F 37 7.37 70.84 33.31
C PRO F 37 7.46 70.02 32.03
N GLU F 38 6.32 69.80 31.38
CA GLU F 38 6.30 69.01 30.15
C GLU F 38 7.30 69.53 29.12
N ARG F 39 7.88 70.70 29.39
CA ARG F 39 8.85 71.30 28.49
C ARG F 39 10.11 70.44 28.39
N TYR F 40 10.36 69.62 29.40
CA TYR F 40 11.55 68.77 29.44
C TYR F 40 11.29 67.34 28.98
N SER F 41 10.20 67.16 28.24
CA SER F 41 9.80 65.85 27.73
C SER F 41 10.88 65.14 26.92
N SER F 42 11.73 65.91 26.25
CA SER F 42 12.77 65.30 25.43
C SER F 42 13.85 64.64 26.28
N LEU F 43 13.75 64.77 27.59
CA LEU F 43 14.73 64.18 28.50
C LEU F 43 14.21 62.89 29.12
N GLU F 44 12.99 62.51 28.79
CA GLU F 44 12.39 61.31 29.35
C GLU F 44 13.35 60.11 29.38
N THR F 45 13.92 59.77 28.23
CA THR F 45 14.81 58.62 28.16
C THR F 45 16.20 58.85 28.75
N SER F 46 16.43 60.01 29.38
CA SER F 46 17.73 60.31 29.96
C SER F 46 17.56 60.81 31.37
N ARG F 47 16.40 60.52 31.96
CA ARG F 47 16.12 60.99 33.30
C ARG F 47 17.15 60.56 34.32
N LEU F 48 17.69 59.35 34.14
CA LEU F 48 18.69 58.86 35.06
C LEU F 48 19.95 59.72 35.05
N THR F 49 20.34 60.23 33.89
CA THR F 49 21.53 61.08 33.86
C THR F 49 21.20 62.45 34.45
N ILE F 50 19.92 62.87 34.37
CA ILE F 50 19.54 64.15 34.95
C ILE F 50 19.63 63.99 36.46
N ALA F 51 19.23 62.80 36.93
CA ALA F 51 19.30 62.48 38.36
C ALA F 51 20.75 62.53 38.78
N PHE F 52 21.62 61.97 37.93
CA PHE F 52 23.05 61.95 38.18
C PHE F 52 23.59 63.37 38.35
N PHE F 53 23.23 64.26 37.42
CA PHE F 53 23.70 65.62 37.50
C PHE F 53 23.30 66.26 38.84
N ALA F 54 22.09 65.96 39.28
CA ALA F 54 21.58 66.52 40.52
C ALA F 54 22.19 65.88 41.77
N LEU F 55 22.21 64.55 41.80
CA LEU F 55 22.77 63.82 42.92
C LEU F 55 24.27 64.07 43.06
N SER F 56 25.00 63.95 41.97
CA SER F 56 26.44 64.18 42.01
C SER F 56 26.69 65.66 42.31
N GLY F 57 25.80 66.53 41.84
CA GLY F 57 25.94 67.95 42.10
C GLY F 57 25.74 68.23 43.59
N LEU F 58 24.74 67.56 44.17
CA LEU F 58 24.46 67.71 45.59
C LEU F 58 25.61 67.15 46.39
N ASP F 59 26.12 65.99 45.96
CA ASP F 59 27.25 65.35 46.62
C ASP F 59 28.45 66.32 46.62
N MET F 60 28.73 66.89 45.45
CA MET F 60 29.83 67.83 45.27
C MET F 60 29.66 69.06 46.17
N LEU F 61 28.42 69.40 46.51
CA LEU F 61 28.15 70.54 47.38
C LEU F 61 27.99 70.06 48.82
N ASP F 62 28.17 68.76 49.02
CA ASP F 62 28.05 68.16 50.35
C ASP F 62 26.67 68.40 50.95
N SER F 63 25.62 68.15 50.18
CA SER F 63 24.25 68.34 50.64
C SER F 63 23.36 67.17 50.30
N LEU F 64 23.92 65.96 50.25
CA LEU F 64 23.10 64.80 49.92
C LEU F 64 22.02 64.53 50.97
N ASP F 65 22.23 65.06 52.17
CA ASP F 65 21.27 64.89 53.26
C ASP F 65 19.86 65.41 52.93
N VAL F 66 19.76 66.40 52.04
CA VAL F 66 18.46 66.96 51.69
C VAL F 66 17.58 66.04 50.85
N VAL F 67 18.02 64.81 50.62
CA VAL F 67 17.21 63.88 49.83
C VAL F 67 17.11 62.55 50.54
N ASN F 68 16.12 61.76 50.15
CA ASN F 68 15.95 60.46 50.75
C ASN F 68 16.72 59.45 49.93
N LYS F 69 17.94 59.16 50.35
CA LYS F 69 18.80 58.22 49.65
C LYS F 69 18.11 56.89 49.37
N ASP F 70 17.39 56.39 50.37
CA ASP F 70 16.72 55.10 50.23
C ASP F 70 15.67 55.05 49.13
N ASP F 71 14.84 56.09 49.05
CA ASP F 71 13.81 56.13 48.03
C ASP F 71 14.44 56.16 46.66
N ILE F 72 15.42 57.05 46.49
CA ILE F 72 16.11 57.19 45.22
C ILE F 72 16.82 55.92 44.82
N ILE F 73 17.47 55.26 45.77
CA ILE F 73 18.17 54.02 45.46
C ILE F 73 17.22 52.97 44.92
N GLU F 74 15.99 52.94 45.44
CA GLU F 74 15.00 51.97 44.98
C GLU F 74 14.57 52.29 43.57
N TRP F 75 14.39 53.59 43.31
CA TRP F 75 13.98 54.05 41.99
C TRP F 75 15.02 53.61 40.97
N ILE F 76 16.29 53.86 41.30
CA ILE F 76 17.38 53.50 40.40
C ILE F 76 17.37 52.00 40.10
N TYR F 77 17.27 51.18 41.14
CA TYR F 77 17.25 49.76 40.95
C TYR F 77 16.06 49.30 40.13
N SER F 78 15.01 50.10 40.10
CA SER F 78 13.84 49.75 39.31
C SER F 78 14.15 49.95 37.84
N LEU F 79 15.28 50.61 37.56
CA LEU F 79 15.68 50.87 36.19
C LEU F 79 16.64 49.82 35.64
N GLN F 80 17.02 48.85 36.47
CA GLN F 80 17.94 47.81 36.00
C GLN F 80 17.26 46.73 35.18
N VAL F 81 17.81 46.47 33.99
CA VAL F 81 17.29 45.44 33.12
C VAL F 81 17.98 44.16 33.57
N LEU F 82 17.30 43.39 34.40
CA LEU F 82 17.85 42.14 34.92
C LEU F 82 17.64 40.99 33.97
N PRO F 83 18.49 39.96 34.05
CA PRO F 83 18.30 38.82 33.15
C PRO F 83 17.05 38.04 33.54
N THR F 84 16.32 37.57 32.53
CA THR F 84 15.11 36.80 32.77
C THR F 84 15.45 35.41 33.29
N GLU F 85 14.40 34.64 33.62
CA GLU F 85 14.57 33.28 34.14
C GLU F 85 15.52 32.46 33.26
N ASP F 86 15.20 32.37 31.98
CA ASP F 86 16.01 31.61 31.03
C ASP F 86 17.35 32.27 30.71
N ARG F 87 17.50 33.53 31.12
CA ARG F 87 18.73 34.29 30.87
C ARG F 87 19.06 34.43 29.38
N SER F 88 18.02 34.53 28.57
CA SER F 88 18.19 34.68 27.13
C SER F 88 18.37 36.15 26.71
N ASN F 89 18.35 37.04 27.70
CA ASN F 89 18.49 38.47 27.44
C ASN F 89 19.74 39.06 28.08
N LEU F 90 20.77 38.25 28.28
CA LEU F 90 21.99 38.76 28.89
C LEU F 90 22.64 39.88 28.09
N ASP F 91 22.62 39.75 26.77
CA ASP F 91 23.20 40.76 25.90
C ASP F 91 22.49 42.10 25.94
N ARG F 92 21.41 42.18 26.70
CA ARG F 92 20.65 43.42 26.79
C ARG F 92 20.52 43.98 28.19
N CYS F 93 21.27 43.43 29.14
CA CYS F 93 21.17 43.92 30.51
C CYS F 93 21.98 45.18 30.74
N GLY F 94 21.60 45.91 31.78
CA GLY F 94 22.25 47.15 32.14
C GLY F 94 21.17 48.00 32.79
N PHE F 95 21.14 49.30 32.50
CA PHE F 95 20.09 50.15 33.08
C PHE F 95 19.33 50.96 32.03
N ARG F 96 18.10 51.34 32.37
CA ARG F 96 17.24 52.15 31.49
C ARG F 96 17.36 53.58 31.97
N GLY F 97 17.02 54.52 31.10
CA GLY F 97 17.06 55.93 31.47
C GLY F 97 15.88 56.29 32.34
N SER F 98 14.78 55.56 32.18
CA SER F 98 13.55 55.77 32.93
C SER F 98 12.62 54.59 32.72
N SER F 99 11.40 54.74 33.21
CA SER F 99 10.38 53.71 33.09
C SER F 99 9.44 53.90 31.91
N TYR F 100 9.87 54.67 30.93
CA TYR F 100 9.02 54.95 29.77
C TYR F 100 8.46 53.74 29.01
N LEU F 101 9.05 52.56 29.17
CA LEU F 101 8.53 51.39 28.44
C LEU F 101 7.28 50.78 29.05
N GLY F 102 6.95 51.18 30.27
CA GLY F 102 5.76 50.65 30.91
C GLY F 102 5.93 49.37 31.69
N ILE F 103 7.17 49.00 31.97
CA ILE F 103 7.43 47.79 32.73
C ILE F 103 7.09 48.04 34.19
N PRO F 104 6.37 47.11 34.82
CA PRO F 104 5.96 47.20 36.23
C PRO F 104 7.11 47.42 37.20
N PHE F 105 6.99 48.46 38.01
CA PHE F 105 7.99 48.80 39.01
C PHE F 105 8.55 47.59 39.73
N ASN F 106 9.86 47.41 39.69
CA ASN F 106 10.53 46.30 40.34
C ASN F 106 11.96 46.69 40.71
N PRO F 107 12.18 47.13 41.95
CA PRO F 107 13.51 47.53 42.42
C PRO F 107 14.52 46.39 42.49
N SER F 108 14.72 45.73 41.35
CA SER F 108 15.65 44.61 41.25
C SER F 108 15.39 43.61 42.38
N LYS F 109 14.11 43.31 42.60
CA LYS F 109 13.72 42.37 43.64
C LYS F 109 13.41 41.01 43.00
N ASN F 110 12.60 41.01 41.95
CA ASN F 110 12.23 39.77 41.27
C ASN F 110 13.03 39.65 39.97
N PRO F 111 12.97 38.47 39.32
CA PRO F 111 13.73 38.30 38.07
C PRO F 111 13.15 39.20 36.99
N GLY F 112 13.91 39.39 35.92
CA GLY F 112 13.46 40.25 34.84
C GLY F 112 12.27 39.73 34.06
N THR F 113 11.37 40.64 33.69
CA THR F 113 10.17 40.28 32.93
C THR F 113 10.46 40.56 31.45
N ALA F 114 10.38 39.51 30.63
CA ALA F 114 10.64 39.62 29.20
C ALA F 114 9.86 40.75 28.53
N HIS F 115 10.50 41.37 27.54
CA HIS F 115 9.90 42.47 26.79
C HIS F 115 10.72 42.60 25.50
N PRO F 116 10.07 42.48 24.35
CA PRO F 116 10.74 42.59 23.05
C PRO F 116 11.68 43.78 22.85
N TYR F 117 11.42 44.90 23.52
CA TYR F 117 12.26 46.07 23.32
C TYR F 117 12.92 46.66 24.56
N ASP F 118 12.88 45.94 25.68
CA ASP F 118 13.51 46.45 26.89
C ASP F 118 14.97 46.01 27.00
N SER F 119 15.86 46.98 27.12
CA SER F 119 17.29 46.70 27.26
C SER F 119 17.95 47.95 27.83
N GLY F 120 19.20 47.81 28.27
CA GLY F 120 19.89 48.94 28.85
C GLY F 120 20.47 49.92 27.84
N HIS F 121 20.95 51.03 28.35
CA HIS F 121 21.57 52.08 27.55
C HIS F 121 22.89 52.38 28.27
N ILE F 122 24.00 52.22 27.55
CA ILE F 122 25.31 52.42 28.12
C ILE F 122 25.51 53.67 29.00
N ALA F 123 24.94 54.80 28.61
CA ALA F 123 25.09 56.02 29.39
C ALA F 123 24.26 55.94 30.68
N MET F 124 23.24 55.10 30.65
CA MET F 124 22.38 54.94 31.83
C MET F 124 22.99 53.92 32.79
N THR F 125 23.61 52.88 32.25
CA THR F 125 24.27 51.89 33.09
C THR F 125 25.37 52.63 33.83
N TYR F 126 26.04 53.53 33.12
CA TYR F 126 27.12 54.32 33.69
C TYR F 126 26.61 55.26 34.79
N THR F 127 25.70 56.18 34.44
CA THR F 127 25.16 57.12 35.42
C THR F 127 24.39 56.43 36.53
N GLY F 128 23.81 55.27 36.21
CA GLY F 128 23.08 54.50 37.21
C GLY F 128 24.01 54.01 38.31
N LEU F 129 25.02 53.23 37.93
CA LEU F 129 25.99 52.70 38.88
C LEU F 129 26.61 53.88 39.64
N SER F 130 26.93 54.92 38.89
CA SER F 130 27.53 56.11 39.47
C SER F 130 26.63 56.68 40.58
N CYS F 131 25.32 56.77 40.31
CA CYS F 131 24.37 57.28 41.30
C CYS F 131 24.30 56.39 42.54
N LEU F 132 24.25 55.08 42.32
CA LEU F 132 24.18 54.14 43.42
C LEU F 132 25.34 54.35 44.39
N ILE F 133 26.56 54.44 43.85
CA ILE F 133 27.74 54.66 44.67
C ILE F 133 27.67 55.98 45.42
N ILE F 134 27.24 57.03 44.74
CA ILE F 134 27.12 58.34 45.35
C ILE F 134 26.13 58.30 46.53
N LEU F 135 25.06 57.52 46.38
CA LEU F 135 24.05 57.41 47.42
C LEU F 135 24.42 56.45 48.55
N GLY F 136 25.57 55.78 48.44
CA GLY F 136 26.00 54.88 49.49
C GLY F 136 25.69 53.42 49.30
N ASP F 137 24.93 53.08 48.27
CA ASP F 137 24.58 51.69 48.03
C ASP F 137 25.86 50.89 47.76
N ASP F 138 25.84 49.59 48.01
CA ASP F 138 27.01 48.76 47.82
C ASP F 138 27.00 47.93 46.54
N LEU F 139 26.03 48.21 45.66
CA LEU F 139 25.91 47.51 44.38
C LEU F 139 25.63 46.01 44.48
N SER F 140 25.21 45.56 45.66
CA SER F 140 24.92 44.13 45.84
C SER F 140 23.77 43.66 44.97
N ARG F 141 22.83 44.55 44.68
CA ARG F 141 21.68 44.19 43.85
C ARG F 141 21.94 44.39 42.37
N VAL F 142 23.18 44.72 42.02
CA VAL F 142 23.55 44.89 40.63
C VAL F 142 24.05 43.55 40.12
N ASP F 143 23.46 43.06 39.03
CA ASP F 143 23.90 41.80 38.46
C ASP F 143 25.13 42.13 37.62
N LYS F 144 26.27 42.27 38.30
CA LYS F 144 27.52 42.60 37.66
C LYS F 144 27.82 41.84 36.37
N GLU F 145 27.68 40.52 36.41
CA GLU F 145 27.96 39.73 35.21
C GLU F 145 27.02 40.04 34.06
N ALA F 146 25.76 40.34 34.37
CA ALA F 146 24.78 40.65 33.33
C ALA F 146 25.15 41.99 32.68
N CYS F 147 25.50 42.97 33.50
CA CYS F 147 25.89 44.26 32.98
C CYS F 147 27.12 44.12 32.08
N LEU F 148 28.13 43.39 32.56
CA LEU F 148 29.36 43.19 31.77
C LEU F 148 29.07 42.47 30.46
N ALA F 149 28.12 41.55 30.51
CA ALA F 149 27.72 40.81 29.32
C ALA F 149 27.08 41.78 28.34
N GLY F 150 26.24 42.66 28.87
CA GLY F 150 25.57 43.65 28.05
C GLY F 150 26.56 44.63 27.45
N LEU F 151 27.51 45.06 28.27
CA LEU F 151 28.53 45.98 27.81
C LEU F 151 29.31 45.38 26.63
N ARG F 152 29.81 44.16 26.80
CA ARG F 152 30.57 43.50 25.74
C ARG F 152 29.83 43.50 24.42
N ALA F 153 28.51 43.30 24.49
CA ALA F 153 27.67 43.26 23.30
C ALA F 153 27.59 44.59 22.56
N LEU F 154 27.97 45.67 23.23
CA LEU F 154 27.91 46.99 22.60
C LEU F 154 29.17 47.41 21.84
N GLN F 155 30.29 46.71 22.07
CA GLN F 155 31.53 47.09 21.40
C GLN F 155 31.59 46.63 19.96
N LEU F 156 32.06 47.51 19.07
CA LEU F 156 32.18 47.21 17.64
C LEU F 156 33.58 46.72 17.28
N GLU F 157 33.73 46.25 16.04
CA GLU F 157 35.00 45.75 15.57
C GLU F 157 36.13 46.77 15.71
N ASP F 158 35.80 48.05 15.51
CA ASP F 158 36.81 49.12 15.61
C ASP F 158 37.17 49.52 17.04
N GLY F 159 36.55 48.87 18.02
CA GLY F 159 36.85 49.19 19.40
C GLY F 159 35.90 50.15 20.10
N SER F 160 35.12 50.92 19.34
CA SER F 160 34.18 51.86 19.96
C SER F 160 32.93 51.11 20.44
N PHE F 161 31.99 51.87 21.00
CA PHE F 161 30.75 51.29 21.51
C PHE F 161 29.47 51.97 21.03
N CYS F 162 28.38 51.22 21.10
CA CYS F 162 27.05 51.71 20.76
C CYS F 162 26.42 51.96 22.12
N ALA F 163 25.24 52.59 22.14
CA ALA F 163 24.59 52.86 23.42
C ALA F 163 23.59 51.75 23.78
N VAL F 164 22.99 51.15 22.76
CA VAL F 164 22.00 50.09 22.97
C VAL F 164 22.21 48.94 22.01
N PRO F 165 21.89 47.71 22.45
CA PRO F 165 22.06 46.52 21.60
C PRO F 165 21.27 46.56 20.28
N GLU F 166 20.16 47.30 20.26
CA GLU F 166 19.35 47.41 19.04
C GLU F 166 20.08 48.18 17.96
N GLY F 167 21.12 48.91 18.38
CA GLY F 167 21.89 49.70 17.45
C GLY F 167 21.76 51.20 17.70
N SER F 168 22.81 51.94 17.36
CA SER F 168 22.82 53.40 17.53
C SER F 168 24.12 53.91 16.95
N GLU F 169 24.33 55.21 17.05
CA GLU F 169 25.56 55.79 16.55
C GLU F 169 26.66 55.29 17.51
N ASN F 170 27.91 55.34 17.09
CA ASN F 170 29.00 54.89 17.94
C ASN F 170 30.12 55.92 17.92
N ASP F 171 30.68 56.21 19.09
CA ASP F 171 31.78 57.18 19.18
C ASP F 171 32.43 57.20 20.56
N MET F 172 33.35 58.13 20.73
CA MET F 172 34.10 58.28 21.97
C MET F 172 33.25 58.43 23.24
N ARG F 173 32.09 59.06 23.12
CA ARG F 173 31.22 59.25 24.29
C ARG F 173 30.95 57.91 24.97
N PHE F 174 30.62 56.90 24.17
CA PHE F 174 30.30 55.59 24.71
C PHE F 174 31.52 54.77 25.10
N VAL F 175 32.69 55.13 24.57
CA VAL F 175 33.92 54.44 24.95
C VAL F 175 34.18 54.83 26.41
N TYR F 176 33.95 56.10 26.72
CA TYR F 176 34.13 56.60 28.07
C TYR F 176 33.14 55.94 29.03
N CYS F 177 31.90 55.76 28.57
CA CYS F 177 30.88 55.12 29.39
C CYS F 177 31.30 53.70 29.74
N ALA F 178 31.76 52.96 28.74
CA ALA F 178 32.20 51.59 28.93
C ALA F 178 33.35 51.57 29.93
N SER F 179 34.30 52.49 29.78
CA SER F 179 35.43 52.56 30.67
C SER F 179 34.97 52.79 32.11
N CYS F 180 34.06 53.74 32.32
CA CYS F 180 33.56 54.01 33.66
C CYS F 180 32.85 52.82 34.27
N ILE F 181 32.09 52.10 33.45
CA ILE F 181 31.37 50.94 33.95
C ILE F 181 32.36 49.88 34.41
N CYS F 182 33.29 49.49 33.54
CA CYS F 182 34.30 48.50 33.89
C CYS F 182 35.05 48.91 35.14
N TYR F 183 35.40 50.19 35.23
CA TYR F 183 36.13 50.69 36.38
C TYR F 183 35.35 50.58 37.68
N MET F 184 34.07 50.99 37.66
CA MET F 184 33.24 50.92 38.86
C MET F 184 32.95 49.49 39.27
N LEU F 185 32.72 48.61 38.30
CA LEU F 185 32.46 47.22 38.61
C LEU F 185 33.80 46.53 38.82
N ASN F 186 34.86 47.33 38.80
CA ASN F 186 36.22 46.83 38.98
C ASN F 186 36.46 45.50 38.24
N ASN F 187 36.06 45.46 36.97
CA ASN F 187 36.21 44.28 36.13
C ASN F 187 36.21 44.73 34.67
N TRP F 188 37.34 44.55 33.97
CA TRP F 188 37.42 44.97 32.58
C TRP F 188 37.07 43.91 31.55
N SER F 189 36.35 42.89 31.98
CA SER F 189 35.94 41.85 31.05
C SER F 189 34.80 42.41 30.23
N GLY F 190 34.37 43.61 30.60
CA GLY F 190 33.27 44.25 29.91
C GLY F 190 33.65 44.75 28.52
N MET F 191 34.94 44.87 28.26
CA MET F 191 35.40 45.35 26.96
C MET F 191 36.71 44.69 26.52
N ASP F 192 36.99 44.82 25.23
CA ASP F 192 38.24 44.34 24.65
C ASP F 192 39.09 45.61 24.68
N MET F 193 39.80 45.79 25.79
CA MET F 193 40.64 46.96 25.99
C MET F 193 41.62 47.28 24.87
N LYS F 194 42.18 46.24 24.26
CA LYS F 194 43.14 46.46 23.19
C LYS F 194 42.47 47.20 22.03
N LYS F 195 41.28 46.76 21.65
CA LYS F 195 40.56 47.39 20.56
C LYS F 195 40.08 48.81 20.91
N ALA F 196 39.68 49.01 22.16
CA ALA F 196 39.22 50.31 22.59
C ALA F 196 40.37 51.31 22.51
N ILE F 197 41.55 50.89 22.97
CA ILE F 197 42.73 51.75 22.94
C ILE F 197 43.07 52.10 21.50
N SER F 198 42.90 51.14 20.61
CA SER F 198 43.16 51.38 19.21
C SER F 198 42.26 52.50 18.70
N TYR F 199 40.98 52.43 19.07
CA TYR F 199 40.01 53.43 18.66
C TYR F 199 40.42 54.81 19.18
N ILE F 200 40.81 54.89 20.44
CA ILE F 200 41.20 56.15 21.04
C ILE F 200 42.43 56.73 20.33
N ARG F 201 43.40 55.90 19.99
CA ARG F 201 44.57 56.41 19.29
C ARG F 201 44.19 56.95 17.91
N ARG F 202 43.42 56.16 17.16
CA ARG F 202 43.01 56.56 15.82
C ARG F 202 42.19 57.83 15.75
N SER F 203 41.67 58.26 16.89
CA SER F 203 40.85 59.47 16.90
C SER F 203 41.67 60.74 17.01
N MET F 204 42.97 60.61 17.26
CA MET F 204 43.81 61.79 17.37
C MET F 204 43.89 62.49 16.01
N SER F 205 43.63 63.80 16.02
CA SER F 205 43.65 64.62 14.82
C SER F 205 45.04 65.15 14.48
N TYR F 206 45.15 65.74 13.29
CA TYR F 206 46.41 66.32 12.84
C TYR F 206 46.75 67.50 13.76
N ASP F 207 45.74 68.12 14.36
CA ASP F 207 45.99 69.25 15.26
C ASP F 207 46.24 68.76 16.70
N ASN F 208 46.31 67.44 16.85
CA ASN F 208 46.62 66.78 18.11
C ASN F 208 45.55 66.63 19.20
N GLY F 209 44.32 67.04 18.91
CA GLY F 209 43.25 66.87 19.87
C GLY F 209 42.65 65.50 19.55
N LEU F 210 41.66 65.07 20.32
CA LEU F 210 41.02 63.79 20.05
C LEU F 210 39.62 64.06 19.52
N ALA F 211 39.24 63.37 18.45
CA ALA F 211 37.91 63.58 17.87
C ALA F 211 36.97 62.46 18.30
N GLN F 212 35.70 62.56 17.92
CA GLN F 212 34.73 61.52 18.27
C GLN F 212 35.10 60.20 17.60
N GLY F 213 35.83 60.31 16.50
CA GLY F 213 36.25 59.14 15.77
C GLY F 213 37.32 59.57 14.79
N ALA F 214 37.98 58.60 14.16
CA ALA F 214 39.04 58.90 13.20
C ALA F 214 38.59 59.84 12.07
N GLY F 215 39.45 60.81 11.75
CA GLY F 215 39.17 61.75 10.69
C GLY F 215 38.28 62.92 11.06
N LEU F 216 37.49 62.77 12.12
CA LEU F 216 36.61 63.84 12.54
C LEU F 216 37.39 64.98 13.22
N GLU F 217 36.71 66.11 13.39
CA GLU F 217 37.30 67.29 14.03
C GLU F 217 37.56 67.05 15.51
N SER F 218 38.80 67.29 15.97
CA SER F 218 39.11 67.08 17.37
C SER F 218 38.17 67.97 18.18
N HIS F 219 37.79 67.49 19.36
CA HIS F 219 36.82 68.19 20.19
C HIS F 219 37.06 68.00 21.69
N GLY F 220 36.77 69.04 22.47
CA GLY F 220 36.99 68.98 23.91
C GLY F 220 36.30 67.83 24.62
N GLY F 221 35.08 67.54 24.19
CA GLY F 221 34.32 66.46 24.79
C GLY F 221 34.94 65.10 24.52
N SER F 222 35.29 64.84 23.27
CA SER F 222 35.89 63.55 22.92
C SER F 222 37.31 63.42 23.46
N THR F 223 38.02 64.54 23.58
CA THR F 223 39.39 64.51 24.12
C THR F 223 39.30 64.09 25.60
N PHE F 224 38.33 64.65 26.32
CA PHE F 224 38.14 64.28 27.71
C PHE F 224 37.80 62.79 27.77
N CYS F 225 36.82 62.36 26.97
CA CYS F 225 36.43 60.96 26.95
C CYS F 225 37.59 60.02 26.67
N GLY F 226 38.41 60.36 25.67
CA GLY F 226 39.55 59.54 25.33
C GLY F 226 40.60 59.49 26.43
N ILE F 227 41.09 60.65 26.85
CA ILE F 227 42.12 60.71 27.89
C ILE F 227 41.64 60.12 29.21
N ALA F 228 40.41 60.44 29.62
CA ALA F 228 39.86 59.91 30.86
C ALA F 228 39.73 58.39 30.79
N SER F 229 39.34 57.86 29.64
CA SER F 229 39.22 56.41 29.49
C SER F 229 40.58 55.76 29.69
N LEU F 230 41.61 56.31 29.06
CA LEU F 230 42.94 55.75 29.19
C LEU F 230 43.39 55.82 30.65
N CYS F 231 43.14 56.94 31.31
CA CYS F 231 43.52 57.08 32.71
C CYS F 231 42.79 56.06 33.56
N LEU F 232 41.52 55.82 33.24
CA LEU F 232 40.74 54.85 33.99
C LEU F 232 41.31 53.44 33.80
N MET F 233 41.93 53.20 32.64
CA MET F 233 42.53 51.90 32.34
C MET F 233 43.97 51.89 32.85
N GLY F 234 44.46 53.05 33.29
CA GLY F 234 45.82 53.18 33.76
C GLY F 234 46.81 52.92 32.63
N LYS F 235 46.51 53.41 31.43
CA LYS F 235 47.38 53.20 30.28
C LYS F 235 47.74 54.49 29.53
N LEU F 236 47.52 55.65 30.15
CA LEU F 236 47.80 56.90 29.47
C LEU F 236 49.23 56.93 28.91
N GLU F 237 50.20 56.84 29.81
CA GLU F 237 51.62 56.86 29.46
C GLU F 237 52.03 55.73 28.50
N GLU F 238 51.33 54.61 28.58
CA GLU F 238 51.63 53.47 27.73
C GLU F 238 51.10 53.60 26.31
N VAL F 239 50.05 54.40 26.12
CA VAL F 239 49.44 54.57 24.80
C VAL F 239 49.97 55.75 24.00
N PHE F 240 50.28 56.85 24.67
CA PHE F 240 50.78 58.03 23.98
C PHE F 240 52.22 58.32 24.42
N SER F 241 53.06 58.68 23.46
CA SER F 241 54.46 58.98 23.77
C SER F 241 54.51 60.33 24.47
N GLU F 242 55.66 60.65 25.04
CA GLU F 242 55.82 61.94 25.70
C GLU F 242 55.59 63.07 24.70
N LYS F 243 56.07 62.87 23.48
CA LYS F 243 55.92 63.91 22.45
C LYS F 243 54.45 64.06 22.12
N GLU F 244 53.75 62.95 22.07
CA GLU F 244 52.33 62.96 21.77
C GLU F 244 51.55 63.65 22.89
N LEU F 245 51.86 63.29 24.13
CA LEU F 245 51.20 63.90 25.28
C LEU F 245 51.46 65.40 25.31
N ASN F 246 52.65 65.82 24.88
CA ASN F 246 52.95 67.24 24.88
C ASN F 246 52.09 67.96 23.85
N ARG F 247 51.86 67.29 22.73
CA ARG F 247 51.04 67.88 21.68
C ARG F 247 49.59 67.95 22.11
N ILE F 248 49.12 66.90 22.79
CA ILE F 248 47.76 66.88 23.29
C ILE F 248 47.59 67.99 24.34
N LYS F 249 48.57 68.10 25.24
CA LYS F 249 48.53 69.13 26.28
C LYS F 249 48.41 70.52 25.64
N ARG F 250 49.18 70.73 24.58
CA ARG F 250 49.15 72.01 23.87
C ARG F 250 47.77 72.31 23.32
N TRP F 251 47.17 71.31 22.68
CA TRP F 251 45.84 71.48 22.10
C TRP F 251 44.81 71.83 23.16
N CYS F 252 44.89 71.12 24.29
CA CYS F 252 43.96 71.33 25.39
C CYS F 252 44.10 72.70 26.03
N ILE F 253 45.32 73.08 26.41
CA ILE F 253 45.49 74.37 27.04
C ILE F 253 45.17 75.54 26.11
N MET F 254 45.18 75.30 24.81
CA MET F 254 44.87 76.37 23.87
C MET F 254 43.37 76.64 23.84
N ARG F 255 42.60 75.77 24.51
CA ARG F 255 41.14 75.91 24.57
C ARG F 255 40.69 77.02 25.52
N GLN F 256 41.58 77.51 26.38
CA GLN F 256 41.16 78.57 27.29
C GLN F 256 41.21 79.95 26.64
N GLN F 257 40.07 80.64 26.68
CA GLN F 257 39.95 81.98 26.12
C GLN F 257 39.79 82.91 27.32
N ASN F 258 39.02 82.43 28.28
CA ASN F 258 38.75 83.07 29.57
C ASN F 258 38.13 81.85 30.23
N GLY F 259 37.00 81.41 29.67
CA GLY F 259 36.36 80.19 30.11
C GLY F 259 36.93 79.23 29.06
N TYR F 260 36.30 78.10 28.81
CA TYR F 260 36.84 77.19 27.78
C TYR F 260 35.86 76.89 26.65
N HIS F 261 36.37 76.74 25.43
CA HIS F 261 35.49 76.36 24.32
C HIS F 261 35.85 74.91 23.98
N GLY F 262 35.00 74.23 23.22
CA GLY F 262 35.29 72.85 22.88
C GLY F 262 36.08 72.62 21.61
N ARG F 263 36.20 73.66 20.80
CA ARG F 263 36.93 73.58 19.52
C ARG F 263 37.49 74.94 19.16
N PRO F 264 38.64 74.96 18.46
CA PRO F 264 39.25 76.23 18.05
C PRO F 264 38.20 77.10 17.34
N ASN F 265 38.23 78.39 17.61
CA ASN F 265 37.31 79.36 16.99
C ASN F 265 35.82 79.19 17.31
N LYS F 266 35.51 78.51 18.42
CA LYS F 266 34.13 78.35 18.85
C LYS F 266 33.98 79.14 20.15
N PRO F 267 32.79 79.67 20.43
CA PRO F 267 32.59 80.44 21.66
C PRO F 267 32.72 79.57 22.93
N VAL F 268 33.19 80.17 24.03
CA VAL F 268 33.34 79.41 25.26
C VAL F 268 31.99 78.92 25.77
N ASP F 269 32.03 77.87 26.57
CA ASP F 269 30.84 77.24 27.11
C ASP F 269 31.20 76.69 28.49
N THR F 270 30.45 77.10 29.51
CA THR F 270 30.71 76.66 30.86
C THR F 270 31.10 75.19 31.05
N CYS F 271 30.36 74.26 30.45
CA CYS F 271 30.67 72.86 30.65
C CYS F 271 32.08 72.44 30.24
N TYR F 272 32.73 73.21 29.38
CA TYR F 272 34.09 72.87 28.97
C TYR F 272 35.12 73.17 30.05
N SER F 273 34.71 73.94 31.06
CA SER F 273 35.59 74.22 32.18
C SER F 273 35.85 72.88 32.85
N PHE F 274 34.95 71.93 32.65
CA PHE F 274 35.18 70.60 33.18
C PHE F 274 35.76 69.67 32.11
N TRP F 275 35.09 69.55 30.97
CA TRP F 275 35.56 68.68 29.89
C TRP F 275 37.05 68.87 29.62
N VAL F 276 37.44 70.11 29.31
CA VAL F 276 38.83 70.41 29.03
C VAL F 276 39.65 70.52 30.33
N GLY F 277 39.10 71.24 31.31
CA GLY F 277 39.78 71.42 32.59
C GLY F 277 40.19 70.12 33.25
N ALA F 278 39.28 69.15 33.23
CA ALA F 278 39.55 67.83 33.80
C ALA F 278 40.62 67.10 32.99
N THR F 279 40.64 67.32 31.67
CA THR F 279 41.65 66.67 30.85
C THR F 279 43.00 67.26 31.22
N LEU F 280 43.05 68.58 31.38
CA LEU F 280 44.29 69.24 31.74
C LEU F 280 44.76 68.75 33.11
N LYS F 281 43.80 68.50 34.00
CA LYS F 281 44.12 68.00 35.33
C LYS F 281 44.72 66.61 35.21
N LEU F 282 44.11 65.76 34.38
CA LEU F 282 44.64 64.41 34.20
C LEU F 282 46.03 64.47 33.60
N LEU F 283 46.29 65.48 32.77
CA LEU F 283 47.59 65.63 32.12
C LEU F 283 48.56 66.43 33.00
N LYS F 284 48.15 66.66 34.23
CA LYS F 284 48.94 67.37 35.21
C LYS F 284 49.44 68.77 34.84
N ILE F 285 48.65 69.52 34.08
CA ILE F 285 49.07 70.86 33.74
C ILE F 285 47.95 71.86 33.92
N PHE F 286 46.85 71.45 34.55
CA PHE F 286 45.73 72.37 34.77
C PHE F 286 46.24 73.51 35.64
N GLN F 287 47.24 73.20 36.46
CA GLN F 287 47.87 74.14 37.36
C GLN F 287 48.46 75.34 36.64
N TYR F 288 48.75 75.18 35.35
CA TYR F 288 49.35 76.24 34.57
C TYR F 288 48.35 77.11 33.82
N THR F 289 47.06 76.83 34.02
CA THR F 289 46.03 77.63 33.36
C THR F 289 45.76 78.88 34.19
N ASN F 290 44.94 79.78 33.67
CA ASN F 290 44.61 81.00 34.39
C ASN F 290 43.30 80.73 35.15
N PHE F 291 43.39 80.62 36.47
CA PHE F 291 42.21 80.33 37.29
C PHE F 291 41.17 81.44 37.37
N GLU F 292 41.62 82.67 37.60
CA GLU F 292 40.69 83.76 37.75
C GLU F 292 39.74 84.00 36.58
N LYS F 293 40.26 84.03 35.37
CA LYS F 293 39.40 84.26 34.22
C LYS F 293 38.43 83.11 34.01
N ASN F 294 38.87 81.90 34.34
CA ASN F 294 38.01 80.72 34.21
C ASN F 294 36.89 80.83 35.24
N ARG F 295 37.26 81.04 36.50
CA ARG F 295 36.28 81.16 37.57
C ARG F 295 35.33 82.31 37.28
N ASN F 296 35.86 83.43 36.82
CA ASN F 296 35.03 84.57 36.51
C ASN F 296 34.01 84.27 35.43
N TYR F 297 34.43 83.53 34.40
CA TYR F 297 33.52 83.19 33.33
C TYR F 297 32.41 82.27 33.86
N ILE F 298 32.82 81.21 34.56
CA ILE F 298 31.85 80.26 35.10
C ILE F 298 30.79 80.99 35.94
N LEU F 299 31.24 81.85 36.85
CA LEU F 299 30.31 82.59 37.68
C LEU F 299 29.40 83.51 36.87
N SER F 300 29.91 84.03 35.76
CA SER F 300 29.11 84.93 34.94
C SER F 300 27.90 84.22 34.31
N THR F 301 27.89 82.89 34.35
CA THR F 301 26.79 82.12 33.78
C THR F 301 25.89 81.57 34.88
N GLN F 302 26.14 82.03 36.10
CA GLN F 302 25.38 81.60 37.27
C GLN F 302 24.06 82.33 37.30
N ASP F 303 22.95 81.61 37.49
CA ASP F 303 21.63 82.25 37.57
C ASP F 303 21.41 82.57 39.04
N ARG F 304 21.59 83.84 39.40
CA ARG F 304 21.46 84.29 40.77
C ARG F 304 20.05 84.21 41.36
N LEU F 305 19.07 84.03 40.48
CA LEU F 305 17.69 83.96 40.90
C LEU F 305 17.23 82.52 41.15
N VAL F 306 17.28 81.68 40.12
CA VAL F 306 16.85 80.30 40.25
C VAL F 306 17.96 79.31 40.62
N GLY F 307 19.21 79.73 40.46
CA GLY F 307 20.32 78.85 40.77
C GLY F 307 20.77 78.08 39.53
N GLY F 308 21.85 77.31 39.68
CA GLY F 308 22.36 76.56 38.55
C GLY F 308 23.20 77.44 37.63
N PHE F 309 23.75 76.86 36.59
CA PHE F 309 24.57 77.60 35.63
C PHE F 309 24.08 77.33 34.21
N ALA F 310 24.42 78.22 33.29
CA ALA F 310 24.04 78.08 31.88
C ALA F 310 25.31 77.96 31.05
N LYS F 311 25.18 77.67 29.77
CA LYS F 311 26.38 77.55 28.95
C LYS F 311 26.99 78.93 28.73
N TRP F 312 26.12 79.92 28.57
CA TRP F 312 26.57 81.30 28.37
C TRP F 312 25.90 82.20 29.38
N PRO F 313 26.49 83.39 29.64
CA PRO F 313 25.86 84.30 30.59
C PRO F 313 24.53 84.80 30.05
N ASP F 314 23.61 85.15 30.94
CA ASP F 314 22.29 85.64 30.53
C ASP F 314 21.62 84.59 29.64
N SER F 315 21.74 83.32 30.02
CA SER F 315 21.15 82.22 29.28
C SER F 315 20.47 81.39 30.37
N HIS F 316 19.49 80.56 30.01
CA HIS F 316 18.81 79.78 31.04
C HIS F 316 19.65 78.61 31.54
N PRO F 317 19.65 78.40 32.85
CA PRO F 317 20.39 77.31 33.48
C PRO F 317 19.76 75.94 33.29
N ASP F 318 20.57 74.90 33.35
CA ASP F 318 20.09 73.53 33.23
C ASP F 318 20.94 72.64 34.13
N ALA F 319 20.48 71.42 34.38
CA ALA F 319 21.19 70.49 35.24
C ALA F 319 22.61 70.17 34.78
N LEU F 320 22.81 70.04 33.47
CA LEU F 320 24.13 69.72 32.93
C LEU F 320 25.14 70.82 33.21
N HIS F 321 24.81 72.06 32.88
CA HIS F 321 25.74 73.14 33.12
C HIS F 321 25.89 73.49 34.59
N ALA F 322 24.84 73.26 35.35
CA ALA F 322 24.90 73.52 36.78
C ALA F 322 25.95 72.55 37.34
N TYR F 323 25.84 71.27 36.96
CA TYR F 323 26.76 70.27 37.45
C TYR F 323 28.19 70.47 36.98
N PHE F 324 28.38 70.60 35.66
CA PHE F 324 29.72 70.79 35.14
C PHE F 324 30.33 72.13 35.51
N GLY F 325 29.49 73.14 35.72
CA GLY F 325 30.01 74.43 36.13
C GLY F 325 30.60 74.27 37.53
N ILE F 326 29.88 73.51 38.36
CA ILE F 326 30.34 73.27 39.72
C ILE F 326 31.61 72.42 39.72
N CYS F 327 31.66 71.38 38.88
CA CYS F 327 32.85 70.55 38.79
C CYS F 327 34.03 71.38 38.28
N GLY F 328 33.73 72.33 37.40
CA GLY F 328 34.77 73.19 36.86
C GLY F 328 35.36 74.00 38.00
N LEU F 329 34.49 74.57 38.83
CA LEU F 329 34.92 75.36 39.98
C LEU F 329 35.73 74.47 40.93
N SER F 330 35.30 73.22 41.08
CA SER F 330 35.95 72.24 41.93
C SER F 330 37.41 72.01 41.55
N LEU F 331 37.66 71.89 40.24
CA LEU F 331 39.01 71.68 39.73
C LEU F 331 39.99 72.69 40.33
N MET F 332 39.50 73.90 40.63
CA MET F 332 40.34 74.96 41.22
C MET F 332 40.14 75.05 42.73
N GLU F 333 39.54 74.01 43.30
CA GLU F 333 39.26 73.91 44.73
C GLU F 333 38.50 75.08 45.35
N GLU F 334 37.31 75.31 44.79
CA GLU F 334 36.37 76.34 45.20
C GLU F 334 36.00 76.11 46.67
N SER F 335 35.94 77.19 47.44
CA SER F 335 35.59 77.08 48.85
C SER F 335 34.16 76.61 49.00
N GLY F 336 33.97 75.39 49.49
CA GLY F 336 32.62 74.90 49.65
C GLY F 336 32.21 73.82 48.66
N ILE F 337 33.15 73.39 47.81
CA ILE F 337 32.84 72.35 46.85
C ILE F 337 33.86 71.24 46.98
N CYS F 338 33.37 70.01 47.03
CA CYS F 338 34.24 68.86 47.11
C CYS F 338 35.07 68.83 45.87
N LYS F 339 36.24 68.21 45.96
CA LYS F 339 37.14 68.09 44.83
C LYS F 339 36.63 66.95 43.97
N VAL F 340 36.46 67.21 42.68
CA VAL F 340 35.96 66.19 41.78
C VAL F 340 37.08 65.26 41.30
N HIS F 341 36.72 64.02 41.04
CA HIS F 341 37.66 63.07 40.52
C HIS F 341 37.57 63.29 39.00
N PRO F 342 38.62 63.87 38.41
CA PRO F 342 38.73 64.20 36.99
C PRO F 342 38.49 63.09 35.95
N ALA F 343 38.75 61.83 36.29
CA ALA F 343 38.52 60.80 35.31
C ALA F 343 37.18 60.11 35.53
N LEU F 344 36.85 59.90 36.79
CA LEU F 344 35.62 59.22 37.15
C LEU F 344 34.36 60.09 37.15
N ASN F 345 34.54 61.40 37.28
CA ASN F 345 33.42 62.34 37.27
C ASN F 345 32.45 62.21 38.45
N VAL F 346 33.02 62.09 39.64
CA VAL F 346 32.27 61.97 40.90
C VAL F 346 33.16 62.64 41.94
N SER F 347 32.62 62.97 43.10
CA SER F 347 33.46 63.59 44.14
C SER F 347 34.54 62.58 44.46
N THR F 348 35.72 63.04 44.84
CA THR F 348 36.79 62.09 45.15
C THR F 348 36.41 61.31 46.41
N ARG F 349 35.68 61.94 47.33
CA ARG F 349 35.29 61.22 48.52
C ARG F 349 34.44 60.02 48.09
N THR F 350 33.66 60.19 47.01
CA THR F 350 32.85 59.10 46.49
C THR F 350 33.72 58.08 45.79
N SER F 351 34.84 58.51 45.20
CA SER F 351 35.72 57.58 44.53
C SER F 351 36.44 56.73 45.58
N GLU F 352 36.63 57.32 46.76
CA GLU F 352 37.28 56.63 47.87
C GLU F 352 36.31 55.59 48.41
N ARG F 353 35.06 56.00 48.60
CA ARG F 353 34.01 55.11 49.06
C ARG F 353 34.02 53.92 48.09
N LEU F 354 34.18 54.22 46.81
CA LEU F 354 34.22 53.19 45.77
C LEU F 354 35.45 52.30 45.92
N ARG F 355 36.60 52.90 46.25
CA ARG F 355 37.81 52.13 46.42
C ARG F 355 37.58 51.07 47.50
N ASP F 356 36.85 51.44 48.54
CA ASP F 356 36.54 50.53 49.65
C ASP F 356 35.64 49.38 49.22
N LEU F 357 34.60 49.66 48.45
CA LEU F 357 33.73 48.60 47.98
C LEU F 357 34.56 47.53 47.29
N HIS F 358 35.55 47.97 46.51
CA HIS F 358 36.41 47.04 45.78
C HIS F 358 37.26 46.25 46.76
N GLN F 359 37.84 46.94 47.74
CA GLN F 359 38.69 46.31 48.76
C GLN F 359 37.89 45.25 49.50
N SER F 360 36.60 45.51 49.71
CA SER F 360 35.76 44.55 50.41
C SER F 360 35.45 43.34 49.54
N TRP F 361 35.03 43.56 48.30
CA TRP F 361 34.71 42.44 47.42
C TRP F 361 35.93 41.54 47.30
N LYS F 362 37.11 42.13 47.41
CA LYS F 362 38.36 41.38 47.31
C LYS F 362 38.60 40.63 48.63
N THR F 363 38.06 39.42 48.72
CA THR F 363 38.20 38.60 49.92
C THR F 363 38.21 37.11 49.59
N PHE G 55 -57.83 -67.73 5.21
CA PHE G 55 -58.66 -68.58 6.12
C PHE G 55 -59.38 -69.71 5.38
N LEU G 56 -60.54 -69.39 4.83
CA LEU G 56 -61.36 -70.37 4.11
C LEU G 56 -60.81 -70.71 2.74
N SER G 57 -60.09 -71.84 2.67
CA SER G 57 -59.50 -72.32 1.42
C SER G 57 -60.51 -72.64 0.32
N LEU G 58 -60.08 -72.53 -0.94
CA LEU G 58 -60.95 -72.77 -2.09
C LEU G 58 -61.42 -74.21 -2.33
N ASP G 59 -60.78 -75.16 -1.67
CA ASP G 59 -61.18 -76.55 -1.82
C ASP G 59 -61.70 -77.07 -0.48
N SER G 60 -61.85 -76.17 0.49
CA SER G 60 -62.35 -76.54 1.81
C SER G 60 -63.79 -77.02 1.71
N PRO G 61 -64.12 -78.06 2.48
CA PRO G 61 -65.48 -78.59 2.44
C PRO G 61 -66.46 -77.45 2.75
N THR G 62 -66.09 -76.60 3.70
CA THR G 62 -66.93 -75.48 4.12
C THR G 62 -66.75 -74.17 3.35
N TYR G 63 -66.28 -74.27 2.11
CA TYR G 63 -66.10 -73.08 1.30
C TYR G 63 -67.43 -72.52 0.84
N VAL G 64 -67.58 -71.21 0.95
CA VAL G 64 -68.83 -70.58 0.55
C VAL G 64 -68.55 -69.54 -0.51
N LEU G 65 -69.35 -69.53 -1.58
CA LEU G 65 -69.19 -68.53 -2.62
C LEU G 65 -69.32 -67.15 -1.98
N TYR G 66 -68.69 -66.16 -2.57
CA TYR G 66 -68.75 -64.81 -2.03
C TYR G 66 -70.16 -64.23 -2.12
N ARG G 67 -70.94 -64.68 -3.09
CA ARG G 67 -72.30 -64.17 -3.23
C ARG G 67 -73.19 -64.65 -2.08
N ASP G 68 -72.70 -65.63 -1.32
CA ASP G 68 -73.44 -66.17 -0.18
C ASP G 68 -72.77 -65.82 1.15
N ARG G 69 -71.89 -64.81 1.15
CA ARG G 69 -71.23 -64.40 2.37
C ARG G 69 -71.79 -63.07 2.85
N ALA G 70 -72.21 -63.06 4.11
CA ALA G 70 -72.80 -61.87 4.72
C ALA G 70 -71.85 -60.68 4.63
N GLU G 71 -70.56 -60.92 4.90
CA GLU G 71 -69.56 -59.86 4.87
C GLU G 71 -69.49 -59.17 3.51
N TRP G 72 -70.05 -59.80 2.49
CA TRP G 72 -70.02 -59.22 1.16
C TRP G 72 -71.38 -58.85 0.60
N ALA G 73 -72.37 -58.76 1.47
CA ALA G 73 -73.74 -58.43 1.06
C ALA G 73 -73.89 -57.04 0.46
N ASP G 74 -73.13 -56.07 0.96
CA ASP G 74 -73.20 -54.69 0.47
C ASP G 74 -72.54 -54.47 -0.88
N ILE G 75 -71.73 -55.43 -1.32
CA ILE G 75 -71.02 -55.31 -2.59
C ILE G 75 -71.74 -55.98 -3.75
N ASP G 76 -71.89 -55.26 -4.85
CA ASP G 76 -72.53 -55.79 -6.05
C ASP G 76 -71.43 -56.34 -6.95
N PRO G 77 -71.46 -57.66 -7.21
CA PRO G 77 -70.42 -58.25 -8.07
C PRO G 77 -70.43 -57.63 -9.47
N VAL G 78 -69.25 -57.48 -10.05
CA VAL G 78 -69.13 -56.91 -11.39
C VAL G 78 -68.69 -58.03 -12.33
N PRO G 79 -69.52 -58.33 -13.34
CA PRO G 79 -69.22 -59.38 -14.32
C PRO G 79 -68.33 -58.91 -15.46
N GLN G 80 -67.66 -59.86 -16.10
CA GLN G 80 -66.80 -59.58 -17.24
C GLN G 80 -67.63 -59.80 -18.50
N ASN G 81 -67.51 -58.90 -19.48
CA ASN G 81 -68.28 -59.05 -20.72
C ASN G 81 -67.45 -58.80 -21.98
N ASP G 82 -67.22 -59.85 -22.75
CA ASP G 82 -66.44 -59.75 -23.98
C ASP G 82 -67.27 -59.30 -25.17
N GLY G 83 -68.46 -58.77 -24.90
CA GLY G 83 -69.31 -58.31 -26.00
C GLY G 83 -70.03 -59.43 -26.73
N PRO G 84 -70.71 -59.09 -27.84
CA PRO G 84 -71.48 -60.01 -28.69
C PRO G 84 -70.77 -61.25 -29.21
N SER G 85 -69.53 -61.10 -29.67
CA SER G 85 -68.77 -62.23 -30.18
C SER G 85 -67.41 -62.34 -29.51
N PRO G 86 -67.35 -63.04 -28.38
CA PRO G 86 -66.09 -63.22 -27.62
C PRO G 86 -65.05 -64.08 -28.35
N VAL G 87 -63.79 -63.66 -28.26
CA VAL G 87 -62.67 -64.35 -28.89
C VAL G 87 -61.80 -65.00 -27.81
N VAL G 88 -61.31 -66.20 -28.08
CA VAL G 88 -60.46 -66.92 -27.12
C VAL G 88 -61.08 -66.78 -25.74
N GLN G 89 -62.32 -67.25 -25.62
CA GLN G 89 -63.08 -67.18 -24.39
C GLN G 89 -62.84 -68.42 -23.55
N ILE G 90 -62.47 -68.21 -22.29
CA ILE G 90 -62.21 -69.31 -21.37
C ILE G 90 -63.47 -69.51 -20.53
N ILE G 91 -63.91 -70.77 -20.39
CA ILE G 91 -65.08 -71.04 -19.59
C ILE G 91 -64.67 -71.18 -18.13
N TYR G 92 -65.41 -70.53 -17.24
CA TYR G 92 -65.10 -70.56 -15.81
C TYR G 92 -66.16 -71.23 -14.95
N SER G 93 -65.71 -71.92 -13.90
CA SER G 93 -66.62 -72.57 -12.98
C SER G 93 -67.33 -71.52 -12.15
N GLU G 94 -68.37 -71.93 -11.43
CA GLU G 94 -69.12 -71.02 -10.59
C GLU G 94 -68.19 -70.35 -9.59
N LYS G 95 -67.41 -71.17 -8.89
CA LYS G 95 -66.49 -70.66 -7.88
C LYS G 95 -65.57 -69.60 -8.46
N PHE G 96 -64.94 -69.96 -9.58
CA PHE G 96 -64.00 -69.08 -10.26
C PHE G 96 -64.63 -67.74 -10.64
N ARG G 97 -65.70 -67.79 -11.40
CA ARG G 97 -66.38 -66.57 -11.81
C ARG G 97 -66.84 -65.76 -10.61
N ASP G 98 -67.21 -66.45 -9.54
CA ASP G 98 -67.68 -65.80 -8.33
C ASP G 98 -66.56 -64.96 -7.71
N VAL G 99 -65.40 -65.57 -7.50
CA VAL G 99 -64.27 -64.85 -6.90
C VAL G 99 -63.92 -63.61 -7.71
N TYR G 100 -63.82 -63.77 -9.02
CA TYR G 100 -63.46 -62.66 -9.88
C TYR G 100 -64.53 -61.60 -10.09
N ASP G 101 -65.80 -61.97 -9.96
CA ASP G 101 -66.86 -60.98 -10.12
C ASP G 101 -66.75 -60.02 -8.95
N TYR G 102 -66.35 -60.54 -7.79
CA TYR G 102 -66.21 -59.69 -6.62
C TYR G 102 -64.87 -58.96 -6.67
N PHE G 103 -63.87 -59.58 -7.28
CA PHE G 103 -62.57 -58.93 -7.40
C PHE G 103 -62.76 -57.67 -8.25
N ARG G 104 -63.47 -57.82 -9.37
CA ARG G 104 -63.73 -56.69 -10.25
C ARG G 104 -64.42 -55.58 -9.48
N ALA G 105 -65.39 -55.95 -8.65
CA ALA G 105 -66.13 -55.00 -7.86
C ALA G 105 -65.22 -54.20 -6.95
N VAL G 106 -64.44 -54.91 -6.13
CA VAL G 106 -63.52 -54.25 -5.22
C VAL G 106 -62.50 -53.36 -5.96
N LEU G 107 -61.99 -53.87 -7.08
CA LEU G 107 -61.02 -53.14 -7.90
C LEU G 107 -61.63 -51.85 -8.40
N GLN G 108 -62.76 -51.97 -9.08
CA GLN G 108 -63.45 -50.83 -9.62
C GLN G 108 -63.68 -49.71 -8.61
N ARG G 109 -63.82 -50.07 -7.34
CA ARG G 109 -64.04 -49.10 -6.29
C ARG G 109 -62.77 -48.75 -5.55
N ASP G 110 -61.67 -49.40 -5.94
CA ASP G 110 -60.38 -49.16 -5.31
C ASP G 110 -60.56 -49.23 -3.78
N GLU G 111 -61.32 -50.23 -3.33
CA GLU G 111 -61.56 -50.45 -1.90
C GLU G 111 -60.35 -51.01 -1.18
N ARG G 112 -59.73 -50.20 -0.32
CA ARG G 112 -58.53 -50.66 0.42
C ARG G 112 -58.92 -51.35 1.72
N SER G 113 -59.77 -52.36 1.63
CA SER G 113 -60.22 -53.07 2.82
C SER G 113 -59.48 -54.36 3.14
N GLU G 114 -59.70 -54.86 4.34
CA GLU G 114 -59.08 -56.10 4.79
C GLU G 114 -59.77 -57.28 4.10
N ARG G 115 -61.04 -57.11 3.75
CA ARG G 115 -61.74 -58.19 3.09
C ARG G 115 -61.24 -58.32 1.67
N ALA G 116 -60.89 -57.19 1.06
CA ALA G 116 -60.37 -57.16 -0.30
C ALA G 116 -59.02 -57.87 -0.30
N PHE G 117 -58.20 -57.58 0.70
CA PHE G 117 -56.89 -58.21 0.81
C PHE G 117 -57.05 -59.72 0.84
N LYS G 118 -58.03 -60.21 1.59
CA LYS G 118 -58.25 -61.64 1.69
C LYS G 118 -58.78 -62.19 0.37
N LEU G 119 -59.56 -61.37 -0.34
CA LEU G 119 -60.12 -61.78 -1.62
C LEU G 119 -59.01 -62.04 -2.61
N THR G 120 -57.93 -61.24 -2.56
CA THR G 120 -56.83 -61.41 -3.50
C THR G 120 -56.16 -62.76 -3.34
N ARG G 121 -56.11 -63.27 -2.11
CA ARG G 121 -55.48 -64.55 -1.90
C ARG G 121 -56.20 -65.63 -2.70
N ASP G 122 -57.52 -65.51 -2.79
CA ASP G 122 -58.32 -66.48 -3.53
C ASP G 122 -58.17 -66.27 -5.04
N ALA G 123 -58.11 -65.00 -5.45
CA ALA G 123 -57.95 -64.68 -6.86
C ALA G 123 -56.60 -65.22 -7.35
N ILE G 124 -55.59 -65.11 -6.48
CA ILE G 124 -54.26 -65.59 -6.81
C ILE G 124 -54.24 -67.10 -6.87
N GLU G 125 -54.96 -67.76 -5.97
CA GLU G 125 -54.98 -69.21 -6.00
C GLU G 125 -55.62 -69.68 -7.30
N LEU G 126 -56.61 -68.93 -7.78
CA LEU G 126 -57.28 -69.28 -9.01
C LEU G 126 -56.40 -68.99 -10.22
N ASN G 127 -55.63 -67.91 -10.15
CA ASN G 127 -54.75 -67.54 -11.26
C ASN G 127 -53.62 -66.60 -10.83
N ALA G 128 -52.46 -67.17 -10.53
CA ALA G 128 -51.31 -66.39 -10.10
C ALA G 128 -50.65 -65.59 -11.24
N ALA G 129 -51.14 -65.73 -12.45
CA ALA G 129 -50.57 -65.04 -13.58
C ALA G 129 -51.26 -63.71 -13.84
N ASN G 130 -52.24 -63.39 -13.01
CA ASN G 130 -52.96 -62.12 -13.20
C ASN G 130 -52.19 -61.01 -12.52
N TYR G 131 -51.40 -60.29 -13.32
CA TYR G 131 -50.57 -59.20 -12.81
C TYR G 131 -51.34 -58.08 -12.10
N THR G 132 -52.57 -57.82 -12.53
CA THR G 132 -53.37 -56.78 -11.88
C THR G 132 -53.66 -57.17 -10.42
N VAL G 133 -54.00 -58.44 -10.21
CA VAL G 133 -54.28 -58.91 -8.88
C VAL G 133 -53.09 -58.67 -7.96
N TRP G 134 -51.90 -59.02 -8.42
CA TRP G 134 -50.70 -58.82 -7.60
C TRP G 134 -50.44 -57.34 -7.32
N HIS G 135 -50.69 -56.48 -8.30
CA HIS G 135 -50.49 -55.05 -8.10
C HIS G 135 -51.40 -54.56 -7.00
N PHE G 136 -52.70 -54.86 -7.14
CA PHE G 136 -53.67 -54.44 -6.15
C PHE G 136 -53.29 -54.96 -4.78
N ARG G 137 -52.85 -56.22 -4.73
CA ARG G 137 -52.46 -56.80 -3.46
C ARG G 137 -51.33 -55.98 -2.85
N ARG G 138 -50.42 -55.49 -3.68
CA ARG G 138 -49.31 -54.68 -3.19
C ARG G 138 -49.85 -53.35 -2.68
N VAL G 139 -50.83 -52.79 -3.38
CA VAL G 139 -51.44 -51.53 -2.96
C VAL G 139 -52.00 -51.74 -1.55
N LEU G 140 -52.72 -52.85 -1.38
CA LEU G 140 -53.32 -53.19 -0.10
C LEU G 140 -52.28 -53.44 0.96
N LEU G 141 -51.20 -54.13 0.61
CA LEU G 141 -50.14 -54.40 1.57
C LEU G 141 -49.70 -53.09 2.23
N ARG G 142 -49.60 -52.03 1.43
CA ARG G 142 -49.18 -50.72 1.93
C ARG G 142 -50.32 -50.08 2.72
N SER G 143 -51.45 -49.86 2.05
CA SER G 143 -52.62 -49.26 2.69
C SER G 143 -52.92 -49.84 4.06
N LEU G 144 -52.98 -51.16 4.15
CA LEU G 144 -53.27 -51.82 5.41
C LEU G 144 -52.04 -52.06 6.27
N GLN G 145 -50.90 -51.55 5.83
CA GLN G 145 -49.64 -51.73 6.57
C GLN G 145 -49.48 -53.16 7.08
N LYS G 146 -49.61 -54.12 6.18
CA LYS G 146 -49.49 -55.54 6.54
C LYS G 146 -48.05 -55.92 6.86
N ASP G 147 -47.90 -57.00 7.61
CA ASP G 147 -46.59 -57.47 7.97
C ASP G 147 -45.93 -58.07 6.73
N LEU G 148 -44.90 -57.40 6.22
CA LEU G 148 -44.20 -57.86 5.03
C LEU G 148 -43.42 -59.14 5.23
N GLN G 149 -42.95 -59.39 6.44
CA GLN G 149 -42.19 -60.60 6.69
C GLN G 149 -43.14 -61.79 6.50
N GLU G 150 -44.43 -61.54 6.71
CA GLU G 150 -45.45 -62.55 6.55
C GLU G 150 -45.65 -62.80 5.06
N GLU G 151 -45.75 -61.71 4.30
CA GLU G 151 -45.93 -61.79 2.85
C GLU G 151 -44.77 -62.54 2.22
N MET G 152 -43.58 -62.41 2.81
CA MET G 152 -42.40 -63.10 2.30
C MET G 152 -42.59 -64.61 2.37
N ASN G 153 -43.23 -65.07 3.43
CA ASN G 153 -43.48 -66.50 3.59
C ASN G 153 -44.48 -66.93 2.54
N TYR G 154 -45.48 -66.07 2.31
CA TYR G 154 -46.53 -66.34 1.34
C TYR G 154 -45.93 -66.51 -0.05
N ILE G 155 -45.24 -65.48 -0.52
CA ILE G 155 -44.65 -65.51 -1.85
C ILE G 155 -43.63 -66.64 -1.96
N ILE G 156 -42.95 -66.96 -0.87
CA ILE G 156 -41.98 -68.05 -0.93
C ILE G 156 -42.67 -69.37 -1.26
N ALA G 157 -43.85 -69.59 -0.70
CA ALA G 157 -44.58 -70.82 -0.98
C ALA G 157 -45.10 -70.80 -2.40
N ILE G 158 -45.67 -69.67 -2.80
CA ILE G 158 -46.22 -69.50 -4.14
C ILE G 158 -45.20 -69.79 -5.23
N ILE G 159 -44.02 -69.19 -5.11
CA ILE G 159 -42.97 -69.39 -6.09
C ILE G 159 -42.53 -70.85 -6.17
N GLU G 160 -42.49 -71.54 -5.03
CA GLU G 160 -42.07 -72.94 -5.07
C GLU G 160 -43.04 -73.76 -5.91
N GLU G 161 -44.31 -73.38 -5.89
CA GLU G 161 -45.33 -74.08 -6.65
C GLU G 161 -45.34 -73.65 -8.12
N GLN G 162 -44.98 -72.41 -8.37
CA GLN G 162 -44.97 -71.88 -9.73
C GLN G 162 -43.68 -71.12 -9.98
N PRO G 163 -42.56 -71.84 -10.05
CA PRO G 163 -41.24 -71.25 -10.27
C PRO G 163 -40.96 -70.61 -11.63
N LYS G 164 -41.91 -70.72 -12.57
CA LYS G 164 -41.73 -70.15 -13.89
C LYS G 164 -42.73 -69.05 -14.19
N ASN G 165 -43.31 -68.49 -13.13
CA ASN G 165 -44.28 -67.43 -13.25
C ASN G 165 -43.59 -66.07 -13.10
N TYR G 166 -43.73 -65.21 -14.10
CA TYR G 166 -43.11 -63.88 -14.04
C TYR G 166 -43.64 -62.99 -12.92
N GLN G 167 -44.95 -62.95 -12.73
CA GLN G 167 -45.56 -62.10 -11.71
C GLN G 167 -45.10 -62.39 -10.28
N VAL G 168 -44.91 -63.67 -9.96
CA VAL G 168 -44.51 -64.01 -8.60
C VAL G 168 -43.07 -63.60 -8.29
N TRP G 169 -42.18 -63.71 -9.26
CA TRP G 169 -40.80 -63.32 -9.04
C TRP G 169 -40.74 -61.79 -8.93
N HIS G 170 -41.58 -61.10 -9.70
CA HIS G 170 -41.58 -59.66 -9.64
C HIS G 170 -42.08 -59.22 -8.26
N HIS G 171 -43.11 -59.91 -7.78
CA HIS G 171 -43.67 -59.58 -6.48
C HIS G 171 -42.60 -59.73 -5.41
N ARG G 172 -41.89 -60.85 -5.42
CA ARG G 172 -40.86 -61.07 -4.42
C ARG G 172 -39.81 -59.98 -4.45
N ARG G 173 -39.41 -59.58 -5.66
CA ARG G 173 -38.39 -58.55 -5.79
C ARG G 173 -38.86 -57.22 -5.20
N VAL G 174 -40.11 -56.87 -5.42
CA VAL G 174 -40.64 -55.63 -4.87
C VAL G 174 -40.59 -55.70 -3.34
N LEU G 175 -40.94 -56.85 -2.77
CA LEU G 175 -40.94 -57.01 -1.33
C LEU G 175 -39.53 -56.83 -0.77
N VAL G 176 -38.56 -57.52 -1.38
CA VAL G 176 -37.20 -57.43 -0.90
C VAL G 176 -36.70 -55.98 -0.96
N GLU G 177 -37.12 -55.23 -1.99
CA GLU G 177 -36.74 -53.82 -2.10
C GLU G 177 -37.33 -53.07 -0.92
N TRP G 178 -38.63 -53.28 -0.68
CA TRP G 178 -39.31 -52.64 0.44
C TRP G 178 -38.61 -52.92 1.75
N LEU G 179 -38.39 -54.19 2.05
CA LEU G 179 -37.74 -54.56 3.29
C LEU G 179 -36.26 -54.22 3.36
N LYS G 180 -35.63 -54.05 2.20
CA LYS G 180 -34.18 -53.78 2.14
C LYS G 180 -33.50 -54.90 2.93
N ASP G 181 -34.10 -56.08 2.87
CA ASP G 181 -33.59 -57.25 3.57
C ASP G 181 -33.36 -58.42 2.60
N PRO G 182 -32.09 -58.69 2.25
CA PRO G 182 -31.83 -59.80 1.33
C PRO G 182 -31.39 -61.05 2.06
N SER G 183 -31.40 -60.98 3.39
CA SER G 183 -30.94 -62.10 4.23
C SER G 183 -31.36 -63.52 3.87
N GLN G 184 -32.54 -63.71 3.31
CA GLN G 184 -32.98 -65.06 2.97
C GLN G 184 -33.03 -65.37 1.47
N GLU G 185 -32.60 -64.42 0.65
CA GLU G 185 -32.63 -64.60 -0.79
C GLU G 185 -31.72 -65.67 -1.39
N LEU G 186 -30.42 -65.59 -1.11
CA LEU G 186 -29.49 -66.57 -1.67
C LEU G 186 -29.87 -68.03 -1.36
N GLU G 187 -30.36 -68.27 -0.16
CA GLU G 187 -30.73 -69.63 0.21
C GLU G 187 -32.02 -70.05 -0.49
N PHE G 188 -32.96 -69.12 -0.58
CA PHE G 188 -34.23 -69.39 -1.25
C PHE G 188 -33.99 -69.77 -2.69
N ILE G 189 -33.17 -68.98 -3.36
CA ILE G 189 -32.86 -69.21 -4.76
C ILE G 189 -32.15 -70.54 -4.94
N ALA G 190 -31.24 -70.85 -4.04
CA ALA G 190 -30.51 -72.10 -4.11
C ALA G 190 -31.47 -73.28 -4.08
N ASP G 191 -32.56 -73.13 -3.33
CA ASP G 191 -33.55 -74.19 -3.23
C ASP G 191 -34.31 -74.32 -4.53
N ILE G 192 -34.73 -73.18 -5.08
CA ILE G 192 -35.45 -73.21 -6.33
C ILE G 192 -34.54 -73.80 -7.42
N LEU G 193 -33.27 -73.42 -7.38
CA LEU G 193 -32.33 -73.94 -8.36
C LEU G 193 -32.16 -75.43 -8.20
N ASN G 194 -32.68 -75.98 -7.11
CA ASN G 194 -32.56 -77.41 -6.90
C ASN G 194 -33.57 -78.19 -7.70
N GLN G 195 -34.72 -77.58 -8.01
CA GLN G 195 -35.70 -78.29 -8.81
C GLN G 195 -35.49 -77.97 -10.29
N ASP G 196 -34.57 -77.06 -10.57
CA ASP G 196 -34.22 -76.67 -11.95
C ASP G 196 -33.01 -75.74 -11.91
N ALA G 197 -31.83 -76.31 -12.08
CA ALA G 197 -30.59 -75.53 -12.02
C ALA G 197 -30.42 -74.51 -13.14
N LYS G 198 -31.36 -74.46 -14.07
CA LYS G 198 -31.26 -73.52 -15.19
C LYS G 198 -32.42 -72.54 -15.28
N ASN G 199 -33.26 -72.53 -14.25
CA ASN G 199 -34.43 -71.65 -14.19
C ASN G 199 -33.97 -70.20 -14.40
N TYR G 200 -34.30 -69.63 -15.55
CA TYR G 200 -33.88 -68.27 -15.85
C TYR G 200 -34.35 -67.25 -14.81
N HIS G 201 -35.56 -67.42 -14.31
CA HIS G 201 -36.12 -66.51 -13.32
C HIS G 201 -35.26 -66.49 -12.05
N ALA G 202 -34.86 -67.67 -11.62
CA ALA G 202 -34.05 -67.81 -10.42
C ALA G 202 -32.70 -67.10 -10.56
N TRP G 203 -31.99 -67.39 -11.64
CA TRP G 203 -30.70 -66.77 -11.88
C TRP G 203 -30.82 -65.25 -12.02
N GLN G 204 -31.90 -64.80 -12.64
CA GLN G 204 -32.08 -63.37 -12.82
C GLN G 204 -32.27 -62.71 -11.46
N HIS G 205 -33.12 -63.31 -10.64
CA HIS G 205 -33.38 -62.78 -9.31
C HIS G 205 -32.09 -62.83 -8.49
N ARG G 206 -31.33 -63.91 -8.64
CA ARG G 206 -30.09 -64.04 -7.90
C ARG G 206 -29.11 -62.92 -8.24
N GLN G 207 -28.96 -62.62 -9.53
CA GLN G 207 -28.03 -61.57 -9.93
C GLN G 207 -28.50 -60.21 -9.40
N TRP G 208 -29.81 -59.98 -9.41
CA TRP G 208 -30.35 -58.72 -8.91
C TRP G 208 -30.00 -58.56 -7.44
N VAL G 209 -30.26 -59.57 -6.63
CA VAL G 209 -29.98 -59.50 -5.21
C VAL G 209 -28.50 -59.22 -4.97
N ILE G 210 -27.65 -60.08 -5.52
CA ILE G 210 -26.21 -59.93 -5.34
C ILE G 210 -25.72 -58.54 -5.71
N GLN G 211 -26.18 -58.03 -6.83
CA GLN G 211 -25.76 -56.71 -7.28
C GLN G 211 -26.31 -55.59 -6.39
N GLU G 212 -27.61 -55.63 -6.13
CA GLU G 212 -28.30 -54.63 -5.33
C GLU G 212 -27.83 -54.49 -3.89
N PHE G 213 -27.45 -55.60 -3.27
CA PHE G 213 -27.01 -55.56 -1.88
C PHE G 213 -25.55 -55.94 -1.73
N ARG G 214 -24.81 -55.93 -2.83
CA ARG G 214 -23.39 -56.24 -2.84
C ARG G 214 -23.03 -57.51 -2.04
N LEU G 215 -23.60 -58.65 -2.43
CA LEU G 215 -23.34 -59.92 -1.77
C LEU G 215 -22.47 -60.83 -2.62
N TRP G 216 -21.29 -60.34 -3.00
CA TRP G 216 -20.39 -61.12 -3.84
C TRP G 216 -19.52 -62.16 -3.12
N ASP G 217 -19.20 -61.86 -1.87
CA ASP G 217 -18.34 -62.69 -1.02
C ASP G 217 -18.35 -64.22 -1.17
N ASN G 218 -19.52 -64.83 -1.32
CA ASN G 218 -19.57 -66.28 -1.43
C ASN G 218 -20.04 -66.86 -2.75
N GLU G 219 -20.37 -66.00 -3.70
CA GLU G 219 -20.89 -66.49 -4.97
C GLU G 219 -19.92 -67.33 -5.79
N LEU G 220 -18.66 -66.91 -5.88
CA LEU G 220 -17.69 -67.68 -6.66
C LEU G 220 -17.56 -69.10 -6.12
N GLN G 221 -17.77 -69.26 -4.82
CA GLN G 221 -17.68 -70.56 -4.20
C GLN G 221 -18.92 -71.36 -4.57
N TYR G 222 -20.07 -70.70 -4.58
CA TYR G 222 -21.34 -71.32 -4.93
C TYR G 222 -21.24 -71.87 -6.36
N VAL G 223 -20.61 -71.07 -7.22
CA VAL G 223 -20.42 -71.42 -8.61
C VAL G 223 -19.55 -72.68 -8.71
N ASP G 224 -18.43 -72.70 -8.00
CA ASP G 224 -17.52 -73.85 -7.99
C ASP G 224 -18.25 -75.12 -7.60
N GLN G 225 -19.16 -74.98 -6.64
CA GLN G 225 -19.94 -76.10 -6.16
C GLN G 225 -20.89 -76.62 -7.23
N LEU G 226 -21.65 -75.72 -7.84
CA LEU G 226 -22.60 -76.12 -8.87
C LEU G 226 -21.90 -76.65 -10.10
N LEU G 227 -20.76 -76.10 -10.45
CA LEU G 227 -20.05 -76.59 -11.62
C LEU G 227 -19.61 -78.03 -11.41
N LYS G 228 -19.43 -78.41 -10.14
CA LYS G 228 -19.01 -79.76 -9.83
C LYS G 228 -20.21 -80.70 -9.98
N GLU G 229 -21.40 -80.20 -9.69
CA GLU G 229 -22.61 -80.98 -9.81
C GLU G 229 -22.98 -81.24 -11.26
N ASP G 230 -22.65 -80.29 -12.12
CA ASP G 230 -22.93 -80.39 -13.55
C ASP G 230 -22.14 -79.33 -14.30
N VAL G 231 -20.97 -79.73 -14.78
CA VAL G 231 -20.07 -78.84 -15.50
C VAL G 231 -20.64 -78.36 -16.83
N ARG G 232 -21.80 -78.89 -17.22
CA ARG G 232 -22.41 -78.47 -18.46
C ARG G 232 -23.49 -77.41 -18.28
N ASN G 233 -23.76 -77.00 -17.04
CA ASN G 233 -24.78 -75.99 -16.79
C ASN G 233 -24.31 -74.60 -17.26
N ASN G 234 -24.77 -74.19 -18.42
CA ASN G 234 -24.40 -72.91 -19.02
C ASN G 234 -24.73 -71.72 -18.12
N SER G 235 -25.75 -71.87 -17.26
CA SER G 235 -26.16 -70.80 -16.36
C SER G 235 -25.10 -70.53 -15.29
N VAL G 236 -24.47 -71.60 -14.82
CA VAL G 236 -23.43 -71.49 -13.80
C VAL G 236 -22.17 -70.86 -14.37
N TRP G 237 -21.82 -71.19 -15.62
CA TRP G 237 -20.65 -70.58 -16.24
C TRP G 237 -20.89 -69.08 -16.37
N ASN G 238 -22.12 -68.70 -16.71
CA ASN G 238 -22.44 -67.29 -16.85
C ASN G 238 -22.32 -66.62 -15.49
N GLN G 239 -22.80 -67.30 -14.46
CA GLN G 239 -22.73 -66.74 -13.11
C GLN G 239 -21.27 -66.49 -12.73
N ARG G 240 -20.40 -67.43 -13.09
CA ARG G 240 -18.98 -67.29 -12.78
C ARG G 240 -18.44 -66.00 -13.38
N HIS G 241 -18.72 -65.79 -14.67
CA HIS G 241 -18.24 -64.58 -15.33
C HIS G 241 -18.85 -63.33 -14.68
N PHE G 242 -20.10 -63.47 -14.24
CA PHE G 242 -20.84 -62.38 -13.59
C PHE G 242 -20.09 -61.96 -12.34
N VAL G 243 -19.78 -62.92 -11.48
CA VAL G 243 -19.07 -62.63 -10.24
C VAL G 243 -17.72 -61.99 -10.48
N ILE G 244 -16.84 -62.69 -11.18
CA ILE G 244 -15.52 -62.18 -11.46
C ILE G 244 -15.50 -60.80 -12.12
N SER G 245 -16.23 -60.60 -13.20
CA SER G 245 -16.19 -59.31 -13.86
C SER G 245 -16.74 -58.18 -13.00
N ASN G 246 -17.48 -58.52 -11.96
CA ASN G 246 -18.03 -57.49 -11.08
C ASN G 246 -17.24 -57.32 -9.81
N THR G 247 -16.17 -58.11 -9.66
CA THR G 247 -15.33 -57.99 -8.49
C THR G 247 -13.90 -57.65 -8.94
N THR G 248 -13.05 -58.66 -9.03
CA THR G 248 -11.66 -58.47 -9.45
C THR G 248 -11.47 -58.04 -10.90
N GLY G 249 -12.35 -58.50 -11.79
CA GLY G 249 -12.21 -58.17 -13.20
C GLY G 249 -11.25 -59.21 -13.77
N TYR G 250 -10.95 -59.15 -15.06
CA TYR G 250 -10.03 -60.11 -15.65
C TYR G 250 -8.70 -59.50 -16.06
N SER G 251 -8.52 -58.22 -15.78
CA SER G 251 -7.29 -57.53 -16.12
C SER G 251 -6.12 -57.96 -15.26
N ASP G 252 -6.42 -58.49 -14.08
CA ASP G 252 -5.36 -58.95 -13.19
C ASP G 252 -4.85 -60.25 -13.79
N ARG G 253 -3.69 -60.20 -14.42
CA ARG G 253 -3.11 -61.38 -15.06
C ARG G 253 -3.10 -62.61 -14.16
N ALA G 254 -3.09 -62.40 -12.85
CA ALA G 254 -3.10 -63.51 -11.91
C ALA G 254 -4.46 -64.19 -11.98
N VAL G 255 -5.51 -63.38 -12.09
CA VAL G 255 -6.88 -63.87 -12.16
C VAL G 255 -7.16 -64.52 -13.51
N LEU G 256 -6.74 -63.84 -14.58
CA LEU G 256 -6.95 -64.37 -15.92
C LEU G 256 -6.34 -65.76 -15.99
N GLU G 257 -5.10 -65.86 -15.51
CA GLU G 257 -4.40 -67.13 -15.53
C GLU G 257 -5.14 -68.20 -14.73
N ARG G 258 -5.61 -67.83 -13.54
CA ARG G 258 -6.33 -68.78 -12.70
C ARG G 258 -7.57 -69.29 -13.43
N GLU G 259 -8.29 -68.36 -14.05
CA GLU G 259 -9.51 -68.69 -14.79
C GLU G 259 -9.26 -69.55 -16.02
N VAL G 260 -8.25 -69.19 -16.82
CA VAL G 260 -7.94 -69.98 -18.00
C VAL G 260 -7.54 -71.38 -17.57
N GLN G 261 -6.75 -71.46 -16.51
CA GLN G 261 -6.30 -72.76 -16.02
C GLN G 261 -7.49 -73.57 -15.52
N TYR G 262 -8.36 -72.90 -14.77
CA TYR G 262 -9.55 -73.54 -14.22
C TYR G 262 -10.41 -74.14 -15.31
N THR G 263 -10.59 -73.38 -16.38
CA THR G 263 -11.41 -73.81 -17.50
C THR G 263 -10.77 -74.98 -18.26
N LEU G 264 -9.47 -74.86 -18.55
CA LEU G 264 -8.76 -75.94 -19.26
C LEU G 264 -8.90 -77.23 -18.45
N GLU G 265 -8.95 -77.10 -17.14
CA GLU G 265 -9.11 -78.27 -16.30
C GLU G 265 -10.49 -78.88 -16.48
N MET G 266 -11.51 -78.03 -16.53
CA MET G 266 -12.88 -78.50 -16.70
C MET G 266 -13.03 -79.10 -18.09
N ILE G 267 -12.37 -78.48 -19.06
CA ILE G 267 -12.42 -78.97 -20.44
C ILE G 267 -11.83 -80.37 -20.48
N LYS G 268 -10.71 -80.59 -19.80
CA LYS G 268 -10.09 -81.91 -19.79
C LYS G 268 -11.01 -82.97 -19.18
N LEU G 269 -11.82 -82.58 -18.20
CA LEU G 269 -12.74 -83.54 -17.58
C LEU G 269 -13.89 -83.90 -18.50
N VAL G 270 -14.39 -82.90 -19.24
CA VAL G 270 -15.50 -83.11 -20.17
C VAL G 270 -15.22 -82.22 -21.37
N PRO G 271 -14.39 -82.72 -22.30
CA PRO G 271 -13.99 -82.01 -23.52
C PRO G 271 -15.10 -81.50 -24.42
N HIS G 272 -16.21 -82.21 -24.45
CA HIS G 272 -17.34 -81.79 -25.28
C HIS G 272 -18.32 -80.98 -24.44
N ASN G 273 -17.99 -79.71 -24.23
CA ASN G 273 -18.80 -78.81 -23.43
C ASN G 273 -18.71 -77.40 -23.97
N GLU G 274 -19.70 -77.00 -24.75
CA GLU G 274 -19.69 -75.67 -25.36
C GLU G 274 -19.54 -74.56 -24.32
N SER G 275 -20.22 -74.71 -23.18
CA SER G 275 -20.17 -73.73 -22.12
C SER G 275 -18.75 -73.41 -21.67
N ALA G 276 -17.96 -74.43 -21.38
CA ALA G 276 -16.59 -74.23 -20.94
C ALA G 276 -15.79 -73.53 -22.04
N TRP G 277 -15.93 -74.01 -23.26
CA TRP G 277 -15.20 -73.39 -24.36
C TRP G 277 -15.60 -71.95 -24.60
N ASN G 278 -16.88 -71.63 -24.45
CA ASN G 278 -17.36 -70.28 -24.66
C ASN G 278 -16.78 -69.33 -23.61
N TYR G 279 -16.66 -69.82 -22.38
CA TYR G 279 -16.11 -69.03 -21.29
C TYR G 279 -14.64 -68.73 -21.59
N LEU G 280 -13.88 -69.79 -21.91
CA LEU G 280 -12.47 -69.65 -22.24
C LEU G 280 -12.28 -68.63 -23.35
N LYS G 281 -13.04 -68.75 -24.42
CA LYS G 281 -12.92 -67.83 -25.54
C LYS G 281 -13.42 -66.45 -25.11
N GLY G 282 -14.45 -66.45 -24.28
CA GLY G 282 -15.02 -65.19 -23.83
C GLY G 282 -14.08 -64.27 -23.10
N ILE G 283 -13.31 -64.83 -22.16
CA ILE G 283 -12.40 -64.03 -21.37
C ILE G 283 -11.11 -63.67 -22.07
N LEU G 284 -10.88 -64.23 -23.25
CA LEU G 284 -9.66 -63.94 -24.01
C LEU G 284 -9.87 -63.23 -25.35
N GLN G 285 -11.01 -63.46 -25.99
CA GLN G 285 -11.27 -62.88 -27.30
C GLN G 285 -11.07 -61.38 -27.45
N ASP G 286 -11.34 -60.61 -26.40
CA ASP G 286 -11.17 -59.17 -26.52
C ASP G 286 -9.75 -58.70 -26.31
N ARG G 287 -8.94 -59.47 -25.59
CA ARG G 287 -7.55 -59.07 -25.41
C ARG G 287 -6.73 -59.56 -26.61
N GLY G 288 -7.31 -60.44 -27.42
CA GLY G 288 -6.64 -60.96 -28.59
C GLY G 288 -6.16 -62.39 -28.43
N LEU G 289 -6.87 -63.34 -29.02
CA LEU G 289 -6.51 -64.75 -28.92
C LEU G 289 -5.08 -65.08 -29.39
N SER G 290 -4.60 -64.35 -30.38
CA SER G 290 -3.26 -64.59 -30.89
C SER G 290 -2.15 -64.08 -29.94
N ARG G 291 -2.52 -63.31 -28.92
CA ARG G 291 -1.54 -62.78 -27.95
C ARG G 291 -1.12 -63.82 -26.90
N TYR G 292 -1.66 -65.04 -26.98
CA TYR G 292 -1.35 -66.09 -26.02
C TYR G 292 -0.71 -67.32 -26.65
N PRO G 293 0.55 -67.20 -27.08
CA PRO G 293 1.32 -68.28 -27.72
C PRO G 293 1.27 -69.64 -27.04
N ASN G 294 1.40 -69.68 -25.73
CA ASN G 294 1.37 -70.97 -25.04
C ASN G 294 0.01 -71.64 -25.07
N LEU G 295 -1.04 -70.85 -25.26
CA LEU G 295 -2.37 -71.43 -25.32
C LEU G 295 -2.53 -72.23 -26.61
N LEU G 296 -2.03 -71.67 -27.71
CA LEU G 296 -2.11 -72.33 -29.01
C LEU G 296 -1.47 -73.71 -28.97
N ASN G 297 -0.29 -73.78 -28.37
CA ASN G 297 0.44 -75.05 -28.27
C ASN G 297 -0.30 -76.04 -27.40
N GLN G 298 -0.73 -75.58 -26.24
CA GLN G 298 -1.45 -76.45 -25.33
C GLN G 298 -2.69 -77.03 -25.95
N LEU G 299 -3.36 -76.26 -26.81
CA LEU G 299 -4.57 -76.74 -27.46
C LEU G 299 -4.22 -77.73 -28.55
N LEU G 300 -3.17 -77.43 -29.32
CA LEU G 300 -2.74 -78.33 -30.38
C LEU G 300 -2.39 -79.68 -29.77
N ASP G 301 -1.89 -79.66 -28.53
CA ASP G 301 -1.52 -80.90 -27.84
C ASP G 301 -2.72 -81.67 -27.33
N LEU G 302 -3.82 -80.98 -27.06
CA LEU G 302 -5.03 -81.64 -26.58
C LEU G 302 -5.72 -82.32 -27.75
N GLN G 303 -5.64 -81.68 -28.93
CA GLN G 303 -6.27 -82.18 -30.15
C GLN G 303 -6.26 -83.71 -30.27
N PRO G 304 -5.07 -84.33 -30.16
CA PRO G 304 -4.98 -85.79 -30.25
C PRO G 304 -6.01 -86.55 -29.43
N SER G 305 -6.09 -86.27 -28.13
CA SER G 305 -7.03 -86.96 -27.26
C SER G 305 -8.36 -86.26 -26.97
N HIS G 306 -8.29 -85.02 -26.47
CA HIS G 306 -9.50 -84.27 -26.12
C HIS G 306 -10.09 -83.41 -27.25
N SER G 307 -10.11 -83.93 -28.48
CA SER G 307 -10.65 -83.16 -29.60
C SER G 307 -12.18 -83.09 -29.56
N SER G 308 -12.71 -82.05 -30.20
CA SER G 308 -14.14 -81.81 -30.28
C SER G 308 -14.24 -80.63 -31.21
N PRO G 309 -15.42 -80.42 -31.81
CA PRO G 309 -15.57 -79.28 -32.72
C PRO G 309 -15.30 -77.94 -32.04
N TYR G 310 -15.52 -77.88 -30.73
CA TYR G 310 -15.31 -76.64 -29.98
C TYR G 310 -13.83 -76.26 -29.97
N LEU G 311 -12.98 -77.28 -29.87
CA LEU G 311 -11.52 -77.07 -29.86
C LEU G 311 -11.05 -76.64 -31.26
N ILE G 312 -11.51 -77.35 -32.30
CA ILE G 312 -11.14 -77.05 -33.68
C ILE G 312 -11.55 -75.61 -34.00
N ALA G 313 -12.73 -75.24 -33.52
CA ALA G 313 -13.28 -73.91 -33.75
C ALA G 313 -12.42 -72.86 -33.04
N PHE G 314 -11.95 -73.18 -31.84
CA PHE G 314 -11.11 -72.26 -31.08
C PHE G 314 -9.84 -71.98 -31.90
N LEU G 315 -9.24 -73.05 -32.43
CA LEU G 315 -8.03 -72.94 -33.24
C LEU G 315 -8.26 -72.03 -34.46
N VAL G 316 -9.38 -72.25 -35.16
CA VAL G 316 -9.69 -71.41 -36.32
C VAL G 316 -9.72 -69.93 -35.88
N ASP G 317 -10.33 -69.69 -34.73
CA ASP G 317 -10.45 -68.33 -34.21
C ASP G 317 -9.12 -67.73 -33.79
N ILE G 318 -8.20 -68.56 -33.32
CA ILE G 318 -6.89 -68.08 -32.95
C ILE G 318 -6.21 -67.68 -34.24
N TYR G 319 -6.26 -68.59 -35.22
CA TYR G 319 -5.64 -68.32 -36.51
C TYR G 319 -6.17 -67.04 -37.12
N GLU G 320 -7.49 -66.85 -37.05
CA GLU G 320 -8.09 -65.66 -37.61
C GLU G 320 -7.57 -64.39 -36.94
N ASP G 321 -7.39 -64.44 -35.62
CA ASP G 321 -6.91 -63.28 -34.89
C ASP G 321 -5.49 -62.96 -35.36
N MET G 322 -4.75 -64.01 -35.73
CA MET G 322 -3.39 -63.82 -36.22
C MET G 322 -3.43 -63.08 -37.55
N LEU G 323 -4.17 -63.65 -38.51
CA LEU G 323 -4.30 -63.03 -39.83
C LEU G 323 -4.74 -61.58 -39.66
N GLU G 324 -5.57 -61.34 -38.64
CA GLU G 324 -6.10 -60.02 -38.36
C GLU G 324 -4.98 -59.05 -37.93
N ASN G 325 -3.97 -59.59 -37.26
CA ASN G 325 -2.86 -58.78 -36.79
C ASN G 325 -1.61 -59.00 -37.63
N GLN G 326 -1.78 -59.02 -38.95
CA GLN G 326 -0.68 -59.20 -39.90
C GLN G 326 0.46 -60.04 -39.32
N CYS G 327 0.20 -61.31 -39.05
CA CYS G 327 1.21 -62.20 -38.50
C CYS G 327 2.25 -62.62 -39.53
N ASP G 328 3.26 -63.37 -39.10
CA ASP G 328 4.29 -63.86 -39.99
C ASP G 328 3.75 -65.14 -40.63
N ASN G 329 3.88 -65.25 -41.95
CA ASN G 329 3.39 -66.41 -42.71
C ASN G 329 1.89 -66.30 -42.95
N LYS G 330 1.43 -65.10 -43.24
CA LYS G 330 0.01 -64.86 -43.48
C LYS G 330 -0.60 -65.97 -44.33
N GLU G 331 -0.03 -66.19 -45.51
CA GLU G 331 -0.53 -67.22 -46.41
C GLU G 331 -0.49 -68.63 -45.81
N ASP G 332 0.48 -68.88 -44.93
CA ASP G 332 0.58 -70.21 -44.33
C ASP G 332 -0.44 -70.44 -43.23
N ILE G 333 -0.67 -69.42 -42.41
CA ILE G 333 -1.63 -69.49 -41.31
C ILE G 333 -3.02 -69.66 -41.90
N LEU G 334 -3.33 -68.88 -42.93
CA LEU G 334 -4.62 -68.93 -43.60
C LEU G 334 -4.96 -70.35 -44.01
N ASN G 335 -3.95 -71.10 -44.45
CA ASN G 335 -4.21 -72.47 -44.88
C ASN G 335 -4.45 -73.41 -43.72
N LYS G 336 -3.83 -73.13 -42.57
CA LYS G 336 -4.03 -73.97 -41.39
C LYS G 336 -5.48 -73.77 -40.96
N ALA G 337 -5.96 -72.54 -41.13
CA ALA G 337 -7.33 -72.18 -40.78
C ALA G 337 -8.31 -72.91 -41.70
N LEU G 338 -8.16 -72.66 -43.00
CA LEU G 338 -9.00 -73.28 -44.02
C LEU G 338 -9.01 -74.78 -43.85
N GLU G 339 -7.86 -75.37 -43.56
CA GLU G 339 -7.79 -76.81 -43.38
C GLU G 339 -8.76 -77.22 -42.26
N LEU G 340 -8.75 -76.44 -41.18
CA LEU G 340 -9.63 -76.71 -40.04
C LEU G 340 -11.11 -76.49 -40.34
N CYS G 341 -11.43 -75.42 -41.06
CA CYS G 341 -12.80 -75.16 -41.42
C CYS G 341 -13.37 -76.39 -42.15
N GLU G 342 -12.63 -76.87 -43.15
CA GLU G 342 -13.06 -78.03 -43.91
C GLU G 342 -13.18 -79.27 -43.05
N ILE G 343 -12.29 -79.41 -42.06
CA ILE G 343 -12.36 -80.57 -41.20
C ILE G 343 -13.67 -80.48 -40.42
N LEU G 344 -14.06 -79.26 -40.08
CA LEU G 344 -15.30 -79.03 -39.36
C LEU G 344 -16.47 -79.39 -40.28
N ALA G 345 -16.45 -78.83 -41.48
CA ALA G 345 -17.51 -79.07 -42.47
C ALA G 345 -17.67 -80.53 -42.85
N LYS G 346 -16.55 -81.18 -43.19
CA LYS G 346 -16.55 -82.59 -43.61
C LYS G 346 -16.73 -83.68 -42.56
N GLU G 347 -16.26 -83.46 -41.34
CA GLU G 347 -16.39 -84.53 -40.36
C GLU G 347 -16.67 -84.21 -38.89
N LYS G 348 -16.20 -83.07 -38.40
CA LYS G 348 -16.38 -82.73 -36.99
C LYS G 348 -17.67 -82.02 -36.57
N ASP G 349 -18.12 -81.05 -37.38
CA ASP G 349 -19.34 -80.30 -37.09
C ASP G 349 -20.16 -80.24 -38.39
N THR G 350 -20.43 -81.42 -38.95
CA THR G 350 -21.16 -81.54 -40.22
C THR G 350 -22.47 -80.77 -40.33
N ILE G 351 -23.29 -80.79 -39.28
CA ILE G 351 -24.57 -80.09 -39.31
C ILE G 351 -24.42 -78.62 -39.66
N ARG G 352 -23.23 -78.08 -39.47
CA ARG G 352 -22.95 -76.67 -39.79
C ARG G 352 -22.03 -76.57 -41.00
N LYS G 353 -21.96 -77.66 -41.75
CA LYS G 353 -21.15 -77.76 -42.96
C LYS G 353 -21.13 -76.50 -43.84
N GLU G 354 -22.30 -76.03 -44.26
CA GLU G 354 -22.37 -74.85 -45.10
C GLU G 354 -21.89 -73.59 -44.39
N TYR G 355 -22.04 -73.55 -43.05
CA TYR G 355 -21.60 -72.38 -42.27
C TYR G 355 -20.07 -72.31 -42.28
N TRP G 356 -19.44 -73.44 -42.01
CA TRP G 356 -17.98 -73.49 -41.98
C TRP G 356 -17.36 -73.20 -43.35
N ARG G 357 -17.95 -73.77 -44.40
CA ARG G 357 -17.48 -73.54 -45.77
C ARG G 357 -17.58 -72.04 -46.04
N TYR G 358 -18.64 -71.44 -45.48
CA TYR G 358 -18.90 -70.01 -45.61
C TYR G 358 -17.81 -69.21 -44.87
N ILE G 359 -17.42 -69.69 -43.69
CA ILE G 359 -16.39 -69.01 -42.92
C ILE G 359 -15.08 -69.13 -43.70
N GLY G 360 -14.84 -70.32 -44.22
CA GLY G 360 -13.64 -70.55 -45.00
C GLY G 360 -13.55 -69.55 -46.14
N ARG G 361 -14.60 -69.51 -46.96
CA ARG G 361 -14.65 -68.57 -48.08
C ARG G 361 -14.32 -67.16 -47.60
N SER G 362 -14.89 -66.79 -46.46
CA SER G 362 -14.69 -65.47 -45.89
C SER G 362 -13.23 -65.17 -45.60
N LEU G 363 -12.54 -66.17 -45.06
CA LEU G 363 -11.12 -66.01 -44.74
C LEU G 363 -10.30 -65.85 -46.02
N GLN G 364 -10.51 -66.73 -47.00
CA GLN G 364 -9.78 -66.65 -48.26
C GLN G 364 -9.89 -65.26 -48.87
N SER G 365 -11.11 -64.78 -49.06
CA SER G 365 -11.30 -63.47 -49.67
C SER G 365 -10.93 -62.28 -48.78
N LYS G 366 -10.44 -62.56 -47.58
CA LYS G 366 -10.07 -61.48 -46.68
C LYS G 366 -8.55 -61.44 -46.49
N HIS G 367 -7.91 -62.57 -46.73
CA HIS G 367 -6.46 -62.67 -46.56
C HIS G 367 -5.77 -63.43 -47.71
N SER G 368 -5.60 -62.78 -48.86
CA SER G 368 -4.94 -63.40 -50.02
C SER G 368 -4.36 -62.38 -51.00
N LEU H 18 -43.10 -88.19 -42.34
CA LEU H 18 -44.17 -87.36 -41.72
C LEU H 18 -44.25 -86.00 -42.41
N ASP H 19 -45.46 -85.58 -42.78
CA ASP H 19 -45.69 -84.31 -43.49
C ASP H 19 -46.49 -83.25 -42.74
N PHE H 20 -46.67 -82.11 -43.40
CA PHE H 20 -47.37 -80.96 -42.83
C PHE H 20 -48.89 -81.00 -43.00
N LEU H 21 -49.58 -81.37 -41.93
CA LEU H 21 -51.03 -81.45 -41.91
C LEU H 21 -51.66 -80.06 -41.87
N ARG H 22 -51.44 -79.27 -42.92
CA ARG H 22 -51.95 -77.91 -43.02
C ARG H 22 -53.39 -77.69 -42.57
N ASP H 23 -54.31 -78.54 -43.04
CA ASP H 23 -55.72 -78.37 -42.67
C ASP H 23 -55.94 -78.51 -41.17
N ARG H 24 -55.34 -79.55 -40.59
CA ARG H 24 -55.47 -79.80 -39.16
C ARG H 24 -55.06 -78.60 -38.32
N HIS H 25 -54.07 -77.85 -38.80
CA HIS H 25 -53.59 -76.68 -38.08
C HIS H 25 -54.56 -75.52 -38.21
N VAL H 26 -55.23 -75.42 -39.36
CA VAL H 26 -56.20 -74.35 -39.55
C VAL H 26 -57.35 -74.56 -38.56
N ARG H 27 -57.80 -75.80 -38.41
CA ARG H 27 -58.87 -76.11 -37.47
C ARG H 27 -58.41 -75.75 -36.07
N PHE H 28 -57.19 -76.18 -35.74
CA PHE H 28 -56.58 -75.91 -34.44
C PHE H 28 -56.64 -74.42 -34.09
N PHE H 29 -56.20 -73.57 -35.00
CA PHE H 29 -56.24 -72.13 -34.75
C PHE H 29 -57.67 -71.64 -34.61
N GLN H 30 -58.57 -72.19 -35.41
CA GLN H 30 -59.98 -71.77 -35.35
C GLN H 30 -60.52 -72.03 -33.96
N ARG H 31 -60.25 -73.22 -33.44
CA ARG H 31 -60.72 -73.57 -32.12
C ARG H 31 -60.18 -72.61 -31.08
N CYS H 32 -58.90 -72.24 -31.19
CA CYS H 32 -58.29 -71.31 -30.25
C CYS H 32 -59.08 -70.01 -30.19
N LEU H 33 -59.56 -69.54 -31.34
CA LEU H 33 -60.32 -68.29 -31.36
C LEU H 33 -61.72 -68.45 -30.78
N GLN H 34 -62.16 -69.69 -30.61
CA GLN H 34 -63.51 -69.93 -30.10
C GLN H 34 -63.63 -69.99 -28.58
N VAL H 35 -63.62 -71.19 -28.02
CA VAL H 35 -63.77 -71.32 -26.58
C VAL H 35 -62.71 -72.25 -26.00
N LEU H 36 -62.17 -71.87 -24.84
CA LEU H 36 -61.14 -72.65 -24.17
C LEU H 36 -61.59 -73.16 -22.80
N PRO H 37 -61.10 -74.34 -22.39
CA PRO H 37 -61.43 -74.98 -21.11
C PRO H 37 -60.86 -74.15 -19.96
N GLU H 38 -61.50 -74.23 -18.78
CA GLU H 38 -61.03 -73.46 -17.63
C GLU H 38 -59.56 -73.78 -17.33
N ARG H 39 -59.02 -74.80 -17.99
CA ARG H 39 -57.63 -75.19 -17.81
C ARG H 39 -56.67 -74.13 -18.31
N TYR H 40 -57.17 -73.21 -19.12
CA TYR H 40 -56.34 -72.15 -19.68
C TYR H 40 -56.63 -70.80 -19.04
N SER H 41 -57.12 -70.84 -17.81
CA SER H 41 -57.48 -69.65 -17.07
C SER H 41 -56.29 -68.73 -16.82
N SER H 42 -55.10 -69.30 -16.79
CA SER H 42 -53.90 -68.51 -16.55
C SER H 42 -53.52 -67.64 -17.75
N LEU H 43 -54.26 -67.80 -18.85
CA LEU H 43 -54.00 -67.03 -20.06
C LEU H 43 -54.99 -65.87 -20.20
N GLU H 44 -55.87 -65.73 -19.21
CA GLU H 44 -56.88 -64.68 -19.24
C GLU H 44 -56.33 -63.30 -19.60
N THR H 45 -55.30 -62.85 -18.89
CA THR H 45 -54.75 -61.52 -19.18
C THR H 45 -53.88 -61.45 -20.43
N SER H 46 -53.72 -62.59 -21.11
CA SER H 46 -52.92 -62.65 -22.33
C SER H 46 -53.74 -63.17 -23.52
N ARG H 47 -55.07 -63.12 -23.39
CA ARG H 47 -55.94 -63.61 -24.44
C ARG H 47 -55.68 -62.97 -25.80
N LEU H 48 -55.34 -61.69 -25.80
CA LEU H 48 -55.07 -61.00 -27.05
C LEU H 48 -53.86 -61.60 -27.79
N THR H 49 -52.84 -62.03 -27.06
CA THR H 49 -51.69 -62.63 -27.72
C THR H 49 -52.02 -64.05 -28.19
N ILE H 50 -52.98 -64.69 -27.53
CA ILE H 50 -53.39 -66.03 -27.96
C ILE H 50 -54.14 -65.84 -29.28
N ALA H 51 -54.90 -64.75 -29.36
CA ALA H 51 -55.64 -64.40 -30.56
C ALA H 51 -54.64 -64.17 -31.68
N PHE H 52 -53.60 -63.40 -31.37
CA PHE H 52 -52.54 -63.10 -32.33
C PHE H 52 -51.92 -64.39 -32.87
N PHE H 53 -51.57 -65.33 -31.99
CA PHE H 53 -50.98 -66.59 -32.44
C PHE H 53 -51.91 -67.30 -33.42
N ALA H 54 -53.21 -67.25 -33.12
CA ALA H 54 -54.22 -67.90 -33.93
C ALA H 54 -54.48 -67.19 -35.25
N LEU H 55 -54.65 -65.87 -35.19
CA LEU H 55 -54.91 -65.08 -36.38
C LEU H 55 -53.68 -65.05 -37.31
N SER H 56 -52.53 -64.64 -36.78
CA SER H 56 -51.30 -64.58 -37.55
C SER H 56 -50.96 -65.98 -38.04
N GLY H 57 -51.34 -66.98 -37.26
CA GLY H 57 -51.10 -68.36 -37.65
C GLY H 57 -51.95 -68.70 -38.85
N LEU H 58 -53.21 -68.25 -38.84
CA LEU H 58 -54.12 -68.50 -39.95
C LEU H 58 -53.68 -67.69 -41.16
N ASP H 59 -53.25 -66.45 -40.92
CA ASP H 59 -52.77 -65.59 -41.98
C ASP H 59 -51.59 -66.28 -42.68
N MET H 60 -50.67 -66.81 -41.88
CA MET H 60 -49.50 -67.50 -42.39
C MET H 60 -49.92 -68.71 -43.24
N LEU H 61 -51.05 -69.32 -42.90
CA LEU H 61 -51.53 -70.47 -43.66
C LEU H 61 -52.51 -70.00 -44.73
N ASP H 62 -52.69 -68.69 -44.82
CA ASP H 62 -53.61 -68.09 -45.79
C ASP H 62 -55.02 -68.69 -45.65
N SER H 63 -55.61 -68.53 -44.47
CA SER H 63 -56.95 -69.03 -44.18
C SER H 63 -57.72 -68.07 -43.29
N LEU H 64 -57.39 -66.78 -43.37
CA LEU H 64 -58.08 -65.78 -42.57
C LEU H 64 -59.57 -65.69 -42.89
N ASP H 65 -59.97 -66.28 -44.00
CA ASP H 65 -61.36 -66.26 -44.42
C ASP H 65 -62.27 -67.06 -43.48
N VAL H 66 -61.73 -68.10 -42.84
CA VAL H 66 -62.52 -68.92 -41.94
C VAL H 66 -62.93 -68.22 -40.65
N VAL H 67 -62.76 -66.91 -40.59
CA VAL H 67 -63.14 -66.13 -39.42
C VAL H 67 -63.80 -64.81 -39.82
N ASN H 68 -64.62 -64.27 -38.93
CA ASN H 68 -65.29 -63.01 -39.21
C ASN H 68 -64.37 -61.88 -38.81
N LYS H 69 -63.58 -61.40 -39.76
CA LYS H 69 -62.65 -60.32 -39.49
C LYS H 69 -63.30 -59.14 -38.77
N ASP H 70 -64.55 -58.84 -39.14
CA ASP H 70 -65.26 -57.71 -38.54
C ASP H 70 -65.58 -57.87 -37.06
N ASP H 71 -66.06 -59.06 -36.67
CA ASP H 71 -66.38 -59.31 -35.28
C ASP H 71 -65.12 -59.19 -34.44
N ILE H 72 -64.08 -59.89 -34.88
CA ILE H 72 -62.81 -59.90 -34.16
C ILE H 72 -62.20 -58.50 -34.06
N ILE H 73 -62.32 -57.71 -35.12
CA ILE H 73 -61.78 -56.36 -35.10
C ILE H 73 -62.48 -55.51 -34.03
N GLU H 74 -63.77 -55.73 -33.84
CA GLU H 74 -64.52 -54.98 -32.84
C GLU H 74 -64.09 -55.39 -31.45
N TRP H 75 -63.88 -56.69 -31.28
CA TRP H 75 -63.44 -57.23 -30.00
C TRP H 75 -62.10 -56.60 -29.63
N ILE H 76 -61.17 -56.60 -30.58
CA ILE H 76 -59.85 -56.03 -30.35
C ILE H 76 -59.96 -54.57 -29.92
N TYR H 77 -60.72 -53.78 -30.68
CA TYR H 77 -60.87 -52.38 -30.35
C TYR H 77 -61.51 -52.17 -28.98
N SER H 78 -62.24 -53.17 -28.51
CA SER H 78 -62.88 -53.07 -27.21
C SER H 78 -61.82 -53.21 -26.12
N LEU H 79 -60.62 -53.63 -26.52
CA LEU H 79 -59.51 -53.80 -25.59
C LEU H 79 -58.61 -52.57 -25.50
N GLN H 80 -58.89 -51.55 -26.31
CA GLN H 80 -58.07 -50.34 -26.27
C GLN H 80 -58.38 -49.43 -25.11
N VAL H 81 -57.35 -49.07 -24.37
CA VAL H 81 -57.50 -48.15 -23.25
C VAL H 81 -57.37 -46.75 -23.85
N LEU H 82 -58.51 -46.13 -24.12
CA LEU H 82 -58.55 -44.80 -24.70
C LEU H 82 -58.41 -43.73 -23.65
N PRO H 83 -57.91 -42.55 -24.03
CA PRO H 83 -57.77 -41.48 -23.05
C PRO H 83 -59.16 -40.96 -22.66
N THR H 84 -59.32 -40.62 -21.39
CA THR H 84 -60.60 -40.12 -20.89
C THR H 84 -60.84 -38.69 -21.37
N GLU H 85 -62.00 -38.14 -21.02
CA GLU H 85 -62.36 -36.78 -21.41
C GLU H 85 -61.25 -35.80 -21.06
N ASP H 86 -60.86 -35.75 -19.79
CA ASP H 86 -59.81 -34.86 -19.32
C ASP H 86 -58.41 -35.25 -19.81
N ARG H 87 -58.28 -36.46 -20.36
CA ARG H 87 -57.01 -36.96 -20.88
C ARG H 87 -55.93 -37.05 -19.79
N SER H 88 -56.37 -37.35 -18.56
CA SER H 88 -55.45 -37.46 -17.44
C SER H 88 -54.84 -38.86 -17.33
N ASN H 89 -55.21 -39.73 -18.26
CA ASN H 89 -54.69 -41.10 -18.24
C ASN H 89 -53.89 -41.44 -19.49
N LEU H 90 -53.27 -40.43 -20.11
CA LEU H 90 -52.48 -40.68 -21.32
C LEU H 90 -51.35 -41.67 -21.08
N ASP H 91 -50.69 -41.54 -19.94
CA ASP H 91 -49.58 -42.42 -19.58
C ASP H 91 -49.98 -43.88 -19.41
N ARG H 92 -51.28 -44.16 -19.51
CA ARG H 92 -51.76 -45.52 -19.33
C ARG H 92 -52.48 -46.10 -20.52
N CYS H 93 -52.45 -45.40 -21.64
CA CYS H 93 -53.15 -45.90 -22.81
C CYS H 93 -52.39 -46.97 -23.57
N GLY H 94 -53.14 -47.76 -24.34
CA GLY H 94 -52.56 -48.86 -25.10
C GLY H 94 -53.66 -49.90 -25.17
N PHE H 95 -53.33 -51.18 -25.06
CA PHE H 95 -54.35 -52.22 -25.12
C PHE H 95 -54.30 -53.17 -23.92
N ARG H 96 -55.45 -53.78 -23.62
CA ARG H 96 -55.57 -54.73 -22.53
C ARG H 96 -55.48 -56.11 -23.15
N GLY H 97 -55.17 -57.11 -22.33
CA GLY H 97 -55.07 -58.47 -22.83
C GLY H 97 -56.44 -59.09 -22.98
N SER H 98 -57.38 -58.58 -22.20
CA SER H 98 -58.77 -59.04 -22.23
C SER H 98 -59.63 -58.07 -21.44
N SER H 99 -60.88 -58.46 -21.23
CA SER H 99 -61.85 -57.65 -20.52
C SER H 99 -61.98 -58.02 -19.05
N TYR H 100 -61.00 -58.73 -18.51
CA TYR H 100 -61.06 -59.16 -17.12
C TYR H 100 -61.33 -58.07 -16.07
N LEU H 101 -61.12 -56.80 -16.39
CA LEU H 101 -61.37 -55.76 -15.38
C LEU H 101 -62.83 -55.43 -15.18
N GLY H 102 -63.67 -55.87 -16.12
CA GLY H 102 -65.09 -55.61 -16.00
C GLY H 102 -65.58 -54.31 -16.62
N ILE H 103 -64.74 -53.69 -17.45
CA ILE H 103 -65.15 -52.45 -18.09
C ILE H 103 -66.15 -52.76 -19.18
N PRO H 104 -67.24 -51.98 -19.24
CA PRO H 104 -68.30 -52.16 -20.24
C PRO H 104 -67.82 -52.13 -21.69
N PHE H 105 -68.18 -53.16 -22.44
CA PHE H 105 -67.80 -53.30 -23.84
C PHE H 105 -67.91 -52.00 -24.63
N ASN H 106 -66.81 -51.57 -25.23
CA ASN H 106 -66.78 -50.35 -26.03
C ASN H 106 -65.72 -50.45 -27.10
N PRO H 107 -66.10 -50.82 -28.33
CA PRO H 107 -65.17 -50.96 -29.45
C PRO H 107 -64.56 -49.63 -29.91
N SER H 108 -63.89 -48.96 -28.98
CA SER H 108 -63.26 -47.66 -29.25
C SER H 108 -64.23 -46.74 -29.96
N LYS H 109 -65.46 -46.70 -29.46
CA LYS H 109 -66.50 -45.85 -30.02
C LYS H 109 -66.65 -44.59 -29.18
N ASN H 110 -66.81 -44.74 -27.87
CA ASN H 110 -66.95 -43.60 -26.98
C ASN H 110 -65.63 -43.31 -26.27
N PRO H 111 -65.55 -42.17 -25.56
CA PRO H 111 -64.31 -41.85 -24.86
C PRO H 111 -64.04 -42.86 -23.74
N GLY H 112 -62.81 -42.88 -23.24
CA GLY H 112 -62.47 -43.82 -22.18
C GLY H 112 -63.15 -43.56 -20.85
N THR H 113 -63.57 -44.64 -20.19
CA THR H 113 -64.22 -44.53 -18.88
C THR H 113 -63.17 -44.74 -17.80
N ALA H 114 -62.98 -43.74 -16.94
CA ALA H 114 -61.99 -43.80 -15.87
C ALA H 114 -62.09 -45.06 -15.03
N HIS H 115 -60.95 -45.56 -14.57
CA HIS H 115 -60.87 -46.74 -13.73
C HIS H 115 -59.50 -46.71 -13.08
N PRO H 116 -59.45 -46.80 -11.75
CA PRO H 116 -58.21 -46.76 -10.97
C PRO H 116 -57.11 -47.71 -11.42
N TYR H 117 -57.50 -48.86 -11.97
CA TYR H 117 -56.51 -49.86 -12.36
C TYR H 117 -56.50 -50.30 -13.81
N ASP H 118 -57.21 -49.58 -14.67
CA ASP H 118 -57.24 -49.94 -16.08
C ASP H 118 -56.15 -49.20 -16.87
N SER H 119 -55.29 -49.98 -17.53
CA SER H 119 -54.22 -49.42 -18.34
C SER H 119 -53.72 -50.51 -19.29
N GLY H 120 -52.99 -50.11 -20.31
CA GLY H 120 -52.49 -51.07 -21.29
C GLY H 120 -51.31 -51.92 -20.84
N HIS H 121 -50.99 -52.92 -21.65
CA HIS H 121 -49.88 -53.81 -21.39
C HIS H 121 -49.11 -53.84 -22.70
N ILE H 122 -47.83 -53.48 -22.63
CA ILE H 122 -46.99 -53.40 -23.82
C ILE H 122 -47.07 -54.58 -24.81
N ALA H 123 -47.15 -55.81 -24.30
CA ALA H 123 -47.23 -56.97 -25.18
C ALA H 123 -48.60 -57.05 -25.83
N MET H 124 -49.59 -56.43 -25.21
CA MET H 124 -50.95 -56.44 -25.74
C MET H 124 -51.12 -55.34 -26.77
N THR H 125 -50.49 -54.18 -26.51
CA THR H 125 -50.55 -53.08 -27.47
C THR H 125 -49.88 -53.59 -28.74
N TYR H 126 -48.79 -54.33 -28.57
CA TYR H 126 -48.07 -54.90 -29.70
C TYR H 126 -48.92 -55.92 -30.46
N THR H 127 -49.32 -57.00 -29.80
CA THR H 127 -50.12 -58.02 -30.47
C THR H 127 -51.47 -57.49 -30.95
N GLY H 128 -51.98 -56.46 -30.27
CA GLY H 128 -53.23 -55.86 -30.64
C GLY H 128 -53.14 -55.20 -32.00
N LEU H 129 -52.23 -54.24 -32.11
CA LEU H 129 -52.01 -53.53 -33.37
C LEU H 129 -51.68 -54.55 -34.46
N SER H 130 -50.84 -55.51 -34.10
CA SER H 130 -50.45 -56.54 -35.02
C SER H 130 -51.68 -57.28 -35.56
N CYS H 131 -52.62 -57.63 -34.67
CA CYS H 131 -53.84 -58.32 -35.08
C CYS H 131 -54.69 -57.46 -36.00
N LEU H 132 -54.85 -56.19 -35.65
CA LEU H 132 -55.65 -55.28 -36.45
C LEU H 132 -55.15 -55.24 -37.89
N ILE H 133 -53.84 -55.10 -38.05
CA ILE H 133 -53.24 -55.07 -39.39
C ILE H 133 -53.48 -56.39 -40.13
N ILE H 134 -53.29 -57.51 -39.44
CA ILE H 134 -53.50 -58.81 -40.04
C ILE H 134 -54.94 -58.97 -40.52
N LEU H 135 -55.88 -58.39 -39.78
CA LEU H 135 -57.30 -58.48 -40.15
C LEU H 135 -57.75 -57.49 -41.21
N GLY H 136 -56.85 -56.59 -41.62
CA GLY H 136 -57.18 -55.64 -42.65
C GLY H 136 -57.59 -54.27 -42.16
N ASP H 137 -57.72 -54.10 -40.85
CA ASP H 137 -58.12 -52.79 -40.31
C ASP H 137 -57.04 -51.77 -40.66
N ASP H 138 -57.42 -50.51 -40.74
CA ASP H 138 -56.48 -49.44 -41.09
C ASP H 138 -55.98 -48.64 -39.89
N LEU H 139 -56.27 -49.11 -38.68
CA LEU H 139 -55.82 -48.43 -37.45
C LEU H 139 -56.36 -47.02 -37.24
N SER H 140 -57.40 -46.66 -37.97
CA SER H 140 -57.98 -45.32 -37.84
C SER H 140 -58.56 -45.08 -36.46
N ARG H 141 -59.06 -46.14 -35.82
CA ARG H 141 -59.65 -46.03 -34.50
C ARG H 141 -58.64 -46.17 -33.37
N VAL H 142 -57.36 -46.28 -33.74
CA VAL H 142 -56.29 -46.39 -32.76
C VAL H 142 -55.83 -44.97 -32.43
N ASP H 143 -55.83 -44.62 -31.15
CA ASP H 143 -55.38 -43.28 -30.76
C ASP H 143 -53.85 -43.34 -30.71
N LYS H 144 -53.25 -43.26 -31.89
CA LYS H 144 -51.80 -43.34 -32.02
C LYS H 144 -51.02 -42.52 -31.00
N GLU H 145 -51.39 -41.26 -30.81
CA GLU H 145 -50.66 -40.42 -29.85
C GLU H 145 -50.77 -40.93 -28.43
N ALA H 146 -51.94 -41.45 -28.08
CA ALA H 146 -52.16 -41.97 -26.73
C ALA H 146 -51.28 -43.19 -26.52
N CYS H 147 -51.24 -44.08 -27.51
CA CYS H 147 -50.43 -45.28 -27.40
C CYS H 147 -48.97 -44.92 -27.23
N LEU H 148 -48.48 -44.00 -28.07
CA LEU H 148 -47.09 -43.57 -28.01
C LEU H 148 -46.77 -42.94 -26.66
N ALA H 149 -47.73 -42.19 -26.11
CA ALA H 149 -47.55 -41.55 -24.82
C ALA H 149 -47.42 -42.63 -23.76
N GLY H 150 -48.26 -43.65 -23.88
CA GLY H 150 -48.23 -44.76 -22.93
C GLY H 150 -46.93 -45.53 -23.05
N LEU H 151 -46.48 -45.73 -24.28
CA LEU H 151 -45.23 -46.43 -24.51
C LEU H 151 -44.07 -45.71 -23.85
N ARG H 152 -43.94 -44.41 -24.11
CA ARG H 152 -42.87 -43.61 -23.52
C ARG H 152 -42.80 -43.78 -22.01
N ALA H 153 -43.96 -43.82 -21.38
CA ALA H 153 -44.03 -43.95 -19.93
C ALA H 153 -43.47 -45.27 -19.40
N LEU H 154 -43.35 -46.26 -20.27
CA LEU H 154 -42.84 -47.57 -19.86
C LEU H 154 -41.31 -47.72 -19.89
N GLN H 155 -40.62 -46.83 -20.59
CA GLN H 155 -39.17 -46.95 -20.69
C GLN H 155 -38.45 -46.49 -19.44
N LEU H 156 -37.45 -47.25 -19.04
CA LEU H 156 -36.66 -46.94 -17.85
C LEU H 156 -35.39 -46.18 -18.20
N GLU H 157 -34.70 -45.69 -17.18
CA GLU H 157 -33.48 -44.93 -17.39
C GLU H 157 -32.44 -45.72 -18.21
N ASP H 158 -32.37 -47.04 -17.99
CA ASP H 158 -31.40 -47.87 -18.70
C ASP H 158 -31.77 -48.21 -20.13
N GLY H 159 -32.91 -47.70 -20.58
CA GLY H 159 -33.33 -47.96 -21.95
C GLY H 159 -34.32 -49.09 -22.16
N SER H 160 -34.46 -49.98 -21.18
CA SER H 160 -35.41 -51.09 -21.33
C SER H 160 -36.84 -50.62 -21.03
N PHE H 161 -37.79 -51.56 -21.09
CA PHE H 161 -39.19 -51.24 -20.84
C PHE H 161 -39.88 -52.15 -19.85
N CYS H 162 -40.97 -51.64 -19.28
CA CYS H 162 -41.82 -52.40 -18.37
C CYS H 162 -43.03 -52.73 -19.22
N ALA H 163 -43.89 -53.62 -18.74
CA ALA H 163 -45.06 -53.99 -19.51
C ALA H 163 -46.26 -53.10 -19.18
N VAL H 164 -46.33 -52.64 -17.93
CA VAL H 164 -47.46 -51.80 -17.50
C VAL H 164 -46.99 -50.62 -16.64
N PRO H 165 -47.69 -49.49 -16.74
CA PRO H 165 -47.33 -48.30 -15.96
C PRO H 165 -47.29 -48.48 -14.44
N GLU H 166 -48.07 -49.43 -13.93
CA GLU H 166 -48.10 -49.68 -12.49
C GLU H 166 -46.78 -50.31 -12.03
N GLY H 167 -46.03 -50.84 -12.99
CA GLY H 167 -44.76 -51.46 -12.67
C GLY H 167 -44.73 -52.95 -12.97
N SER H 168 -43.55 -53.46 -13.31
CA SER H 168 -43.38 -54.87 -13.62
C SER H 168 -41.91 -55.11 -13.84
N GLU H 169 -41.55 -56.35 -14.17
CA GLU H 169 -40.17 -56.67 -14.44
C GLU H 169 -39.85 -55.96 -15.77
N ASN H 170 -38.57 -55.74 -16.05
CA ASN H 170 -38.17 -55.09 -17.29
C ASN H 170 -37.07 -55.89 -17.95
N ASP H 171 -37.14 -56.05 -19.27
CA ASP H 171 -36.13 -56.78 -20.00
C ASP H 171 -36.30 -56.66 -21.52
N MET H 172 -35.47 -57.41 -22.24
CA MET H 172 -35.46 -57.40 -23.69
C MET H 172 -36.80 -57.70 -24.35
N ARG H 173 -37.60 -58.57 -23.73
CA ARG H 173 -38.90 -58.92 -24.30
C ARG H 173 -39.70 -57.66 -24.61
N PHE H 174 -39.74 -56.74 -23.65
CA PHE H 174 -40.50 -55.51 -23.81
C PHE H 174 -39.83 -54.48 -24.69
N VAL H 175 -38.51 -54.59 -24.86
CA VAL H 175 -37.80 -53.67 -25.74
C VAL H 175 -38.27 -54.00 -27.16
N TYR H 176 -38.42 -55.30 -27.43
CA TYR H 176 -38.90 -55.75 -28.72
C TYR H 176 -40.33 -55.30 -28.96
N CYS H 177 -41.15 -55.35 -27.92
CA CYS H 177 -42.55 -54.93 -28.02
C CYS H 177 -42.61 -53.45 -28.37
N ALA H 178 -41.82 -52.64 -27.68
CA ALA H 178 -41.80 -51.21 -27.93
C ALA H 178 -41.38 -50.97 -29.38
N SER H 179 -40.35 -51.68 -29.81
CA SER H 179 -39.85 -51.54 -31.18
C SER H 179 -40.95 -51.84 -32.19
N CYS H 180 -41.65 -52.95 -32.02
CA CYS H 180 -42.73 -53.32 -32.94
C CYS H 180 -43.84 -52.28 -32.96
N ILE H 181 -44.16 -51.73 -31.80
CA ILE H 181 -45.21 -50.73 -31.72
C ILE H 181 -44.80 -49.50 -32.52
N CYS H 182 -43.63 -48.94 -32.21
CA CYS H 182 -43.15 -47.77 -32.91
C CYS H 182 -43.11 -48.01 -34.41
N TYR H 183 -42.68 -49.19 -34.81
CA TYR H 183 -42.58 -49.53 -36.22
C TYR H 183 -43.95 -49.57 -36.92
N MET H 184 -44.92 -50.22 -36.29
CA MET H 184 -46.25 -50.33 -36.88
C MET H 184 -46.95 -48.99 -36.93
N LEU H 185 -46.77 -48.17 -35.90
CA LEU H 185 -47.39 -46.85 -35.87
C LEU H 185 -46.51 -45.92 -36.66
N ASN H 186 -45.45 -46.48 -37.25
CA ASN H 186 -44.51 -45.72 -38.05
C ASN H 186 -44.13 -44.39 -37.39
N ASN H 187 -43.81 -44.45 -36.11
CA ASN H 187 -43.44 -43.26 -35.35
C ASN H 187 -42.60 -43.68 -34.15
N TRP H 188 -41.34 -43.28 -34.12
CA TRP H 188 -40.47 -43.68 -33.03
C TRP H 188 -40.39 -42.72 -31.86
N SER H 189 -41.40 -41.85 -31.75
CA SER H 189 -41.41 -40.91 -30.63
C SER H 189 -41.85 -41.67 -29.40
N GLY H 190 -42.24 -42.94 -29.61
CA GLY H 190 -42.67 -43.78 -28.52
C GLY H 190 -41.54 -44.21 -27.60
N MET H 191 -40.30 -44.03 -28.03
CA MET H 191 -39.15 -44.43 -27.23
C MET H 191 -37.96 -43.53 -27.45
N ASP H 192 -37.00 -43.62 -26.54
CA ASP H 192 -35.74 -42.90 -26.63
C ASP H 192 -34.81 -43.95 -27.23
N MET H 193 -34.79 -44.00 -28.56
CA MET H 193 -34.01 -44.99 -29.28
C MET H 193 -32.55 -45.11 -28.85
N LYS H 194 -31.92 -44.00 -28.53
CA LYS H 194 -30.53 -44.04 -28.11
C LYS H 194 -30.35 -44.90 -26.86
N LYS H 195 -31.23 -44.71 -25.87
CA LYS H 195 -31.15 -45.47 -24.64
C LYS H 195 -31.50 -46.95 -24.85
N ALA H 196 -32.45 -47.21 -25.74
CA ALA H 196 -32.84 -48.58 -26.01
C ALA H 196 -31.66 -49.33 -26.62
N ILE H 197 -31.00 -48.69 -27.58
CA ILE H 197 -29.85 -49.28 -28.25
C ILE H 197 -28.75 -49.57 -27.23
N SER H 198 -28.59 -48.66 -26.29
CA SER H 198 -27.59 -48.85 -25.25
C SER H 198 -27.90 -50.12 -24.46
N TYR H 199 -29.18 -50.31 -24.14
CA TYR H 199 -29.61 -51.48 -23.39
C TYR H 199 -29.30 -52.76 -24.18
N ILE H 200 -29.61 -52.74 -25.47
CA ILE H 200 -29.37 -53.90 -26.32
C ILE H 200 -27.88 -54.23 -26.39
N ARG H 201 -27.03 -53.22 -26.51
CA ARG H 201 -25.60 -53.49 -26.57
C ARG H 201 -25.11 -54.12 -25.27
N ARG H 202 -25.48 -53.50 -24.15
CA ARG H 202 -25.06 -53.97 -22.84
C ARG H 202 -25.50 -55.37 -22.49
N SER H 203 -26.46 -55.90 -23.24
CA SER H 203 -26.96 -57.23 -22.96
C SER H 203 -26.11 -58.33 -23.60
N MET H 204 -25.17 -57.93 -24.45
CA MET H 204 -24.34 -58.93 -25.11
C MET H 204 -23.43 -59.61 -24.07
N SER H 205 -23.45 -60.93 -24.08
CA SER H 205 -22.66 -61.73 -23.15
C SER H 205 -21.22 -61.97 -23.62
N TYR H 206 -20.41 -62.53 -22.73
CA TYR H 206 -19.03 -62.83 -23.06
C TYR H 206 -19.01 -63.92 -24.14
N ASP H 207 -20.07 -64.73 -24.21
CA ASP H 207 -20.14 -65.79 -25.22
C ASP H 207 -20.75 -65.26 -26.52
N ASN H 208 -21.01 -63.95 -26.54
CA ASN H 208 -21.53 -63.25 -27.71
C ASN H 208 -23.01 -63.30 -28.08
N GLY H 209 -23.81 -63.95 -27.25
CA GLY H 209 -25.25 -63.98 -27.50
C GLY H 209 -25.82 -62.77 -26.77
N LEU H 210 -27.12 -62.54 -26.89
CA LEU H 210 -27.74 -61.42 -26.19
C LEU H 210 -28.57 -61.98 -25.04
N ALA H 211 -28.46 -61.39 -23.86
CA ALA H 211 -29.23 -61.86 -22.71
C ALA H 211 -30.43 -60.94 -22.48
N GLN H 212 -31.26 -61.29 -21.50
CA GLN H 212 -32.42 -60.48 -21.20
C GLN H 212 -32.00 -59.10 -20.69
N GLY H 213 -30.79 -59.06 -20.14
CA GLY H 213 -30.23 -57.82 -19.63
C GLY H 213 -28.77 -58.04 -19.36
N ALA H 214 -28.05 -56.96 -19.08
CA ALA H 214 -26.62 -57.02 -18.82
C ALA H 214 -26.23 -58.03 -17.74
N GLY H 215 -25.21 -58.83 -18.03
CA GLY H 215 -24.74 -59.81 -17.08
C GLY H 215 -25.47 -61.13 -17.05
N LEU H 216 -26.70 -61.15 -17.54
CA LEU H 216 -27.49 -62.36 -17.56
C LEU H 216 -27.01 -63.32 -18.64
N GLU H 217 -27.44 -64.57 -18.55
CA GLU H 217 -27.07 -65.60 -19.50
C GLU H 217 -27.68 -65.30 -20.87
N SER H 218 -26.86 -65.29 -21.92
CA SER H 218 -27.36 -65.03 -23.26
C SER H 218 -28.42 -66.08 -23.57
N HIS H 219 -29.43 -65.70 -24.34
CA HIS H 219 -30.55 -66.58 -24.61
C HIS H 219 -31.17 -66.35 -25.99
N GLY H 220 -31.64 -67.43 -26.62
CA GLY H 220 -32.23 -67.34 -27.95
C GLY H 220 -33.37 -66.34 -28.07
N GLY H 221 -34.22 -66.29 -27.05
CA GLY H 221 -35.34 -65.38 -27.06
C GLY H 221 -34.91 -63.91 -27.00
N SER H 222 -34.01 -63.58 -26.08
CA SER H 222 -33.55 -62.21 -25.97
C SER H 222 -32.67 -61.80 -27.15
N THR H 223 -31.94 -62.75 -27.72
CA THR H 223 -31.10 -62.45 -28.88
C THR H 223 -32.02 -62.05 -30.04
N PHE H 224 -33.11 -62.81 -30.22
CA PHE H 224 -34.04 -62.47 -31.28
C PHE H 224 -34.61 -61.07 -31.00
N CYS H 225 -35.06 -60.86 -29.76
CA CYS H 225 -35.63 -59.57 -29.39
C CYS H 225 -34.69 -58.43 -29.65
N GLY H 226 -33.43 -58.59 -29.27
CA GLY H 226 -32.44 -57.53 -29.48
C GLY H 226 -32.15 -57.26 -30.95
N ILE H 227 -31.78 -58.32 -31.68
CA ILE H 227 -31.44 -58.19 -33.09
C ILE H 227 -32.63 -57.66 -33.90
N ALA H 228 -33.81 -58.24 -33.67
CA ALA H 228 -35.00 -57.83 -34.39
C ALA H 228 -35.33 -56.37 -34.10
N SER H 229 -35.13 -55.93 -32.88
CA SER H 229 -35.40 -54.54 -32.54
C SER H 229 -34.50 -53.63 -33.33
N LEU H 230 -33.21 -53.96 -33.37
CA LEU H 230 -32.25 -53.14 -34.12
C LEU H 230 -32.63 -53.11 -35.60
N CYS H 231 -32.97 -54.28 -36.15
CA CYS H 231 -33.37 -54.33 -37.55
C CYS H 231 -34.60 -53.45 -37.79
N LEU H 232 -35.57 -53.50 -36.88
CA LEU H 232 -36.77 -52.69 -37.00
C LEU H 232 -36.42 -51.21 -36.97
N MET H 233 -35.34 -50.85 -36.27
CA MET H 233 -34.91 -49.45 -36.18
C MET H 233 -33.95 -49.15 -37.34
N GLY H 234 -33.60 -50.18 -38.09
CA GLY H 234 -32.67 -50.03 -39.21
C GLY H 234 -31.30 -49.58 -38.72
N LYS H 235 -30.83 -50.14 -37.62
CA LYS H 235 -29.55 -49.77 -37.03
C LYS H 235 -28.65 -50.95 -36.71
N LEU H 236 -28.96 -52.13 -37.26
CA LEU H 236 -28.15 -53.31 -36.96
C LEU H 236 -26.66 -53.06 -37.20
N GLU H 237 -26.33 -52.75 -38.45
CA GLU H 237 -24.95 -52.49 -38.89
C GLU H 237 -24.30 -51.31 -38.17
N GLU H 238 -25.12 -50.36 -37.75
CA GLU H 238 -24.62 -49.18 -37.07
C GLU H 238 -24.32 -49.40 -35.59
N VAL H 239 -24.95 -50.41 -34.99
CA VAL H 239 -24.76 -50.70 -33.58
C VAL H 239 -23.69 -51.74 -33.30
N PHE H 240 -23.63 -52.78 -34.13
CA PHE H 240 -22.64 -53.84 -33.96
C PHE H 240 -21.61 -53.84 -35.10
N SER H 241 -20.35 -53.99 -34.73
CA SER H 241 -19.27 -54.03 -35.72
C SER H 241 -19.36 -55.35 -36.48
N GLU H 242 -18.63 -55.44 -37.58
CA GLU H 242 -18.65 -56.66 -38.36
C GLU H 242 -18.10 -57.80 -37.51
N LYS H 243 -17.09 -57.50 -36.71
CA LYS H 243 -16.48 -58.52 -35.86
C LYS H 243 -17.52 -59.00 -34.86
N GLU H 244 -18.27 -58.05 -34.31
CA GLU H 244 -19.32 -58.35 -33.35
C GLU H 244 -20.43 -59.18 -33.98
N LEU H 245 -20.91 -58.74 -35.15
CA LEU H 245 -21.95 -59.48 -35.85
C LEU H 245 -21.49 -60.90 -36.19
N ASN H 246 -20.20 -61.08 -36.45
CA ASN H 246 -19.69 -62.42 -36.75
C ASN H 246 -19.78 -63.30 -35.52
N ARG H 247 -19.48 -62.71 -34.37
CA ARG H 247 -19.54 -63.45 -33.11
C ARG H 247 -20.98 -63.81 -32.77
N ILE H 248 -21.90 -62.87 -32.99
CA ILE H 248 -23.31 -63.11 -32.72
C ILE H 248 -23.81 -64.21 -33.64
N LYS H 249 -23.43 -64.15 -34.92
CA LYS H 249 -23.82 -65.17 -35.89
C LYS H 249 -23.35 -66.53 -35.43
N ARG H 250 -22.12 -66.60 -34.96
CA ARG H 250 -21.54 -67.85 -34.49
C ARG H 250 -22.34 -68.42 -33.34
N TRP H 251 -22.71 -67.56 -32.38
CA TRP H 251 -23.47 -68.00 -31.23
C TRP H 251 -24.83 -68.55 -31.66
N CYS H 252 -25.49 -67.83 -32.57
CA CYS H 252 -26.80 -68.24 -33.04
C CYS H 252 -26.76 -69.55 -33.78
N ILE H 253 -25.89 -69.66 -34.78
CA ILE H 253 -25.86 -70.90 -35.55
C ILE H 253 -25.44 -72.11 -34.73
N MET H 254 -24.81 -71.88 -33.59
CA MET H 254 -24.39 -72.99 -32.74
C MET H 254 -25.58 -73.54 -31.96
N ARG H 255 -26.71 -72.86 -32.08
CA ARG H 255 -27.93 -73.28 -31.38
C ARG H 255 -28.61 -74.46 -32.06
N GLN H 256 -28.25 -74.77 -33.31
CA GLN H 256 -28.90 -75.89 -33.97
C GLN H 256 -28.30 -77.23 -33.61
N GLN H 257 -29.15 -78.11 -33.10
CA GLN H 257 -28.74 -79.46 -32.70
C GLN H 257 -29.33 -80.40 -33.75
N ASN H 258 -30.55 -80.08 -34.13
CA ASN H 258 -31.36 -80.76 -35.14
C ASN H 258 -32.41 -79.69 -35.27
N GLY H 259 -33.11 -79.48 -34.16
CA GLY H 259 -34.08 -78.40 -34.08
C GLY H 259 -33.20 -77.36 -33.38
N TYR H 260 -33.79 -76.37 -32.72
CA TYR H 260 -32.98 -75.37 -32.05
C TYR H 260 -33.27 -75.28 -30.55
N HIS H 261 -32.24 -75.03 -29.75
CA HIS H 261 -32.45 -74.84 -28.31
C HIS H 261 -32.21 -73.35 -28.06
N GLY H 262 -32.64 -72.84 -26.91
CA GLY H 262 -32.46 -71.43 -26.62
C GLY H 262 -31.18 -71.04 -25.91
N ARG H 263 -30.46 -72.05 -25.40
CA ARG H 263 -29.21 -71.83 -24.67
C ARG H 263 -28.31 -73.05 -24.78
N PRO H 264 -26.98 -72.85 -24.78
CA PRO H 264 -26.04 -73.97 -24.86
C PRO H 264 -26.40 -75.02 -23.82
N ASN H 265 -26.29 -76.29 -24.20
CA ASN H 265 -26.59 -77.41 -23.31
C ASN H 265 -28.02 -77.55 -22.81
N LYS H 266 -28.97 -76.96 -23.53
CA LYS H 266 -30.39 -77.06 -23.18
C LYS H 266 -31.07 -77.87 -24.29
N PRO H 267 -32.12 -78.63 -23.96
CA PRO H 267 -32.80 -79.42 -25.00
C PRO H 267 -33.49 -78.53 -26.04
N VAL H 268 -33.57 -79.01 -27.29
CA VAL H 268 -34.22 -78.23 -28.34
C VAL H 268 -35.70 -78.03 -28.03
N ASP H 269 -36.25 -76.99 -28.63
CA ASP H 269 -37.65 -76.62 -28.41
C ASP H 269 -38.16 -76.01 -29.71
N THR H 270 -39.25 -76.55 -30.23
CA THR H 270 -39.82 -76.07 -31.47
C THR H 270 -39.82 -74.55 -31.67
N CYS H 271 -40.30 -73.79 -30.69
CA CYS H 271 -40.38 -72.35 -30.88
C CYS H 271 -39.06 -71.66 -31.21
N TYR H 272 -37.95 -72.31 -30.90
CA TYR H 272 -36.64 -71.70 -31.19
C TYR H 272 -36.29 -71.78 -32.68
N SER H 273 -37.03 -72.62 -33.41
CA SER H 273 -36.82 -72.71 -34.84
C SER H 273 -37.19 -71.35 -35.40
N PHE H 274 -38.00 -70.58 -34.66
CA PHE H 274 -38.31 -69.25 -35.10
C PHE H 274 -37.43 -68.23 -34.39
N TRP H 275 -37.42 -68.24 -33.06
CA TRP H 275 -36.61 -67.28 -32.29
C TRP H 275 -35.19 -67.17 -32.83
N VAL H 276 -34.49 -68.30 -32.92
CA VAL H 276 -33.13 -68.34 -33.43
C VAL H 276 -33.11 -68.29 -34.96
N GLY H 277 -33.94 -69.12 -35.59
CA GLY H 277 -34.02 -69.15 -37.05
C GLY H 277 -34.23 -67.78 -37.65
N ALA H 278 -35.16 -67.02 -37.08
CA ALA H 278 -35.45 -65.68 -37.56
C ALA H 278 -34.26 -64.73 -37.35
N THR H 279 -33.50 -64.96 -36.28
CA THR H 279 -32.34 -64.13 -36.01
C THR H 279 -31.30 -64.41 -37.09
N LEU H 280 -31.12 -65.70 -37.38
CA LEU H 280 -30.18 -66.12 -38.41
C LEU H 280 -30.60 -65.53 -39.75
N LYS H 281 -31.90 -65.50 -40.00
CA LYS H 281 -32.40 -64.94 -41.24
C LYS H 281 -32.07 -63.45 -41.28
N LEU H 282 -32.29 -62.74 -40.17
CA LEU H 282 -31.99 -61.32 -40.15
C LEU H 282 -30.50 -61.08 -40.35
N LEU H 283 -29.68 -62.03 -39.91
CA LEU H 283 -28.23 -61.93 -40.03
C LEU H 283 -27.74 -62.52 -41.35
N LYS H 284 -28.69 -62.80 -42.24
CA LYS H 284 -28.42 -63.32 -43.57
C LYS H 284 -27.58 -64.60 -43.66
N ILE H 285 -27.69 -65.48 -42.66
CA ILE H 285 -26.95 -66.74 -42.72
C ILE H 285 -27.81 -67.95 -42.38
N PHE H 286 -29.13 -67.75 -42.32
CA PHE H 286 -30.02 -68.88 -42.03
C PHE H 286 -29.88 -69.90 -43.17
N GLN H 287 -29.54 -69.38 -44.34
CA GLN H 287 -29.34 -70.19 -45.54
C GLN H 287 -28.24 -71.24 -45.35
N TYR H 288 -27.35 -71.02 -44.39
CA TYR H 288 -26.25 -71.95 -44.15
C TYR H 288 -26.56 -73.01 -43.09
N THR H 289 -27.78 -73.01 -42.57
CA THR H 289 -28.17 -73.99 -41.56
C THR H 289 -28.60 -75.27 -42.27
N ASN H 290 -28.84 -76.33 -41.50
CA ASN H 290 -29.29 -77.58 -42.08
C ASN H 290 -30.82 -77.58 -42.04
N PHE H 291 -31.46 -77.44 -43.21
CA PHE H 291 -32.92 -77.40 -43.26
C PHE H 291 -33.65 -78.68 -42.89
N GLU H 292 -33.20 -79.80 -43.46
CA GLU H 292 -33.85 -81.09 -43.22
C GLU H 292 -34.03 -81.50 -41.75
N LYS H 293 -32.94 -81.46 -40.98
CA LYS H 293 -33.02 -81.84 -39.57
C LYS H 293 -33.94 -80.91 -38.78
N ASN H 294 -33.96 -79.64 -39.16
CA ASN H 294 -34.80 -78.65 -38.49
C ASN H 294 -36.25 -78.98 -38.81
N ARG H 295 -36.56 -79.08 -40.10
CA ARG H 295 -37.91 -79.40 -40.54
C ARG H 295 -38.37 -80.71 -39.91
N ASN H 296 -37.48 -81.70 -39.93
CA ASN H 296 -37.79 -82.99 -39.36
C ASN H 296 -38.17 -82.85 -37.88
N TYR H 297 -37.39 -82.08 -37.12
CA TYR H 297 -37.68 -81.92 -35.70
C TYR H 297 -39.02 -81.22 -35.49
N ILE H 298 -39.22 -80.10 -36.18
CA ILE H 298 -40.47 -79.36 -36.05
C ILE H 298 -41.67 -80.29 -36.28
N LEU H 299 -41.64 -81.04 -37.37
CA LEU H 299 -42.74 -81.93 -37.69
C LEU H 299 -42.91 -83.02 -36.63
N SER H 300 -41.83 -83.44 -35.99
CA SER H 300 -41.91 -84.48 -34.98
C SER H 300 -42.70 -84.02 -33.74
N THR H 301 -42.96 -82.72 -33.65
CA THR H 301 -43.70 -82.20 -32.51
C THR H 301 -45.12 -81.85 -32.94
N GLN H 302 -45.45 -82.22 -34.17
CA GLN H 302 -46.78 -81.95 -34.72
C GLN H 302 -47.78 -82.94 -34.14
N ASP H 303 -48.93 -82.44 -33.69
CA ASP H 303 -49.96 -83.33 -33.15
C ASP H 303 -50.85 -83.69 -34.32
N ARG H 304 -50.67 -84.91 -34.85
CA ARG H 304 -51.42 -85.38 -36.00
C ARG H 304 -52.92 -85.56 -35.75
N LEU H 305 -53.31 -85.63 -34.49
CA LEU H 305 -54.71 -85.81 -34.12
C LEU H 305 -55.47 -84.48 -33.96
N VAL H 306 -55.04 -83.65 -33.00
CA VAL H 306 -55.70 -82.38 -32.73
C VAL H 306 -55.13 -81.19 -33.53
N GLY H 307 -53.93 -81.35 -34.08
CA GLY H 307 -53.33 -80.25 -34.83
C GLY H 307 -52.42 -79.41 -33.95
N GLY H 308 -51.73 -78.45 -34.56
CA GLY H 308 -50.81 -77.61 -33.81
C GLY H 308 -49.50 -78.32 -33.52
N PHE H 309 -48.59 -77.62 -32.85
CA PHE H 309 -47.28 -78.19 -32.49
C PHE H 309 -47.01 -78.02 -31.00
N ALA H 310 -46.08 -78.82 -30.48
CA ALA H 310 -45.69 -78.76 -29.07
C ALA H 310 -44.22 -78.37 -29.01
N LYS H 311 -43.68 -78.16 -27.82
CA LYS H 311 -42.28 -77.80 -27.72
C LYS H 311 -41.42 -79.03 -28.00
N TRP H 312 -41.89 -80.17 -27.51
CA TRP H 312 -41.20 -81.44 -27.72
C TRP H 312 -42.13 -82.48 -28.33
N PRO H 313 -41.56 -83.50 -28.98
CA PRO H 313 -42.43 -84.52 -29.57
C PRO H 313 -43.16 -85.28 -28.46
N ASP H 314 -44.35 -85.80 -28.79
CA ASP H 314 -45.15 -86.55 -27.83
C ASP H 314 -45.42 -85.67 -26.61
N SER H 315 -45.74 -84.41 -26.88
CA SER H 315 -46.03 -83.44 -25.83
C SER H 315 -47.32 -82.75 -26.32
N HIS H 316 -48.08 -82.14 -25.42
CA HIS H 316 -49.31 -81.49 -25.85
C HIS H 316 -49.09 -80.18 -26.59
N PRO H 317 -49.81 -79.97 -27.70
CA PRO H 317 -49.68 -78.76 -28.50
C PRO H 317 -50.36 -77.54 -27.88
N ASP H 318 -49.88 -76.35 -28.25
CA ASP H 318 -50.45 -75.11 -27.75
C ASP H 318 -50.36 -74.06 -28.86
N ALA H 319 -51.07 -72.96 -28.69
CA ALA H 319 -51.09 -71.90 -29.70
C ALA H 319 -49.72 -71.30 -30.00
N LEU H 320 -48.89 -71.14 -28.97
CA LEU H 320 -47.57 -70.57 -29.17
C LEU H 320 -46.67 -71.44 -30.03
N HIS H 321 -46.57 -72.72 -29.71
CA HIS H 321 -45.72 -73.61 -30.49
C HIS H 321 -46.32 -73.91 -31.86
N ALA H 322 -47.64 -73.88 -31.94
CA ALA H 322 -48.29 -74.13 -33.21
C ALA H 322 -47.88 -72.98 -34.13
N TYR H 323 -47.99 -71.75 -33.62
CA TYR H 323 -47.65 -70.58 -34.41
C TYR H 323 -46.15 -70.49 -34.75
N PHE H 324 -45.29 -70.60 -33.75
CA PHE H 324 -43.87 -70.50 -34.01
C PHE H 324 -43.32 -71.69 -34.79
N GLY H 325 -43.94 -72.86 -34.63
CA GLY H 325 -43.50 -74.00 -35.40
C GLY H 325 -43.78 -73.74 -36.87
N ILE H 326 -44.94 -73.14 -37.13
CA ILE H 326 -45.31 -72.82 -38.50
C ILE H 326 -44.39 -71.74 -39.04
N CYS H 327 -44.12 -70.70 -38.25
CA CYS H 327 -43.22 -69.65 -38.71
C CYS H 327 -41.82 -70.24 -38.95
N GLY H 328 -41.47 -71.25 -38.15
CA GLY H 328 -40.18 -71.90 -38.31
C GLY H 328 -40.12 -72.55 -39.67
N LEU H 329 -41.18 -73.28 -40.01
CA LEU H 329 -41.28 -73.95 -41.30
C LEU H 329 -41.22 -72.91 -42.43
N SER H 330 -41.89 -71.78 -42.20
CA SER H 330 -41.94 -70.69 -43.17
C SER H 330 -40.54 -70.18 -43.54
N LEU H 331 -39.64 -70.07 -42.57
CA LEU H 331 -38.29 -69.58 -42.82
C LEU H 331 -37.53 -70.42 -43.87
N MET H 332 -37.86 -71.70 -43.96
CA MET H 332 -37.22 -72.60 -44.92
C MET H 332 -38.11 -72.77 -46.16
N GLU H 333 -39.22 -72.03 -46.17
CA GLU H 333 -40.17 -72.09 -47.27
C GLU H 333 -40.74 -73.50 -47.40
N GLU H 334 -41.79 -73.75 -46.62
CA GLU H 334 -42.48 -75.03 -46.64
C GLU H 334 -43.67 -74.75 -47.54
N SER H 335 -43.95 -75.64 -48.47
CA SER H 335 -45.08 -75.43 -49.36
C SER H 335 -46.37 -75.30 -48.54
N GLY H 336 -47.14 -74.26 -48.86
CA GLY H 336 -48.38 -74.02 -48.17
C GLY H 336 -48.32 -72.99 -47.06
N ILE H 337 -47.12 -72.45 -46.82
CA ILE H 337 -46.93 -71.47 -45.77
C ILE H 337 -46.35 -70.17 -46.28
N CYS H 338 -47.03 -69.07 -46.01
CA CYS H 338 -46.57 -67.77 -46.46
C CYS H 338 -45.23 -67.42 -45.84
N LYS H 339 -44.49 -66.57 -46.53
CA LYS H 339 -43.19 -66.12 -46.06
C LYS H 339 -43.40 -65.17 -44.89
N VAL H 340 -42.76 -65.47 -43.77
CA VAL H 340 -42.90 -64.61 -42.60
C VAL H 340 -41.85 -63.49 -42.61
N HIS H 341 -42.25 -62.33 -42.14
CA HIS H 341 -41.33 -61.20 -42.06
C HIS H 341 -40.63 -61.44 -40.71
N PRO H 342 -39.37 -61.93 -40.74
CA PRO H 342 -38.56 -62.24 -39.57
C PRO H 342 -38.38 -61.22 -38.45
N ALA H 343 -38.56 -59.94 -38.73
CA ALA H 343 -38.38 -58.97 -37.66
C ALA H 343 -39.68 -58.42 -37.08
N LEU H 344 -40.74 -58.42 -37.89
CA LEU H 344 -42.03 -57.90 -37.43
C LEU H 344 -42.91 -59.03 -36.91
N ASN H 345 -42.51 -60.27 -37.21
CA ASN H 345 -43.24 -61.43 -36.75
C ASN H 345 -44.68 -61.40 -37.24
N VAL H 346 -44.83 -61.19 -38.54
CA VAL H 346 -46.14 -61.16 -39.22
C VAL H 346 -45.86 -61.65 -40.63
N SER H 347 -46.87 -62.17 -41.31
CA SER H 347 -46.67 -62.63 -42.67
C SER H 347 -46.19 -61.45 -43.51
N THR H 348 -45.42 -61.73 -44.56
CA THR H 348 -44.92 -60.66 -45.41
C THR H 348 -46.08 -59.90 -46.05
N ARG H 349 -47.13 -60.64 -46.40
CA ARG H 349 -48.32 -60.02 -47.00
C ARG H 349 -48.81 -58.89 -46.09
N THR H 350 -48.81 -59.16 -44.79
CA THR H 350 -49.27 -58.17 -43.82
C THR H 350 -48.29 -57.00 -43.70
N SER H 351 -47.00 -57.28 -43.71
CA SER H 351 -46.02 -56.20 -43.62
C SER H 351 -46.19 -55.31 -44.85
N GLU H 352 -46.59 -55.95 -45.96
CA GLU H 352 -46.84 -55.25 -47.23
C GLU H 352 -47.86 -54.16 -46.97
N ARG H 353 -49.02 -54.60 -46.50
CA ARG H 353 -50.13 -53.72 -46.19
C ARG H 353 -49.66 -52.60 -45.28
N LEU H 354 -48.96 -52.95 -44.20
CA LEU H 354 -48.48 -51.95 -43.27
C LEU H 354 -47.71 -50.88 -44.06
N ARG H 355 -46.99 -51.33 -45.08
CA ARG H 355 -46.22 -50.41 -45.92
C ARG H 355 -47.19 -49.48 -46.63
N ASP H 356 -48.17 -50.08 -47.32
CA ASP H 356 -49.18 -49.29 -48.03
C ASP H 356 -49.80 -48.33 -47.03
N LEU H 357 -50.29 -48.91 -45.93
CA LEU H 357 -50.93 -48.16 -44.87
C LEU H 357 -50.11 -46.93 -44.47
N HIS H 358 -48.81 -47.14 -44.25
CA HIS H 358 -47.93 -46.04 -43.85
C HIS H 358 -47.92 -44.91 -44.88
N GLN H 359 -47.70 -45.23 -46.15
CA GLN H 359 -47.66 -44.23 -47.21
C GLN H 359 -48.96 -43.39 -47.23
N SER H 360 -50.08 -44.06 -46.96
CA SER H 360 -51.38 -43.40 -46.95
C SER H 360 -51.44 -42.29 -45.91
N TRP H 361 -50.71 -42.45 -44.82
CA TRP H 361 -50.70 -41.44 -43.77
C TRP H 361 -49.82 -40.25 -44.16
N LYS H 362 -48.91 -40.47 -45.11
CA LYS H 362 -48.01 -39.41 -45.54
C LYS H 362 -48.63 -38.52 -46.62
N THR H 363 -49.92 -38.22 -46.48
CA THR H 363 -50.62 -37.37 -47.45
C THR H 363 -51.36 -36.22 -46.78
N PHE I 55 -8.10 37.87 -1.36
CA PHE I 55 -6.66 37.49 -1.45
C PHE I 55 -6.41 36.00 -1.69
N LEU I 56 -6.39 35.22 -0.62
CA LEU I 56 -6.12 33.79 -0.72
C LEU I 56 -7.32 32.99 -1.24
N SER I 57 -7.31 32.67 -2.53
CA SER I 57 -8.40 31.92 -3.16
C SER I 57 -8.69 30.57 -2.50
N LEU I 58 -9.95 30.16 -2.54
CA LEU I 58 -10.35 28.90 -1.93
C LEU I 58 -9.79 27.65 -2.60
N ASP I 59 -9.39 27.76 -3.86
CA ASP I 59 -8.82 26.62 -4.54
C ASP I 59 -7.32 26.84 -4.78
N SER I 60 -6.75 27.81 -4.08
CA SER I 60 -5.32 28.11 -4.18
C SER I 60 -4.54 26.94 -3.58
N PRO I 61 -3.35 26.64 -4.14
CA PRO I 61 -2.54 25.53 -3.64
C PRO I 61 -2.09 25.82 -2.21
N THR I 62 -1.94 27.11 -1.90
CA THR I 62 -1.49 27.52 -0.57
C THR I 62 -2.63 27.94 0.36
N TYR I 63 -3.86 27.60 0.00
CA TYR I 63 -4.98 27.95 0.86
C TYR I 63 -4.82 27.27 2.22
N VAL I 64 -5.24 27.95 3.27
CA VAL I 64 -5.12 27.40 4.62
C VAL I 64 -6.44 27.54 5.36
N LEU I 65 -6.92 26.45 5.96
CA LEU I 65 -8.18 26.51 6.70
C LEU I 65 -8.12 27.67 7.69
N TYR I 66 -9.28 28.21 8.05
CA TYR I 66 -9.31 29.32 8.98
C TYR I 66 -8.85 28.90 10.36
N ARG I 67 -9.06 27.63 10.71
CA ARG I 67 -8.63 27.16 12.03
C ARG I 67 -7.11 27.11 12.17
N ASP I 68 -6.39 27.17 11.04
CA ASP I 68 -4.93 27.14 11.05
C ASP I 68 -4.32 28.48 10.72
N ARG I 69 -5.13 29.53 10.73
CA ARG I 69 -4.63 30.86 10.41
C ARG I 69 -4.35 31.61 11.70
N ALA I 70 -3.15 32.16 11.79
CA ALA I 70 -2.75 32.90 12.97
C ALA I 70 -3.71 34.05 13.26
N GLU I 71 -4.07 34.82 12.23
CA GLU I 71 -4.96 35.96 12.41
C GLU I 71 -6.32 35.59 12.99
N TRP I 72 -6.66 34.32 13.01
CA TRP I 72 -7.96 33.90 13.54
C TRP I 72 -7.83 33.05 14.78
N ALA I 73 -6.62 33.04 15.34
CA ALA I 73 -6.32 32.25 16.53
C ALA I 73 -7.17 32.62 17.75
N ASP I 74 -7.50 33.91 17.87
CA ASP I 74 -8.30 34.41 18.99
C ASP I 74 -9.80 34.10 18.93
N ILE I 75 -10.28 33.67 17.76
CA ILE I 75 -11.70 33.38 17.58
C ILE I 75 -12.02 31.89 17.73
N ASP I 76 -13.09 31.61 18.47
CA ASP I 76 -13.55 30.25 18.68
C ASP I 76 -14.66 29.96 17.66
N PRO I 77 -14.37 29.12 16.65
CA PRO I 77 -15.39 28.81 15.65
C PRO I 77 -16.70 28.32 16.26
N VAL I 78 -17.82 28.69 15.65
CA VAL I 78 -19.15 28.29 16.11
C VAL I 78 -19.75 27.32 15.12
N PRO I 79 -20.06 26.09 15.57
CA PRO I 79 -20.64 25.07 14.70
C PRO I 79 -22.14 25.18 14.59
N GLN I 80 -22.68 24.55 13.55
CA GLN I 80 -24.11 24.53 13.31
C GLN I 80 -24.60 23.20 13.86
N ASN I 81 -25.76 23.21 14.52
CA ASN I 81 -26.29 21.97 15.06
C ASN I 81 -27.79 21.82 14.84
N ASP I 82 -28.15 20.85 14.01
CA ASP I 82 -29.54 20.57 13.68
C ASP I 82 -30.17 19.64 14.71
N GLY I 83 -29.50 19.48 15.85
CA GLY I 83 -30.03 18.63 16.91
C GLY I 83 -29.90 17.13 16.71
N PRO I 84 -30.68 16.34 17.47
CA PRO I 84 -30.69 14.88 17.42
C PRO I 84 -31.01 14.26 16.06
N SER I 85 -32.11 14.70 15.45
CA SER I 85 -32.51 14.16 14.15
C SER I 85 -32.64 15.22 13.08
N PRO I 86 -31.55 15.51 12.37
CA PRO I 86 -31.57 16.53 11.31
C PRO I 86 -32.38 16.15 10.07
N VAL I 87 -33.10 17.14 9.53
CA VAL I 87 -33.93 16.97 8.35
C VAL I 87 -33.31 17.75 7.19
N VAL I 88 -33.42 17.19 5.98
CA VAL I 88 -32.86 17.82 4.77
C VAL I 88 -31.48 18.38 5.09
N GLN I 89 -30.66 17.52 5.69
CA GLN I 89 -29.30 17.87 6.09
C GLN I 89 -28.33 17.80 4.90
N ILE I 90 -27.61 18.89 4.70
CA ILE I 90 -26.64 18.96 3.61
C ILE I 90 -25.25 18.66 4.18
N ILE I 91 -24.52 17.75 3.53
CA ILE I 91 -23.18 17.41 4.01
C ILE I 91 -22.17 18.40 3.44
N TYR I 92 -21.31 18.90 4.31
CA TYR I 92 -20.31 19.89 3.91
C TYR I 92 -18.86 19.42 4.03
N SER I 93 -18.04 19.86 3.08
CA SER I 93 -16.63 19.50 3.08
C SER I 93 -15.94 20.22 4.23
N GLU I 94 -14.71 19.84 4.51
CA GLU I 94 -13.95 20.46 5.58
C GLU I 94 -13.82 21.95 5.34
N LYS I 95 -13.40 22.32 4.13
CA LYS I 95 -13.23 23.72 3.77
C LYS I 95 -14.50 24.52 3.99
N PHE I 96 -15.62 24.00 3.45
CA PHE I 96 -16.91 24.66 3.56
C PHE I 96 -17.29 24.89 5.01
N ARG I 97 -17.34 23.81 5.77
CA ARG I 97 -17.71 23.88 7.18
C ARG I 97 -16.77 24.81 7.93
N ASP I 98 -15.51 24.84 7.54
CA ASP I 98 -14.53 25.68 8.19
C ASP I 98 -14.86 27.17 7.99
N VAL I 99 -15.08 27.58 6.75
CA VAL I 99 -15.40 28.98 6.47
C VAL I 99 -16.64 29.43 7.24
N TYR I 100 -17.67 28.60 7.23
CA TYR I 100 -18.90 28.97 7.91
C TYR I 100 -18.87 28.90 9.41
N ASP I 101 -18.00 28.07 9.97
CA ASP I 101 -17.90 27.99 11.43
C ASP I 101 -17.33 29.30 11.92
N TYR I 102 -16.44 29.88 11.14
CA TYR I 102 -15.86 31.16 11.52
C TYR I 102 -16.82 32.29 11.17
N PHE I 103 -17.62 32.11 10.12
CA PHE I 103 -18.58 33.13 9.76
C PHE I 103 -19.53 33.27 10.94
N ARG I 104 -20.07 32.14 11.42
CA ARG I 104 -20.98 32.15 12.55
C ARG I 104 -20.37 32.87 13.73
N ALA I 105 -19.10 32.61 13.98
CA ALA I 105 -18.39 33.24 15.08
C ALA I 105 -18.39 34.76 14.94
N VAL I 106 -17.90 35.24 13.81
CA VAL I 106 -17.85 36.67 13.56
C VAL I 106 -19.24 37.32 13.63
N LEU I 107 -20.25 36.64 13.09
CA LEU I 107 -21.62 37.15 13.09
C LEU I 107 -22.13 37.29 14.52
N GLN I 108 -22.05 36.19 15.26
CA GLN I 108 -22.51 36.16 16.64
C GLN I 108 -21.95 37.30 17.49
N ARG I 109 -20.75 37.74 17.14
CA ARG I 109 -20.08 38.82 17.87
C ARG I 109 -20.23 40.16 17.17
N ASP I 110 -20.91 40.16 16.03
CA ASP I 110 -21.11 41.38 15.26
C ASP I 110 -19.78 42.13 15.13
N GLU I 111 -18.73 41.39 14.84
CA GLU I 111 -17.41 41.96 14.67
C GLU I 111 -17.28 42.73 13.35
N ARG I 112 -17.16 44.05 13.42
CA ARG I 112 -17.03 44.86 12.22
C ARG I 112 -15.57 44.99 11.80
N SER I 113 -14.89 43.86 11.61
CA SER I 113 -13.47 43.90 11.24
C SER I 113 -13.18 43.73 9.76
N GLU I 114 -11.93 44.03 9.39
CA GLU I 114 -11.51 43.89 8.02
C GLU I 114 -11.34 42.42 7.68
N ARG I 115 -11.02 41.61 8.68
CA ARG I 115 -10.84 40.19 8.45
C ARG I 115 -12.21 39.54 8.20
N ALA I 116 -13.23 40.08 8.87
CA ALA I 116 -14.59 39.56 8.71
C ALA I 116 -15.04 39.88 7.29
N PHE I 117 -14.75 41.10 6.84
CA PHE I 117 -15.12 41.51 5.50
C PHE I 117 -14.56 40.53 4.48
N LYS I 118 -13.29 40.16 4.66
CA LYS I 118 -12.64 39.23 3.74
C LYS I 118 -13.25 37.85 3.87
N LEU I 119 -13.67 37.49 5.08
CA LEU I 119 -14.29 36.19 5.29
C LEU I 119 -15.59 36.08 4.50
N THR I 120 -16.34 37.17 4.39
CA THR I 120 -17.60 37.13 3.66
C THR I 120 -17.39 36.77 2.19
N ARG I 121 -16.27 37.24 1.61
CA ARG I 121 -15.99 36.93 0.22
C ARG I 121 -15.95 35.42 0.02
N ASP I 122 -15.34 34.71 0.96
CA ASP I 122 -15.23 33.26 0.89
C ASP I 122 -16.59 32.60 1.11
N ALA I 123 -17.35 33.13 2.06
CA ALA I 123 -18.66 32.59 2.37
C ALA I 123 -19.56 32.74 1.15
N ILE I 124 -19.43 33.87 0.47
CA ILE I 124 -20.22 34.14 -0.73
C ILE I 124 -19.80 33.20 -1.87
N GLU I 125 -18.51 32.94 -1.98
CA GLU I 125 -18.05 32.05 -3.04
C GLU I 125 -18.59 30.65 -2.79
N LEU I 126 -18.75 30.29 -1.53
CA LEU I 126 -19.28 28.98 -1.19
C LEU I 126 -20.79 28.91 -1.39
N ASN I 127 -21.47 30.03 -1.16
CA ASN I 127 -22.92 30.06 -1.29
C ASN I 127 -23.44 31.49 -1.39
N ALA I 128 -23.63 31.96 -2.62
CA ALA I 128 -24.11 33.32 -2.85
C ALA I 128 -25.60 33.49 -2.57
N ALA I 129 -26.28 32.41 -2.21
CA ALA I 129 -27.71 32.48 -1.93
C ALA I 129 -28.00 32.71 -0.46
N ASN I 130 -26.95 32.87 0.34
CA ASN I 130 -27.09 33.11 1.77
C ASN I 130 -27.32 34.61 1.99
N TYR I 131 -28.58 35.00 2.13
CA TYR I 131 -28.93 36.40 2.32
C TYR I 131 -28.31 37.06 3.55
N THR I 132 -28.11 36.29 4.62
CA THR I 132 -27.53 36.86 5.83
C THR I 132 -26.10 37.31 5.55
N VAL I 133 -25.35 36.49 4.81
CA VAL I 133 -23.98 36.84 4.48
C VAL I 133 -23.92 38.19 3.75
N TRP I 134 -24.80 38.37 2.76
CA TRP I 134 -24.83 39.62 2.01
C TRP I 134 -25.20 40.81 2.91
N HIS I 135 -26.13 40.59 3.84
CA HIS I 135 -26.55 41.67 4.74
C HIS I 135 -25.34 42.11 5.57
N PHE I 136 -24.71 41.14 6.24
CA PHE I 136 -23.55 41.42 7.05
C PHE I 136 -22.49 42.11 6.22
N ARG I 137 -22.28 41.64 5.00
CA ARG I 137 -21.28 42.26 4.15
C ARG I 137 -21.61 43.74 3.91
N ARG I 138 -22.90 44.05 3.81
CA ARG I 138 -23.33 45.44 3.60
C ARG I 138 -23.06 46.24 4.88
N VAL I 139 -23.31 45.61 6.03
CA VAL I 139 -23.05 46.26 7.30
C VAL I 139 -21.58 46.66 7.35
N LEU I 140 -20.72 45.70 7.00
CA LEU I 140 -19.28 45.92 6.99
C LEU I 140 -18.89 46.98 5.96
N LEU I 141 -19.51 46.96 4.78
CA LEU I 141 -19.18 47.94 3.75
C LEU I 141 -19.30 49.35 4.34
N ARG I 142 -20.34 49.56 5.16
CA ARG I 142 -20.55 50.85 5.79
C ARG I 142 -19.54 51.08 6.91
N SER I 143 -19.56 50.21 7.92
CA SER I 143 -18.64 50.31 9.05
C SER I 143 -17.21 50.58 8.63
N LEU I 144 -16.70 49.81 7.68
CA LEU I 144 -15.32 49.99 7.24
C LEU I 144 -15.19 51.02 6.13
N GLN I 145 -16.28 51.71 5.82
CA GLN I 145 -16.27 52.72 4.77
C GLN I 145 -15.49 52.26 3.53
N LYS I 146 -15.84 51.08 3.01
CA LYS I 146 -15.17 50.52 1.84
C LYS I 146 -15.54 51.28 0.57
N ASP I 147 -14.65 51.21 -0.42
CA ASP I 147 -14.88 51.86 -1.71
C ASP I 147 -16.03 51.13 -2.41
N LEU I 148 -17.17 51.80 -2.52
CA LEU I 148 -18.32 51.20 -3.16
C LEU I 148 -18.15 50.98 -4.66
N GLN I 149 -17.35 51.81 -5.32
CA GLN I 149 -17.14 51.62 -6.75
C GLN I 149 -16.45 50.29 -6.97
N GLU I 150 -15.70 49.86 -5.96
CA GLU I 150 -14.99 48.59 -6.02
C GLU I 150 -16.00 47.46 -5.88
N GLU I 151 -16.89 47.61 -4.92
CA GLU I 151 -17.94 46.63 -4.67
C GLU I 151 -18.80 46.46 -5.91
N MET I 152 -18.99 47.54 -6.67
CA MET I 152 -19.78 47.46 -7.90
C MET I 152 -19.13 46.51 -8.88
N ASN I 153 -17.80 46.50 -8.92
CA ASN I 153 -17.10 45.62 -9.84
C ASN I 153 -17.28 44.19 -9.36
N TYR I 154 -17.23 44.00 -8.04
CA TYR I 154 -17.39 42.70 -7.44
C TYR I 154 -18.76 42.10 -7.77
N ILE I 155 -19.82 42.82 -7.43
CA ILE I 155 -21.17 42.35 -7.68
C ILE I 155 -21.41 42.19 -9.17
N ILE I 156 -20.77 43.00 -9.99
CA ILE I 156 -20.97 42.87 -11.42
C ILE I 156 -20.49 41.49 -11.88
N ALA I 157 -19.36 41.04 -11.34
CA ALA I 157 -18.81 39.74 -11.73
C ALA I 157 -19.71 38.63 -11.21
N ILE I 158 -20.09 38.73 -9.94
CA ILE I 158 -20.95 37.75 -9.28
C ILE I 158 -22.26 37.53 -10.04
N ILE I 159 -22.94 38.62 -10.38
CA ILE I 159 -24.20 38.51 -11.10
C ILE I 159 -24.02 37.84 -12.46
N GLU I 160 -22.91 38.09 -13.13
CA GLU I 160 -22.68 37.48 -14.43
C GLU I 160 -22.61 35.97 -14.30
N GLU I 161 -22.07 35.49 -13.18
CA GLU I 161 -21.96 34.06 -12.93
C GLU I 161 -23.26 33.45 -12.43
N GLN I 162 -24.05 34.24 -11.72
CA GLN I 162 -25.31 33.77 -11.17
C GLN I 162 -26.40 34.79 -11.44
N PRO I 163 -26.79 34.95 -12.70
CA PRO I 163 -27.82 35.91 -13.08
C PRO I 163 -29.25 35.64 -12.62
N LYS I 164 -29.49 34.50 -12.00
CA LYS I 164 -30.83 34.16 -11.54
C LYS I 164 -30.90 34.08 -10.01
N ASN I 165 -29.94 34.70 -9.35
CA ASN I 165 -29.87 34.71 -7.90
C ASN I 165 -30.53 36.00 -7.36
N TYR I 166 -31.54 35.84 -6.49
CA TYR I 166 -32.24 36.99 -5.93
C TYR I 166 -31.36 37.89 -5.06
N GLN I 167 -30.56 37.30 -4.19
CA GLN I 167 -29.69 38.07 -3.29
C GLN I 167 -28.69 38.99 -4.00
N VAL I 168 -28.13 38.55 -5.10
CA VAL I 168 -27.14 39.36 -5.78
C VAL I 168 -27.74 40.58 -6.46
N TRP I 169 -28.96 40.43 -6.99
CA TRP I 169 -29.62 41.57 -7.65
C TRP I 169 -30.05 42.57 -6.60
N HIS I 170 -30.43 42.07 -5.43
CA HIS I 170 -30.83 42.96 -4.35
C HIS I 170 -29.61 43.75 -3.89
N HIS I 171 -28.49 43.06 -3.73
CA HIS I 171 -27.26 43.72 -3.30
C HIS I 171 -26.91 44.85 -4.26
N ARG I 172 -26.92 44.57 -5.56
CA ARG I 172 -26.59 45.60 -6.54
C ARG I 172 -27.54 46.79 -6.43
N ARG I 173 -28.81 46.54 -6.23
CA ARG I 173 -29.76 47.64 -6.13
C ARG I 173 -29.46 48.53 -4.92
N VAL I 174 -29.08 47.91 -3.80
CA VAL I 174 -28.76 48.70 -2.62
C VAL I 174 -27.55 49.58 -2.91
N LEU I 175 -26.53 49.02 -3.57
CA LEU I 175 -25.33 49.77 -3.90
C LEU I 175 -25.64 50.97 -4.76
N VAL I 176 -26.40 50.75 -5.81
CA VAL I 176 -26.76 51.83 -6.71
C VAL I 176 -27.51 52.93 -5.96
N GLU I 177 -28.35 52.55 -5.00
CA GLU I 177 -29.08 53.53 -4.22
C GLU I 177 -28.08 54.34 -3.40
N TRP I 178 -27.16 53.64 -2.76
CA TRP I 178 -26.13 54.30 -1.96
C TRP I 178 -25.34 55.29 -2.80
N LEU I 179 -24.79 54.83 -3.90
CA LEU I 179 -24.02 55.69 -4.78
C LEU I 179 -24.82 56.76 -5.51
N LYS I 180 -26.13 56.57 -5.64
CA LYS I 180 -26.96 57.52 -6.39
C LYS I 180 -26.34 57.64 -7.78
N ASP I 181 -25.73 56.56 -8.24
CA ASP I 181 -25.07 56.52 -9.54
C ASP I 181 -25.59 55.40 -10.43
N PRO I 182 -26.44 55.74 -11.42
CA PRO I 182 -26.98 54.71 -12.31
C PRO I 182 -26.23 54.63 -13.63
N SER I 183 -25.18 55.45 -13.76
CA SER I 183 -24.39 55.53 -14.99
C SER I 183 -24.01 54.23 -15.70
N GLN I 184 -23.78 53.15 -14.97
CA GLN I 184 -23.41 51.91 -15.64
C GLN I 184 -24.49 50.81 -15.67
N GLU I 185 -25.66 51.11 -15.13
CA GLU I 185 -26.75 50.14 -15.07
C GLU I 185 -27.33 49.67 -16.39
N LEU I 186 -27.80 50.59 -17.24
CA LEU I 186 -28.41 50.18 -18.50
C LEU I 186 -27.52 49.29 -19.37
N GLU I 187 -26.23 49.58 -19.36
CA GLU I 187 -25.30 48.80 -20.17
C GLU I 187 -25.08 47.43 -19.53
N PHE I 188 -24.95 47.41 -18.21
CA PHE I 188 -24.75 46.15 -17.51
C PHE I 188 -25.92 45.21 -17.76
N ILE I 189 -27.13 45.73 -17.60
CA ILE I 189 -28.33 44.94 -17.82
C ILE I 189 -28.42 44.46 -19.25
N ALA I 190 -28.05 45.31 -20.19
CA ALA I 190 -28.10 44.93 -21.60
C ALA I 190 -27.21 43.71 -21.84
N ASP I 191 -26.09 43.64 -21.10
CA ASP I 191 -25.17 42.51 -21.24
C ASP I 191 -25.78 41.26 -20.67
N ILE I 192 -26.36 41.37 -19.48
CA ILE I 192 -26.99 40.22 -18.84
C ILE I 192 -28.13 39.75 -19.75
N LEU I 193 -28.88 40.69 -20.33
CA LEU I 193 -29.98 40.33 -21.21
C LEU I 193 -29.46 39.63 -22.47
N ASN I 194 -28.15 39.67 -22.67
CA ASN I 194 -27.58 39.01 -23.83
C ASN I 194 -27.46 37.51 -23.62
N GLN I 195 -27.32 37.08 -22.37
CA GLN I 195 -27.25 35.65 -22.15
C GLN I 195 -28.65 35.08 -21.85
N ASP I 196 -29.64 35.96 -21.78
CA ASP I 196 -31.02 35.59 -21.54
C ASP I 196 -31.89 36.83 -21.64
N ALA I 197 -32.46 37.07 -22.82
CA ALA I 197 -33.29 38.22 -23.06
C ALA I 197 -34.58 38.24 -22.26
N LYS I 198 -34.86 37.18 -21.51
CA LYS I 198 -36.10 37.15 -20.74
C LYS I 198 -35.90 37.06 -19.23
N ASN I 199 -34.65 37.19 -18.79
CA ASN I 199 -34.30 37.13 -17.38
C ASN I 199 -35.18 38.12 -16.59
N TYR I 200 -36.10 37.61 -15.78
CA TYR I 200 -36.99 38.47 -15.03
C TYR I 200 -36.28 39.42 -14.08
N HIS I 201 -35.20 38.94 -13.48
CA HIS I 201 -34.41 39.76 -12.54
C HIS I 201 -33.84 40.99 -13.26
N ALA I 202 -33.32 40.76 -14.47
CA ALA I 202 -32.72 41.83 -15.25
C ALA I 202 -33.73 42.90 -15.63
N TRP I 203 -34.89 42.48 -16.13
CA TRP I 203 -35.91 43.43 -16.52
C TRP I 203 -36.43 44.19 -15.32
N GLN I 204 -36.55 43.50 -14.20
CA GLN I 204 -37.05 44.15 -12.99
C GLN I 204 -36.07 45.23 -12.55
N HIS I 205 -34.80 44.89 -12.54
CA HIS I 205 -33.77 45.84 -12.15
C HIS I 205 -33.77 47.00 -13.12
N ARG I 206 -33.91 46.71 -14.41
CA ARG I 206 -33.89 47.74 -15.44
C ARG I 206 -35.03 48.75 -15.24
N GLN I 207 -36.22 48.25 -14.91
CA GLN I 207 -37.34 49.14 -14.70
C GLN I 207 -37.11 49.97 -13.45
N TRP I 208 -36.50 49.38 -12.43
CA TRP I 208 -36.24 50.11 -11.20
C TRP I 208 -35.31 51.27 -11.50
N VAL I 209 -34.21 51.00 -12.17
CA VAL I 209 -33.25 52.03 -12.50
C VAL I 209 -33.90 53.16 -13.30
N ILE I 210 -34.51 52.81 -14.42
CA ILE I 210 -35.13 53.80 -15.27
C ILE I 210 -36.12 54.68 -14.53
N GLN I 211 -36.94 54.07 -13.69
CA GLN I 211 -37.93 54.83 -12.93
C GLN I 211 -37.31 55.71 -11.86
N GLU I 212 -36.42 55.12 -11.07
CA GLU I 212 -35.76 55.81 -9.98
C GLU I 212 -34.90 57.00 -10.40
N PHE I 213 -34.21 56.89 -11.52
CA PHE I 213 -33.34 57.96 -11.97
C PHE I 213 -33.82 58.64 -13.23
N ARG I 214 -35.10 58.43 -13.56
CA ARG I 214 -35.72 59.01 -14.75
C ARG I 214 -34.86 58.91 -16.01
N LEU I 215 -34.53 57.68 -16.42
CA LEU I 215 -33.71 57.46 -17.61
C LEU I 215 -34.56 56.94 -18.76
N TRP I 216 -35.61 57.67 -19.12
CA TRP I 216 -36.49 57.22 -20.19
C TRP I 216 -36.04 57.51 -21.60
N ASP I 217 -35.27 58.57 -21.76
CA ASP I 217 -34.77 59.01 -23.05
C ASP I 217 -34.44 58.03 -24.15
N ASN I 218 -33.78 56.92 -23.83
CA ASN I 218 -33.40 55.99 -24.87
C ASN I 218 -34.00 54.59 -24.80
N GLU I 219 -34.89 54.37 -23.83
CA GLU I 219 -35.47 53.05 -23.68
C GLU I 219 -36.36 52.61 -24.84
N LEU I 220 -37.19 53.52 -25.35
CA LEU I 220 -38.07 53.14 -26.45
C LEU I 220 -37.26 52.70 -27.67
N GLN I 221 -36.05 53.22 -27.79
CA GLN I 221 -35.18 52.86 -28.90
C GLN I 221 -34.60 51.48 -28.63
N TYR I 222 -34.21 51.25 -27.37
CA TYR I 222 -33.66 49.97 -26.96
C TYR I 222 -34.69 48.88 -27.24
N VAL I 223 -35.95 49.19 -26.97
CA VAL I 223 -37.05 48.29 -27.19
C VAL I 223 -37.20 47.94 -28.66
N ASP I 224 -37.18 48.96 -29.52
CA ASP I 224 -37.30 48.74 -30.96
C ASP I 224 -36.19 47.83 -31.46
N GLN I 225 -35.00 48.00 -30.89
CA GLN I 225 -33.86 47.20 -31.29
C GLN I 225 -34.05 45.74 -30.91
N LEU I 226 -34.45 45.49 -29.66
CA LEU I 226 -34.67 44.12 -29.19
C LEU I 226 -35.84 43.44 -29.89
N LEU I 227 -36.89 44.21 -30.18
CA LEU I 227 -38.03 43.61 -30.87
C LEU I 227 -37.62 43.15 -32.27
N LYS I 228 -36.58 43.76 -32.81
CA LYS I 228 -36.10 43.37 -34.13
C LYS I 228 -35.32 42.07 -34.00
N GLU I 229 -34.64 41.89 -32.86
CA GLU I 229 -33.85 40.67 -32.64
C GLU I 229 -34.76 39.46 -32.39
N ASP I 230 -35.93 39.72 -31.82
CA ASP I 230 -36.88 38.66 -31.52
C ASP I 230 -38.23 39.27 -31.17
N VAL I 231 -39.06 39.44 -32.18
CA VAL I 231 -40.38 40.03 -32.03
C VAL I 231 -41.30 39.21 -31.11
N ARG I 232 -40.86 38.03 -30.70
CA ARG I 232 -41.68 37.20 -29.83
C ARG I 232 -41.35 37.35 -28.35
N ASN I 233 -40.35 38.17 -28.03
CA ASN I 233 -39.95 38.37 -26.65
C ASN I 233 -40.99 39.19 -25.86
N ASN I 234 -41.85 38.49 -25.12
CA ASN I 234 -42.91 39.11 -24.34
C ASN I 234 -42.39 40.16 -23.35
N SER I 235 -41.15 39.99 -22.89
CA SER I 235 -40.55 40.93 -21.94
C SER I 235 -40.32 42.29 -22.58
N VAL I 236 -39.92 42.28 -23.85
CA VAL I 236 -39.67 43.52 -24.57
C VAL I 236 -40.97 44.25 -24.87
N TRP I 237 -42.04 43.50 -25.16
CA TRP I 237 -43.31 44.15 -25.42
C TRP I 237 -43.79 44.81 -24.14
N ASN I 238 -43.52 44.18 -22.99
CA ASN I 238 -43.95 44.76 -21.73
C ASN I 238 -43.14 46.02 -21.49
N GLN I 239 -41.86 45.97 -21.82
CA GLN I 239 -40.99 47.13 -21.63
C GLN I 239 -41.50 48.30 -22.46
N ARG I 240 -41.94 48.00 -23.67
CA ARG I 240 -42.44 49.05 -24.55
C ARG I 240 -43.60 49.76 -23.88
N HIS I 241 -44.57 49.00 -23.37
CA HIS I 241 -45.72 49.59 -22.70
C HIS I 241 -45.28 50.37 -21.46
N PHE I 242 -44.26 49.86 -20.78
CA PHE I 242 -43.70 50.48 -19.59
C PHE I 242 -43.21 51.89 -19.94
N VAL I 243 -42.36 51.99 -20.95
CA VAL I 243 -41.82 53.27 -21.36
C VAL I 243 -42.91 54.27 -21.75
N ILE I 244 -43.69 53.92 -22.77
CA ILE I 244 -44.73 54.80 -23.24
C ILE I 244 -45.71 55.24 -22.16
N SER I 245 -46.27 54.32 -21.40
CA SER I 245 -47.24 54.72 -20.38
C SER I 245 -46.63 55.62 -19.30
N ASN I 246 -45.31 55.60 -19.17
CA ASN I 246 -44.65 56.42 -18.17
C ASN I 246 -44.09 57.70 -18.74
N THR I 247 -44.27 57.91 -20.02
CA THR I 247 -43.80 59.14 -20.64
C THR I 247 -44.97 59.87 -21.30
N THR I 248 -45.18 59.65 -22.59
CA THR I 248 -46.27 60.30 -23.31
C THR I 248 -47.67 59.80 -22.94
N GLY I 249 -47.78 58.52 -22.60
CA GLY I 249 -49.08 57.96 -22.28
C GLY I 249 -49.72 57.56 -23.59
N TYR I 250 -50.92 57.00 -23.54
CA TYR I 250 -51.57 56.58 -24.78
C TYR I 250 -52.76 57.45 -25.14
N SER I 251 -53.00 58.49 -24.35
CA SER I 251 -54.14 59.38 -24.61
C SER I 251 -53.91 60.28 -25.81
N ASP I 252 -52.65 60.50 -26.16
CA ASP I 252 -52.35 61.31 -27.32
C ASP I 252 -52.67 60.46 -28.55
N ARG I 253 -53.79 60.76 -29.20
CA ARG I 253 -54.23 60.02 -30.38
C ARG I 253 -53.12 59.79 -31.40
N ALA I 254 -52.15 60.70 -31.43
CA ALA I 254 -51.05 60.57 -32.36
C ALA I 254 -50.20 59.36 -31.95
N VAL I 255 -49.97 59.23 -30.64
CA VAL I 255 -49.18 58.13 -30.10
C VAL I 255 -49.94 56.81 -30.24
N LEU I 256 -51.21 56.80 -29.84
CA LEU I 256 -52.01 55.59 -29.92
C LEU I 256 -51.97 55.06 -31.34
N GLU I 257 -52.17 55.95 -32.30
CA GLU I 257 -52.14 55.57 -33.70
C GLU I 257 -50.78 55.01 -34.09
N ARG I 258 -49.70 55.69 -33.71
CA ARG I 258 -48.37 55.19 -34.04
C ARG I 258 -48.17 53.78 -33.49
N GLU I 259 -48.59 53.57 -32.25
CA GLU I 259 -48.45 52.28 -31.59
C GLU I 259 -49.29 51.20 -32.24
N VAL I 260 -50.55 51.50 -32.53
CA VAL I 260 -51.41 50.51 -33.16
C VAL I 260 -50.84 50.16 -34.53
N GLN I 261 -50.34 51.16 -35.22
CA GLN I 261 -49.77 50.92 -36.54
C GLN I 261 -48.52 50.07 -36.41
N TYR I 262 -47.67 50.41 -35.44
CA TYR I 262 -46.43 49.70 -35.21
C TYR I 262 -46.68 48.22 -34.95
N THR I 263 -47.67 47.95 -34.13
CA THR I 263 -48.04 46.59 -33.77
C THR I 263 -48.59 45.82 -34.95
N LEU I 264 -49.53 46.42 -35.69
CA LEU I 264 -50.10 45.75 -36.86
C LEU I 264 -48.97 45.39 -37.83
N GLU I 265 -47.95 46.23 -37.90
CA GLU I 265 -46.83 45.93 -38.78
C GLU I 265 -46.07 44.70 -38.26
N MET I 266 -45.84 44.62 -36.96
CA MET I 266 -45.14 43.48 -36.37
C MET I 266 -46.00 42.22 -36.51
N ILE I 267 -47.31 42.38 -36.38
CA ILE I 267 -48.20 41.25 -36.53
C ILE I 267 -48.12 40.70 -37.96
N LYS I 268 -48.06 41.60 -38.95
CA LYS I 268 -47.96 41.17 -40.35
C LYS I 268 -46.67 40.38 -40.57
N LEU I 269 -45.58 40.75 -39.90
CA LEU I 269 -44.32 40.03 -40.08
C LEU I 269 -44.36 38.64 -39.45
N VAL I 270 -45.02 38.53 -38.30
CA VAL I 270 -45.13 37.25 -37.60
C VAL I 270 -46.51 37.22 -36.97
N PRO I 271 -47.53 36.87 -37.76
CA PRO I 271 -48.94 36.79 -37.34
C PRO I 271 -49.24 35.93 -36.12
N HIS I 272 -48.45 34.90 -35.90
CA HIS I 272 -48.68 34.03 -34.74
C HIS I 272 -47.76 34.47 -33.60
N ASN I 273 -48.17 35.52 -32.90
CA ASN I 273 -47.39 36.06 -31.80
C ASN I 273 -48.33 36.62 -30.75
N GLU I 274 -48.57 35.86 -29.70
CA GLU I 274 -49.47 36.30 -28.66
C GLU I 274 -49.08 37.66 -28.07
N SER I 275 -47.78 37.88 -27.89
CA SER I 275 -47.29 39.13 -27.32
C SER I 275 -47.76 40.36 -28.08
N ALA I 276 -47.58 40.36 -29.39
CA ALA I 276 -48.00 41.49 -30.21
C ALA I 276 -49.50 41.69 -30.06
N TRP I 277 -50.26 40.61 -30.18
CA TRP I 277 -51.70 40.72 -30.07
C TRP I 277 -52.14 41.23 -28.70
N ASN I 278 -51.46 40.79 -27.65
CA ASN I 278 -51.81 41.22 -26.30
C ASN I 278 -51.56 42.71 -26.11
N TYR I 279 -50.50 43.22 -26.75
CA TYR I 279 -50.16 44.64 -26.67
C TYR I 279 -51.25 45.44 -27.37
N LEU I 280 -51.56 45.03 -28.59
CA LEU I 280 -52.60 45.69 -29.37
C LEU I 280 -53.90 45.75 -28.58
N LYS I 281 -54.35 44.62 -28.06
CA LYS I 281 -55.58 44.62 -27.29
C LYS I 281 -55.43 45.40 -26.00
N GLY I 282 -54.23 45.35 -25.43
CA GLY I 282 -53.98 46.03 -24.18
C GLY I 282 -54.15 47.52 -24.21
N ILE I 283 -53.61 48.15 -25.26
CA ILE I 283 -53.70 49.59 -25.36
C ILE I 283 -55.04 50.11 -25.86
N LEU I 284 -55.94 49.20 -26.24
CA LEU I 284 -57.24 49.61 -26.75
C LEU I 284 -58.42 49.12 -25.94
N GLN I 285 -58.27 47.99 -25.27
CA GLN I 285 -59.37 47.42 -24.50
C GLN I 285 -60.08 48.34 -23.52
N ASP I 286 -59.35 49.25 -22.91
CA ASP I 286 -60.00 50.13 -21.95
C ASP I 286 -60.70 51.33 -22.56
N ARG I 287 -60.29 51.73 -23.75
CA ARG I 287 -60.99 52.84 -24.38
C ARG I 287 -62.20 52.30 -25.13
N GLY I 288 -62.25 50.98 -25.29
CA GLY I 288 -63.37 50.35 -25.99
C GLY I 288 -63.01 49.85 -27.38
N LEU I 289 -62.86 48.53 -27.53
CA LEU I 289 -62.52 47.95 -28.82
C LEU I 289 -63.50 48.26 -29.94
N SER I 290 -64.79 48.37 -29.59
CA SER I 290 -65.81 48.68 -30.59
C SER I 290 -65.78 50.13 -31.05
N ARG I 291 -65.10 50.99 -30.30
CA ARG I 291 -65.00 52.39 -30.67
C ARG I 291 -64.01 52.62 -31.82
N TYR I 292 -63.48 51.52 -32.37
CA TYR I 292 -62.51 51.61 -33.47
C TYR I 292 -62.94 50.80 -34.69
N PRO I 293 -63.98 51.27 -35.40
CA PRO I 293 -64.56 50.64 -36.59
C PRO I 293 -63.56 50.22 -37.67
N ASN I 294 -62.55 51.04 -37.93
CA ASN I 294 -61.54 50.70 -38.96
C ASN I 294 -60.66 49.52 -38.58
N LEU I 295 -60.55 49.25 -37.29
CA LEU I 295 -59.74 48.12 -36.84
C LEU I 295 -60.47 46.84 -37.19
N LEU I 296 -61.75 46.78 -36.85
CA LEU I 296 -62.57 45.61 -37.13
C LEU I 296 -62.47 45.18 -38.58
N ASN I 297 -62.51 46.14 -39.50
CA ASN I 297 -62.42 45.82 -40.93
C ASN I 297 -61.00 45.44 -41.29
N GLN I 298 -60.03 46.21 -40.85
CA GLN I 298 -58.64 45.93 -41.16
C GLN I 298 -58.24 44.52 -40.67
N LEU I 299 -58.91 44.04 -39.61
CA LEU I 299 -58.61 42.70 -39.09
C LEU I 299 -59.32 41.65 -39.91
N LEU I 300 -60.59 41.90 -40.23
CA LEU I 300 -61.36 40.97 -41.03
C LEU I 300 -60.70 40.76 -42.39
N ASP I 301 -59.93 41.75 -42.84
CA ASP I 301 -59.24 41.63 -44.12
C ASP I 301 -57.93 40.85 -43.99
N LEU I 302 -57.38 40.79 -42.78
CA LEU I 302 -56.15 40.04 -42.54
C LEU I 302 -56.49 38.56 -42.42
N GLN I 303 -57.65 38.28 -41.82
CA GLN I 303 -58.13 36.92 -41.59
C GLN I 303 -57.77 35.94 -42.71
N PRO I 304 -58.05 36.31 -43.98
CA PRO I 304 -57.72 35.43 -45.10
C PRO I 304 -56.30 34.87 -45.04
N SER I 305 -55.31 35.76 -45.03
CA SER I 305 -53.91 35.35 -45.01
C SER I 305 -53.25 35.19 -43.64
N HIS I 306 -53.18 36.28 -42.87
CA HIS I 306 -52.54 36.25 -41.55
C HIS I 306 -53.42 35.75 -40.40
N SER I 307 -54.25 34.73 -40.63
CA SER I 307 -55.09 34.24 -39.55
C SER I 307 -54.27 33.58 -38.43
N SER I 308 -54.89 33.43 -37.28
CA SER I 308 -54.28 32.83 -36.10
C SER I 308 -55.35 32.84 -35.04
N PRO I 309 -55.25 31.96 -34.05
CA PRO I 309 -56.26 31.94 -33.00
C PRO I 309 -56.34 33.24 -32.20
N TYR I 310 -55.26 34.02 -32.26
CA TYR I 310 -55.18 35.29 -31.55
C TYR I 310 -56.09 36.30 -32.23
N LEU I 311 -56.03 36.31 -33.56
CA LEU I 311 -56.84 37.21 -34.37
C LEU I 311 -58.33 36.89 -34.17
N ILE I 312 -58.69 35.62 -34.30
CA ILE I 312 -60.07 35.22 -34.14
C ILE I 312 -60.60 35.66 -32.77
N ALA I 313 -59.77 35.47 -31.76
CA ALA I 313 -60.13 35.83 -30.39
C ALA I 313 -60.28 37.35 -30.27
N PHE I 314 -59.44 38.10 -30.97
CA PHE I 314 -59.55 39.55 -30.91
C PHE I 314 -60.94 39.93 -31.45
N LEU I 315 -61.33 39.30 -32.57
CA LEU I 315 -62.63 39.56 -33.19
C LEU I 315 -63.75 39.26 -32.21
N VAL I 316 -63.68 38.11 -31.54
CA VAL I 316 -64.70 37.76 -30.56
C VAL I 316 -64.82 38.85 -29.50
N ASP I 317 -63.68 39.38 -29.08
CA ASP I 317 -63.64 40.43 -28.06
C ASP I 317 -64.21 41.76 -28.56
N ILE I 318 -63.96 42.08 -29.82
CA ILE I 318 -64.49 43.29 -30.42
C ILE I 318 -66.02 43.16 -30.41
N TYR I 319 -66.51 42.03 -30.88
CA TYR I 319 -67.95 41.77 -30.93
C TYR I 319 -68.59 41.85 -29.57
N GLU I 320 -67.92 41.30 -28.55
CA GLU I 320 -68.51 41.35 -27.22
C GLU I 320 -68.58 42.77 -26.70
N ASP I 321 -67.64 43.61 -27.12
CA ASP I 321 -67.63 45.00 -26.67
C ASP I 321 -68.87 45.67 -27.26
N MET I 322 -69.17 45.31 -28.51
CA MET I 322 -70.34 45.87 -29.18
C MET I 322 -71.57 45.46 -28.40
N LEU I 323 -71.78 44.15 -28.23
CA LEU I 323 -72.94 43.66 -27.48
C LEU I 323 -73.03 44.39 -26.14
N GLU I 324 -71.86 44.73 -25.59
CA GLU I 324 -71.77 45.41 -24.32
C GLU I 324 -72.34 46.82 -24.40
N ASN I 325 -72.13 47.46 -25.55
CA ASN I 325 -72.61 48.83 -25.77
C ASN I 325 -73.87 48.88 -26.64
N GLN I 326 -74.82 48.00 -26.34
CA GLN I 326 -76.07 47.93 -27.08
C GLN I 326 -75.93 48.45 -28.51
N CYS I 327 -75.19 47.70 -29.34
CA CYS I 327 -74.99 48.08 -30.73
C CYS I 327 -76.22 47.70 -31.55
N ASP I 328 -76.21 48.07 -32.83
CA ASP I 328 -77.31 47.75 -33.73
C ASP I 328 -77.10 46.33 -34.25
N ASN I 329 -78.19 45.56 -34.32
CA ASN I 329 -78.14 44.16 -34.78
C ASN I 329 -77.62 43.29 -33.65
N LYS I 330 -78.05 43.59 -32.43
CA LYS I 330 -77.64 42.85 -31.26
C LYS I 330 -77.62 41.34 -31.52
N GLU I 331 -78.71 40.81 -32.06
CA GLU I 331 -78.81 39.38 -32.34
C GLU I 331 -77.90 38.93 -33.49
N ASP I 332 -77.64 39.82 -34.43
CA ASP I 332 -76.76 39.47 -35.55
C ASP I 332 -75.31 39.39 -35.12
N ILE I 333 -74.88 40.36 -34.30
CA ILE I 333 -73.51 40.40 -33.80
C ILE I 333 -73.23 39.18 -32.92
N LEU I 334 -74.14 38.92 -31.98
CA LEU I 334 -74.01 37.77 -31.09
C LEU I 334 -73.68 36.50 -31.86
N ASN I 335 -74.31 36.34 -33.00
CA ASN I 335 -74.06 35.15 -33.82
C ASN I 335 -72.69 35.21 -34.49
N LYS I 336 -72.27 36.41 -34.89
CA LYS I 336 -70.96 36.55 -35.53
C LYS I 336 -69.89 36.10 -34.54
N ALA I 337 -70.17 36.36 -33.26
CA ALA I 337 -69.27 36.01 -32.17
C ALA I 337 -69.34 34.50 -31.96
N LEU I 338 -70.52 34.00 -31.65
CA LEU I 338 -70.73 32.58 -31.41
C LEU I 338 -70.16 31.75 -32.55
N GLU I 339 -70.22 32.27 -33.78
CA GLU I 339 -69.70 31.54 -34.92
C GLU I 339 -68.18 31.41 -34.83
N LEU I 340 -67.53 32.48 -34.37
CA LEU I 340 -66.07 32.48 -34.20
C LEU I 340 -65.68 31.59 -33.03
N CYS I 341 -66.41 31.69 -31.92
CA CYS I 341 -66.13 30.87 -30.75
C CYS I 341 -66.07 29.41 -31.20
N GLU I 342 -67.08 28.97 -31.93
CA GLU I 342 -67.10 27.59 -32.40
C GLU I 342 -65.96 27.30 -33.36
N ILE I 343 -65.55 28.28 -34.16
CA ILE I 343 -64.43 28.05 -35.07
C ILE I 343 -63.16 27.81 -34.26
N LEU I 344 -63.07 28.46 -33.10
CA LEU I 344 -61.91 28.30 -32.22
C LEU I 344 -61.93 26.90 -31.60
N ALA I 345 -63.04 26.59 -30.94
CA ALA I 345 -63.21 25.30 -30.27
C ALA I 345 -63.06 24.10 -31.19
N LYS I 346 -63.53 24.23 -32.43
CA LYS I 346 -63.47 23.12 -33.37
C LYS I 346 -62.23 23.04 -34.25
N GLU I 347 -61.60 24.16 -34.59
CA GLU I 347 -60.45 24.05 -35.48
C GLU I 347 -59.26 24.98 -35.27
N LYS I 348 -59.47 26.14 -34.66
CA LYS I 348 -58.39 27.11 -34.49
C LYS I 348 -57.60 27.09 -33.17
N ASP I 349 -58.29 26.82 -32.07
CA ASP I 349 -57.65 26.79 -30.76
C ASP I 349 -58.25 25.60 -30.01
N THR I 350 -58.20 24.45 -30.67
CA THR I 350 -58.76 23.21 -30.14
C THR I 350 -58.39 22.89 -28.70
N ILE I 351 -57.15 23.18 -28.30
CA ILE I 351 -56.73 22.89 -26.94
C ILE I 351 -57.57 23.64 -25.91
N ARG I 352 -58.26 24.68 -26.35
CA ARG I 352 -59.10 25.46 -25.43
C ARG I 352 -60.60 25.27 -25.74
N LYS I 353 -60.88 24.26 -26.57
CA LYS I 353 -62.24 23.88 -26.98
C LYS I 353 -63.31 24.10 -25.90
N GLU I 354 -63.14 23.45 -24.75
CA GLU I 354 -64.11 23.58 -23.67
C GLU I 354 -64.22 25.02 -23.18
N TYR I 355 -63.10 25.75 -23.18
CA TYR I 355 -63.10 27.14 -22.73
C TYR I 355 -63.95 28.02 -23.66
N TRP I 356 -63.67 27.90 -24.96
CA TRP I 356 -64.38 28.68 -25.96
C TRP I 356 -65.88 28.37 -25.99
N ARG I 357 -66.24 27.09 -25.86
CA ARG I 357 -67.66 26.71 -25.85
C ARG I 357 -68.28 27.32 -24.60
N TYR I 358 -67.47 27.47 -23.56
CA TYR I 358 -67.92 28.06 -22.31
C TYR I 358 -68.15 29.56 -22.53
N ILE I 359 -67.28 30.17 -23.34
CA ILE I 359 -67.39 31.60 -23.63
C ILE I 359 -68.64 31.80 -24.47
N GLY I 360 -68.78 30.99 -25.52
CA GLY I 360 -69.95 31.08 -26.37
C GLY I 360 -71.22 31.00 -25.54
N ARG I 361 -71.33 29.97 -24.71
CA ARG I 361 -72.51 29.82 -23.87
C ARG I 361 -72.74 31.06 -23.00
N SER I 362 -71.67 31.69 -22.56
CA SER I 362 -71.79 32.87 -21.72
C SER I 362 -72.37 34.07 -22.49
N LEU I 363 -71.96 34.22 -23.75
CA LEU I 363 -72.45 35.31 -24.60
C LEU I 363 -73.93 35.10 -24.90
N GLN I 364 -74.30 33.84 -25.17
CA GLN I 364 -75.67 33.47 -25.48
C GLN I 364 -76.63 33.87 -24.35
N SER I 365 -76.36 33.39 -23.14
CA SER I 365 -77.22 33.71 -22.01
C SER I 365 -77.04 35.12 -21.45
N LYS I 366 -76.29 35.95 -22.16
CA LYS I 366 -76.07 37.32 -21.72
C LYS I 366 -76.67 38.32 -22.72
N HIS I 367 -76.87 37.88 -23.96
CA HIS I 367 -77.42 38.74 -25.00
C HIS I 367 -78.46 38.04 -25.87
N SER I 368 -79.64 37.76 -25.33
CA SER I 368 -80.70 37.09 -26.10
C SER I 368 -82.10 37.41 -25.60
N LEU J 18 -47.79 8.22 -20.22
CA LEU J 18 -47.46 6.98 -19.46
C LEU J 18 -48.24 6.86 -18.15
N ASP J 19 -47.60 6.27 -17.14
CA ASP J 19 -48.25 6.08 -15.85
C ASP J 19 -47.53 6.75 -14.69
N PHE J 20 -48.25 6.95 -13.60
CA PHE J 20 -47.73 7.62 -12.42
C PHE J 20 -46.99 6.71 -11.42
N LEU J 21 -45.66 6.71 -11.47
CA LEU J 21 -44.83 5.89 -10.59
C LEU J 21 -44.85 6.33 -9.14
N ARG J 22 -46.05 6.29 -8.56
CA ARG J 22 -46.33 6.68 -7.18
C ARG J 22 -45.32 6.26 -6.09
N ASP J 23 -44.98 4.98 -6.01
CA ASP J 23 -44.04 4.52 -4.97
C ASP J 23 -42.66 5.15 -5.16
N ARG J 24 -42.27 5.28 -6.42
CA ARG J 24 -40.98 5.86 -6.78
C ARG J 24 -40.89 7.27 -6.21
N HIS J 25 -41.97 8.05 -6.37
CA HIS J 25 -41.98 9.42 -5.86
C HIS J 25 -41.97 9.45 -4.34
N VAL J 26 -42.46 8.39 -3.71
CA VAL J 26 -42.46 8.35 -2.26
C VAL J 26 -41.00 8.19 -1.83
N ARG J 27 -40.29 7.32 -2.53
CA ARG J 27 -38.88 7.08 -2.24
C ARG J 27 -38.11 8.39 -2.42
N PHE J 28 -38.42 9.08 -3.52
CA PHE J 28 -37.79 10.36 -3.84
C PHE J 28 -37.94 11.35 -2.69
N PHE J 29 -39.17 11.62 -2.27
CA PHE J 29 -39.39 12.56 -1.19
C PHE J 29 -38.68 12.15 0.07
N GLN J 30 -38.65 10.84 0.34
CA GLN J 30 -38.00 10.32 1.53
C GLN J 30 -36.52 10.66 1.49
N ARG J 31 -35.93 10.52 0.31
CA ARG J 31 -34.52 10.82 0.10
C ARG J 31 -34.24 12.28 0.44
N CYS J 32 -35.13 13.16 -0.03
CA CYS J 32 -35.02 14.60 0.20
C CYS J 32 -34.98 14.97 1.67
N LEU J 33 -35.70 14.23 2.52
CA LEU J 33 -35.70 14.54 3.95
C LEU J 33 -34.43 14.05 4.66
N GLN J 34 -33.73 13.12 4.03
CA GLN J 34 -32.52 12.56 4.62
C GLN J 34 -31.25 13.38 4.52
N VAL J 35 -30.38 13.01 3.59
CA VAL J 35 -29.13 13.72 3.42
C VAL J 35 -28.92 14.11 1.97
N LEU J 36 -28.30 15.27 1.77
CA LEU J 36 -28.05 15.78 0.43
C LEU J 36 -26.57 16.07 0.22
N PRO J 37 -26.09 15.90 -1.03
CA PRO J 37 -24.69 16.14 -1.42
C PRO J 37 -24.36 17.63 -1.31
N GLU J 38 -23.08 17.96 -1.15
CA GLU J 38 -22.69 19.36 -1.03
C GLU J 38 -23.16 20.21 -2.21
N ARG J 39 -23.55 19.55 -3.30
CA ARG J 39 -24.03 20.25 -4.48
C ARG J 39 -25.22 21.14 -4.14
N TYR J 40 -26.00 20.75 -3.14
CA TYR J 40 -27.18 21.53 -2.80
C TYR J 40 -26.97 22.55 -1.71
N SER J 41 -25.73 22.93 -1.49
CA SER J 41 -25.36 23.90 -0.47
C SER J 41 -26.13 25.21 -0.55
N SER J 42 -26.53 25.60 -1.75
CA SER J 42 -27.26 26.85 -1.92
C SER J 42 -28.68 26.80 -1.37
N LEU J 43 -29.13 25.62 -0.96
CA LEU J 43 -30.46 25.47 -0.41
C LEU J 43 -30.43 25.52 1.12
N GLU J 44 -29.23 25.66 1.69
CA GLU J 44 -29.09 25.70 3.13
C GLU J 44 -30.10 26.61 3.82
N THR J 45 -30.15 27.88 3.44
CA THR J 45 -31.08 28.79 4.11
C THR J 45 -32.54 28.58 3.70
N SER J 46 -32.80 27.57 2.89
CA SER J 46 -34.17 27.29 2.44
C SER J 46 -34.55 25.84 2.69
N ARG J 47 -33.79 25.18 3.57
CA ARG J 47 -34.03 23.79 3.88
C ARG J 47 -35.45 23.52 4.35
N LEU J 48 -36.02 24.46 5.09
CA LEU J 48 -37.38 24.29 5.59
C LEU J 48 -38.39 24.18 4.45
N THR J 49 -38.19 24.92 3.36
CA THR J 49 -39.13 24.83 2.26
C THR J 49 -38.87 23.54 1.47
N ILE J 50 -37.65 23.02 1.54
CA ILE J 50 -37.36 21.76 0.85
C ILE J 50 -38.11 20.68 1.64
N ALA J 51 -38.09 20.82 2.97
CA ALA J 51 -38.78 19.90 3.85
C ALA J 51 -40.26 19.94 3.49
N PHE J 52 -40.78 21.16 3.33
CA PHE J 52 -42.17 21.36 2.97
C PHE J 52 -42.52 20.61 1.69
N PHE J 53 -41.69 20.74 0.66
CA PHE J 53 -41.97 20.05 -0.61
C PHE J 53 -42.06 18.55 -0.40
N ALA J 54 -41.17 18.02 0.43
CA ALA J 54 -41.13 16.59 0.69
C ALA J 54 -42.29 16.10 1.56
N LEU J 55 -42.52 16.80 2.68
CA LEU J 55 -43.60 16.43 3.59
C LEU J 55 -44.97 16.60 2.95
N SER J 56 -45.24 17.79 2.41
CA SER J 56 -46.52 18.04 1.77
C SER J 56 -46.65 17.09 0.59
N GLY J 57 -45.52 16.77 -0.02
CA GLY J 57 -45.51 15.86 -1.14
C GLY J 57 -45.92 14.47 -0.69
N LEU J 58 -45.34 14.02 0.41
CA LEU J 58 -45.66 12.71 0.95
C LEU J 58 -47.13 12.72 1.36
N ASP J 59 -47.52 13.77 2.08
CA ASP J 59 -48.89 13.93 2.53
C ASP J 59 -49.85 13.82 1.34
N MET J 60 -49.49 14.45 0.23
CA MET J 60 -50.31 14.45 -0.98
C MET J 60 -50.42 13.04 -1.55
N LEU J 61 -49.41 12.22 -1.29
CA LEU J 61 -49.38 10.84 -1.78
C LEU J 61 -49.85 9.89 -0.68
N ASP J 62 -50.20 10.48 0.45
CA ASP J 62 -50.67 9.73 1.60
C ASP J 62 -49.62 8.70 2.00
N SER J 63 -48.45 9.19 2.41
CA SER J 63 -47.36 8.32 2.82
C SER J 63 -46.57 8.98 3.93
N LEU J 64 -47.22 9.81 4.72
CA LEU J 64 -46.54 10.49 5.81
C LEU J 64 -45.99 9.52 6.84
N ASP J 65 -46.57 8.32 6.90
CA ASP J 65 -46.15 7.30 7.85
C ASP J 65 -44.70 6.87 7.70
N VAL J 66 -44.14 7.06 6.51
CA VAL J 66 -42.76 6.65 6.24
C VAL J 66 -41.72 7.56 6.90
N VAL J 67 -42.19 8.49 7.74
CA VAL J 67 -41.29 9.40 8.44
C VAL J 67 -41.67 9.57 9.91
N ASN J 68 -40.69 9.93 10.72
CA ASN J 68 -40.90 10.14 12.15
C ASN J 68 -41.47 11.55 12.39
N LYS J 69 -42.80 11.67 12.35
CA LYS J 69 -43.44 12.97 12.55
C LYS J 69 -42.94 13.74 13.77
N ASP J 70 -42.81 13.06 14.90
CA ASP J 70 -42.36 13.71 16.14
C ASP J 70 -40.98 14.34 16.03
N ASP J 71 -40.05 13.62 15.43
CA ASP J 71 -38.69 14.12 15.27
C ASP J 71 -38.71 15.38 14.42
N ILE J 72 -39.37 15.29 13.26
CA ILE J 72 -39.46 16.41 12.35
C ILE J 72 -40.11 17.63 12.99
N ILE J 73 -41.18 17.41 13.75
CA ILE J 73 -41.85 18.51 14.42
C ILE J 73 -40.91 19.24 15.39
N GLU J 74 -40.03 18.50 16.04
CA GLU J 74 -39.09 19.12 16.96
C GLU J 74 -38.06 19.94 16.20
N TRP J 75 -37.63 19.42 15.06
CA TRP J 75 -36.65 20.10 14.24
C TRP J 75 -37.24 21.44 13.79
N ILE J 76 -38.47 21.39 13.30
CA ILE J 76 -39.14 22.59 12.84
C ILE J 76 -39.21 23.64 13.95
N TYR J 77 -39.67 23.23 15.12
CA TYR J 77 -39.77 24.16 16.24
C TYR J 77 -38.42 24.72 16.65
N SER J 78 -37.35 24.00 16.30
CA SER J 78 -36.02 24.48 16.64
C SER J 78 -35.67 25.62 15.72
N LEU J 79 -36.47 25.82 14.68
CA LEU J 79 -36.22 26.88 13.71
C LEU J 79 -37.00 28.16 14.02
N GLN J 80 -37.85 28.13 15.05
CA GLN J 80 -38.62 29.31 15.41
C GLN J 80 -37.82 30.36 16.16
N VAL J 81 -37.86 31.59 15.67
CA VAL J 81 -37.17 32.69 16.33
C VAL J 81 -38.17 33.20 17.35
N LEU J 82 -37.98 32.80 18.60
CA LEU J 82 -38.87 33.21 19.68
C LEU J 82 -38.44 34.54 20.27
N PRO J 83 -39.40 35.27 20.87
CA PRO J 83 -39.03 36.56 21.47
C PRO J 83 -38.17 36.32 22.72
N THR J 84 -37.17 37.17 22.90
CA THR J 84 -36.29 37.05 24.06
C THR J 84 -37.00 37.46 25.34
N GLU J 85 -36.29 37.35 26.46
CA GLU J 85 -36.84 37.71 27.76
C GLU J 85 -37.45 39.12 27.72
N ASP J 86 -36.64 40.10 27.35
CA ASP J 86 -37.11 41.48 27.27
C ASP J 86 -38.08 41.74 26.12
N ARG J 87 -38.23 40.77 25.22
CA ARG J 87 -39.12 40.90 24.07
C ARG J 87 -38.77 42.09 23.17
N SER J 88 -37.48 42.41 23.08
CA SER J 88 -37.03 43.52 22.25
C SER J 88 -36.81 43.11 20.79
N ASN J 89 -37.09 41.85 20.48
CA ASN J 89 -36.89 41.34 19.14
C ASN J 89 -38.20 40.85 18.51
N LEU J 90 -39.32 41.43 18.93
CA LEU J 90 -40.61 41.00 18.39
C LEU J 90 -40.71 41.21 16.88
N ASP J 91 -40.15 42.31 16.39
CA ASP J 91 -40.18 42.62 14.97
C ASP J 91 -39.38 41.65 14.12
N ARG J 92 -38.70 40.71 14.76
CA ARG J 92 -37.88 39.75 14.02
C ARG J 92 -38.26 38.30 14.23
N CYS J 93 -39.42 38.07 14.84
CA CYS J 93 -39.84 36.70 15.09
C CYS J 93 -40.50 36.05 13.89
N GLY J 94 -40.44 34.72 13.86
CA GLY J 94 -40.99 33.94 12.79
C GLY J 94 -40.16 32.67 12.73
N PHE J 95 -39.86 32.16 11.54
CA PHE J 95 -39.04 30.96 11.42
C PHE J 95 -37.80 31.12 10.54
N ARG J 96 -36.78 30.32 10.82
CA ARG J 96 -35.54 30.34 10.05
C ARG J 96 -35.64 29.21 9.04
N GLY J 97 -34.85 29.30 7.98
CA GLY J 97 -34.88 28.25 6.97
C GLY J 97 -34.07 27.04 7.43
N SER J 98 -33.14 27.30 8.34
CA SER J 98 -32.29 26.25 8.90
C SER J 98 -31.50 26.80 10.09
N SER J 99 -30.61 25.98 10.60
CA SER J 99 -29.79 26.34 11.75
C SER J 99 -28.42 26.90 11.38
N TYR J 100 -28.30 27.39 10.15
CA TYR J 100 -27.02 27.91 9.69
C TYR J 100 -26.38 29.00 10.54
N LEU J 101 -27.14 29.69 11.38
CA LEU J 101 -26.53 30.75 12.19
C LEU J 101 -25.74 30.26 13.38
N GLY J 102 -25.91 28.99 13.72
CA GLY J 102 -25.16 28.42 14.83
C GLY J 102 -25.82 28.57 16.19
N ILE J 103 -27.11 28.87 16.21
CA ILE J 103 -27.80 29.00 17.48
C ILE J 103 -28.06 27.60 18.03
N PRO J 104 -27.81 27.40 19.34
CA PRO J 104 -28.01 26.11 20.01
C PRO J 104 -29.43 25.56 19.89
N PHE J 105 -29.50 24.30 19.46
CA PHE J 105 -30.77 23.60 19.27
C PHE J 105 -31.75 23.83 20.41
N ASN J 106 -32.93 24.34 20.08
CA ASN J 106 -33.95 24.60 21.09
C ASN J 106 -35.33 24.50 20.45
N PRO J 107 -35.99 23.34 20.58
CA PRO J 107 -37.33 23.11 20.01
C PRO J 107 -38.42 23.96 20.65
N SER J 108 -38.24 25.27 20.62
CA SER J 108 -39.19 26.21 21.19
C SER J 108 -39.55 25.79 22.61
N LYS J 109 -38.53 25.42 23.38
CA LYS J 109 -38.73 25.00 24.77
C LYS J 109 -38.39 26.17 25.71
N ASN J 110 -37.20 26.75 25.53
CA ASN J 110 -36.78 27.87 26.35
C ASN J 110 -36.99 29.20 25.61
N PRO J 111 -36.84 30.34 26.32
CA PRO J 111 -37.03 31.63 25.65
C PRO J 111 -35.94 31.86 24.60
N GLY J 112 -36.16 32.81 23.71
CA GLY J 112 -35.19 33.08 22.67
C GLY J 112 -33.87 33.64 23.15
N THR J 113 -32.78 33.19 22.52
CA THR J 113 -31.44 33.65 22.86
C THR J 113 -31.05 34.76 21.89
N ALA J 114 -30.78 35.95 22.42
CA ALA J 114 -30.40 37.10 21.60
C ALA J 114 -29.28 36.80 20.62
N HIS J 115 -29.35 37.42 19.45
CA HIS J 115 -28.34 37.26 18.39
C HIS J 115 -28.52 38.44 17.45
N PRO J 116 -27.46 39.20 17.21
CA PRO J 116 -27.50 40.38 16.33
C PRO J 116 -28.12 40.19 14.95
N TYR J 117 -28.02 38.98 14.40
CA TYR J 117 -28.52 38.74 13.06
C TYR J 117 -29.55 37.64 12.90
N ASP J 118 -30.07 37.13 14.02
CA ASP J 118 -31.05 36.07 13.93
C ASP J 118 -32.47 36.62 13.84
N SER J 119 -33.19 36.24 12.80
CA SER J 119 -34.57 36.68 12.63
C SER J 119 -35.23 35.75 11.62
N GLY J 120 -36.56 35.83 11.53
CA GLY J 120 -37.28 34.95 10.62
C GLY J 120 -37.25 35.37 9.16
N HIS J 121 -37.75 34.49 8.31
CA HIS J 121 -37.82 34.74 6.88
C HIS J 121 -39.26 34.38 6.52
N ILE J 122 -39.97 35.34 5.96
CA ILE J 122 -41.37 35.14 5.61
C ILE J 122 -41.74 33.83 4.90
N ALA J 123 -40.89 33.36 3.98
CA ALA J 123 -41.19 32.12 3.25
C ALA J 123 -40.99 30.92 4.17
N MET J 124 -40.18 31.10 5.21
CA MET J 124 -39.91 30.03 6.15
C MET J 124 -41.00 29.97 7.22
N THR J 125 -41.48 31.14 7.63
CA THR J 125 -42.56 31.19 8.62
C THR J 125 -43.76 30.51 7.95
N TYR J 126 -43.95 30.79 6.65
CA TYR J 126 -45.04 30.19 5.92
C TYR J 126 -44.89 28.67 5.78
N THR J 127 -43.81 28.21 5.16
CA THR J 127 -43.60 26.77 5.00
C THR J 127 -43.46 26.05 6.35
N GLY J 128 -42.96 26.76 7.37
CA GLY J 128 -42.83 26.18 8.69
C GLY J 128 -44.18 25.81 9.28
N LEU J 129 -45.04 26.83 9.44
CA LEU J 129 -46.38 26.63 9.97
C LEU J 129 -47.09 25.57 9.13
N SER J 130 -46.93 25.70 7.82
CA SER J 130 -47.54 24.76 6.89
C SER J 130 -47.10 23.32 7.20
N CYS J 131 -45.81 23.13 7.45
CA CYS J 131 -45.28 21.80 7.77
C CYS J 131 -45.86 21.28 9.09
N LEU J 132 -45.89 22.13 10.11
CA LEU J 132 -46.41 21.76 11.41
C LEU J 132 -47.84 21.20 11.28
N ILE J 133 -48.69 21.92 10.55
CA ILE J 133 -50.07 21.49 10.34
C ILE J 133 -50.12 20.15 9.62
N ILE J 134 -49.31 20.00 8.58
CA ILE J 134 -49.26 18.76 7.81
C ILE J 134 -48.86 17.59 8.70
N LEU J 135 -47.97 17.83 9.64
CA LEU J 135 -47.50 16.77 10.54
C LEU J 135 -48.42 16.50 11.73
N GLY J 136 -49.51 17.24 11.82
CA GLY J 136 -50.46 17.03 12.90
C GLY J 136 -50.30 17.90 14.14
N ASP J 137 -49.23 18.67 14.22
CA ASP J 137 -49.01 19.54 15.38
C ASP J 137 -50.17 20.54 15.46
N ASP J 138 -50.44 21.03 16.66
CA ASP J 138 -51.54 21.98 16.89
C ASP J 138 -51.11 23.44 17.00
N LEU J 139 -49.84 23.71 16.72
CA LEU J 139 -49.29 25.06 16.75
C LEU J 139 -49.27 25.71 18.13
N SER J 140 -49.48 24.91 19.16
CA SER J 140 -49.50 25.44 20.52
C SER J 140 -48.17 26.06 20.93
N ARG J 141 -47.06 25.56 20.35
CA ARG J 141 -45.74 26.07 20.68
C ARG J 141 -45.32 27.23 19.79
N VAL J 142 -46.23 27.65 18.91
CA VAL J 142 -45.99 28.78 18.02
C VAL J 142 -46.41 30.06 18.74
N ASP J 143 -45.49 31.01 18.87
CA ASP J 143 -45.81 32.28 19.51
C ASP J 143 -46.55 33.10 18.46
N LYS J 144 -47.83 32.79 18.27
CA LYS J 144 -48.64 33.47 17.27
C LYS J 144 -48.51 35.00 17.24
N GLU J 145 -48.54 35.64 18.39
CA GLU J 145 -48.42 37.09 18.41
C GLU J 145 -47.07 37.59 17.95
N ALA J 146 -46.02 36.85 18.28
CA ALA J 146 -44.67 37.21 17.88
C ALA J 146 -44.54 37.11 16.35
N CYS J 147 -45.11 36.03 15.79
CA CYS J 147 -45.07 35.83 14.35
C CYS J 147 -45.80 36.96 13.64
N LEU J 148 -47.00 37.28 14.12
CA LEU J 148 -47.79 38.34 13.52
C LEU J 148 -47.08 39.68 13.63
N ALA J 149 -46.39 39.90 14.73
CA ALA J 149 -45.65 41.15 14.94
C ALA J 149 -44.54 41.22 13.91
N GLY J 150 -43.86 40.09 13.72
CA GLY J 150 -42.77 40.02 12.76
C GLY J 150 -43.28 40.23 11.35
N LEU J 151 -44.45 39.66 11.05
CA LEU J 151 -45.06 39.79 9.73
C LEU J 151 -45.36 41.26 9.43
N ARG J 152 -46.05 41.92 10.36
CA ARG J 152 -46.40 43.33 10.19
C ARG J 152 -45.15 44.15 9.83
N ALA J 153 -44.04 43.85 10.49
CA ALA J 153 -42.80 44.59 10.26
C ALA J 153 -42.24 44.45 8.85
N LEU J 154 -42.70 43.44 8.11
CA LEU J 154 -42.19 43.21 6.76
C LEU J 154 -42.97 43.93 5.66
N GLN J 155 -44.16 44.42 5.96
CA GLN J 155 -44.95 45.11 4.94
C GLN J 155 -44.46 46.53 4.65
N LEU J 156 -44.43 46.87 3.37
CA LEU J 156 -43.97 48.18 2.91
C LEU J 156 -45.14 49.13 2.67
N GLU J 157 -44.82 50.41 2.48
CA GLU J 157 -45.85 51.42 2.26
C GLU J 157 -46.78 51.04 1.12
N ASP J 158 -46.22 50.45 0.06
CA ASP J 158 -47.02 50.07 -1.10
C ASP J 158 -47.86 48.82 -0.93
N GLY J 159 -47.81 48.21 0.26
CA GLY J 159 -48.62 47.03 0.50
C GLY J 159 -47.92 45.69 0.33
N SER J 160 -46.80 45.64 -0.38
CA SER J 160 -46.07 44.39 -0.56
C SER J 160 -45.25 44.06 0.68
N PHE J 161 -44.51 42.94 0.60
CA PHE J 161 -43.70 42.50 1.73
C PHE J 161 -42.24 42.18 1.39
N CYS J 162 -41.40 42.20 2.42
CA CYS J 162 -40.01 41.84 2.32
C CYS J 162 -39.95 40.45 2.95
N ALA J 163 -38.83 39.75 2.81
CA ALA J 163 -38.73 38.42 3.39
C ALA J 163 -38.14 38.47 4.80
N VAL J 164 -37.24 39.43 5.03
CA VAL J 164 -36.60 39.56 6.32
C VAL J 164 -36.54 41.01 6.77
N PRO J 165 -36.64 41.25 8.09
CA PRO J 165 -36.58 42.60 8.64
C PRO J 165 -35.32 43.38 8.31
N GLU J 166 -34.20 42.69 8.06
CA GLU J 166 -32.96 43.40 7.72
C GLU J 166 -33.06 44.02 6.33
N GLY J 167 -34.06 43.59 5.57
CA GLY J 167 -34.25 44.10 4.23
C GLY J 167 -34.03 43.07 3.14
N SER J 168 -34.74 43.23 2.03
CA SER J 168 -34.61 42.32 0.89
C SER J 168 -35.47 42.88 -0.23
N GLU J 169 -35.53 42.15 -1.34
CA GLU J 169 -36.35 42.57 -2.45
C GLU J 169 -37.79 42.39 -1.97
N ASN J 170 -38.74 43.06 -2.62
CA ASN J 170 -40.15 42.93 -2.24
C ASN J 170 -41.00 42.70 -3.47
N ASP J 171 -41.95 41.77 -3.37
CA ASP J 171 -42.83 41.47 -4.49
C ASP J 171 -44.00 40.56 -4.11
N MET J 172 -44.75 40.16 -5.12
CA MET J 172 -45.92 39.32 -4.93
C MET J 172 -45.64 38.01 -4.21
N ARG J 173 -44.46 37.42 -4.41
CA ARG J 173 -44.14 36.16 -3.76
C ARG J 173 -44.37 36.26 -2.26
N PHE J 174 -43.89 37.35 -1.66
CA PHE J 174 -44.01 37.54 -0.23
C PHE J 174 -45.40 38.00 0.22
N VAL J 175 -46.17 38.56 -0.69
CA VAL J 175 -47.53 38.98 -0.37
C VAL J 175 -48.30 37.67 -0.13
N TYR J 176 -48.04 36.68 -0.97
CA TYR J 176 -48.69 35.38 -0.84
C TYR J 176 -48.28 34.71 0.47
N CYS J 177 -47.01 34.82 0.83
CA CYS J 177 -46.53 34.22 2.07
C CYS J 177 -47.24 34.84 3.26
N ALA J 178 -47.35 36.16 3.27
CA ALA J 178 -48.01 36.87 4.35
C ALA J 178 -49.47 36.40 4.43
N SER J 179 -50.13 36.32 3.28
CA SER J 179 -51.51 35.88 3.25
C SER J 179 -51.67 34.49 3.86
N CYS J 180 -50.81 33.55 3.46
CA CYS J 180 -50.87 32.18 3.99
C CYS J 180 -50.65 32.15 5.51
N ILE J 181 -49.73 32.97 6.00
CA ILE J 181 -49.44 33.01 7.42
C ILE J 181 -50.67 33.49 8.18
N CYS J 182 -51.21 34.63 7.76
CA CYS J 182 -52.39 35.19 8.41
C CYS J 182 -53.54 34.19 8.38
N TYR J 183 -53.71 33.52 7.25
CA TYR J 183 -54.78 32.54 7.12
C TYR J 183 -54.63 31.37 8.07
N MET J 184 -53.43 30.80 8.14
CA MET J 184 -53.18 29.66 9.00
C MET J 184 -53.27 30.02 10.47
N LEU J 185 -52.78 31.20 10.84
CA LEU J 185 -52.86 31.63 12.23
C LEU J 185 -54.26 32.21 12.45
N ASN J 186 -55.08 32.11 11.42
CA ASN J 186 -56.45 32.61 11.45
C ASN J 186 -56.55 33.98 12.14
N ASN J 187 -55.68 34.90 11.75
CA ASN J 187 -55.63 36.24 12.30
C ASN J 187 -54.97 37.16 11.27
N TRP J 188 -55.71 38.11 10.73
CA TRP J 188 -55.16 39.01 9.72
C TRP J 188 -54.56 40.29 10.26
N SER J 189 -54.24 40.33 11.55
CA SER J 189 -53.64 41.52 12.13
C SER J 189 -52.19 41.55 11.68
N GLY J 190 -51.78 40.49 11.00
CA GLY J 190 -50.41 40.38 10.52
C GLY J 190 -50.10 41.30 9.36
N MET J 191 -51.15 41.81 8.71
CA MET J 191 -50.96 42.71 7.57
C MET J 191 -52.05 43.77 7.48
N ASP J 192 -51.77 44.81 6.69
CA ASP J 192 -52.72 45.88 6.43
C ASP J 192 -53.32 45.42 5.11
N MET J 193 -54.39 44.63 5.22
CA MET J 193 -55.05 44.07 4.05
C MET J 193 -55.42 45.06 2.96
N LYS J 194 -55.82 46.26 3.37
CA LYS J 194 -56.20 47.28 2.40
C LYS J 194 -55.03 47.59 1.48
N LYS J 195 -53.86 47.82 2.06
CA LYS J 195 -52.67 48.13 1.27
C LYS J 195 -52.21 46.94 0.42
N ALA J 196 -52.33 45.73 0.96
CA ALA J 196 -51.92 44.54 0.23
C ALA J 196 -52.78 44.39 -1.03
N ILE J 197 -54.08 44.56 -0.87
CA ILE J 197 -55.01 44.46 -1.99
C ILE J 197 -54.67 45.51 -3.04
N SER J 198 -54.28 46.69 -2.59
CA SER J 198 -53.91 47.75 -3.51
C SER J 198 -52.72 47.30 -4.34
N TYR J 199 -51.76 46.68 -3.68
CA TYR J 199 -50.57 46.21 -4.38
C TYR J 199 -50.94 45.17 -5.43
N ILE J 200 -51.81 44.24 -5.05
CA ILE J 200 -52.24 43.20 -5.97
C ILE J 200 -52.94 43.78 -7.19
N ARG J 201 -53.80 44.77 -6.99
CA ARG J 201 -54.50 45.39 -8.11
C ARG J 201 -53.52 46.07 -9.05
N ARG J 202 -52.63 46.87 -8.47
CA ARG J 202 -51.65 47.61 -9.26
C ARG J 202 -50.69 46.75 -10.06
N SER J 203 -50.62 45.46 -9.74
CA SER J 203 -49.72 44.57 -10.45
C SER J 203 -50.34 44.05 -11.75
N MET J 204 -51.62 44.29 -11.97
CA MET J 204 -52.25 43.81 -13.18
C MET J 204 -51.68 44.52 -14.39
N SER J 205 -51.25 43.74 -15.38
CA SER J 205 -50.66 44.26 -16.59
C SER J 205 -51.70 44.62 -17.65
N TYR J 206 -51.24 45.27 -18.71
CA TYR J 206 -52.11 45.66 -19.80
C TYR J 206 -52.62 44.39 -20.50
N ASP J 207 -51.86 43.29 -20.39
CA ASP J 207 -52.29 42.03 -21.01
C ASP J 207 -53.19 41.22 -20.05
N ASN J 208 -53.50 41.82 -18.92
CA ASN J 208 -54.41 41.26 -17.92
C ASN J 208 -53.91 40.20 -16.95
N GLY J 209 -52.63 39.86 -17.03
CA GLY J 209 -52.08 38.91 -16.09
C GLY J 209 -51.61 39.74 -14.89
N LEU J 210 -51.09 39.08 -13.85
CA LEU J 210 -50.59 39.81 -12.68
C LEU J 210 -49.07 39.67 -12.70
N ALA J 211 -48.36 40.77 -12.46
CA ALA J 211 -46.90 40.73 -12.45
C ALA J 211 -46.39 40.75 -11.02
N GLN J 212 -45.07 40.68 -10.84
CA GLN J 212 -44.49 40.68 -9.51
C GLN J 212 -44.73 42.03 -8.83
N GLY J 213 -44.95 43.04 -9.66
CA GLY J 213 -45.19 44.39 -9.17
C GLY J 213 -45.68 45.24 -10.32
N ALA J 214 -46.20 46.42 -10.01
CA ALA J 214 -46.70 47.32 -11.03
C ALA J 214 -45.70 47.56 -12.16
N GLY J 215 -46.21 47.56 -13.40
CA GLY J 215 -45.36 47.81 -14.55
C GLY J 215 -44.54 46.64 -15.06
N LEU J 216 -44.29 45.66 -14.21
CA LEU J 216 -43.52 44.49 -14.62
C LEU J 216 -44.33 43.56 -15.53
N GLU J 217 -43.65 42.62 -16.16
CA GLU J 217 -44.26 41.66 -17.05
C GLU J 217 -45.14 40.68 -16.26
N SER J 218 -46.40 40.53 -16.67
CA SER J 218 -47.30 39.61 -15.98
C SER J 218 -46.66 38.22 -16.03
N HIS J 219 -46.89 37.43 -15.00
CA HIS J 219 -46.25 36.13 -14.89
C HIS J 219 -47.12 35.10 -14.14
N GLY J 220 -47.04 33.85 -14.57
CA GLY J 220 -47.82 32.80 -13.95
C GLY J 220 -47.66 32.67 -12.44
N GLY J 221 -46.42 32.83 -11.98
CA GLY J 221 -46.15 32.72 -10.55
C GLY J 221 -46.78 33.85 -9.74
N SER J 222 -46.62 35.08 -10.21
CA SER J 222 -47.19 36.23 -9.49
C SER J 222 -48.71 36.26 -9.62
N THR J 223 -49.24 35.75 -10.73
CA THR J 223 -50.69 35.72 -10.92
C THR J 223 -51.27 34.75 -9.88
N PHE J 224 -50.61 33.61 -9.70
CA PHE J 224 -51.09 32.66 -8.71
C PHE J 224 -51.00 33.33 -7.34
N CYS J 225 -49.86 33.91 -7.03
CA CYS J 225 -49.69 34.55 -5.73
C CYS J 225 -50.75 35.60 -5.47
N GLY J 226 -51.04 36.43 -6.47
CA GLY J 226 -52.04 37.47 -6.31
C GLY J 226 -53.45 36.95 -6.12
N ILE J 227 -53.90 36.13 -7.07
CA ILE J 227 -55.23 35.54 -7.00
C ILE J 227 -55.43 34.71 -5.73
N ALA J 228 -54.49 33.83 -5.44
CA ALA J 228 -54.57 32.99 -4.25
C ALA J 228 -54.62 33.83 -2.98
N SER J 229 -53.89 34.94 -2.95
CA SER J 229 -53.91 35.79 -1.77
C SER J 229 -55.29 36.36 -1.57
N LEU J 230 -55.89 36.84 -2.66
CA LEU J 230 -57.23 37.42 -2.57
C LEU J 230 -58.22 36.35 -2.11
N CYS J 231 -58.13 35.15 -2.68
CA CYS J 231 -59.01 34.07 -2.31
C CYS J 231 -58.85 33.75 -0.81
N LEU J 232 -57.60 33.75 -0.33
CA LEU J 232 -57.35 33.47 1.07
C LEU J 232 -57.97 34.55 1.97
N MET J 233 -58.09 35.77 1.44
CA MET J 233 -58.68 36.88 2.20
C MET J 233 -60.19 36.90 1.94
N GLY J 234 -60.63 36.08 1.00
CA GLY J 234 -62.03 36.01 0.65
C GLY J 234 -62.50 37.32 0.03
N LYS J 235 -61.68 37.89 -0.85
CA LYS J 235 -62.04 39.15 -1.48
C LYS J 235 -61.85 39.18 -2.98
N LEU J 236 -61.75 38.00 -3.59
CA LEU J 236 -61.54 37.94 -5.03
C LEU J 236 -62.59 38.77 -5.77
N GLU J 237 -63.85 38.39 -5.61
CA GLU J 237 -64.97 39.06 -6.25
C GLU J 237 -65.11 40.53 -5.90
N GLU J 238 -64.68 40.89 -4.70
CA GLU J 238 -64.77 42.26 -4.23
C GLU J 238 -63.67 43.16 -4.79
N VAL J 239 -62.55 42.58 -5.19
CA VAL J 239 -61.44 43.37 -5.71
C VAL J 239 -61.42 43.52 -7.23
N PHE J 240 -61.79 42.46 -7.94
CA PHE J 240 -61.81 42.50 -9.39
C PHE J 240 -63.25 42.40 -9.91
N SER J 241 -63.56 43.21 -10.92
CA SER J 241 -64.89 43.20 -11.51
C SER J 241 -65.03 41.93 -12.33
N GLU J 242 -66.26 41.63 -12.75
CA GLU J 242 -66.49 40.46 -13.55
C GLU J 242 -65.72 40.58 -14.87
N LYS J 243 -65.71 41.78 -15.43
CA LYS J 243 -65.00 42.01 -16.69
C LYS J 243 -63.52 41.76 -16.47
N GLU J 244 -63.01 42.22 -15.33
CA GLU J 244 -61.60 42.04 -14.99
C GLU J 244 -61.27 40.56 -14.81
N LEU J 245 -62.09 39.86 -14.03
CA LEU J 245 -61.88 38.44 -13.81
C LEU J 245 -61.93 37.69 -15.14
N ASN J 246 -62.75 38.15 -16.07
CA ASN J 246 -62.83 37.47 -17.37
C ASN J 246 -61.54 37.65 -18.12
N ARG J 247 -60.95 38.83 -18.00
CA ARG J 247 -59.69 39.12 -18.69
C ARG J 247 -58.54 38.30 -18.07
N ILE J 248 -58.55 38.19 -16.74
CA ILE J 248 -57.54 37.43 -16.02
C ILE J 248 -57.66 35.95 -16.43
N LYS J 249 -58.90 35.46 -16.46
CA LYS J 249 -59.16 34.07 -16.84
C LYS J 249 -58.62 33.80 -18.24
N ARG J 250 -58.85 34.75 -19.14
CA ARG J 250 -58.37 34.60 -20.50
C ARG J 250 -56.85 34.49 -20.53
N TRP J 251 -56.18 35.36 -19.78
CA TRP J 251 -54.72 35.36 -19.74
C TRP J 251 -54.18 34.03 -19.21
N CYS J 252 -54.79 33.56 -18.13
CA CYS J 252 -54.38 32.31 -17.53
C CYS J 252 -54.57 31.10 -18.44
N ILE J 253 -55.78 30.93 -18.96
CA ILE J 253 -56.01 29.77 -19.81
C ILE J 253 -55.22 29.79 -21.12
N MET J 254 -54.70 30.96 -21.50
CA MET J 254 -53.89 31.03 -22.71
C MET J 254 -52.49 30.50 -22.45
N ARG J 255 -52.19 30.22 -21.17
CA ARG J 255 -50.89 29.70 -20.78
C ARG J 255 -50.69 28.23 -21.14
N GLN J 256 -51.78 27.51 -21.41
CA GLN J 256 -51.64 26.10 -21.75
C GLN J 256 -51.21 25.86 -23.21
N GLN J 257 -50.09 25.17 -23.37
CA GLN J 257 -49.56 24.85 -24.70
C GLN J 257 -49.80 23.34 -24.90
N ASN J 258 -49.60 22.63 -23.80
CA ASN J 258 -49.78 21.19 -23.65
C ASN J 258 -49.67 21.16 -22.14
N GLY J 259 -48.48 21.53 -21.66
CA GLY J 259 -48.27 21.68 -20.24
C GLY J 259 -48.48 23.19 -20.12
N TYR J 260 -47.97 23.82 -19.08
CA TYR J 260 -48.15 25.26 -18.96
C TYR J 260 -46.84 26.04 -18.87
N HIS J 261 -46.80 27.22 -19.48
CA HIS J 261 -45.61 28.06 -19.39
C HIS J 261 -46.00 29.22 -18.44
N GLY J 262 -45.03 29.98 -17.93
CA GLY J 262 -45.34 31.06 -17.02
C GLY J 262 -45.54 32.44 -17.65
N ARG J 263 -45.20 32.54 -18.94
CA ARG J 263 -45.33 33.79 -19.68
C ARG J 263 -45.48 33.51 -21.16
N PRO J 264 -46.21 34.39 -21.88
CA PRO J 264 -46.40 34.20 -23.31
C PRO J 264 -45.05 34.01 -24.00
N ASN J 265 -45.01 33.09 -24.96
CA ASN J 265 -43.81 32.79 -25.73
C ASN J 265 -42.63 32.20 -24.96
N LYS J 266 -42.90 31.60 -23.81
CA LYS J 266 -41.86 30.95 -23.01
C LYS J 266 -42.15 29.45 -23.03
N PRO J 267 -41.11 28.62 -22.94
CA PRO J 267 -41.34 27.17 -22.95
C PRO J 267 -42.09 26.68 -21.72
N VAL J 268 -42.89 25.61 -21.87
CA VAL J 268 -43.64 25.08 -20.74
C VAL J 268 -42.70 24.55 -19.66
N ASP J 269 -43.22 24.50 -18.45
CA ASP J 269 -42.46 24.08 -17.29
C ASP J 269 -43.43 23.39 -16.33
N THR J 270 -43.12 22.15 -15.98
CA THR J 270 -43.97 21.38 -15.09
C THR J 270 -44.59 22.13 -13.92
N CYS J 271 -43.82 22.90 -13.17
CA CYS J 271 -44.38 23.57 -12.00
C CYS J 271 -45.54 24.53 -12.31
N TYR J 272 -45.67 24.96 -13.56
CA TYR J 272 -46.76 25.86 -13.93
C TYR J 272 -48.09 25.15 -14.03
N SER J 273 -48.05 23.83 -14.08
CA SER J 273 -49.26 23.03 -14.11
C SER J 273 -49.94 23.31 -12.79
N PHE J 274 -49.18 23.73 -11.78
CA PHE J 274 -49.81 24.07 -10.52
C PHE J 274 -50.01 25.58 -10.41
N TRP J 275 -48.95 26.36 -10.62
CA TRP J 275 -49.05 27.83 -10.52
C TRP J 275 -50.26 28.35 -11.29
N VAL J 276 -50.31 28.03 -12.58
CA VAL J 276 -51.41 28.48 -13.43
C VAL J 276 -52.66 27.61 -13.20
N GLY J 277 -52.47 26.30 -13.20
CA GLY J 277 -53.58 25.38 -13.00
C GLY J 277 -54.38 25.71 -11.76
N ALA J 278 -53.70 25.97 -10.66
CA ALA J 278 -54.36 26.29 -9.41
C ALA J 278 -55.10 27.62 -9.50
N THR J 279 -54.58 28.54 -10.32
CA THR J 279 -55.22 29.84 -10.47
C THR J 279 -56.52 29.60 -11.23
N LEU J 280 -56.44 28.81 -12.30
CA LEU J 280 -57.62 28.50 -13.10
C LEU J 280 -58.66 27.81 -12.19
N LYS J 281 -58.20 26.94 -11.30
CA LYS J 281 -59.09 26.26 -10.38
C LYS J 281 -59.78 27.29 -9.49
N LEU J 282 -59.00 28.23 -8.94
CA LEU J 282 -59.58 29.24 -8.09
C LEU J 282 -60.58 30.10 -8.87
N LEU J 283 -60.35 30.26 -10.18
CA LEU J 283 -61.23 31.05 -11.01
C LEU J 283 -62.35 30.19 -11.61
N LYS J 284 -62.48 28.98 -11.07
CA LYS J 284 -63.51 28.03 -11.49
C LYS J 284 -63.59 27.72 -12.98
N ILE J 285 -62.46 27.71 -13.68
CA ILE J 285 -62.50 27.39 -15.09
C ILE J 285 -61.41 26.38 -15.47
N PHE J 286 -60.76 25.78 -14.48
CA PHE J 286 -59.71 24.80 -14.77
C PHE J 286 -60.36 23.64 -15.52
N GLN J 287 -61.64 23.42 -15.22
CA GLN J 287 -62.45 22.38 -15.82
C GLN J 287 -62.51 22.48 -17.34
N TYR J 288 -62.27 23.68 -17.87
CA TYR J 288 -62.35 23.87 -19.32
C TYR J 288 -61.02 23.71 -20.04
N THR J 289 -59.99 23.33 -19.30
CA THR J 289 -58.67 23.12 -19.87
C THR J 289 -58.59 21.71 -20.45
N ASN J 290 -57.53 21.43 -21.18
CA ASN J 290 -57.34 20.10 -21.77
C ASN J 290 -56.51 19.28 -20.77
N PHE J 291 -57.15 18.32 -20.09
CA PHE J 291 -56.47 17.50 -19.10
C PHE J 291 -55.40 16.55 -19.64
N GLU J 292 -55.74 15.80 -20.69
CA GLU J 292 -54.81 14.85 -21.26
C GLU J 292 -53.44 15.39 -21.64
N LYS J 293 -53.39 16.47 -22.42
CA LYS J 293 -52.11 17.05 -22.82
C LYS J 293 -51.30 17.53 -21.61
N ASN J 294 -52.00 18.06 -20.60
CA ASN J 294 -51.34 18.53 -19.40
C ASN J 294 -50.75 17.34 -18.67
N ARG J 295 -51.58 16.34 -18.39
CA ARG J 295 -51.13 15.14 -17.70
C ARG J 295 -49.99 14.49 -18.47
N ASN J 296 -50.14 14.40 -19.79
CA ASN J 296 -49.09 13.81 -20.62
C ASN J 296 -47.77 14.55 -20.44
N TYR J 297 -47.82 15.89 -20.47
CA TYR J 297 -46.59 16.66 -20.33
C TYR J 297 -45.96 16.43 -18.97
N ILE J 298 -46.75 16.58 -17.91
CA ILE J 298 -46.24 16.39 -16.56
C ILE J 298 -45.51 15.05 -16.44
N LEU J 299 -46.16 13.99 -16.90
CA LEU J 299 -45.56 12.66 -16.82
C LEU J 299 -44.31 12.54 -17.66
N SER J 300 -44.22 13.29 -18.75
CA SER J 300 -43.03 13.21 -19.60
C SER J 300 -41.80 13.78 -18.89
N THR J 301 -42.00 14.44 -17.74
CA THR J 301 -40.89 15.01 -16.99
C THR J 301 -40.63 14.19 -15.75
N GLN J 302 -41.28 13.05 -15.67
CA GLN J 302 -41.13 12.15 -14.54
C GLN J 302 -39.84 11.35 -14.68
N ASP J 303 -39.06 11.27 -13.61
CA ASP J 303 -37.82 10.50 -13.66
C ASP J 303 -38.17 9.09 -13.22
N ARG J 304 -38.29 8.18 -14.18
CA ARG J 304 -38.67 6.81 -13.91
C ARG J 304 -37.64 6.01 -13.10
N LEU J 305 -36.42 6.53 -13.01
CA LEU J 305 -35.35 5.85 -12.28
C LEU J 305 -35.21 6.33 -10.84
N VAL J 306 -35.00 7.63 -10.65
CA VAL J 306 -34.83 8.15 -9.29
C VAL J 306 -36.11 8.69 -8.67
N GLY J 307 -37.13 8.91 -9.49
CA GLY J 307 -38.38 9.42 -8.97
C GLY J 307 -38.41 10.95 -9.06
N GLY J 308 -39.54 11.54 -8.69
CA GLY J 308 -39.68 12.99 -8.75
C GLY J 308 -39.92 13.46 -10.19
N PHE J 309 -40.06 14.77 -10.35
CA PHE J 309 -40.28 15.37 -11.67
C PHE J 309 -39.28 16.51 -11.90
N ALA J 310 -39.09 16.86 -13.16
CA ALA J 310 -38.18 17.94 -13.55
C ALA J 310 -39.01 19.03 -14.24
N LYS J 311 -38.40 20.16 -14.57
CA LYS J 311 -39.16 21.21 -15.23
C LYS J 311 -39.43 20.80 -16.67
N TRP J 312 -38.47 20.14 -17.28
CA TRP J 312 -38.60 19.69 -18.65
C TRP J 312 -38.27 18.21 -18.74
N PRO J 313 -38.73 17.54 -19.81
CA PRO J 313 -38.43 16.12 -19.94
C PRO J 313 -36.93 15.91 -20.15
N ASP J 314 -36.43 14.75 -19.73
CA ASP J 314 -35.01 14.43 -19.87
C ASP J 314 -34.17 15.52 -19.19
N SER J 315 -34.61 15.94 -18.01
CA SER J 315 -33.93 16.96 -17.23
C SER J 315 -33.89 16.36 -15.82
N HIS J 316 -32.99 16.81 -14.96
CA HIS J 316 -32.91 16.24 -13.61
C HIS J 316 -34.02 16.70 -12.69
N PRO J 317 -34.59 15.78 -11.91
CA PRO J 317 -35.68 16.08 -10.99
C PRO J 317 -35.21 16.78 -9.74
N ASP J 318 -36.12 17.53 -9.12
CA ASP J 318 -35.84 18.22 -7.87
C ASP J 318 -37.10 18.22 -7.02
N ALA J 319 -36.96 18.56 -5.74
CA ALA J 319 -38.09 18.56 -4.83
C ALA J 319 -39.22 19.51 -5.25
N LEU J 320 -38.88 20.67 -5.79
CA LEU J 320 -39.89 21.63 -6.19
C LEU J 320 -40.76 21.11 -7.33
N HIS J 321 -40.16 20.62 -8.40
CA HIS J 321 -40.94 20.11 -9.52
C HIS J 321 -41.62 18.79 -9.19
N ALA J 322 -41.02 18.01 -8.29
CA ALA J 322 -41.63 16.75 -7.90
C ALA J 322 -42.93 17.12 -7.20
N TYR J 323 -42.85 18.07 -6.26
CA TYR J 323 -44.03 18.49 -5.52
C TYR J 323 -45.09 19.16 -6.37
N PHE J 324 -44.70 20.18 -7.14
CA PHE J 324 -45.68 20.89 -7.96
C PHE J 324 -46.19 20.03 -9.10
N GLY J 325 -45.38 19.08 -9.57
CA GLY J 325 -45.85 18.21 -10.64
C GLY J 325 -46.97 17.34 -10.08
N ILE J 326 -46.79 16.90 -8.85
CA ILE J 326 -47.79 16.07 -8.22
C ILE J 326 -49.05 16.88 -7.92
N CYS J 327 -48.89 18.10 -7.41
CA CYS J 327 -50.06 18.95 -7.15
C CYS J 327 -50.76 19.27 -8.47
N GLY J 328 -50.01 19.34 -9.57
CA GLY J 328 -50.59 19.61 -10.87
C GLY J 328 -51.47 18.44 -11.26
N LEU J 329 -50.98 17.23 -11.01
CA LEU J 329 -51.72 16.01 -11.32
C LEU J 329 -52.98 15.99 -10.44
N SER J 330 -52.82 16.36 -9.18
CA SER J 330 -53.91 16.40 -8.22
C SER J 330 -55.09 17.25 -8.71
N LEU J 331 -54.78 18.37 -9.36
CA LEU J 331 -55.82 19.26 -9.85
C LEU J 331 -56.74 18.57 -10.85
N MET J 332 -56.21 17.61 -11.59
CA MET J 332 -57.01 16.88 -12.56
C MET J 332 -57.47 15.56 -11.94
N GLU J 333 -57.39 15.51 -10.62
CA GLU J 333 -57.76 14.32 -9.85
C GLU J 333 -57.12 13.07 -10.44
N GLU J 334 -55.84 12.90 -10.12
CA GLU J 334 -55.07 11.76 -10.59
C GLU J 334 -55.26 10.66 -9.58
N SER J 335 -55.51 9.46 -10.10
CA SER J 335 -55.71 8.31 -9.24
C SER J 335 -54.49 8.11 -8.33
N GLY J 336 -54.72 8.13 -7.03
CA GLY J 336 -53.64 7.93 -6.08
C GLY J 336 -53.13 9.17 -5.38
N ILE J 337 -53.64 10.33 -5.78
CA ILE J 337 -53.19 11.59 -5.17
C ILE J 337 -54.34 12.37 -4.53
N CYS J 338 -54.15 12.75 -3.27
CA CYS J 338 -55.16 13.52 -2.54
C CYS J 338 -55.48 14.81 -3.28
N LYS J 339 -56.66 15.37 -3.01
CA LYS J 339 -57.04 16.62 -3.65
C LYS J 339 -56.30 17.73 -2.91
N VAL J 340 -55.79 18.70 -3.67
CA VAL J 340 -55.06 19.79 -3.05
C VAL J 340 -55.88 21.08 -2.97
N HIS J 341 -55.68 21.79 -1.88
CA HIS J 341 -56.33 23.07 -1.64
C HIS J 341 -55.56 24.09 -2.49
N PRO J 342 -56.06 24.43 -3.69
CA PRO J 342 -55.43 25.38 -4.61
C PRO J 342 -54.92 26.72 -4.10
N ALA J 343 -55.52 27.24 -3.04
CA ALA J 343 -55.06 28.53 -2.53
C ALA J 343 -54.02 28.39 -1.43
N LEU J 344 -54.23 27.46 -0.51
CA LEU J 344 -53.29 27.27 0.60
C LEU J 344 -52.10 26.37 0.24
N ASN J 345 -52.20 25.68 -0.89
CA ASN J 345 -51.13 24.80 -1.36
C ASN J 345 -50.78 23.68 -0.37
N VAL J 346 -51.81 22.99 0.10
CA VAL J 346 -51.67 21.86 1.02
C VAL J 346 -52.80 20.93 0.63
N SER J 347 -52.76 19.69 1.12
CA SER J 347 -53.82 18.73 0.80
C SER J 347 -55.09 19.12 1.55
N THR J 348 -56.24 18.92 0.91
CA THR J 348 -57.54 19.26 1.50
C THR J 348 -57.59 18.66 2.90
N ARG J 349 -57.08 17.44 3.02
CA ARG J 349 -57.02 16.75 4.30
C ARG J 349 -56.39 17.66 5.36
N THR J 350 -55.25 18.25 5.00
CA THR J 350 -54.50 19.14 5.89
C THR J 350 -55.22 20.49 6.07
N SER J 351 -55.95 20.93 5.04
CA SER J 351 -56.66 22.20 5.13
C SER J 351 -57.80 22.08 6.13
N GLU J 352 -58.50 20.94 6.08
CA GLU J 352 -59.60 20.66 6.97
C GLU J 352 -59.09 20.41 8.37
N ARG J 353 -57.97 19.71 8.46
CA ARG J 353 -57.37 19.45 9.75
C ARG J 353 -57.05 20.83 10.37
N LEU J 354 -56.89 21.83 9.49
CA LEU J 354 -56.59 23.20 9.92
C LEU J 354 -57.87 23.87 10.42
N ARG J 355 -58.96 23.65 9.69
CA ARG J 355 -60.27 24.20 10.04
C ARG J 355 -60.58 23.81 11.49
N ASP J 356 -60.41 22.52 11.80
CA ASP J 356 -60.64 22.01 13.15
C ASP J 356 -59.75 22.75 14.11
N LEU J 357 -58.45 22.80 13.80
CA LEU J 357 -57.50 23.48 14.65
C LEU J 357 -57.94 24.92 14.93
N HIS J 358 -58.71 25.50 14.01
CA HIS J 358 -59.22 26.87 14.18
C HIS J 358 -60.43 26.86 15.11
N GLN J 359 -61.26 25.83 14.96
CA GLN J 359 -62.45 25.68 15.80
C GLN J 359 -62.01 25.52 17.24
N SER J 360 -61.11 24.57 17.46
CA SER J 360 -60.58 24.30 18.79
C SER J 360 -60.01 25.59 19.38
N TRP J 361 -59.93 26.62 18.55
CA TRP J 361 -59.42 27.91 18.98
C TRP J 361 -60.59 28.84 19.27
N LYS J 362 -61.67 28.68 18.50
CA LYS J 362 -62.87 29.50 18.65
C LYS J 362 -63.55 29.28 20.00
N THR J 363 -62.90 28.49 20.85
CA THR J 363 -63.43 28.18 22.19
C THR J 363 -62.35 28.37 23.25
N PHE K 55 53.47 -59.42 34.52
CA PHE K 55 53.78 -59.86 35.91
C PHE K 55 54.47 -58.83 36.81
N LEU K 56 55.79 -58.72 36.69
CA LEU K 56 56.58 -57.79 37.51
C LEU K 56 56.45 -56.32 37.15
N SER K 57 55.55 -55.63 37.84
CA SER K 57 55.29 -54.22 37.59
C SER K 57 56.54 -53.34 37.60
N LEU K 58 56.58 -52.36 36.69
CA LEU K 58 57.70 -51.45 36.58
C LEU K 58 57.85 -50.60 37.84
N ASP K 59 56.75 -50.43 38.58
CA ASP K 59 56.77 -49.63 39.80
C ASP K 59 56.79 -50.49 41.05
N SER K 60 57.02 -51.78 40.86
CA SER K 60 57.07 -52.75 41.97
C SER K 60 58.31 -52.56 42.84
N PRO K 61 58.16 -52.76 44.17
CA PRO K 61 59.31 -52.59 45.06
C PRO K 61 60.39 -53.60 44.75
N THR K 62 60.01 -54.75 44.22
CA THR K 62 60.98 -55.77 43.89
C THR K 62 61.35 -55.81 42.41
N TYR K 63 61.01 -54.75 41.67
CA TYR K 63 61.32 -54.73 40.25
C TYR K 63 62.81 -54.95 40.04
N VAL K 64 63.17 -55.67 38.99
CA VAL K 64 64.56 -55.93 38.71
C VAL K 64 64.88 -55.61 37.25
N LEU K 65 65.95 -54.83 37.04
CA LEU K 65 66.33 -54.48 35.69
C LEU K 65 66.49 -55.76 34.91
N TYR K 66 66.25 -55.68 33.60
CA TYR K 66 66.38 -56.86 32.75
C TYR K 66 67.82 -57.33 32.71
N ARG K 67 68.76 -56.40 32.84
CA ARG K 67 70.17 -56.76 32.81
C ARG K 67 70.56 -57.64 34.00
N ASP K 68 69.74 -57.62 35.06
CA ASP K 68 70.02 -58.42 36.24
C ASP K 68 69.08 -59.60 36.38
N ARG K 69 68.34 -59.92 35.32
CA ARG K 69 67.42 -61.05 35.36
C ARG K 69 68.07 -62.28 34.79
N ALA K 70 67.98 -63.39 35.52
CA ALA K 70 68.58 -64.65 35.10
C ALA K 70 68.03 -65.16 33.77
N GLU K 71 66.71 -65.08 33.58
CA GLU K 71 66.08 -65.54 32.34
C GLU K 71 66.55 -64.78 31.11
N TRP K 72 67.19 -63.63 31.31
CA TRP K 72 67.66 -62.84 30.18
C TRP K 72 69.17 -62.83 30.05
N ALA K 73 69.85 -63.58 30.92
CA ALA K 73 71.30 -63.63 30.90
C ALA K 73 71.93 -63.98 29.55
N ASP K 74 71.25 -64.82 28.78
CA ASP K 74 71.77 -65.23 27.48
C ASP K 74 71.71 -64.19 26.38
N ILE K 75 70.92 -63.14 26.61
CA ILE K 75 70.76 -62.09 25.61
C ILE K 75 71.62 -60.87 25.86
N ASP K 76 72.25 -60.36 24.81
CA ASP K 76 73.07 -59.15 24.91
C ASP K 76 72.21 -57.93 24.56
N PRO K 77 72.00 -57.01 25.52
CA PRO K 77 71.18 -55.84 25.20
C PRO K 77 71.78 -55.04 24.04
N VAL K 78 70.92 -54.46 23.21
CA VAL K 78 71.36 -53.66 22.07
C VAL K 78 71.04 -52.20 22.37
N PRO K 79 72.07 -51.34 22.41
CA PRO K 79 71.85 -49.93 22.70
C PRO K 79 71.49 -49.15 21.46
N GLN K 80 70.96 -47.95 21.70
CA GLN K 80 70.59 -47.06 20.61
C GLN K 80 71.70 -46.04 20.49
N ASN K 81 72.09 -45.68 19.26
CA ASN K 81 73.14 -44.66 19.09
C ASN K 81 72.84 -43.66 17.97
N ASP K 82 72.69 -42.40 18.38
CA ASP K 82 72.40 -41.32 17.46
C ASP K 82 73.67 -40.73 16.86
N GLY K 83 74.78 -41.44 17.03
CA GLY K 83 76.04 -40.94 16.49
C GLY K 83 76.66 -39.82 17.30
N PRO K 84 77.73 -39.21 16.76
CA PRO K 84 78.49 -38.12 17.37
C PRO K 84 77.71 -36.92 17.87
N SER K 85 76.76 -36.42 17.09
CA SER K 85 75.98 -35.26 17.49
C SER K 85 74.49 -35.51 17.38
N PRO K 86 73.87 -36.03 18.45
CA PRO K 86 72.43 -36.31 18.43
C PRO K 86 71.53 -35.06 18.38
N VAL K 87 70.43 -35.18 17.63
CA VAL K 87 69.45 -34.11 17.46
C VAL K 87 68.15 -34.50 18.14
N VAL K 88 67.51 -33.52 18.80
CA VAL K 88 66.25 -33.75 19.50
C VAL K 88 66.37 -35.04 20.30
N GLN K 89 67.43 -35.11 21.08
CA GLN K 89 67.69 -36.28 21.89
C GLN K 89 66.92 -36.28 23.19
N ILE K 90 66.23 -37.38 23.42
CA ILE K 90 65.44 -37.53 24.63
C ILE K 90 66.28 -38.29 25.65
N ILE K 91 66.35 -37.77 26.87
CA ILE K 91 67.13 -38.44 27.91
C ILE K 91 66.24 -39.47 28.59
N TYR K 92 66.77 -40.67 28.77
CA TYR K 92 66.02 -41.75 29.36
C TYR K 92 66.56 -42.24 30.71
N SER K 93 65.66 -42.62 31.60
CA SER K 93 66.03 -43.13 32.90
C SER K 93 66.65 -44.51 32.74
N GLU K 94 67.27 -45.01 33.80
CA GLU K 94 67.88 -46.32 33.75
C GLU K 94 66.87 -47.39 33.38
N LYS K 95 65.73 -47.38 34.07
CA LYS K 95 64.66 -48.33 33.84
C LYS K 95 64.19 -48.30 32.38
N PHE K 96 63.93 -47.11 31.88
CA PHE K 96 63.46 -46.94 30.51
C PHE K 96 64.46 -47.51 29.50
N ARG K 97 65.70 -47.03 29.57
CA ARG K 97 66.74 -47.46 28.67
C ARG K 97 66.97 -48.96 28.75
N ASP K 98 66.81 -49.51 29.96
CA ASP K 98 66.99 -50.95 30.19
C ASP K 98 65.94 -51.76 29.43
N VAL K 99 64.66 -51.41 29.59
CA VAL K 99 63.60 -52.13 28.88
C VAL K 99 63.82 -52.08 27.37
N TYR K 100 64.14 -50.91 26.84
CA TYR K 100 64.31 -50.80 25.41
C TYR K 100 65.59 -51.40 24.86
N ASP K 101 66.63 -51.50 25.69
CA ASP K 101 67.87 -52.09 25.22
C ASP K 101 67.63 -53.58 24.98
N TYR K 102 66.77 -54.16 25.81
CA TYR K 102 66.43 -55.56 25.64
C TYR K 102 65.38 -55.72 24.54
N PHE K 103 64.52 -54.71 24.38
CA PHE K 103 63.52 -54.78 23.32
C PHE K 103 64.27 -54.84 21.99
N ARG K 104 65.26 -53.96 21.83
CA ARG K 104 66.03 -53.94 20.59
C ARG K 104 66.68 -55.30 20.33
N ALA K 105 67.18 -55.90 21.41
CA ALA K 105 67.83 -57.20 21.31
C ALA K 105 66.85 -58.24 20.77
N VAL K 106 65.72 -58.38 21.45
CA VAL K 106 64.71 -59.35 21.03
C VAL K 106 64.21 -59.08 19.60
N LEU K 107 64.03 -57.80 19.25
CA LEU K 107 63.57 -57.43 17.92
C LEU K 107 64.58 -57.85 16.86
N GLN K 108 65.82 -57.42 17.06
CA GLN K 108 66.89 -57.73 16.12
C GLN K 108 66.99 -59.22 15.83
N ARG K 109 66.65 -60.05 16.80
CA ARG K 109 66.72 -61.49 16.62
C ARG K 109 65.38 -62.10 16.22
N ASP K 110 64.36 -61.25 16.14
CA ASP K 110 63.02 -61.70 15.79
C ASP K 110 62.63 -62.91 16.67
N GLU K 111 62.99 -62.83 17.94
CA GLU K 111 62.70 -63.91 18.88
C GLU K 111 61.20 -63.98 19.24
N ARG K 112 60.53 -65.03 18.79
CA ARG K 112 59.10 -65.19 19.07
C ARG K 112 58.87 -65.91 20.41
N SER K 113 59.44 -65.39 21.49
CA SER K 113 59.30 -66.02 22.80
C SER K 113 58.23 -65.44 23.69
N GLU K 114 57.92 -66.16 24.76
CA GLU K 114 56.94 -65.73 25.74
C GLU K 114 57.53 -64.59 26.56
N ARG K 115 58.85 -64.61 26.76
CA ARG K 115 59.48 -63.57 27.53
C ARG K 115 59.47 -62.26 26.74
N ALA K 116 59.57 -62.39 25.41
CA ALA K 116 59.54 -61.22 24.54
C ALA K 116 58.14 -60.60 24.62
N PHE K 117 57.12 -61.45 24.56
CA PHE K 117 55.75 -60.98 24.65
C PHE K 117 55.54 -60.17 25.92
N LYS K 118 56.07 -60.67 27.04
CA LYS K 118 55.95 -59.97 28.31
C LYS K 118 56.76 -58.66 28.30
N LEU K 119 57.89 -58.67 27.61
CA LEU K 119 58.71 -57.49 27.51
C LEU K 119 57.97 -56.35 26.79
N THR K 120 57.15 -56.69 25.79
CA THR K 120 56.43 -55.67 25.04
C THR K 120 55.45 -54.93 25.95
N ARG K 121 54.90 -55.63 26.93
CA ARG K 121 53.97 -55.01 27.85
C ARG K 121 54.66 -53.83 28.55
N ASP K 122 55.90 -54.04 28.95
CA ASP K 122 56.68 -53.00 29.63
C ASP K 122 57.05 -51.88 28.67
N ALA K 123 57.43 -52.26 27.44
CA ALA K 123 57.81 -51.29 26.43
C ALA K 123 56.61 -50.39 26.13
N ILE K 124 55.42 -51.00 26.08
CA ILE K 124 54.21 -50.25 25.81
C ILE K 124 53.87 -49.34 26.97
N GLU K 125 54.10 -49.80 28.20
CA GLU K 125 53.81 -48.98 29.36
C GLU K 125 54.71 -47.75 29.36
N LEU K 126 55.92 -47.90 28.85
CA LEU K 126 56.87 -46.80 28.78
C LEU K 126 56.54 -45.85 27.62
N ASN K 127 56.04 -46.40 26.52
CA ASN K 127 55.72 -45.60 25.36
C ASN K 127 54.74 -46.31 24.41
N ALA K 128 53.45 -46.04 24.56
CA ALA K 128 52.44 -46.67 23.73
C ALA K 128 52.38 -46.09 22.31
N ALA K 129 53.20 -45.09 22.02
CA ALA K 129 53.19 -44.47 20.70
C ALA K 129 54.21 -45.11 19.77
N ASN K 130 54.92 -46.11 20.28
CA ASN K 130 55.92 -46.80 19.48
C ASN K 130 55.23 -47.87 18.62
N TYR K 131 54.93 -47.52 17.38
CA TYR K 131 54.25 -48.43 16.46
C TYR K 131 54.98 -49.74 16.21
N THR K 132 56.31 -49.74 16.28
CA THR K 132 57.07 -50.97 16.05
C THR K 132 56.78 -51.97 17.16
N VAL K 133 56.73 -51.48 18.39
CA VAL K 133 56.44 -52.35 19.52
C VAL K 133 55.08 -53.05 19.33
N TRP K 134 54.08 -52.30 18.91
CA TRP K 134 52.76 -52.88 18.71
C TRP K 134 52.75 -53.91 17.58
N HIS K 135 53.51 -53.64 16.54
CA HIS K 135 53.57 -54.58 15.42
C HIS K 135 54.16 -55.89 15.91
N PHE K 136 55.33 -55.80 16.56
CA PHE K 136 56.00 -56.99 17.08
C PHE K 136 55.07 -57.74 18.03
N ARG K 137 54.37 -57.00 18.89
CA ARG K 137 53.45 -57.62 19.82
C ARG K 137 52.38 -58.41 19.04
N ARG K 138 51.94 -57.88 17.89
CA ARG K 138 50.93 -58.57 17.09
C ARG K 138 51.55 -59.84 16.49
N VAL K 139 52.80 -59.73 16.05
CA VAL K 139 53.51 -60.88 15.50
C VAL K 139 53.51 -62.00 16.56
N LEU K 140 53.88 -61.62 17.77
CA LEU K 140 53.94 -62.56 18.88
C LEU K 140 52.56 -63.09 19.23
N LEU K 141 51.54 -62.26 19.19
CA LEU K 141 50.19 -62.72 19.50
C LEU K 141 49.85 -63.92 18.62
N ARG K 142 50.25 -63.85 17.36
CA ARG K 142 50.00 -64.93 16.41
C ARG K 142 50.92 -66.12 16.71
N SER K 143 52.24 -65.90 16.62
CA SER K 143 53.21 -66.94 16.89
C SER K 143 52.91 -67.76 18.14
N LEU K 144 52.65 -67.09 19.26
CA LEU K 144 52.37 -67.78 20.51
C LEU K 144 50.90 -68.14 20.66
N GLN K 145 50.12 -67.90 19.61
CA GLN K 145 48.69 -68.21 19.65
C GLN K 145 48.04 -67.78 20.97
N LYS K 146 48.23 -66.51 21.33
CA LYS K 146 47.67 -65.98 22.58
C LYS K 146 46.17 -65.79 22.51
N ASP K 147 45.51 -65.81 23.67
CA ASP K 147 44.08 -65.62 23.74
C ASP K 147 43.76 -64.16 23.36
N LEU K 148 43.14 -63.98 22.20
CA LEU K 148 42.82 -62.64 21.73
C LEU K 148 41.77 -61.95 22.56
N GLN K 149 40.86 -62.72 23.15
CA GLN K 149 39.82 -62.11 23.95
C GLN K 149 40.50 -61.42 25.13
N GLU K 150 41.64 -61.95 25.53
CA GLU K 150 42.40 -61.39 26.64
C GLU K 150 43.03 -60.07 26.18
N GLU K 151 43.61 -60.09 24.99
CA GLU K 151 44.23 -58.92 24.41
C GLU K 151 43.20 -57.80 24.27
N MET K 152 41.95 -58.15 23.99
CA MET K 152 40.90 -57.16 23.86
C MET K 152 40.71 -56.40 25.18
N ASN K 153 40.85 -57.11 26.29
CA ASN K 153 40.70 -56.46 27.58
C ASN K 153 41.88 -55.51 27.78
N TYR K 154 43.05 -55.98 27.38
CA TYR K 154 44.26 -55.20 27.50
C TYR K 154 44.15 -53.88 26.73
N ILE K 155 43.87 -53.99 25.43
CA ILE K 155 43.76 -52.81 24.60
C ILE K 155 42.61 -51.91 25.05
N ILE K 156 41.56 -52.49 25.60
CA ILE K 156 40.44 -51.69 26.07
C ILE K 156 40.88 -50.76 27.18
N ALA K 157 41.75 -51.26 28.06
CA ALA K 157 42.25 -50.47 29.18
C ALA K 157 43.20 -49.42 28.68
N ILE K 158 44.09 -49.82 27.78
CA ILE K 158 45.08 -48.90 27.21
C ILE K 158 44.42 -47.69 26.53
N ILE K 159 43.45 -47.95 25.68
CA ILE K 159 42.76 -46.90 24.95
C ILE K 159 42.05 -45.94 25.90
N GLU K 160 41.51 -46.45 27.00
CA GLU K 160 40.83 -45.57 27.95
C GLU K 160 41.80 -44.57 28.55
N GLU K 161 43.04 -44.98 28.74
CA GLU K 161 44.06 -44.10 29.29
C GLU K 161 44.64 -43.17 28.24
N GLN K 162 44.67 -43.63 26.99
CA GLN K 162 45.21 -42.86 25.90
C GLN K 162 44.30 -42.90 24.70
N PRO K 163 43.13 -42.25 24.81
CA PRO K 163 42.15 -42.21 23.73
C PRO K 163 42.49 -41.43 22.47
N LYS K 164 43.61 -40.73 22.46
CA LYS K 164 44.00 -39.95 21.30
C LYS K 164 45.28 -40.49 20.65
N ASN K 165 45.60 -41.74 20.94
CA ASN K 165 46.79 -42.40 20.41
C ASN K 165 46.41 -43.20 19.15
N TYR K 166 47.07 -42.91 18.04
CA TYR K 166 46.80 -43.61 16.78
C TYR K 166 47.12 -45.10 16.81
N GLN K 167 48.26 -45.46 17.37
CA GLN K 167 48.68 -46.86 17.43
C GLN K 167 47.74 -47.80 18.19
N VAL K 168 47.14 -47.32 19.29
CA VAL K 168 46.25 -48.17 20.05
C VAL K 168 44.91 -48.43 19.34
N TRP K 169 44.42 -47.44 18.60
CA TRP K 169 43.16 -47.65 17.89
C TRP K 169 43.40 -48.59 16.73
N HIS K 170 44.57 -48.50 16.13
CA HIS K 170 44.89 -49.37 15.03
C HIS K 170 45.00 -50.82 15.53
N HIS K 171 45.61 -50.99 16.70
CA HIS K 171 45.77 -52.31 17.29
C HIS K 171 44.40 -52.94 17.51
N ARG K 172 43.49 -52.19 18.13
CA ARG K 172 42.15 -52.71 18.40
C ARG K 172 41.45 -53.09 17.11
N ARG K 173 41.62 -52.29 16.07
CA ARG K 173 40.96 -52.59 14.81
C ARG K 173 41.48 -53.90 14.22
N VAL K 174 42.78 -54.13 14.32
CA VAL K 174 43.35 -55.38 13.81
C VAL K 174 42.77 -56.55 14.60
N LEU K 175 42.68 -56.42 15.91
CA LEU K 175 42.14 -57.48 16.75
C LEU K 175 40.70 -57.81 16.37
N VAL K 176 39.87 -56.78 16.24
CA VAL K 176 38.48 -57.01 15.88
C VAL K 176 38.38 -57.71 14.53
N GLU K 177 39.26 -57.37 13.58
CA GLU K 177 39.25 -58.03 12.27
C GLU K 177 39.59 -59.52 12.48
N TRP K 178 40.63 -59.79 13.26
CA TRP K 178 41.05 -61.16 13.54
C TRP K 178 39.91 -61.97 14.15
N LEU K 179 39.30 -61.43 15.20
CA LEU K 179 38.22 -62.12 15.87
C LEU K 179 36.92 -62.16 15.08
N LYS K 180 36.77 -61.23 14.14
CA LYS K 180 35.52 -61.12 13.37
C LYS K 180 34.39 -61.01 14.39
N ASP K 181 34.69 -60.37 15.52
CA ASP K 181 33.73 -60.19 16.60
C ASP K 181 33.56 -58.70 16.96
N PRO K 182 32.45 -58.10 16.54
CA PRO K 182 32.24 -56.68 16.86
C PRO K 182 31.32 -56.48 18.05
N SER K 183 30.90 -57.58 18.66
CA SER K 183 29.95 -57.56 19.77
C SER K 183 30.15 -56.53 20.87
N GLN K 184 31.39 -56.16 21.17
CA GLN K 184 31.60 -55.19 22.23
C GLN K 184 32.06 -53.81 21.76
N GLU K 185 32.14 -53.62 20.45
CA GLU K 185 32.59 -52.35 19.91
C GLU K 185 31.70 -51.14 20.11
N LEU K 186 30.44 -51.21 19.73
CA LEU K 186 29.57 -50.04 19.90
C LEU K 186 29.51 -49.53 21.33
N GLU K 187 29.51 -50.45 22.30
CA GLU K 187 29.43 -50.03 23.69
C GLU K 187 30.74 -49.42 24.16
N PHE K 188 31.85 -50.01 23.73
CA PHE K 188 33.15 -49.49 24.10
C PHE K 188 33.31 -48.07 23.60
N ILE K 189 32.99 -47.86 22.32
CA ILE K 189 33.09 -46.55 21.71
C ILE K 189 32.21 -45.54 22.41
N ALA K 190 30.99 -45.97 22.75
CA ALA K 190 30.07 -45.08 23.44
C ALA K 190 30.69 -44.58 24.75
N ASP K 191 31.47 -45.44 25.40
CA ASP K 191 32.11 -45.05 26.64
C ASP K 191 33.21 -44.03 26.39
N ILE K 192 34.05 -44.31 25.40
CA ILE K 192 35.12 -43.39 25.07
C ILE K 192 34.50 -42.04 24.68
N LEU K 193 33.41 -42.08 23.92
CA LEU K 193 32.73 -40.86 23.50
C LEU K 193 32.14 -40.12 24.69
N ASN K 194 32.16 -40.75 25.86
CA ASN K 194 31.65 -40.09 27.05
C ASN K 194 32.68 -39.16 27.64
N GLN K 195 33.97 -39.43 27.41
CA GLN K 195 34.96 -38.54 27.94
C GLN K 195 35.33 -37.48 26.89
N ASP K 196 34.79 -37.64 25.69
CA ASP K 196 35.01 -36.69 24.59
C ASP K 196 34.12 -37.08 23.43
N ALA K 197 32.96 -36.44 23.35
CA ALA K 197 31.98 -36.73 22.31
C ALA K 197 32.43 -36.39 20.89
N LYS K 198 33.62 -35.82 20.75
CA LYS K 198 34.09 -35.46 19.42
C LYS K 198 35.41 -36.11 19.02
N ASN K 199 35.87 -37.06 19.84
CA ASN K 199 37.12 -37.78 19.61
C ASN K 199 37.09 -38.35 18.19
N TYR K 200 37.92 -37.81 17.30
CA TYR K 200 37.92 -38.28 15.92
C TYR K 200 38.24 -39.77 15.80
N HIS K 201 39.17 -40.26 16.63
CA HIS K 201 39.56 -41.68 16.58
C HIS K 201 38.35 -42.58 16.87
N ALA K 202 37.56 -42.19 17.87
CA ALA K 202 36.40 -42.96 18.27
C ALA K 202 35.35 -43.03 17.15
N TRP K 203 35.02 -41.88 16.57
CA TRP K 203 34.04 -41.86 15.50
C TRP K 203 34.52 -42.64 14.29
N GLN K 204 35.82 -42.56 14.01
CA GLN K 204 36.37 -43.26 12.87
C GLN K 204 36.25 -44.77 13.09
N HIS K 205 36.60 -45.20 14.29
CA HIS K 205 36.53 -46.61 14.61
C HIS K 205 35.07 -47.06 14.53
N ARG K 206 34.17 -46.22 15.06
CA ARG K 206 32.75 -46.55 15.06
C ARG K 206 32.21 -46.76 13.65
N GLN K 207 32.58 -45.88 12.72
CA GLN K 207 32.11 -46.02 11.36
C GLN K 207 32.68 -47.28 10.72
N TRP K 208 33.92 -47.60 11.04
CA TRP K 208 34.54 -48.79 10.47
C TRP K 208 33.76 -50.03 10.92
N VAL K 209 33.53 -50.14 12.21
CA VAL K 209 32.82 -51.28 12.75
C VAL K 209 31.45 -51.40 12.11
N ILE K 210 30.69 -50.33 12.15
CA ILE K 210 29.35 -50.34 11.61
C ILE K 210 29.33 -50.78 10.16
N GLN K 211 30.24 -50.25 9.37
CA GLN K 211 30.28 -50.59 7.96
C GLN K 211 30.73 -52.02 7.72
N GLU K 212 31.81 -52.40 8.38
CA GLU K 212 32.40 -53.72 8.23
C GLU K 212 31.51 -54.89 8.66
N PHE K 213 30.73 -54.70 9.72
CA PHE K 213 29.86 -55.77 10.21
C PHE K 213 28.38 -55.46 10.03
N ARG K 214 28.08 -54.47 9.19
CA ARG K 214 26.71 -54.07 8.89
C ARG K 214 25.83 -53.92 10.15
N LEU K 215 26.24 -53.05 11.06
CA LEU K 215 25.50 -52.83 12.29
C LEU K 215 24.75 -51.48 12.26
N TRP K 216 23.92 -51.27 11.25
CA TRP K 216 23.19 -50.00 11.13
C TRP K 216 21.93 -49.90 11.98
N ASP K 217 21.30 -51.03 12.25
CA ASP K 217 20.06 -51.09 13.01
C ASP K 217 19.76 -50.09 14.11
N ASN K 218 20.74 -49.77 14.95
CA ASN K 218 20.47 -48.86 16.05
C ASN K 218 21.23 -47.56 16.07
N GLU K 219 22.02 -47.31 15.03
CA GLU K 219 22.81 -46.10 15.01
C GLU K 219 22.00 -44.82 14.90
N LEU K 220 20.96 -44.82 14.07
CA LEU K 220 20.15 -43.61 13.94
C LEU K 220 19.55 -43.20 15.27
N GLN K 221 19.29 -44.20 16.12
CA GLN K 221 18.72 -43.94 17.42
C GLN K 221 19.79 -43.37 18.34
N TYR K 222 21.00 -43.91 18.23
CA TYR K 222 22.13 -43.46 19.03
C TYR K 222 22.38 -41.99 18.71
N VAL K 223 22.26 -41.66 17.42
CA VAL K 223 22.45 -40.32 16.94
C VAL K 223 21.43 -39.39 17.55
N ASP K 224 20.15 -39.79 17.51
CA ASP K 224 19.08 -38.95 18.09
C ASP K 224 19.33 -38.69 19.56
N GLN K 225 19.89 -39.67 20.24
CA GLN K 225 20.18 -39.53 21.65
C GLN K 225 21.28 -38.52 21.90
N LEU K 226 22.40 -38.66 21.18
CA LEU K 226 23.52 -37.74 21.33
C LEU K 226 23.17 -36.33 20.91
N LEU K 227 22.35 -36.18 19.88
CA LEU K 227 21.97 -34.86 19.43
C LEU K 227 21.15 -34.14 20.49
N LYS K 228 20.49 -34.92 21.35
CA LYS K 228 19.71 -34.32 22.42
C LYS K 228 20.65 -33.86 23.50
N GLU K 229 21.75 -34.59 23.69
CA GLU K 229 22.73 -34.22 24.72
C GLU K 229 23.47 -32.94 24.34
N ASP K 230 23.67 -32.74 23.04
CA ASP K 230 24.37 -31.58 22.54
C ASP K 230 24.13 -31.45 21.05
N VAL K 231 23.14 -30.65 20.68
CA VAL K 231 22.77 -30.45 19.30
C VAL K 231 23.84 -29.74 18.48
N ARG K 232 24.90 -29.30 19.13
CA ARG K 232 25.98 -28.62 18.43
C ARG K 232 27.14 -29.54 18.07
N ASN K 233 27.06 -30.81 18.47
CA ASN K 233 28.13 -31.74 18.16
C ASN K 233 28.15 -32.09 16.67
N ASN K 234 29.06 -31.46 15.94
CA ASN K 234 29.21 -31.67 14.51
C ASN K 234 29.47 -33.13 14.13
N SER K 235 30.11 -33.88 15.03
CA SER K 235 30.44 -35.28 14.78
C SER K 235 29.18 -36.14 14.69
N VAL K 236 28.18 -35.78 15.52
CA VAL K 236 26.94 -36.52 15.56
C VAL K 236 26.10 -36.25 14.33
N TRP K 237 26.12 -35.00 13.85
CA TRP K 237 25.39 -34.67 12.63
C TRP K 237 26.03 -35.45 11.46
N ASN K 238 27.35 -35.56 11.47
CA ASN K 238 28.01 -36.28 10.40
C ASN K 238 27.59 -37.75 10.48
N GLN K 239 27.53 -38.28 11.71
CA GLN K 239 27.14 -39.67 11.89
C GLN K 239 25.73 -39.91 11.35
N ARG K 240 24.85 -38.96 11.58
CA ARG K 240 23.49 -39.08 11.10
C ARG K 240 23.48 -39.23 9.59
N HIS K 241 24.23 -38.37 8.89
CA HIS K 241 24.28 -38.45 7.44
C HIS K 241 24.90 -39.77 7.00
N PHE K 242 25.88 -40.23 7.78
CA PHE K 242 26.58 -41.48 7.53
C PHE K 242 25.57 -42.64 7.53
N VAL K 243 24.77 -42.73 8.59
CA VAL K 243 23.77 -43.79 8.70
C VAL K 243 22.74 -43.77 7.58
N ILE K 244 22.07 -42.64 7.42
CA ILE K 244 21.04 -42.53 6.42
C ILE K 244 21.52 -42.76 4.99
N SER K 245 22.62 -42.14 4.61
CA SER K 245 23.10 -42.31 3.25
C SER K 245 23.55 -43.73 2.97
N ASN K 246 23.84 -44.50 4.03
CA ASN K 246 24.27 -45.87 3.84
C ASN K 246 23.15 -46.88 4.02
N THR K 247 21.95 -46.39 4.32
CA THR K 247 20.83 -47.29 4.48
C THR K 247 19.73 -46.92 3.47
N THR K 248 18.78 -46.10 3.91
CA THR K 248 17.67 -45.67 3.03
C THR K 248 18.09 -44.71 1.93
N GLY K 249 19.08 -43.87 2.22
CA GLY K 249 19.48 -42.89 1.22
C GLY K 249 18.56 -41.69 1.38
N TYR K 250 18.74 -40.64 0.60
CA TYR K 250 17.88 -39.48 0.73
C TYR K 250 16.92 -39.31 -0.46
N SER K 251 16.96 -40.25 -1.40
CA SER K 251 16.09 -40.17 -2.57
C SER K 251 14.64 -40.45 -2.24
N ASP K 252 14.39 -41.17 -1.16
CA ASP K 252 13.02 -41.45 -0.76
C ASP K 252 12.45 -40.14 -0.21
N ARG K 253 11.59 -39.49 -0.99
CA ARG K 253 11.00 -38.21 -0.57
C ARG K 253 10.45 -38.22 0.84
N ALA K 254 10.04 -39.39 1.30
CA ALA K 254 9.51 -39.52 2.64
C ALA K 254 10.65 -39.28 3.63
N VAL K 255 11.81 -39.85 3.33
CA VAL K 255 12.96 -39.71 4.20
C VAL K 255 13.50 -38.27 4.15
N LEU K 256 13.65 -37.75 2.94
CA LEU K 256 14.16 -36.39 2.78
C LEU K 256 13.30 -35.43 3.60
N GLU K 257 11.99 -35.58 3.50
CA GLU K 257 11.08 -34.73 4.22
C GLU K 257 11.26 -34.89 5.73
N ARG K 258 11.36 -36.13 6.18
CA ARG K 258 11.54 -36.38 7.60
C ARG K 258 12.80 -35.68 8.10
N GLU K 259 13.87 -35.82 7.33
CA GLU K 259 15.15 -35.22 7.69
C GLU K 259 15.14 -33.69 7.68
N VAL K 260 14.56 -33.10 6.63
CA VAL K 260 14.49 -31.66 6.57
C VAL K 260 13.66 -31.14 7.74
N GLN K 261 12.57 -31.83 8.03
CA GLN K 261 11.71 -31.42 9.12
C GLN K 261 12.44 -31.54 10.44
N TYR K 262 13.14 -32.66 10.61
CA TYR K 262 13.90 -32.93 11.82
C TYR K 262 14.92 -31.82 12.08
N THR K 263 15.62 -31.41 11.02
CA THR K 263 16.63 -30.38 11.12
C THR K 263 16.03 -29.02 11.43
N LEU K 264 14.98 -28.63 10.71
CA LEU K 264 14.33 -27.35 10.97
C LEU K 264 13.89 -27.28 12.43
N GLU K 265 13.51 -28.41 12.99
CA GLU K 265 13.12 -28.46 14.38
C GLU K 265 14.31 -28.17 15.28
N MET K 266 15.44 -28.79 14.96
CA MET K 266 16.65 -28.59 15.75
C MET K 266 17.13 -27.16 15.61
N ILE K 267 16.98 -26.60 14.42
CA ILE K 267 17.37 -25.23 14.17
C ILE K 267 16.54 -24.28 15.03
N LYS K 268 15.23 -24.53 15.11
CA LYS K 268 14.37 -23.69 15.94
C LYS K 268 14.80 -23.74 17.40
N LEU K 269 15.27 -24.88 17.87
CA LEU K 269 15.69 -24.98 19.26
C LEU K 269 16.97 -24.20 19.52
N VAL K 270 17.90 -24.26 18.58
CA VAL K 270 19.18 -23.56 18.70
C VAL K 270 19.50 -23.05 17.30
N PRO K 271 18.93 -21.89 16.92
CA PRO K 271 19.13 -21.27 15.60
C PRO K 271 20.58 -20.99 15.19
N HIS K 272 21.45 -20.72 16.15
CA HIS K 272 22.83 -20.46 15.83
C HIS K 272 23.65 -21.74 15.96
N ASN K 273 23.57 -22.59 14.95
CA ASN K 273 24.25 -23.87 14.94
C ASN K 273 24.67 -24.24 13.53
N GLU K 274 25.91 -23.96 13.19
CA GLU K 274 26.41 -24.24 11.86
C GLU K 274 26.17 -25.68 11.44
N SER K 275 26.37 -26.61 12.37
CA SER K 275 26.19 -28.04 12.07
C SER K 275 24.83 -28.37 11.49
N ALA K 276 23.78 -27.93 12.17
CA ALA K 276 22.42 -28.16 11.71
C ALA K 276 22.21 -27.57 10.31
N TRP K 277 22.64 -26.32 10.12
CA TRP K 277 22.48 -25.67 8.84
C TRP K 277 23.24 -26.36 7.74
N ASN K 278 24.44 -26.86 8.06
CA ASN K 278 25.26 -27.54 7.06
C ASN K 278 24.60 -28.83 6.61
N TYR K 279 23.96 -29.52 7.54
CA TYR K 279 23.27 -30.78 7.25
C TYR K 279 22.09 -30.47 6.33
N LEU K 280 21.28 -29.48 6.74
CA LEU K 280 20.13 -29.08 5.93
C LEU K 280 20.57 -28.77 4.51
N LYS K 281 21.58 -27.93 4.36
CA LYS K 281 22.04 -27.57 3.04
C LYS K 281 22.68 -28.76 2.34
N GLY K 282 23.36 -29.60 3.12
CA GLY K 282 24.03 -30.76 2.56
C GLY K 282 23.13 -31.74 1.85
N ILE K 283 21.99 -32.07 2.47
CA ILE K 283 21.06 -33.03 1.88
C ILE K 283 20.18 -32.45 0.76
N LEU K 284 20.24 -31.14 0.53
CA LEU K 284 19.44 -30.52 -0.51
C LEU K 284 20.23 -29.88 -1.63
N GLN K 285 21.45 -29.43 -1.33
CA GLN K 285 22.25 -28.72 -2.33
C GLN K 285 22.43 -29.41 -3.67
N ASP K 286 22.51 -30.73 -3.67
CA ASP K 286 22.71 -31.41 -4.93
C ASP K 286 21.45 -31.66 -5.72
N ARG K 287 20.30 -31.66 -5.07
CA ARG K 287 19.07 -31.84 -5.81
C ARG K 287 18.59 -30.46 -6.28
N GLY K 288 19.22 -29.40 -5.77
CA GLY K 288 18.87 -28.05 -6.17
C GLY K 288 18.05 -27.26 -5.15
N LEU K 289 18.71 -26.36 -4.43
CA LEU K 289 18.02 -25.58 -3.42
C LEU K 289 16.79 -24.82 -3.92
N SER K 290 16.84 -24.36 -5.17
CA SER K 290 15.72 -23.61 -5.71
C SER K 290 14.52 -24.49 -6.05
N ARG K 291 14.69 -25.81 -6.05
CA ARG K 291 13.58 -26.72 -6.37
C ARG K 291 12.62 -26.95 -5.20
N TYR K 292 12.88 -26.32 -4.05
CA TYR K 292 12.02 -26.47 -2.87
C TYR K 292 11.41 -25.15 -2.40
N PRO K 293 10.44 -24.63 -3.18
CA PRO K 293 9.72 -23.38 -2.94
C PRO K 293 9.23 -23.12 -1.52
N ASN K 294 8.68 -24.12 -0.87
CA ASN K 294 8.20 -23.91 0.49
C ASN K 294 9.34 -23.69 1.47
N LEU K 295 10.52 -24.21 1.16
CA LEU K 295 11.66 -24.03 2.06
C LEU K 295 12.07 -22.56 2.11
N LEU K 296 12.09 -21.93 0.94
CA LEU K 296 12.44 -20.52 0.84
C LEU K 296 11.52 -19.69 1.72
N ASN K 297 10.23 -19.93 1.63
CA ASN K 297 9.27 -19.17 2.41
C ASN K 297 9.34 -19.50 3.88
N GLN K 298 9.50 -20.78 4.22
CA GLN K 298 9.58 -21.14 5.62
C GLN K 298 10.77 -20.46 6.27
N LEU K 299 11.87 -20.34 5.52
CA LEU K 299 13.08 -19.70 6.03
C LEU K 299 12.87 -18.20 6.16
N LEU K 300 12.21 -17.60 5.18
CA LEU K 300 11.96 -16.16 5.23
C LEU K 300 11.12 -15.81 6.45
N ASP K 301 10.31 -16.76 6.92
CA ASP K 301 9.47 -16.55 8.08
C ASP K 301 10.25 -16.70 9.38
N LEU K 302 11.27 -17.54 9.38
CA LEU K 302 12.09 -17.74 10.57
C LEU K 302 12.96 -16.53 10.80
N GLN K 303 13.39 -15.91 9.69
CA GLN K 303 14.28 -14.75 9.74
C GLN K 303 13.97 -13.76 10.85
N PRO K 304 12.70 -13.32 10.96
CA PRO K 304 12.38 -12.37 12.02
C PRO K 304 12.85 -12.79 13.42
N SER K 305 12.51 -14.01 13.85
CA SER K 305 12.91 -14.48 15.17
C SER K 305 14.17 -15.34 15.27
N HIS K 306 14.27 -16.39 14.46
CA HIS K 306 15.43 -17.28 14.48
C HIS K 306 16.53 -16.94 13.49
N SER K 307 16.82 -15.66 13.31
CA SER K 307 17.86 -15.27 12.37
C SER K 307 19.25 -15.64 12.87
N SER K 308 20.19 -15.71 11.93
CA SER K 308 21.58 -16.04 12.20
C SER K 308 22.26 -15.89 10.87
N PRO K 309 23.58 -15.74 10.87
CA PRO K 309 24.31 -15.61 9.60
C PRO K 309 24.17 -16.87 8.76
N TYR K 310 23.95 -18.00 9.42
CA TYR K 310 23.79 -19.27 8.72
C TYR K 310 22.50 -19.27 7.90
N LEU K 311 21.45 -18.67 8.45
CA LEU K 311 20.18 -18.59 7.74
C LEU K 311 20.30 -17.66 6.54
N ILE K 312 20.87 -16.48 6.75
CA ILE K 312 21.03 -15.51 5.66
C ILE K 312 21.85 -16.13 4.52
N ALA K 313 22.88 -16.89 4.89
CA ALA K 313 23.74 -17.54 3.89
C ALA K 313 22.96 -18.59 3.10
N PHE K 314 22.06 -19.29 3.78
CA PHE K 314 21.25 -20.30 3.12
C PHE K 314 20.37 -19.60 2.08
N LEU K 315 19.85 -18.43 2.44
CA LEU K 315 19.01 -17.67 1.53
C LEU K 315 19.84 -17.29 0.29
N VAL K 316 21.03 -16.72 0.51
CA VAL K 316 21.90 -16.34 -0.60
C VAL K 316 22.09 -17.53 -1.53
N ASP K 317 22.36 -18.69 -0.93
CA ASP K 317 22.57 -19.91 -1.70
C ASP K 317 21.33 -20.37 -2.46
N ILE K 318 20.15 -20.15 -1.88
CA ILE K 318 18.92 -20.51 -2.57
C ILE K 318 18.84 -19.57 -3.79
N TYR K 319 18.96 -18.27 -3.55
CA TYR K 319 18.91 -17.29 -4.63
C TYR K 319 19.92 -17.62 -5.74
N GLU K 320 21.14 -17.98 -5.34
CA GLU K 320 22.13 -18.30 -6.35
C GLU K 320 21.70 -19.50 -7.18
N ASP K 321 21.09 -20.49 -6.55
CA ASP K 321 20.67 -21.64 -7.31
C ASP K 321 19.59 -21.23 -8.31
N MET K 322 18.76 -20.27 -7.93
CA MET K 322 17.72 -19.78 -8.82
C MET K 322 18.38 -19.14 -10.03
N LEU K 323 19.28 -18.18 -9.78
CA LEU K 323 19.98 -17.51 -10.87
C LEU K 323 20.65 -18.55 -11.76
N GLU K 324 21.10 -19.63 -11.14
CA GLU K 324 21.78 -20.73 -11.82
C GLU K 324 20.86 -21.41 -12.80
N ASN K 325 19.59 -21.52 -12.43
CA ASN K 325 18.59 -22.18 -13.27
C ASN K 325 17.70 -21.20 -14.03
N GLN K 326 18.29 -20.10 -14.49
CA GLN K 326 17.58 -19.09 -15.26
C GLN K 326 16.16 -18.88 -14.76
N CYS K 327 16.03 -18.47 -13.51
CA CYS K 327 14.72 -18.24 -12.91
C CYS K 327 14.06 -17.01 -13.53
N ASP K 328 12.84 -16.73 -13.10
CA ASP K 328 12.10 -15.57 -13.58
C ASP K 328 12.46 -14.38 -12.68
N ASN K 329 12.76 -13.24 -13.32
CA ASN K 329 13.14 -12.01 -12.62
C ASN K 329 14.61 -12.07 -12.22
N LYS K 330 15.42 -12.61 -13.14
CA LYS K 330 16.84 -12.73 -12.91
C LYS K 330 17.40 -11.54 -12.15
N GLU K 331 17.21 -10.33 -12.68
CA GLU K 331 17.73 -9.14 -12.04
C GLU K 331 17.17 -8.85 -10.65
N ASP K 332 15.92 -9.25 -10.41
CA ASP K 332 15.31 -9.02 -9.11
C ASP K 332 15.89 -9.97 -8.05
N ILE K 333 16.07 -11.23 -8.42
CA ILE K 333 16.62 -12.23 -7.51
C ILE K 333 18.05 -11.88 -7.15
N LEU K 334 18.81 -11.45 -8.16
CA LEU K 334 20.20 -11.06 -7.95
C LEU K 334 20.27 -9.93 -6.94
N ASN K 335 19.35 -8.97 -7.03
CA ASN K 335 19.37 -7.88 -6.08
C ASN K 335 19.07 -8.40 -4.69
N LYS K 336 18.18 -9.38 -4.59
CA LYS K 336 17.84 -9.95 -3.28
C LYS K 336 19.08 -10.62 -2.69
N ALA K 337 19.87 -11.23 -3.56
CA ALA K 337 21.08 -11.89 -3.13
C ALA K 337 22.08 -10.86 -2.64
N LEU K 338 22.35 -9.88 -3.50
CA LEU K 338 23.29 -8.81 -3.19
C LEU K 338 22.92 -8.09 -1.92
N GLU K 339 21.64 -7.89 -1.70
CA GLU K 339 21.15 -7.21 -0.51
C GLU K 339 21.60 -8.00 0.73
N LEU K 340 21.49 -9.33 0.65
CA LEU K 340 21.88 -10.21 1.74
C LEU K 340 23.38 -10.26 1.93
N CYS K 341 24.13 -10.32 0.83
CA CYS K 341 25.57 -10.33 0.93
C CYS K 341 26.01 -9.11 1.73
N GLU K 342 25.51 -7.94 1.33
CA GLU K 342 25.82 -6.69 2.02
C GLU K 342 25.41 -6.72 3.50
N ILE K 343 24.28 -7.34 3.82
CA ILE K 343 23.84 -7.42 5.22
C ILE K 343 24.82 -8.26 6.04
N LEU K 344 25.26 -9.38 5.43
CA LEU K 344 26.22 -10.28 6.05
C LEU K 344 27.55 -9.55 6.31
N ALA K 345 28.04 -8.89 5.26
CA ALA K 345 29.30 -8.17 5.33
C ALA K 345 29.29 -7.00 6.29
N LYS K 346 28.18 -6.28 6.32
CA LYS K 346 28.03 -5.09 7.15
C LYS K 346 27.55 -5.32 8.58
N GLU K 347 26.69 -6.33 8.79
CA GLU K 347 26.14 -6.56 10.13
C GLU K 347 26.12 -7.97 10.71
N LYS K 348 25.72 -8.94 9.91
CA LYS K 348 25.54 -10.30 10.40
C LYS K 348 26.70 -11.29 10.51
N ASP K 349 27.71 -11.13 9.67
CA ASP K 349 28.85 -12.03 9.67
C ASP K 349 30.07 -11.17 9.35
N THR K 350 30.22 -10.08 10.10
CA THR K 350 31.31 -9.11 9.87
C THR K 350 32.72 -9.65 9.71
N ILE K 351 33.05 -10.72 10.43
CA ILE K 351 34.39 -11.28 10.35
C ILE K 351 34.71 -11.78 8.93
N ARG K 352 33.67 -12.09 8.16
CA ARG K 352 33.84 -12.56 6.78
C ARG K 352 33.44 -11.49 5.75
N LYS K 353 33.41 -10.24 6.25
CA LYS K 353 33.08 -9.04 5.49
C LYS K 353 33.65 -9.05 4.08
N GLU K 354 34.97 -9.17 3.98
CA GLU K 354 35.59 -9.18 2.68
C GLU K 354 35.11 -10.38 1.86
N TYR K 355 34.92 -11.52 2.50
CA TYR K 355 34.47 -12.71 1.77
C TYR K 355 33.09 -12.49 1.16
N TRP K 356 32.14 -12.02 1.96
CA TRP K 356 30.80 -11.80 1.44
C TRP K 356 30.76 -10.73 0.34
N ARG K 357 31.60 -9.70 0.43
CA ARG K 357 31.65 -8.67 -0.59
C ARG K 357 32.19 -9.32 -1.87
N TYR K 358 33.14 -10.24 -1.70
CA TYR K 358 33.71 -10.97 -2.82
C TYR K 358 32.62 -11.83 -3.49
N ILE K 359 31.79 -12.51 -2.68
CA ILE K 359 30.72 -13.33 -3.22
C ILE K 359 29.74 -12.44 -3.98
N GLY K 360 29.40 -11.30 -3.37
CA GLY K 360 28.49 -10.37 -4.03
C GLY K 360 29.03 -9.99 -5.39
N ARG K 361 30.26 -9.50 -5.42
CA ARG K 361 30.89 -9.10 -6.67
C ARG K 361 30.86 -10.26 -7.68
N SER K 362 30.99 -11.47 -7.17
CA SER K 362 30.97 -12.66 -8.02
C SER K 362 29.60 -12.89 -8.64
N LEU K 363 28.55 -12.66 -7.87
CA LEU K 363 27.20 -12.85 -8.38
C LEU K 363 26.89 -11.82 -9.44
N GLN K 364 27.30 -10.58 -9.20
CA GLN K 364 27.06 -9.51 -10.16
C GLN K 364 27.70 -9.80 -11.51
N SER K 365 28.99 -10.05 -11.53
CA SER K 365 29.64 -10.30 -12.80
C SER K 365 29.24 -11.64 -13.40
N LYS K 366 28.34 -12.34 -12.75
CA LYS K 366 27.90 -13.63 -13.26
C LYS K 366 26.48 -13.56 -13.80
N HIS K 367 25.68 -12.63 -13.29
CA HIS K 367 24.29 -12.51 -13.75
C HIS K 367 23.83 -11.05 -13.92
N SER K 368 24.22 -10.42 -15.03
CA SER K 368 23.82 -9.03 -15.29
C SER K 368 23.86 -8.67 -16.78
N LEU L 18 49.31 -7.47 20.50
CA LEU L 18 50.70 -7.66 21.00
C LEU L 18 51.78 -7.82 19.93
N ASP L 19 53.01 -8.02 20.37
CA ASP L 19 54.15 -8.15 19.46
C ASP L 19 54.73 -9.56 19.35
N PHE L 20 55.45 -9.77 18.25
CA PHE L 20 56.05 -11.04 17.95
C PHE L 20 57.43 -11.17 18.59
N LEU L 21 57.58 -12.06 19.55
CA LEU L 21 58.85 -12.25 20.24
C LEU L 21 59.84 -13.12 19.46
N ARG L 22 60.18 -12.68 18.27
CA ARG L 22 61.10 -13.39 17.40
C ARG L 22 62.33 -14.03 18.07
N ASP L 23 63.13 -13.23 18.77
CA ASP L 23 64.33 -13.76 19.40
C ASP L 23 64.06 -14.93 20.34
N ARG L 24 62.99 -14.80 21.13
CA ARG L 24 62.63 -15.85 22.07
C ARG L 24 62.25 -17.14 21.34
N HIS L 25 61.62 -17.01 20.18
CA HIS L 25 61.22 -18.20 19.43
C HIS L 25 62.44 -18.85 18.83
N VAL L 26 63.47 -18.06 18.55
CA VAL L 26 64.68 -18.64 18.00
C VAL L 26 65.27 -19.54 19.10
N ARG L 27 65.34 -19.01 20.32
CA ARG L 27 65.85 -19.75 21.46
C ARG L 27 65.04 -21.02 21.71
N PHE L 28 63.72 -20.90 21.56
CA PHE L 28 62.81 -22.01 21.76
C PHE L 28 63.14 -23.13 20.77
N PHE L 29 63.20 -22.82 19.48
CA PHE L 29 63.51 -23.84 18.49
C PHE L 29 64.87 -24.47 18.74
N GLN L 30 65.83 -23.63 19.10
CA GLN L 30 67.19 -24.07 19.41
C GLN L 30 67.15 -25.13 20.51
N ARG L 31 66.38 -24.82 21.54
CA ARG L 31 66.23 -25.70 22.68
C ARG L 31 65.65 -27.08 22.25
N CYS L 32 64.67 -27.05 21.35
CA CYS L 32 64.04 -28.28 20.85
C CYS L 32 65.04 -29.22 20.16
N LEU L 33 66.01 -28.66 19.44
CA LEU L 33 66.99 -29.49 18.74
C LEU L 33 68.00 -30.11 19.68
N GLN L 34 68.04 -29.61 20.90
CA GLN L 34 69.01 -30.12 21.86
C GLN L 34 68.60 -31.33 22.66
N VAL L 35 68.20 -31.13 23.91
CA VAL L 35 67.83 -32.26 24.74
C VAL L 35 66.47 -32.08 25.36
N LEU L 36 65.71 -33.17 25.44
CA LEU L 36 64.38 -33.10 26.02
C LEU L 36 64.27 -34.03 27.23
N PRO L 37 63.44 -33.64 28.22
CA PRO L 37 63.19 -34.41 29.45
C PRO L 37 62.51 -35.73 29.08
N GLU L 38 62.63 -36.75 29.93
CA GLU L 38 62.00 -38.03 29.63
C GLU L 38 60.50 -37.95 29.39
N ARG L 39 59.87 -36.84 29.79
CA ARG L 39 58.44 -36.73 29.60
C ARG L 39 58.02 -36.61 28.14
N TYR L 40 59.00 -36.44 27.24
CA TYR L 40 58.67 -36.34 25.82
C TYR L 40 59.00 -37.64 25.11
N SER L 41 59.17 -38.69 25.92
CA SER L 41 59.51 -40.02 25.43
C SER L 41 58.60 -40.57 24.35
N SER L 42 57.36 -40.12 24.32
CA SER L 42 56.41 -40.60 23.31
C SER L 42 56.66 -39.97 21.95
N LEU L 43 57.68 -39.11 21.88
CA LEU L 43 58.04 -38.46 20.63
C LEU L 43 59.21 -39.16 20.00
N GLU L 44 59.78 -40.13 20.71
CA GLU L 44 60.94 -40.86 20.22
C GLU L 44 60.86 -41.24 18.74
N THR L 45 59.81 -41.94 18.34
CA THR L 45 59.73 -42.37 16.95
C THR L 45 59.35 -41.26 15.97
N SER L 46 59.19 -40.03 16.47
CA SER L 46 58.82 -38.91 15.61
C SER L 46 59.82 -37.76 15.78
N ARG L 47 61.00 -38.09 16.28
CA ARG L 47 62.01 -37.07 16.50
C ARG L 47 62.37 -36.27 15.25
N LEU L 48 62.38 -36.95 14.10
CA LEU L 48 62.70 -36.29 12.85
C LEU L 48 61.68 -35.19 12.53
N THR L 49 60.39 -35.40 12.80
CA THR L 49 59.42 -34.36 12.51
C THR L 49 59.54 -33.22 13.53
N ILE L 50 60.03 -33.54 14.73
CA ILE L 50 60.23 -32.49 15.75
C ILE L 50 61.40 -31.62 15.24
N ALA L 51 62.39 -32.29 14.65
CA ALA L 51 63.56 -31.61 14.10
C ALA L 51 63.07 -30.69 13.00
N PHE L 52 62.18 -31.21 12.17
CA PHE L 52 61.59 -30.44 11.07
C PHE L 52 60.90 -29.16 11.58
N PHE L 53 60.08 -29.30 12.62
CA PHE L 53 59.39 -28.14 13.18
C PHE L 53 60.39 -27.11 13.65
N ALA L 54 61.47 -27.54 14.26
CA ALA L 54 62.47 -26.61 14.76
C ALA L 54 63.36 -26.03 13.67
N LEU L 55 63.80 -26.86 12.72
CA LEU L 55 64.68 -26.40 11.65
C LEU L 55 63.93 -25.53 10.63
N SER L 56 62.75 -25.97 10.21
CA SER L 56 61.96 -25.20 9.27
C SER L 56 61.52 -23.93 10.01
N GLY L 57 61.29 -24.07 11.30
CA GLY L 57 60.90 -22.94 12.12
C GLY L 57 62.02 -21.92 12.14
N LEU L 58 63.24 -22.38 12.41
CA LEU L 58 64.39 -21.49 12.43
C LEU L 58 64.56 -20.86 11.05
N ASP L 59 64.42 -21.67 10.00
CA ASP L 59 64.55 -21.21 8.63
C ASP L 59 63.57 -20.06 8.39
N MET L 60 62.32 -20.30 8.75
CA MET L 60 61.25 -19.31 8.58
C MET L 60 61.59 -18.01 9.32
N LEU L 61 62.39 -18.10 10.38
CA LEU L 61 62.78 -16.91 11.13
C LEU L 61 64.16 -16.44 10.68
N ASP L 62 64.68 -17.09 9.66
CA ASP L 62 65.98 -16.76 9.11
C ASP L 62 67.05 -16.76 10.22
N SER L 63 67.21 -17.92 10.87
CA SER L 63 68.18 -18.10 11.93
C SER L 63 68.79 -19.50 11.93
N LEU L 64 68.88 -20.11 10.75
CA LEU L 64 69.47 -21.44 10.66
C LEU L 64 70.94 -21.41 11.06
N ASP L 65 71.50 -20.20 11.12
CA ASP L 65 72.90 -20.02 11.47
C ASP L 65 73.21 -20.48 12.89
N VAL L 66 72.23 -20.43 13.79
CA VAL L 66 72.47 -20.83 15.17
C VAL L 66 72.66 -22.33 15.37
N VAL L 67 72.64 -23.11 14.29
CA VAL L 67 72.84 -24.56 14.40
C VAL L 67 73.94 -25.03 13.44
N ASN L 68 74.47 -26.22 13.73
CA ASN L 68 75.51 -26.79 12.90
C ASN L 68 74.84 -27.61 11.80
N LYS L 69 74.61 -27.00 10.65
CA LYS L 69 73.94 -27.71 9.56
C LYS L 69 74.58 -29.05 9.19
N ASP L 70 75.90 -29.05 9.04
CA ASP L 70 76.61 -30.26 8.66
C ASP L 70 76.34 -31.42 9.60
N ASP L 71 76.36 -31.14 10.90
CA ASP L 71 76.10 -32.18 11.89
C ASP L 71 74.71 -32.73 11.73
N ILE L 72 73.74 -31.83 11.67
CA ILE L 72 72.35 -32.23 11.53
C ILE L 72 72.11 -33.02 10.25
N ILE L 73 72.75 -32.61 9.16
CA ILE L 73 72.58 -33.32 7.90
C ILE L 73 73.06 -34.77 8.01
N GLU L 74 74.14 -34.98 8.76
CA GLU L 74 74.67 -36.33 8.95
C GLU L 74 73.71 -37.17 9.77
N TRP L 75 73.14 -36.54 10.80
CA TRP L 75 72.19 -37.22 11.67
C TRP L 75 70.99 -37.68 10.85
N ILE L 76 70.47 -36.79 10.01
CA ILE L 76 69.33 -37.11 9.17
C ILE L 76 69.65 -38.29 8.26
N TYR L 77 70.79 -38.23 7.58
CA TYR L 77 71.17 -39.32 6.68
C TYR L 77 71.35 -40.64 7.42
N SER L 78 71.62 -40.57 8.71
CA SER L 78 71.78 -41.78 9.49
C SER L 78 70.41 -42.42 9.71
N LEU L 79 69.35 -41.68 9.40
CA LEU L 79 67.99 -42.19 9.57
C LEU L 79 67.43 -42.80 8.29
N GLN L 80 68.20 -42.78 7.20
CA GLN L 80 67.73 -43.36 5.96
C GLN L 80 67.86 -44.88 5.91
N VAL L 81 66.75 -45.55 5.60
CA VAL L 81 66.76 -46.99 5.48
C VAL L 81 67.19 -47.25 4.04
N LEU L 82 68.46 -47.59 3.86
CA LEU L 82 69.01 -47.87 2.55
C LEU L 82 68.82 -49.30 2.13
N PRO L 83 68.75 -49.55 0.82
CA PRO L 83 68.57 -50.93 0.38
C PRO L 83 69.83 -51.75 0.70
N THR L 84 69.63 -53.00 1.12
CA THR L 84 70.75 -53.89 1.44
C THR L 84 71.49 -54.33 0.17
N GLU L 85 72.56 -55.08 0.35
CA GLU L 85 73.37 -55.59 -0.77
C GLU L 85 72.47 -56.25 -1.82
N ASP L 86 71.72 -57.26 -1.38
CA ASP L 86 70.82 -58.00 -2.27
C ASP L 86 69.60 -57.18 -2.73
N ARG L 87 69.38 -56.04 -2.08
CA ARG L 87 68.25 -55.16 -2.42
C ARG L 87 66.90 -55.83 -2.24
N SER L 88 66.81 -56.72 -1.26
CA SER L 88 65.58 -57.45 -0.99
C SER L 88 64.65 -56.65 -0.06
N ASN L 89 65.07 -55.45 0.32
CA ASN L 89 64.28 -54.62 1.22
C ASN L 89 63.88 -53.30 0.58
N LEU L 90 63.75 -53.28 -0.74
CA LEU L 90 63.37 -52.05 -1.43
C LEU L 90 62.02 -51.52 -0.99
N ASP L 91 61.06 -52.42 -0.77
CA ASP L 91 59.72 -52.06 -0.34
C ASP L 91 59.67 -51.43 1.04
N ARG L 92 60.81 -51.39 1.72
CA ARG L 92 60.87 -50.84 3.07
C ARG L 92 61.80 -49.64 3.23
N CYS L 93 62.30 -49.11 2.13
CA CYS L 93 63.19 -47.97 2.20
C CYS L 93 62.48 -46.64 2.39
N GLY L 94 63.22 -45.68 2.93
CA GLY L 94 62.68 -44.37 3.22
C GLY L 94 63.45 -43.89 4.42
N PHE L 95 62.80 -43.17 5.35
CA PHE L 95 63.49 -42.69 6.55
C PHE L 95 62.82 -43.11 7.86
N ARG L 96 63.63 -43.21 8.92
CA ARG L 96 63.15 -43.57 10.25
C ARG L 96 62.94 -42.28 11.00
N GLY L 97 62.13 -42.34 12.06
CA GLY L 97 61.89 -41.16 12.87
C GLY L 97 63.04 -40.91 13.81
N SER L 98 63.78 -41.97 14.12
CA SER L 98 64.93 -41.87 15.00
C SER L 98 65.72 -43.18 14.96
N SER L 99 66.70 -43.29 15.84
CA SER L 99 67.55 -44.48 15.91
C SER L 99 67.09 -45.46 16.97
N TYR L 100 65.83 -45.37 17.38
CA TYR L 100 65.33 -46.26 18.43
C TYR L 100 65.48 -47.77 18.18
N LEU L 101 65.69 -48.21 16.94
CA LEU L 101 65.84 -49.65 16.70
C LEU L 101 67.20 -50.21 17.08
N GLY L 102 68.18 -49.34 17.28
CA GLY L 102 69.49 -49.81 17.69
C GLY L 102 70.44 -50.09 16.55
N ILE L 103 70.10 -49.65 15.35
CA ILE L 103 70.99 -49.87 14.21
C ILE L 103 72.19 -48.95 14.32
N PRO L 104 73.39 -49.49 14.08
CA PRO L 104 74.64 -48.72 14.16
C PRO L 104 74.68 -47.48 13.26
N PHE L 105 75.02 -46.34 13.86
CA PHE L 105 75.09 -45.07 13.16
C PHE L 105 75.78 -45.17 11.80
N ASN L 106 75.09 -44.77 10.75
CA ASN L 106 75.61 -44.83 9.40
C ASN L 106 74.95 -43.75 8.54
N PRO L 107 75.62 -42.58 8.39
CA PRO L 107 75.11 -41.45 7.61
C PRO L 107 75.02 -41.74 6.11
N SER L 108 74.29 -42.79 5.77
CA SER L 108 74.10 -43.21 4.39
C SER L 108 75.45 -43.30 3.68
N LYS L 109 76.43 -43.90 4.37
CA LYS L 109 77.76 -44.06 3.83
C LYS L 109 77.93 -45.48 3.29
N ASN L 110 77.58 -46.47 4.09
CA ASN L 110 77.71 -47.87 3.68
C ASN L 110 76.33 -48.40 3.28
N PRO L 111 76.29 -49.61 2.70
CA PRO L 111 75.00 -50.18 2.30
C PRO L 111 74.15 -50.50 3.54
N GLY L 112 72.87 -50.72 3.33
CA GLY L 112 71.99 -51.01 4.45
C GLY L 112 72.24 -52.34 5.14
N THR L 113 72.14 -52.34 6.46
CA THR L 113 72.32 -53.56 7.24
C THR L 113 70.95 -54.16 7.55
N ALA L 114 70.74 -55.38 7.09
CA ALA L 114 69.47 -56.08 7.29
C ALA L 114 68.99 -56.09 8.73
N HIS L 115 67.67 -56.01 8.89
CA HIS L 115 67.04 -56.01 10.20
C HIS L 115 65.57 -56.38 9.96
N PRO L 116 65.09 -57.42 10.62
CA PRO L 116 63.71 -57.89 10.45
C PRO L 116 62.62 -56.81 10.58
N TYR L 117 62.86 -55.76 11.37
CA TYR L 117 61.83 -54.76 11.57
C TYR L 117 62.18 -53.32 11.24
N ASP L 118 63.31 -53.13 10.55
CA ASP L 118 63.74 -51.78 10.19
C ASP L 118 63.18 -51.40 8.82
N SER L 119 62.43 -50.30 8.79
CA SER L 119 61.85 -49.79 7.56
C SER L 119 61.46 -48.33 7.77
N GLY L 120 61.17 -47.63 6.69
CA GLY L 120 60.84 -46.22 6.80
C GLY L 120 59.41 -45.93 7.22
N HIS L 121 59.17 -44.67 7.52
CA HIS L 121 57.83 -44.21 7.92
C HIS L 121 57.54 -43.02 7.01
N ILE L 122 56.45 -43.10 6.27
CA ILE L 122 56.09 -42.05 5.31
C ILE L 122 56.19 -40.60 5.80
N ALA L 123 55.80 -40.33 7.05
CA ALA L 123 55.88 -38.97 7.57
C ALA L 123 57.33 -38.58 7.84
N MET L 124 58.18 -39.59 8.04
CA MET L 124 59.59 -39.33 8.30
C MET L 124 60.35 -39.16 6.99
N THR L 125 59.97 -39.91 5.96
CA THR L 125 60.61 -39.77 4.66
C THR L 125 60.30 -38.34 4.20
N TYR L 126 59.07 -37.92 4.44
CA TYR L 126 58.64 -36.59 4.07
C TYR L 126 59.41 -35.50 4.84
N THR L 127 59.31 -35.50 6.17
CA THR L 127 60.01 -34.50 6.96
C THR L 127 61.52 -34.60 6.82
N GLY L 128 62.01 -35.81 6.54
CA GLY L 128 63.44 -36.01 6.37
C GLY L 128 63.96 -35.27 5.14
N LEU L 129 63.39 -35.59 3.98
CA LEU L 129 63.79 -34.94 2.73
C LEU L 129 63.60 -33.43 2.89
N SER L 130 62.48 -33.06 3.49
CA SER L 130 62.16 -31.67 3.73
C SER L 130 63.30 -31.00 4.52
N CYS L 131 63.76 -31.65 5.59
CA CYS L 131 64.83 -31.10 6.41
C CYS L 131 66.13 -30.95 5.61
N LEU L 132 66.48 -31.98 4.84
CA LEU L 132 67.69 -31.95 4.04
C LEU L 132 67.71 -30.72 3.12
N ILE L 133 66.60 -30.48 2.42
CA ILE L 133 66.51 -29.33 1.52
C ILE L 133 66.67 -28.04 2.31
N ILE L 134 66.01 -27.95 3.45
CA ILE L 134 66.07 -26.76 4.29
C ILE L 134 67.50 -26.48 4.73
N LEU L 135 68.26 -27.53 4.98
CA LEU L 135 69.64 -27.38 5.43
C LEU L 135 70.65 -27.16 4.31
N GLY L 136 70.18 -27.15 3.05
CA GLY L 136 71.09 -26.93 1.95
C GLY L 136 71.64 -28.17 1.26
N ASP L 137 71.38 -29.35 1.81
CA ASP L 137 71.87 -30.57 1.18
C ASP L 137 71.23 -30.71 -0.22
N ASP L 138 71.89 -31.44 -1.11
CA ASP L 138 71.39 -31.62 -2.47
C ASP L 138 70.72 -32.97 -2.74
N LEU L 139 70.48 -33.72 -1.67
CA LEU L 139 69.83 -35.02 -1.77
C LEU L 139 70.59 -36.08 -2.57
N SER L 140 71.88 -35.83 -2.81
CA SER L 140 72.70 -36.77 -3.57
C SER L 140 72.84 -38.11 -2.86
N ARG L 141 72.79 -38.09 -1.52
CA ARG L 141 72.92 -39.32 -0.75
C ARG L 141 71.58 -40.02 -0.52
N VAL L 142 70.52 -39.47 -1.11
CA VAL L 142 69.21 -40.07 -0.97
C VAL L 142 69.04 -41.07 -2.12
N ASP L 143 68.71 -42.31 -1.79
CA ASP L 143 68.49 -43.32 -2.83
C ASP L 143 67.07 -43.08 -3.31
N LYS L 144 66.91 -42.09 -4.19
CA LYS L 144 65.60 -41.74 -4.73
C LYS L 144 64.75 -42.94 -5.17
N GLU L 145 65.32 -43.84 -5.94
CA GLU L 145 64.54 -44.97 -6.41
C GLU L 145 64.07 -45.88 -5.30
N ALA L 146 64.89 -46.03 -4.27
CA ALA L 146 64.53 -46.88 -3.14
C ALA L 146 63.37 -46.24 -2.40
N CYS L 147 63.44 -44.92 -2.19
CA CYS L 147 62.37 -44.19 -1.51
C CYS L 147 61.06 -44.35 -2.28
N LEU L 148 61.12 -44.09 -3.58
CA LEU L 148 59.93 -44.20 -4.44
C LEU L 148 59.37 -45.63 -4.42
N ALA L 149 60.25 -46.62 -4.36
CA ALA L 149 59.80 -48.02 -4.31
C ALA L 149 59.08 -48.24 -2.99
N GLY L 150 59.65 -47.69 -1.91
CA GLY L 150 59.05 -47.80 -0.60
C GLY L 150 57.71 -47.11 -0.56
N LEU L 151 57.63 -45.92 -1.17
CA LEU L 151 56.40 -45.16 -1.20
C LEU L 151 55.30 -45.97 -1.89
N ARG L 152 55.59 -46.45 -3.10
CA ARG L 152 54.62 -47.24 -3.86
C ARG L 152 54.00 -48.35 -3.02
N ALA L 153 54.86 -49.03 -2.25
CA ALA L 153 54.43 -50.13 -1.40
C ALA L 153 53.42 -49.74 -0.31
N LEU L 154 53.33 -48.44 -0.01
CA LEU L 154 52.41 -47.97 1.04
C LEU L 154 50.99 -47.64 0.55
N GLN L 155 50.81 -47.49 -0.76
CA GLN L 155 49.50 -47.15 -1.27
C GLN L 155 48.51 -48.32 -1.30
N LEU L 156 47.28 -48.07 -0.88
CA LEU L 156 46.25 -49.09 -0.86
C LEU L 156 45.37 -49.05 -2.11
N GLU L 157 44.53 -50.07 -2.27
CA GLU L 157 43.67 -50.15 -3.43
C GLU L 157 42.80 -48.89 -3.60
N ASP L 158 42.36 -48.32 -2.48
CA ASP L 158 41.50 -47.14 -2.53
C ASP L 158 42.25 -45.84 -2.82
N GLY L 159 43.56 -45.92 -3.00
CA GLY L 159 44.33 -44.72 -3.31
C GLY L 159 45.03 -44.04 -2.14
N SER L 160 44.61 -44.33 -0.91
CA SER L 160 45.26 -43.72 0.25
C SER L 160 46.57 -44.44 0.59
N PHE L 161 47.23 -44.01 1.66
CA PHE L 161 48.50 -44.59 2.06
C PHE L 161 48.59 -44.99 3.52
N CYS L 162 49.51 -45.91 3.80
CA CYS L 162 49.81 -46.36 5.15
C CYS L 162 51.10 -45.61 5.46
N ALA L 163 51.54 -45.66 6.72
CA ALA L 163 52.77 -44.98 7.09
C ALA L 163 53.96 -45.91 6.99
N VAL L 164 53.73 -47.19 7.27
CA VAL L 164 54.80 -48.18 7.26
C VAL L 164 54.38 -49.47 6.55
N PRO L 165 55.33 -50.14 5.88
CA PRO L 165 55.03 -51.39 5.18
C PRO L 165 54.47 -52.50 6.05
N GLU L 166 54.79 -52.49 7.34
CA GLU L 166 54.29 -53.53 8.26
C GLU L 166 52.79 -53.37 8.45
N GLY L 167 52.28 -52.18 8.12
CA GLY L 167 50.86 -51.90 8.26
C GLY L 167 50.58 -50.82 9.29
N SER L 168 49.49 -50.08 9.09
CA SER L 168 49.09 -49.02 10.00
C SER L 168 47.75 -48.49 9.52
N GLU L 169 47.24 -47.47 10.20
CA GLU L 169 45.98 -46.88 9.79
C GLU L 169 46.30 -46.16 8.46
N ASN L 170 45.27 -45.87 7.68
CA ASN L 170 45.47 -45.17 6.42
C ASN L 170 44.48 -44.03 6.29
N ASP L 171 44.96 -42.87 5.83
CA ASP L 171 44.10 -41.71 5.66
C ASP L 171 44.76 -40.57 4.91
N MET L 172 44.06 -39.45 4.83
CA MET L 172 44.54 -38.28 4.12
C MET L 172 45.91 -37.77 4.56
N ARG L 173 46.23 -37.90 5.84
CA ARG L 173 47.51 -37.42 6.34
C ARG L 173 48.66 -37.99 5.50
N PHE L 174 48.60 -39.30 5.26
CA PHE L 174 49.64 -39.97 4.51
C PHE L 174 49.57 -39.74 3.01
N VAL L 175 48.40 -39.34 2.51
CA VAL L 175 48.25 -39.04 1.09
C VAL L 175 49.07 -37.77 0.85
N TYR L 176 48.99 -36.85 1.79
CA TYR L 176 49.73 -35.60 1.70
C TYR L 176 51.24 -35.87 1.78
N CYS L 177 51.63 -36.79 2.65
CA CYS L 177 53.04 -37.14 2.80
C CYS L 177 53.58 -37.71 1.49
N ALA L 178 52.82 -38.60 0.88
CA ALA L 178 53.22 -39.21 -0.38
C ALA L 178 53.37 -38.11 -1.43
N SER L 179 52.40 -37.21 -1.48
CA SER L 179 52.44 -36.13 -2.44
C SER L 179 53.68 -35.28 -2.27
N CYS L 180 54.01 -34.89 -1.04
CA CYS L 180 55.20 -34.09 -0.78
C CYS L 180 56.48 -34.82 -1.19
N ILE L 181 56.52 -36.12 -0.93
CA ILE L 181 57.72 -36.87 -1.27
C ILE L 181 57.90 -36.89 -2.78
N CYS L 182 56.84 -37.23 -3.51
CA CYS L 182 56.91 -37.26 -4.97
C CYS L 182 57.31 -35.91 -5.51
N TYR L 183 56.74 -34.85 -4.95
CA TYR L 183 57.05 -33.53 -5.40
C TYR L 183 58.51 -33.14 -5.18
N MET L 184 59.03 -33.41 -3.98
CA MET L 184 60.41 -33.08 -3.67
C MET L 184 61.40 -33.89 -4.50
N LEU L 185 61.11 -35.17 -4.71
CA LEU L 185 62.00 -36.01 -5.51
C LEU L 185 61.68 -35.77 -6.97
N ASN L 186 60.76 -34.83 -7.22
CA ASN L 186 60.34 -34.46 -8.57
C ASN L 186 60.10 -35.69 -9.45
N ASN L 187 59.37 -36.66 -8.92
CA ASN L 187 59.08 -37.89 -9.62
C ASN L 187 57.81 -38.51 -9.02
N TRP L 188 56.74 -38.58 -9.79
CA TRP L 188 55.49 -39.12 -9.29
C TRP L 188 55.30 -40.61 -9.51
N SER L 189 56.37 -41.34 -9.76
CA SER L 189 56.25 -42.78 -9.96
C SER L 189 56.06 -43.41 -8.58
N GLY L 190 56.17 -42.56 -7.56
CA GLY L 190 56.02 -43.02 -6.19
C GLY L 190 54.59 -43.38 -5.84
N MET L 191 53.63 -42.95 -6.66
CA MET L 191 52.23 -43.24 -6.39
C MET L 191 51.42 -43.39 -7.66
N ASP L 192 50.23 -43.96 -7.51
CA ASP L 192 49.29 -44.12 -8.61
C ASP L 192 48.39 -42.90 -8.41
N MET L 193 48.76 -41.79 -9.03
CA MET L 193 48.05 -40.53 -8.90
C MET L 193 46.55 -40.59 -9.16
N LYS L 194 46.14 -41.41 -10.12
CA LYS L 194 44.73 -41.53 -10.45
C LYS L 194 43.96 -42.03 -9.24
N LYS L 195 44.47 -43.06 -8.58
CA LYS L 195 43.80 -43.61 -7.40
C LYS L 195 43.83 -42.66 -6.20
N ALA L 196 44.92 -41.92 -6.05
CA ALA L 196 45.03 -40.98 -4.94
C ALA L 196 43.98 -39.88 -5.11
N ILE L 197 43.85 -39.38 -6.34
CA ILE L 197 42.88 -38.35 -6.64
C ILE L 197 41.47 -38.85 -6.32
N SER L 198 41.23 -40.11 -6.67
CA SER L 198 39.94 -40.71 -6.39
C SER L 198 39.66 -40.67 -4.89
N TYR L 199 40.67 -41.02 -4.10
CA TYR L 199 40.52 -41.02 -2.65
C TYR L 199 40.19 -39.62 -2.13
N ILE L 200 40.90 -38.62 -2.66
CA ILE L 200 40.70 -37.25 -2.24
C ILE L 200 39.28 -36.79 -2.58
N ARG L 201 38.77 -37.14 -3.75
CA ARG L 201 37.42 -36.73 -4.10
C ARG L 201 36.43 -37.38 -3.17
N ARG L 202 36.55 -38.70 -2.99
CA ARG L 202 35.61 -39.43 -2.15
C ARG L 202 35.56 -39.00 -0.71
N SER L 203 36.55 -38.22 -0.28
CA SER L 203 36.59 -37.77 1.10
C SER L 203 35.75 -36.51 1.32
N MET L 204 35.26 -35.90 0.25
CA MET L 204 34.47 -34.70 0.39
C MET L 204 33.15 -35.03 1.09
N SER L 205 32.83 -34.27 2.13
CA SER L 205 31.62 -34.46 2.90
C SER L 205 30.42 -33.72 2.32
N TYR L 206 29.24 -34.01 2.88
CA TYR L 206 28.01 -33.37 2.45
C TYR L 206 28.10 -31.88 2.79
N ASP L 207 28.89 -31.52 3.80
CA ASP L 207 29.05 -30.12 4.17
C ASP L 207 30.17 -29.43 3.35
N ASN L 208 30.73 -30.21 2.43
CA ASN L 208 31.73 -29.73 1.49
C ASN L 208 33.18 -29.60 1.92
N GLY L 209 33.48 -30.02 3.15
CA GLY L 209 34.86 -30.01 3.61
C GLY L 209 35.43 -31.37 3.21
N LEU L 210 36.72 -31.59 3.43
CA LEU L 210 37.32 -32.88 3.12
C LEU L 210 37.57 -33.60 4.44
N ALA L 211 37.24 -34.89 4.49
CA ALA L 211 37.44 -35.66 5.71
C ALA L 211 38.69 -36.54 5.57
N GLN L 212 39.05 -37.25 6.63
CA GLN L 212 40.22 -38.13 6.57
C GLN L 212 39.99 -39.26 5.58
N GLY L 213 38.73 -39.57 5.34
CA GLY L 213 38.34 -40.63 4.43
C GLY L 213 36.85 -40.50 4.16
N ALA L 214 36.36 -41.23 3.15
CA ALA L 214 34.95 -41.17 2.78
C ALA L 214 34.02 -41.41 3.96
N GLY L 215 32.96 -40.61 4.04
CA GLY L 215 31.99 -40.79 5.11
C GLY L 215 32.33 -40.17 6.47
N LEU L 216 33.62 -39.94 6.71
CA LEU L 216 34.05 -39.32 7.96
C LEU L 216 33.73 -37.83 8.00
N GLU L 217 33.82 -37.26 9.20
CA GLU L 217 33.55 -35.85 9.42
C GLU L 217 34.62 -34.99 8.76
N SER L 218 34.20 -34.02 7.94
CA SER L 218 35.15 -33.15 7.26
C SER L 218 35.97 -32.44 8.35
N HIS L 219 37.24 -32.18 8.06
CA HIS L 219 38.14 -31.63 9.06
C HIS L 219 39.21 -30.73 8.42
N GLY L 220 39.59 -29.69 9.15
CA GLY L 220 40.58 -28.75 8.65
C GLY L 220 41.91 -29.37 8.24
N GLY L 221 42.36 -30.34 9.01
CA GLY L 221 43.61 -31.02 8.72
C GLY L 221 43.56 -31.83 7.44
N SER L 222 42.51 -32.61 7.28
CA SER L 222 42.37 -33.43 6.08
C SER L 222 42.06 -32.59 4.85
N THR L 223 41.37 -31.47 5.05
CA THR L 223 41.04 -30.58 3.93
C THR L 223 42.36 -29.99 3.43
N PHE L 224 43.24 -29.57 4.34
CA PHE L 224 44.52 -29.03 3.93
C PHE L 224 45.28 -30.13 3.18
N CYS L 225 45.34 -31.32 3.78
CA CYS L 225 46.06 -32.42 3.16
C CYS L 225 45.54 -32.72 1.76
N GLY L 226 44.23 -32.72 1.59
CA GLY L 226 43.65 -33.03 0.29
C GLY L 226 43.94 -31.96 -0.75
N ILE L 227 43.56 -30.73 -0.42
CA ILE L 227 43.77 -29.61 -1.32
C ILE L 227 45.25 -29.41 -1.65
N ALA L 228 46.10 -29.42 -0.62
CA ALA L 228 47.53 -29.26 -0.85
C ALA L 228 48.09 -30.37 -1.73
N SER L 229 47.60 -31.59 -1.57
CA SER L 229 48.09 -32.68 -2.41
C SER L 229 47.74 -32.41 -3.87
N LEU L 230 46.50 -32.03 -4.14
CA LEU L 230 46.08 -31.74 -5.49
C LEU L 230 46.92 -30.61 -6.07
N CYS L 231 47.14 -29.56 -5.28
CA CYS L 231 47.95 -28.45 -5.76
C CYS L 231 49.35 -28.92 -6.10
N LEU L 232 49.91 -29.78 -5.27
CA LEU L 232 51.25 -30.31 -5.49
C LEU L 232 51.28 -31.15 -6.78
N MET L 233 50.14 -31.74 -7.15
CA MET L 233 50.05 -32.54 -8.36
C MET L 233 49.66 -31.62 -9.52
N GLY L 234 49.30 -30.38 -9.20
CA GLY L 234 48.87 -29.43 -10.19
C GLY L 234 47.57 -29.87 -10.85
N LYS L 235 46.65 -30.38 -10.04
CA LYS L 235 45.37 -30.85 -10.58
C LYS L 235 44.15 -30.34 -9.83
N LEU L 236 44.32 -29.29 -9.04
CA LEU L 236 43.20 -28.76 -8.28
C LEU L 236 41.99 -28.49 -9.17
N GLU L 237 42.19 -27.60 -10.14
CA GLU L 237 41.14 -27.19 -11.08
C GLU L 237 40.60 -28.35 -11.92
N GLU L 238 41.43 -29.36 -12.15
CA GLU L 238 41.03 -30.49 -12.95
C GLU L 238 40.20 -31.51 -12.18
N VAL L 239 40.35 -31.52 -10.85
CA VAL L 239 39.63 -32.48 -10.02
C VAL L 239 38.31 -31.98 -9.45
N PHE L 240 38.26 -30.70 -9.07
CA PHE L 240 37.04 -30.12 -8.52
C PHE L 240 36.49 -29.07 -9.45
N SER L 241 35.17 -29.07 -9.64
CA SER L 241 34.53 -28.09 -10.50
C SER L 241 34.54 -26.73 -9.81
N GLU L 242 34.20 -25.68 -10.55
CA GLU L 242 34.17 -24.34 -9.98
C GLU L 242 33.14 -24.32 -8.86
N LYS L 243 32.01 -24.99 -9.09
CA LYS L 243 30.95 -25.04 -8.09
C LYS L 243 31.45 -25.75 -6.84
N GLU L 244 32.18 -26.84 -7.04
CA GLU L 244 32.75 -27.60 -5.95
C GLU L 244 33.76 -26.77 -5.19
N LEU L 245 34.68 -26.13 -5.91
CA LEU L 245 35.68 -25.28 -5.26
C LEU L 245 35.01 -24.14 -4.49
N ASN L 246 33.88 -23.64 -4.98
CA ASN L 246 33.20 -22.57 -4.25
C ASN L 246 32.67 -23.09 -2.94
N ARG L 247 32.17 -24.32 -2.96
CA ARG L 247 31.64 -24.92 -1.75
C ARG L 247 32.74 -25.22 -0.75
N ILE L 248 33.89 -25.69 -1.23
CA ILE L 248 35.02 -25.99 -0.37
C ILE L 248 35.50 -24.68 0.26
N LYS L 249 35.60 -23.62 -0.56
CA LYS L 249 36.03 -22.31 -0.07
C LYS L 249 35.12 -21.84 1.05
N ARG L 250 33.82 -22.02 0.85
CA ARG L 250 32.83 -21.62 1.84
C ARG L 250 33.07 -22.36 3.16
N TRP L 251 33.28 -23.67 3.07
CA TRP L 251 33.49 -24.46 4.27
C TRP L 251 34.73 -24.01 5.02
N CYS L 252 35.80 -23.75 4.27
CA CYS L 252 37.04 -23.32 4.86
C CYS L 252 36.96 -21.95 5.52
N ILE L 253 36.42 -20.97 4.81
CA ILE L 253 36.38 -19.65 5.39
C ILE L 253 35.42 -19.56 6.57
N MET L 254 34.53 -20.53 6.70
CA MET L 254 33.60 -20.54 7.83
C MET L 254 34.31 -21.02 9.10
N ARG L 255 35.54 -21.51 8.94
CA ARG L 255 36.32 -21.98 10.07
C ARG L 255 36.86 -20.84 10.93
N GLN L 256 36.87 -19.62 10.41
CA GLN L 256 37.40 -18.52 11.21
C GLN L 256 36.40 -17.97 12.23
N GLN L 257 36.81 -17.99 13.49
CA GLN L 257 36.00 -17.50 14.58
C GLN L 257 36.67 -16.20 15.07
N ASN L 258 38.00 -16.25 15.07
CA ASN L 258 38.90 -15.15 15.42
C ASN L 258 40.16 -15.80 14.91
N GLY L 259 40.49 -16.92 15.54
CA GLY L 259 41.60 -17.73 15.10
C GLY L 259 40.82 -18.78 14.30
N TYR L 260 41.39 -19.96 14.08
CA TYR L 260 40.65 -20.97 13.32
C TYR L 260 40.48 -22.28 14.08
N HIS L 261 39.32 -22.91 13.89
CA HIS L 261 39.07 -24.21 14.50
C HIS L 261 39.15 -25.24 13.36
N GLY L 262 39.28 -26.53 13.69
CA GLY L 262 39.37 -27.54 12.65
C GLY L 262 38.06 -28.16 12.19
N ARG L 263 36.99 -27.91 12.93
CA ARG L 263 35.66 -28.44 12.63
C ARG L 263 34.58 -27.53 13.21
N PRO L 264 33.42 -27.48 12.54
CA PRO L 264 32.32 -26.64 13.02
C PRO L 264 32.05 -26.93 14.50
N ASN L 265 31.78 -25.88 15.27
CA ASN L 265 31.48 -26.01 16.70
C ASN L 265 32.59 -26.54 17.60
N LYS L 266 33.84 -26.43 17.15
CA LYS L 266 34.99 -26.86 17.96
C LYS L 266 35.78 -25.60 18.31
N PRO L 267 36.45 -25.59 19.45
CA PRO L 267 37.22 -24.40 19.82
C PRO L 267 38.40 -24.14 18.89
N VAL L 268 38.77 -22.87 18.70
CA VAL L 268 39.89 -22.55 17.83
C VAL L 268 41.19 -23.12 18.39
N ASP L 269 42.15 -23.30 17.50
CA ASP L 269 43.43 -23.89 17.84
C ASP L 269 44.48 -23.24 16.91
N THR L 270 45.50 -22.65 17.51
CA THR L 270 46.54 -21.99 16.73
C THR L 270 47.00 -22.70 15.45
N CYS L 271 47.28 -24.01 15.52
CA CYS L 271 47.78 -24.67 14.32
C CYS L 271 46.84 -24.61 13.12
N TYR L 272 45.56 -24.35 13.35
CA TYR L 272 44.62 -24.27 12.24
C TYR L 272 44.78 -22.98 11.44
N SER L 273 45.48 -22.00 12.04
CA SER L 273 45.74 -20.76 11.35
C SER L 273 46.58 -21.14 10.13
N PHE L 274 47.26 -22.28 10.19
CA PHE L 274 48.02 -22.72 9.05
C PHE L 274 47.23 -23.74 8.25
N TRP L 275 46.76 -24.81 8.90
CA TRP L 275 46.02 -25.86 8.20
C TRP L 275 44.93 -25.26 7.32
N VAL L 276 44.04 -24.46 7.92
CA VAL L 276 42.96 -23.85 7.18
C VAL L 276 43.44 -22.62 6.39
N GLY L 277 44.21 -21.76 7.04
CA GLY L 277 44.74 -20.57 6.40
C GLY L 277 45.48 -20.88 5.10
N ALA L 278 46.34 -21.90 5.14
CA ALA L 278 47.11 -22.32 3.97
C ALA L 278 46.17 -22.86 2.87
N THR L 279 45.07 -23.49 3.27
CA THR L 279 44.13 -24.02 2.28
C THR L 279 43.46 -22.84 1.61
N LEU L 280 43.06 -21.86 2.42
CA LEU L 280 42.43 -20.67 1.89
C LEU L 280 43.39 -19.98 0.92
N LYS L 281 44.68 -19.95 1.28
CA LYS L 281 45.67 -19.32 0.42
C LYS L 281 45.76 -20.08 -0.89
N LEU L 282 45.78 -21.41 -0.84
CA LEU L 282 45.84 -22.20 -2.06
C LEU L 282 44.57 -21.97 -2.90
N LEU L 283 43.46 -21.66 -2.25
CA LEU L 283 42.22 -21.41 -2.96
C LEU L 283 42.07 -19.94 -3.33
N LYS L 284 43.16 -19.19 -3.18
CA LYS L 284 43.19 -17.77 -3.51
C LYS L 284 42.15 -16.88 -2.83
N ILE L 285 41.75 -17.20 -1.62
CA ILE L 285 40.77 -16.34 -0.94
C ILE L 285 41.18 -16.05 0.50
N PHE L 286 42.40 -16.38 0.88
CA PHE L 286 42.83 -16.11 2.24
C PHE L 286 42.83 -14.58 2.45
N GLN L 287 42.97 -13.87 1.34
CA GLN L 287 42.98 -12.42 1.30
C GLN L 287 41.67 -11.82 1.80
N TYR L 288 40.61 -12.61 1.78
CA TYR L 288 39.31 -12.14 2.21
C TYR L 288 38.98 -12.45 3.67
N THR L 289 39.95 -13.01 4.39
CA THR L 289 39.75 -13.34 5.80
C THR L 289 40.06 -12.11 6.65
N ASN L 290 39.76 -12.17 7.94
CA ASN L 290 40.06 -11.06 8.84
C ASN L 290 41.45 -11.32 9.43
N PHE L 291 42.44 -10.52 9.03
CA PHE L 291 43.81 -10.70 9.52
C PHE L 291 44.04 -10.35 10.97
N GLU L 292 43.52 -9.22 11.40
CA GLU L 292 43.73 -8.79 12.76
C GLU L 292 43.32 -9.77 13.85
N LYS L 293 42.09 -10.27 13.77
CA LYS L 293 41.62 -11.21 14.79
C LYS L 293 42.42 -12.51 14.78
N ASN L 294 42.86 -12.94 13.60
CA ASN L 294 43.65 -14.15 13.47
C ASN L 294 45.00 -13.90 14.14
N ARG L 295 45.66 -12.82 13.73
CA ARG L 295 46.96 -12.46 14.29
C ARG L 295 46.85 -12.30 15.80
N ASN L 296 45.81 -11.61 16.26
CA ASN L 296 45.63 -11.41 17.69
C ASN L 296 45.51 -12.75 18.42
N TYR L 297 44.73 -13.67 17.86
CA TYR L 297 44.57 -14.96 18.50
C TYR L 297 45.89 -15.72 18.59
N ILE L 298 46.58 -15.81 17.45
CA ILE L 298 47.86 -16.51 17.40
C ILE L 298 48.80 -15.97 18.48
N LEU L 299 48.94 -14.64 18.54
CA LEU L 299 49.82 -14.05 19.51
C LEU L 299 49.37 -14.29 20.94
N SER L 300 48.07 -14.44 21.16
CA SER L 300 47.57 -14.69 22.50
C SER L 300 47.99 -16.08 23.01
N THR L 301 48.50 -16.92 22.13
CA THR L 301 48.94 -18.26 22.54
C THR L 301 50.47 -18.32 22.61
N GLN L 302 51.09 -17.16 22.44
CA GLN L 302 52.55 -17.04 22.47
C GLN L 302 53.01 -17.09 23.92
N ASP L 303 54.02 -17.91 24.20
CA ASP L 303 54.56 -18.01 25.55
C ASP L 303 55.69 -16.97 25.64
N ARG L 304 55.40 -15.85 26.28
CA ARG L 304 56.34 -14.74 26.42
C ARG L 304 57.57 -15.05 27.30
N LEU L 305 57.51 -16.16 28.03
CA LEU L 305 58.62 -16.54 28.89
C LEU L 305 59.55 -17.56 28.23
N VAL L 306 59.02 -18.70 27.81
CA VAL L 306 59.84 -19.74 27.20
C VAL L 306 59.87 -19.71 25.68
N GLY L 307 58.97 -18.94 25.08
CA GLY L 307 58.96 -18.87 23.63
C GLY L 307 58.06 -19.94 23.05
N GLY L 308 57.85 -19.89 21.72
CA GLY L 308 56.98 -20.85 21.07
C GLY L 308 55.52 -20.45 21.24
N PHE L 309 54.62 -21.28 20.70
CA PHE L 309 53.18 -21.05 20.81
C PHE L 309 52.48 -22.32 21.26
N ALA L 310 51.27 -22.16 21.80
CA ALA L 310 50.47 -23.28 22.28
C ALA L 310 49.19 -23.33 21.46
N LYS L 311 48.38 -24.37 21.63
CA LYS L 311 47.14 -24.44 20.86
C LYS L 311 46.16 -23.39 21.37
N TRP L 312 46.15 -23.19 22.69
CA TRP L 312 45.27 -22.22 23.32
C TRP L 312 46.07 -21.29 24.19
N PRO L 313 45.52 -20.10 24.50
CA PRO L 313 46.27 -19.17 25.34
C PRO L 313 46.41 -19.73 26.75
N ASP L 314 47.48 -19.35 27.44
CA ASP L 314 47.71 -19.84 28.81
C ASP L 314 47.77 -21.36 28.81
N SER L 315 48.43 -21.92 27.81
CA SER L 315 48.58 -23.36 27.66
C SER L 315 50.07 -23.54 27.37
N HIS L 316 50.63 -24.72 27.61
CA HIS L 316 52.05 -24.90 27.36
C HIS L 316 52.41 -25.00 25.88
N PRO L 317 53.50 -24.34 25.48
CA PRO L 317 53.95 -24.35 24.08
C PRO L 317 54.64 -25.62 23.70
N ASP L 318 54.62 -25.93 22.40
CA ASP L 318 55.27 -27.10 21.86
C ASP L 318 55.79 -26.77 20.47
N ALA L 319 56.67 -27.62 19.95
CA ALA L 319 57.26 -27.40 18.64
C ALA L 319 56.26 -27.31 17.50
N LEU L 320 55.21 -28.12 17.55
CA LEU L 320 54.20 -28.11 16.49
C LEU L 320 53.46 -26.78 16.43
N HIS L 321 52.95 -26.31 17.56
CA HIS L 321 52.22 -25.06 17.54
C HIS L 321 53.14 -23.85 17.34
N ALA L 322 54.37 -23.97 17.81
CA ALA L 322 55.32 -22.89 17.63
C ALA L 322 55.52 -22.74 16.12
N TYR L 323 55.78 -23.86 15.44
CA TYR L 323 55.99 -23.84 14.01
C TYR L 323 54.77 -23.40 13.20
N PHE L 324 53.63 -24.04 13.43
CA PHE L 324 52.43 -23.68 12.69
C PHE L 324 51.92 -22.30 13.05
N GLY L 325 52.15 -21.85 14.27
CA GLY L 325 51.71 -20.53 14.65
C GLY L 325 52.51 -19.51 13.84
N ILE L 326 53.80 -19.79 13.69
CA ILE L 326 54.67 -18.91 12.93
C ILE L 326 54.29 -18.95 11.45
N CYS L 327 53.99 -20.13 10.92
CA CYS L 327 53.60 -20.22 9.52
C CYS L 327 52.26 -19.51 9.32
N GLY L 328 51.43 -19.52 10.36
CA GLY L 328 50.15 -18.87 10.26
C GLY L 328 50.37 -17.38 10.13
N LEU L 329 51.27 -16.84 10.94
CA LEU L 329 51.62 -15.41 10.92
C LEU L 329 52.22 -15.09 9.53
N SER L 330 53.03 -16.00 9.01
CA SER L 330 53.65 -15.82 7.71
C SER L 330 52.63 -15.60 6.59
N LEU L 331 51.54 -16.37 6.62
CA LEU L 331 50.50 -16.27 5.60
C LEU L 331 49.96 -14.85 5.47
N MET L 332 50.02 -14.08 6.56
CA MET L 332 49.53 -12.71 6.57
C MET L 332 50.71 -11.73 6.43
N GLU L 333 51.88 -12.26 6.14
CA GLU L 333 53.07 -11.45 5.99
C GLU L 333 53.48 -10.64 7.21
N GLU L 334 53.79 -11.37 8.28
CA GLU L 334 54.26 -10.79 9.53
C GLU L 334 55.69 -10.41 9.21
N SER L 335 56.14 -9.26 9.70
CA SER L 335 57.50 -8.87 9.41
C SER L 335 58.49 -9.63 10.30
N GLY L 336 59.59 -10.07 9.69
CA GLY L 336 60.59 -10.80 10.42
C GLY L 336 60.46 -12.29 10.16
N ILE L 337 59.38 -12.65 9.48
CA ILE L 337 59.09 -14.06 9.15
C ILE L 337 59.05 -14.24 7.64
N CYS L 338 59.78 -15.22 7.13
CA CYS L 338 59.80 -15.46 5.70
C CYS L 338 58.45 -15.87 5.17
N LYS L 339 58.29 -15.76 3.86
CA LYS L 339 57.04 -16.14 3.20
C LYS L 339 57.05 -17.65 3.17
N VAL L 340 55.89 -18.25 3.40
CA VAL L 340 55.81 -19.71 3.39
C VAL L 340 55.14 -20.25 2.13
N HIS L 341 55.61 -21.40 1.69
CA HIS L 341 55.06 -22.09 0.52
C HIS L 341 53.91 -22.89 1.15
N PRO L 342 52.67 -22.45 0.96
CA PRO L 342 51.52 -23.15 1.52
C PRO L 342 51.28 -24.63 1.23
N ALA L 343 51.60 -25.09 0.04
CA ALA L 343 51.35 -26.48 -0.27
C ALA L 343 52.43 -27.42 0.21
N LEU L 344 53.67 -26.94 0.20
CA LEU L 344 54.81 -27.77 0.60
C LEU L 344 55.18 -27.65 2.07
N ASN L 345 54.68 -26.61 2.72
CA ASN L 345 54.91 -26.38 4.14
C ASN L 345 56.40 -26.12 4.48
N VAL L 346 57.07 -25.36 3.62
CA VAL L 346 58.47 -24.94 3.81
C VAL L 346 58.52 -23.47 3.44
N SER L 347 59.63 -22.80 3.74
CA SER L 347 59.73 -21.37 3.38
C SER L 347 59.92 -21.32 1.88
N THR L 348 59.54 -20.20 1.27
CA THR L 348 59.69 -20.05 -0.18
C THR L 348 61.19 -20.06 -0.52
N ARG L 349 62.02 -19.61 0.42
CA ARG L 349 63.46 -19.63 0.23
C ARG L 349 63.81 -21.08 -0.08
N THR L 350 63.35 -21.98 0.79
CA THR L 350 63.59 -23.40 0.64
C THR L 350 62.92 -23.99 -0.62
N SER L 351 61.70 -23.55 -0.93
CA SER L 351 60.99 -24.08 -2.09
C SER L 351 61.72 -23.71 -3.37
N GLU L 352 62.35 -22.54 -3.37
CA GLU L 352 63.10 -22.10 -4.53
C GLU L 352 64.40 -22.89 -4.63
N ARG L 353 65.04 -23.08 -3.49
CA ARG L 353 66.28 -23.85 -3.47
C ARG L 353 65.97 -25.25 -4.03
N LEU L 354 64.75 -25.74 -3.80
CA LEU L 354 64.36 -27.05 -4.30
C LEU L 354 64.14 -26.97 -5.81
N ARG L 355 63.65 -25.82 -6.26
CA ARG L 355 63.40 -25.57 -7.68
C ARG L 355 64.75 -25.72 -8.39
N ASP L 356 65.79 -25.17 -7.78
CA ASP L 356 67.13 -25.24 -8.34
C ASP L 356 67.64 -26.67 -8.40
N LEU L 357 67.52 -27.40 -7.30
CA LEU L 357 67.95 -28.79 -7.28
C LEU L 357 67.31 -29.56 -8.41
N HIS L 358 66.03 -29.32 -8.64
CA HIS L 358 65.31 -30.01 -9.70
C HIS L 358 65.86 -29.68 -11.07
N GLN L 359 65.99 -28.38 -11.36
CA GLN L 359 66.50 -27.94 -12.65
C GLN L 359 67.88 -28.53 -12.89
N SER L 360 68.70 -28.57 -11.84
CA SER L 360 70.03 -29.11 -11.98
C SER L 360 70.00 -30.59 -12.34
N TRP L 361 69.07 -31.36 -11.77
CA TRP L 361 68.99 -32.78 -12.10
C TRP L 361 68.52 -32.95 -13.55
N LYS L 362 67.89 -31.91 -14.09
CA LYS L 362 67.42 -31.95 -15.47
C LYS L 362 68.59 -31.60 -16.41
N THR L 363 69.60 -32.46 -16.40
CA THR L 363 70.78 -32.28 -17.25
C THR L 363 71.33 -33.66 -17.68
N ASN M 4 -18.33 -15.62 6.10
CA ASN M 4 -19.78 -15.49 6.24
C ASN M 4 -20.49 -15.24 4.89
N CYS M 5 -20.68 -16.31 4.13
CA CYS M 5 -21.34 -16.17 2.84
C CYS M 5 -22.37 -17.26 2.57
N CYS M 6 -22.90 -17.25 1.35
CA CYS M 6 -23.90 -18.21 0.92
C CYS M 6 -23.43 -18.93 -0.32
N LYS M 7 -22.91 -20.13 -0.15
CA LYS M 7 -22.46 -20.93 -1.28
C LYS M 7 -23.69 -21.60 -1.88
N VAL M 8 -24.19 -21.03 -2.98
CA VAL M 8 -25.38 -21.55 -3.61
C VAL M 8 -25.08 -22.56 -4.71
N LEU M 9 -23.80 -22.79 -4.98
CA LEU M 9 -23.38 -23.77 -5.97
C LEU M 9 -22.25 -24.67 -5.44
N ASN N 4 41.29 18.17 -14.18
CA ASN N 4 40.09 17.72 -13.45
C ASN N 4 40.35 17.49 -11.97
N CYS N 5 40.41 18.59 -11.20
CA CYS N 5 40.68 18.46 -9.79
C CYS N 5 39.81 19.38 -8.92
N CYS N 6 40.07 19.34 -7.62
CA CYS N 6 39.34 20.14 -6.67
C CYS N 6 40.28 21.06 -5.90
N LYS N 7 40.31 22.33 -6.30
CA LYS N 7 41.13 23.32 -5.65
C LYS N 7 40.33 23.78 -4.44
N VAL N 8 40.71 23.30 -3.26
CA VAL N 8 40.01 23.64 -2.04
C VAL N 8 40.62 24.83 -1.32
N LEU N 9 41.72 25.34 -1.85
CA LEU N 9 42.39 26.52 -1.29
C LEU N 9 42.79 27.50 -2.40
N ASN O 4 19.30 77.22 24.48
CA ASN O 4 20.76 77.23 24.49
C ASN O 4 21.35 76.17 25.41
N CYS O 5 21.41 74.93 24.93
CA CYS O 5 21.95 73.85 25.75
C CYS O 5 22.88 72.92 24.98
N CYS O 6 23.32 71.87 25.67
CA CYS O 6 24.20 70.88 25.07
C CYS O 6 23.57 69.52 25.17
N LYS O 7 23.02 69.04 24.05
CA LYS O 7 22.41 67.72 24.04
C LYS O 7 23.54 66.72 23.79
N VAL O 8 23.98 66.07 24.86
CA VAL O 8 25.08 65.12 24.76
C VAL O 8 24.63 63.69 24.49
N LEU O 9 23.32 63.50 24.39
CA LEU O 9 22.74 62.18 24.12
C LEU O 9 21.58 62.29 23.14
N ASN P 4 -45.99 -78.87 -20.21
CA ASN P 4 -44.77 -78.61 -20.97
C ASN P 4 -44.93 -77.47 -21.97
N CYS P 5 -44.86 -76.23 -21.49
CA CYS P 5 -45.00 -75.09 -22.37
C CYS P 5 -43.98 -73.99 -22.09
N CYS P 6 -44.15 -72.87 -22.77
CA CYS P 6 -43.26 -71.72 -22.62
C CYS P 6 -44.03 -70.48 -22.25
N LYS P 7 -44.04 -70.16 -20.96
CA LYS P 7 -44.73 -68.97 -20.49
C LYS P 7 -43.79 -67.81 -20.78
N VAL P 8 -44.11 -67.05 -21.82
CA VAL P 8 -43.28 -65.93 -22.21
C VAL P 8 -43.76 -64.60 -21.63
N LEU P 9 -44.84 -64.66 -20.86
CA LEU P 9 -45.39 -63.47 -20.20
C LEU P 9 -45.78 -63.82 -18.76
N ASN Q 4 -31.03 22.78 -14.46
CA ASN Q 4 -32.34 23.19 -14.97
C ASN Q 4 -33.42 23.19 -13.89
N CYS Q 5 -33.45 24.25 -13.09
CA CYS Q 5 -34.42 24.34 -12.01
C CYS Q 5 -35.06 25.73 -11.91
N CYS Q 6 -35.88 25.92 -10.88
CA CYS Q 6 -36.55 27.19 -10.66
C CYS Q 6 -36.23 27.70 -9.26
N LYS Q 7 -35.30 28.63 -9.17
CA LYS Q 7 -34.95 29.22 -7.88
C LYS Q 7 -36.01 30.28 -7.59
N VAL Q 8 -36.94 29.95 -6.69
CA VAL Q 8 -38.01 30.86 -6.35
C VAL Q 8 -37.72 31.72 -5.15
N LEU Q 9 -36.55 31.52 -4.55
CA LEU Q 9 -36.11 32.29 -3.38
C LEU Q 9 -34.66 32.71 -3.52
N ASN R 4 47.79 -30.39 26.74
CA ASN R 4 46.98 -29.75 25.70
C ASN R 4 47.74 -29.63 24.38
N CYS R 5 47.84 -30.73 23.65
CA CYS R 5 48.55 -30.72 22.37
C CYS R 5 47.80 -31.41 21.25
N CYS R 6 48.46 -31.52 20.10
CA CYS R 6 47.88 -32.16 18.94
C CYS R 6 48.78 -33.28 18.45
N LYS R 7 48.43 -34.50 18.80
CA LYS R 7 49.20 -35.66 18.37
C LYS R 7 48.69 -35.96 16.96
N VAL R 8 49.50 -35.61 15.97
CA VAL R 8 49.15 -35.80 14.57
C VAL R 8 49.69 -37.10 14.00
N LEU R 9 50.47 -37.82 14.82
CA LEU R 9 51.02 -39.12 14.42
C LEU R 9 50.82 -40.13 15.54
#